data_6KF3
#
_entry.id   6KF3
#
_cell.length_a   1.00
_cell.length_b   1.00
_cell.length_c   1.00
_cell.angle_alpha   90.00
_cell.angle_beta   90.00
_cell.angle_gamma   90.00
#
_symmetry.space_group_name_H-M   'P 1'
#
loop_
_entity.id
_entity.type
_entity.pdbx_description
1 polymer 'DNA-directed RNA polymerase subunit'
2 polymer 'DNA-directed RNA polymerase subunit beta'
3 polymer "DNA-directed RNA polymerase subunit A''"
4 polymer 'DNA-directed RNA polymerase subunit D'
5 polymer 'DNA-directed RNA polymerase, subunit E'
6 polymer 'DNA-directed RNA polymerase, subunit F'
7 polymer 'DNA-directed RNA polymerase subunit H'
8 polymer 'DNA-directed RNA polymerase subunit K'
9 polymer 'DNA-directed RNA polymerase subunit L'
10 polymer 'DNA-directed RNA polymerase subunit N'
11 polymer 'DNA-directed RNA polymerase subunit P'
12 non-polymer 'MAGNESIUM ION'
13 non-polymer 'ZINC ION'
#
loop_
_entity_poly.entity_id
_entity_poly.type
_entity_poly.pdbx_seq_one_letter_code
_entity_poly.pdbx_strand_id
1 'polypeptide(L)'
;MQSMKKVIGSIEFGILSPQEIRKMSAAEITVPDTYDDDGYPIEGGLMDKRLGVIDPGLRCETCGARAGECPGHFGHIELA
RPVIHVGFAKTIHRVLESTCRECGRIKLTDEEIEEYMQKFEVMGDRKGAVDKLIKEIHKKAKERMVCPHCGAPQFPIKFE
RPTIYWELRKDEEGNEYKHRMMPSEVRDRLEKIPDKDLPLLGLHPEKSRPEWMVLTVLPVPPVTMRPSITLESGIRAEDD
LTHKLVDIIRINNRLKSNIEAGAPQLIIEDLWDLLQYHVTTYINNETSGVPPAKHKSGRPLKTLAQRLKGKEGRFRGNLS
GKRVNFSARTVISPDPMISINEVGVPLAVAMELTVPEKVTEFNYEKLKQRVLNGPEKYPGANYVIDPEGRRIRLMESNRE
LIAEKLDIGWTVERHLEDGDVVLFNRQPSLHRMSIMAHRVRVMPYRTFRLNLPVCPPYNADFDGDEMNLHVPQTEEAQAE
AKILMEVQNHIISPRYGGPLIAGIQDHISGGYLLTREGAYFTRYEVEQMLMFAGMDVNELPEPDKYENGEPLWSGKTIFS
LLLPDDLTIWYRNKLCDEPERCEALEKLIEEKLIPDPEEVRKLAYDGFVYIQNGKLLSGAVDKKAYGREDGKLLDIIVRE
YGVERARQFLDQVTKLTIWVITHKGFTTAIDDEDLPQEAIDRIHEIIREAEEKVQRLIEAYKRGELEPLPGKTLEETLES
KIMAVLAEARDNAGKVAERYLGMNNHAVIMAKTGARGKILNITQMAAMLGQQSIRGKRLYRGYRGRVLTHFKPGDLGARA
RGFVTNSYKSGLTPQEYFFHAMGGREGLVDTAVRTAQSGYMQRRLINALQDLKVDYDGTVRDPTGIIVQFKYGEDGVDPM
KSWQGKTVDVDRVIVRTLLKMRGGGE
;
A
2 'polypeptide(L)'
;MSRGVTVTEPTLTPDELWLVMESYWKEKGFVRQHLDSYNAFIDHGLQDVVNEFGEVVPDIPNFKVKFGKIRIGQPEFQEA
QGQRRPLYPMDARIRNLTYSAPLYLEMIPVVNGIEQEPVEVRIGELPIMLKSKACRLYGLSDEELIKLGEDPKDPGGYFI
INGSERVIVSIEDLAPNKTLVERDERQNKVVAKVFSYRHGYRALITVERKKDGILYVTIPNVPKPVKFVYVMRALGLLTD
KEIVEAVSDDPRIQQVLFDNLEDASDISTQEEALDYIGRLALPGQPKEYRLRRAEHIIDNNLLPHMGVDPENRRAKAYYL
GMMALKVLELSLGLRGEDDKDHYANKRLKLAGDLLKDLFRVAFGQLVKDMQYQMTKTYQRKGERYTFENIQRFVRNSIRP
DVLSERIEHALATGSWPGGRTGVSQLLDRTNYMSTLSHLRRVTSPLSRDQPHFEARDLHGTHWGRICPTETPEGPNCGLV
KNLALMSQITTGIPEREVREYLMKMGVVPIEERRPAPGLYRVYLNGVLIGTVEDGRKLVERIRADRRAGKISDVINVALY
EDEEVKEVYINSDDGRVRRPLIVVENGKPKLTREHVEGIKNGTLTWSDLIRMGVIEYLDAEEEENAYVATWPWEVTEEHT
HLELMPAAILGIPASLVPYPEHNAAPRNTYGAGMAKQSLGLGWANFRIRVDTRGHLMHYPQVPLVNSRIMKAVGFEDRPA
GQNFVVAVLSYHGYNMEDAVIINKASIERGLARSTFFRTYEAEEKRYLGGQKDNFEVPSPNIQGYLGEKYYRHLDEDGLI
FPESKVEGKDVLVGRTSPPRFIEEQSSLGSMVLQGRRETSVTVRPSEKGVVDKVIVTETGDGTKLVKVTVRDLRIPELGD
KFASRHGQKGVIGLIVPQEDMPWTESGIVPDLIVNPHGIPSRMTVGQLIEAIGGKVASLTGRRVDGTAFIGEPEEKLRKE
LEELGFKHSGREIMYDGITGRRLEADIFIGVIYYQRLHHMVADKMHARSRGPVQVLTKQPTEGRAREGGLRFGEMERDVL
IGHGAAMLLIERLLEESDKTEVWVCESCGHLALEDKRRGKVYCPVCGEDERISKVEMSYAFKLLLDELKAMVIRPSLRLK
DRV
;
B
3 'polypeptide(L)'
;MVAEKTIKSMVSKAELPDNIKEELYAKLIEYNEKYKLKKDEIQAIIDETVREYQKALIEPGEAVGTVAAQSIGEPSTQMT
LNTFHYAGVAEINVTLGLPRIIEIVDARKNPSTPIMTVYLDEEHRYDRDKALEVARRIEGTTLENLAREETIDILNMEYV
VEIDPERLEKAGLDMEKVVRKLTGSFKSAEFEAEGYTLVVRPKKVTKLSDLRKIAEKVKKHRLKGLSGVGKTIIRKEGDE
YVIYTEGSNFKQVLKVPGVDPTRTRTNNIWEIAEVLGIEAARNAIIDEIVSTMREQGLEVDVRHIMLVADMMTLDGVIRP
IGRHGIVGEKASVLARAAFEITTQHLFAAAERGEVDPLNGVVENVLIGQPVPVGTGIVKLAMSLPLRPKRE
;
C
4 'polypeptide(L)'
;MVEFKILEKRPDSIKFIVSGVDVPFANALRRTILSEVPTFAVDEVEFLENDSALFDEIIAHRLAMIPLTTPHERFSLDAL
ELDDYTVTLSLEAEGPGMVYSGDLKSSDGDVKPANPNIPIVKLAEGQRLTFNAYARLGRGKDHAKWQPGFVYYKYLTKIH
VSKDVPDWEELKELAERRGLPVEESDEEIVITTIKAFYLPRKFEEHMGKGIREEIVPGSFVFTVETNGELPVEEIVSIAL
KILMRKSDRFINELHKLAD
;
D
5 'polypeptide(L)'
;MYKLLKVKDVVRIPPRMFTMDPKEAAKIVLRETYEGIYDRDEGVVLAILDVEEISEGVIVPGDGATYHEAIFNVLVWEPR
NQEVVEGEVVEMMPYGAFIRIGPMDGLVHISQLMDDYVVFDEKNRQFIGKETNRVLKLGDYVRARIIGVSVKSRVIRENK
INMTMRQPGLGKFEWIEKEKKKAKEESKGE
;
E
6 'polypeptide(L)'
;MIGRKKLEEHYITIAEAKELLERRHAEGLAENPEEPMFYEARVSLEHAERFAKLKPEQARELKEKLMGLFDWINERIAAK
LVDILPEDYLDIRVIFAKEEYMPTPEEAEEIIKVIDEYRPLE
;
F
7 'polypeptide(L)'
;MAAKKEFNIFDHVLVPEHRILSEEEKEELLKKYRIRISQLPQIKASDPAVVALGAKPGDVIEIKRKSPTAGYYYYYRLVV
ED
;
H
8 'polypeptide(L)' MFRYTRFEKARIIGARALQIAMGAPVLIDVPEGITPLQAALLEFEKGVIPITVIRPS K
9 'polypeptide(L)'
;MRIEVIRREENLLEFYLEGEDHTFANLLTETLHENEHVTFAGYTIEHPITMARKPRFKVVTDGKITPEKALEEAAQKIFD
RAREVLEAWKAAIE
;
L
10 'polypeptide(L)' MIVPVRCFTCGKVLADKYYEFKKRVEAGEDPGKVLDDLGVERYCCRRTLLSHVELIDQVMVYKVY N
11 'polypeptide(L)' MATAVYRCAKCGKEVELDLATAREVRCPYCGSKILYKPRPRVARRVKAI P
#
loop_
_chem_comp.id
_chem_comp.type
_chem_comp.name
_chem_comp.formula
MG non-polymer 'MAGNESIUM ION' 'Mg 2'
ZN non-polymer 'ZINC ION' 'Zn 2'
#
# COMPACT_ATOMS: atom_id res chain seq x y z
N LYS A 5 19.18 -21.31 29.74
CA LYS A 5 18.65 -20.11 29.08
C LYS A 5 19.74 -19.19 28.58
N LYS A 6 20.49 -19.62 27.58
CA LYS A 6 21.55 -18.78 27.03
C LYS A 6 21.05 -18.01 25.81
N VAL A 7 21.94 -17.23 25.22
CA VAL A 7 21.69 -16.49 23.99
C VAL A 7 22.89 -16.66 23.07
N ILE A 8 22.67 -16.35 21.80
CA ILE A 8 23.69 -16.51 20.77
C ILE A 8 24.67 -15.35 20.82
N GLY A 9 25.95 -15.65 21.00
CA GLY A 9 26.98 -14.64 21.00
C GLY A 9 27.43 -14.25 19.61
N SER A 10 27.87 -15.22 18.81
CA SER A 10 28.42 -14.93 17.49
C SER A 10 28.19 -16.13 16.60
N ILE A 11 28.00 -15.88 15.31
CA ILE A 11 27.80 -16.93 14.32
C ILE A 11 29.01 -16.94 13.41
N GLU A 12 29.63 -18.11 13.25
CA GLU A 12 30.83 -18.28 12.46
C GLU A 12 30.53 -19.20 11.29
N PHE A 13 30.89 -18.77 10.09
CA PHE A 13 30.57 -19.49 8.87
C PHE A 13 31.74 -20.34 8.39
N GLY A 14 31.42 -21.24 7.46
CA GLY A 14 32.43 -22.08 6.85
C GLY A 14 31.83 -22.97 5.80
N ILE A 15 32.48 -24.10 5.55
CA ILE A 15 32.07 -25.08 4.55
C ILE A 15 31.96 -26.43 5.24
N LEU A 16 30.92 -27.20 4.92
CA LEU A 16 30.78 -28.54 5.46
C LEU A 16 31.75 -29.49 4.79
N SER A 17 32.53 -30.19 5.60
CA SER A 17 33.35 -31.27 5.08
C SER A 17 32.46 -32.45 4.66
N PRO A 18 32.87 -33.22 3.64
CA PRO A 18 32.11 -34.44 3.31
C PRO A 18 32.16 -35.50 4.38
N GLN A 19 33.22 -35.51 5.20
CA GLN A 19 33.23 -36.37 6.38
C GLN A 19 32.09 -36.02 7.32
N GLU A 20 31.84 -34.72 7.52
CA GLU A 20 30.83 -34.28 8.46
C GLU A 20 29.42 -34.44 7.91
N ILE A 21 29.27 -34.54 6.58
CA ILE A 21 27.94 -34.76 6.04
C ILE A 21 27.48 -36.17 6.36
N ARG A 22 28.40 -37.13 6.40
CA ARG A 22 28.02 -38.51 6.69
C ARG A 22 27.63 -38.67 8.15
N LYS A 23 28.37 -38.02 9.05
CA LYS A 23 28.08 -38.12 10.48
C LYS A 23 26.80 -37.38 10.84
N MET A 24 26.51 -36.28 10.16
CA MET A 24 25.26 -35.56 10.42
C MET A 24 24.06 -36.32 9.86
N SER A 25 24.23 -36.97 8.70
CA SER A 25 23.12 -37.60 8.03
C SER A 25 22.76 -38.91 8.74
N ALA A 26 21.48 -39.27 8.66
CA ALA A 26 20.99 -40.47 9.31
C ALA A 26 20.71 -41.61 8.33
N ALA A 27 20.60 -41.32 7.03
CA ALA A 27 20.27 -42.35 6.06
C ALA A 27 20.80 -41.94 4.69
N GLU A 28 21.11 -42.95 3.89
CA GLU A 28 21.41 -42.78 2.47
C GLU A 28 20.17 -43.18 1.69
N ILE A 29 19.88 -42.45 0.62
CA ILE A 29 18.69 -42.65 -0.18
C ILE A 29 19.11 -43.27 -1.49
N THR A 30 18.53 -44.43 -1.82
CA THR A 30 18.83 -45.16 -3.04
C THR A 30 17.60 -45.55 -3.85
N VAL A 31 16.42 -45.05 -3.50
CA VAL A 31 15.25 -45.48 -4.25
C VAL A 31 14.69 -44.26 -4.96
N PRO A 32 14.81 -44.17 -6.28
CA PRO A 32 14.23 -43.01 -7.00
C PRO A 32 12.72 -43.13 -7.14
N ASP A 33 12.01 -42.95 -6.03
CA ASP A 33 10.57 -43.12 -6.05
C ASP A 33 9.98 -42.27 -4.95
N THR A 34 8.83 -41.66 -5.24
CA THR A 34 8.14 -40.89 -4.23
C THR A 34 7.02 -41.71 -3.60
N TYR A 35 5.99 -41.99 -4.38
CA TYR A 35 4.79 -42.63 -3.85
C TYR A 35 4.50 -43.98 -4.50
N ASP A 36 4.21 -43.96 -5.81
CA ASP A 36 3.94 -45.11 -6.69
C ASP A 36 2.96 -46.11 -6.05
N ASP A 37 1.68 -45.72 -5.92
CA ASP A 37 1.00 -44.53 -6.45
C ASP A 37 -0.29 -44.47 -5.66
N ASP A 38 -0.65 -43.28 -5.18
CA ASP A 38 -1.97 -42.96 -4.62
C ASP A 38 -2.29 -43.88 -3.43
N GLY A 39 -1.26 -44.22 -2.66
CA GLY A 39 -1.42 -45.14 -1.55
C GLY A 39 -0.13 -45.77 -1.07
N TYR A 40 0.02 -45.88 0.25
CA TYR A 40 1.23 -46.27 0.99
C TYR A 40 2.47 -45.46 0.64
N PRO A 41 2.57 -44.20 1.10
CA PRO A 41 3.72 -43.35 0.74
C PRO A 41 4.93 -43.63 1.63
N ILE A 42 5.37 -44.88 1.66
CA ILE A 42 6.49 -45.30 2.48
C ILE A 42 7.51 -46.02 1.60
N GLU A 43 8.76 -45.60 1.68
CA GLU A 43 9.83 -46.21 0.90
C GLU A 43 11.01 -46.50 1.80
N GLY A 44 12.11 -46.94 1.20
CA GLY A 44 13.37 -47.12 1.89
C GLY A 44 14.31 -45.99 1.57
N GLY A 45 13.81 -44.96 0.90
CA GLY A 45 14.56 -43.82 0.41
C GLY A 45 14.13 -42.48 0.95
N LEU A 46 13.51 -41.68 0.06
CA LEU A 46 13.37 -40.25 0.28
C LEU A 46 12.30 -39.92 1.33
N MET A 47 11.30 -40.77 1.51
CA MET A 47 10.35 -40.57 2.59
C MET A 47 10.90 -41.13 3.90
N ASP A 48 10.01 -41.37 4.87
CA ASP A 48 10.41 -41.61 6.26
C ASP A 48 11.12 -42.95 6.39
N LYS A 49 12.38 -42.96 5.99
CA LYS A 49 13.30 -44.05 6.36
C LYS A 49 14.13 -43.59 7.56
N ARG A 50 13.38 -43.29 8.63
CA ARG A 50 13.85 -42.63 9.85
C ARG A 50 14.56 -41.31 9.48
N LEU A 51 13.80 -40.44 8.82
CA LEU A 51 14.35 -39.24 8.20
C LEU A 51 13.54 -38.02 8.60
N GLY A 52 12.24 -38.16 8.77
CA GLY A 52 11.40 -37.04 9.12
C GLY A 52 9.92 -37.32 8.96
N VAL A 53 9.11 -36.85 9.89
CA VAL A 53 7.69 -37.19 9.96
C VAL A 53 6.85 -36.00 9.52
N ILE A 54 5.87 -36.26 8.65
CA ILE A 54 4.93 -35.25 8.18
C ILE A 54 3.51 -35.80 8.35
N ASP A 55 3.42 -37.10 8.61
CA ASP A 55 2.19 -37.85 8.78
C ASP A 55 1.88 -38.02 10.26
N PRO A 56 0.67 -38.49 10.62
CA PRO A 56 0.42 -38.94 12.00
C PRO A 56 0.86 -40.38 12.29
N GLY A 57 2.07 -40.72 11.85
CA GLY A 57 2.72 -41.95 12.28
C GLY A 57 3.98 -41.71 13.08
N LEU A 58 4.13 -42.40 14.21
CA LEU A 58 5.14 -42.05 15.21
C LEU A 58 6.52 -42.60 14.87
N ARG A 59 6.69 -43.25 13.73
CA ARG A 59 7.97 -43.86 13.37
C ARG A 59 8.95 -42.77 12.96
N CYS A 60 10.02 -42.61 13.74
CA CYS A 60 11.10 -41.71 13.42
C CYS A 60 12.40 -42.44 13.75
N GLU A 61 13.51 -41.71 13.83
CA GLU A 61 14.80 -42.30 14.17
C GLU A 61 14.91 -42.49 15.68
N THR A 62 14.10 -43.43 16.17
CA THR A 62 14.07 -44.02 17.52
C THR A 62 13.59 -43.02 18.57
N CYS A 63 13.23 -41.80 18.18
CA CYS A 63 12.99 -40.72 19.14
C CYS A 63 11.53 -40.33 19.25
N GLY A 64 10.60 -41.25 18.97
CA GLY A 64 9.19 -40.89 19.03
C GLY A 64 8.86 -39.88 17.95
N ALA A 65 8.72 -38.62 18.39
CA ALA A 65 8.71 -37.43 17.55
C ALA A 65 7.58 -37.40 16.53
N ARG A 66 6.36 -37.26 17.06
CA ARG A 66 5.20 -36.87 16.26
C ARG A 66 5.44 -35.51 15.60
N ALA A 67 4.60 -35.18 14.61
CA ALA A 67 4.83 -34.03 13.72
C ALA A 67 4.88 -32.70 14.46
N GLY A 68 4.15 -32.57 15.57
CA GLY A 68 4.41 -31.46 16.48
C GLY A 68 5.62 -31.78 17.34
N GLU A 69 6.59 -30.85 17.35
CA GLU A 69 7.93 -31.00 17.93
C GLU A 69 8.64 -32.21 17.32
N CYS A 70 8.92 -32.08 16.02
CA CYS A 70 9.84 -32.98 15.32
C CYS A 70 10.75 -32.17 14.41
N PRO A 71 12.00 -31.98 14.78
CA PRO A 71 12.97 -31.42 13.81
C PRO A 71 13.23 -32.44 12.71
N GLY A 72 13.21 -31.97 11.46
CA GLY A 72 13.55 -32.83 10.35
C GLY A 72 15.03 -33.16 10.35
N HIS A 73 15.41 -34.16 9.58
CA HIS A 73 16.78 -34.64 9.60
C HIS A 73 17.31 -34.74 8.19
N PHE A 74 18.62 -34.84 8.08
CA PHE A 74 19.27 -34.75 6.79
C PHE A 74 19.60 -36.14 6.27
N GLY A 75 19.45 -36.34 4.96
CA GLY A 75 19.91 -37.52 4.29
C GLY A 75 21.09 -37.16 3.42
N HIS A 76 21.73 -38.18 2.86
CA HIS A 76 22.86 -37.93 1.97
C HIS A 76 22.79 -38.85 0.76
N ILE A 77 23.46 -38.42 -0.30
CA ILE A 77 23.56 -39.16 -1.55
C ILE A 77 25.02 -39.38 -1.86
N GLU A 78 25.45 -40.64 -1.90
CA GLU A 78 26.82 -40.94 -2.30
C GLU A 78 26.91 -40.82 -3.81
N LEU A 79 27.27 -39.62 -4.27
CA LEU A 79 27.41 -39.36 -5.69
C LEU A 79 28.62 -40.12 -6.24
N ALA A 80 28.40 -40.82 -7.35
CA ALA A 80 29.42 -41.69 -7.92
C ALA A 80 30.52 -40.92 -8.63
N ARG A 81 30.27 -39.66 -8.97
CA ARG A 81 31.18 -38.82 -9.72
C ARG A 81 31.31 -37.50 -8.98
N PRO A 82 32.48 -36.87 -9.01
CA PRO A 82 32.64 -35.60 -8.28
C PRO A 82 31.94 -34.49 -9.02
N VAL A 83 31.45 -33.51 -8.26
CA VAL A 83 30.52 -32.52 -8.79
C VAL A 83 30.93 -31.14 -8.28
N ILE A 84 31.03 -30.18 -9.20
CA ILE A 84 31.43 -28.82 -8.87
C ILE A 84 30.22 -28.08 -8.30
N HIS A 85 30.41 -27.45 -7.15
CA HIS A 85 29.38 -26.58 -6.60
C HIS A 85 29.31 -25.30 -7.42
N VAL A 86 28.11 -24.71 -7.48
CA VAL A 86 27.87 -23.64 -8.44
C VAL A 86 28.43 -22.31 -7.93
N GLY A 87 28.17 -21.98 -6.66
CA GLY A 87 28.52 -20.67 -6.15
C GLY A 87 30.02 -20.45 -6.01
N PHE A 88 30.78 -21.52 -5.80
CA PHE A 88 32.22 -21.38 -5.68
C PHE A 88 32.94 -21.24 -7.00
N ALA A 89 32.27 -21.54 -8.13
CA ALA A 89 32.96 -21.75 -9.41
C ALA A 89 33.69 -20.51 -9.92
N LYS A 90 33.18 -19.31 -9.64
CA LYS A 90 33.93 -18.10 -9.97
C LYS A 90 35.17 -17.96 -9.09
N THR A 91 35.16 -18.51 -7.88
CA THR A 91 36.27 -18.36 -6.95
C THR A 91 37.16 -19.60 -6.92
N ILE A 92 36.71 -20.74 -7.44
CA ILE A 92 37.63 -21.84 -7.69
C ILE A 92 38.59 -21.47 -8.81
N HIS A 93 38.08 -20.72 -9.80
CA HIS A 93 38.89 -20.23 -10.92
C HIS A 93 39.98 -19.27 -10.46
N ARG A 94 39.74 -18.53 -9.38
CA ARG A 94 40.80 -17.70 -8.82
C ARG A 94 41.92 -18.54 -8.21
N VAL A 95 41.59 -19.74 -7.70
CA VAL A 95 42.63 -20.57 -7.08
C VAL A 95 43.45 -21.29 -8.13
N LEU A 96 42.81 -21.77 -9.20
CA LEU A 96 43.47 -22.68 -10.14
C LEU A 96 44.51 -21.96 -10.99
N GLU A 97 44.23 -20.72 -11.40
CA GLU A 97 45.18 -19.99 -12.23
C GLU A 97 46.22 -19.22 -11.42
N SER A 98 46.31 -19.47 -10.10
CA SER A 98 47.26 -18.75 -9.27
C SER A 98 48.03 -19.72 -8.37
N THR A 99 48.23 -20.95 -8.83
CA THR A 99 49.01 -21.91 -8.07
C THR A 99 49.92 -22.70 -9.00
N CYS A 100 51.10 -23.04 -8.48
CA CYS A 100 52.04 -23.89 -9.20
C CYS A 100 51.64 -25.35 -9.00
N ARG A 101 51.31 -26.02 -10.10
CA ARG A 101 50.79 -27.39 -10.05
C ARG A 101 51.86 -28.37 -9.59
N GLU A 102 51.37 -29.53 -9.10
CA GLU A 102 52.07 -30.76 -8.72
C GLU A 102 52.85 -30.61 -7.41
N CYS A 103 53.04 -29.40 -6.91
CA CYS A 103 53.70 -29.21 -5.63
C CYS A 103 52.83 -28.47 -4.63
N GLY A 104 52.22 -27.36 -5.03
CA GLY A 104 51.30 -26.68 -4.14
C GLY A 104 51.70 -25.28 -3.73
N ARG A 105 52.73 -24.70 -4.34
CA ARG A 105 53.21 -23.39 -3.89
C ARG A 105 52.35 -22.26 -4.43
N ILE A 106 52.85 -21.04 -4.30
CA ILE A 106 52.03 -19.85 -4.46
C ILE A 106 52.51 -18.96 -5.60
N LYS A 107 53.61 -19.33 -6.27
CA LYS A 107 54.21 -18.56 -7.38
C LYS A 107 54.62 -17.15 -6.96
N LEU A 108 55.13 -17.00 -5.74
CA LEU A 108 55.66 -15.72 -5.26
C LEU A 108 57.10 -15.86 -4.81
N THR A 109 57.78 -14.71 -4.77
CA THR A 109 59.12 -14.56 -4.22
C THR A 109 59.07 -14.55 -2.69
N ASP A 110 60.21 -14.86 -2.08
CA ASP A 110 60.37 -14.82 -0.62
C ASP A 110 60.21 -13.43 -0.02
N GLU A 111 60.37 -12.37 -0.82
CA GLU A 111 60.13 -11.02 -0.32
C GLU A 111 58.69 -10.83 0.09
N GLU A 112 57.76 -11.14 -0.81
CA GLU A 112 56.33 -11.01 -0.55
C GLU A 112 55.79 -11.99 0.48
N ILE A 113 56.48 -13.10 0.74
CA ILE A 113 56.07 -13.94 1.86
C ILE A 113 56.27 -13.21 3.17
N GLU A 114 57.46 -12.64 3.39
CA GLU A 114 57.74 -11.95 4.64
C GLU A 114 57.08 -10.58 4.72
N GLU A 115 56.78 -9.96 3.57
CA GLU A 115 56.07 -8.69 3.56
C GLU A 115 54.58 -8.85 3.82
N TYR A 116 53.93 -9.83 3.19
CA TYR A 116 52.48 -9.94 3.32
C TYR A 116 52.05 -10.76 4.53
N MET A 117 52.98 -11.41 5.24
CA MET A 117 52.66 -11.82 6.60
C MET A 117 52.47 -10.59 7.49
N GLN A 118 53.37 -9.60 7.34
CA GLN A 118 53.41 -8.43 8.19
C GLN A 118 52.32 -7.43 7.85
N LYS A 119 51.81 -7.44 6.61
CA LYS A 119 50.78 -6.50 6.19
C LYS A 119 49.39 -6.91 6.67
N PHE A 120 49.24 -8.15 7.14
CA PHE A 120 47.95 -8.62 7.64
C PHE A 120 47.60 -8.00 8.98
N GLU A 121 48.57 -7.87 9.89
CA GLU A 121 48.27 -7.33 11.20
C GLU A 121 48.10 -5.82 11.19
N VAL A 122 48.72 -5.14 10.22
CA VAL A 122 48.58 -3.69 10.11
C VAL A 122 47.16 -3.30 9.69
N MET A 123 46.61 -3.98 8.69
CA MET A 123 45.23 -3.76 8.23
C MET A 123 44.23 -4.74 8.80
N GLY A 124 44.40 -5.17 10.04
CA GLY A 124 43.57 -6.17 10.68
C GLY A 124 42.19 -5.73 11.14
N ASP A 125 41.69 -4.56 10.74
CA ASP A 125 40.38 -4.10 11.19
C ASP A 125 39.36 -3.96 10.07
N ARG A 126 39.62 -3.17 9.05
CA ARG A 126 38.57 -2.80 8.11
C ARG A 126 38.38 -3.83 7.01
N LYS A 127 37.12 -4.03 6.63
CA LYS A 127 36.77 -5.06 5.67
C LYS A 127 37.11 -4.62 4.26
N GLY A 128 36.77 -3.38 3.90
CA GLY A 128 36.96 -2.90 2.54
C GLY A 128 38.40 -2.80 2.11
N ALA A 129 39.32 -2.56 3.05
CA ALA A 129 40.73 -2.37 2.72
C ALA A 129 41.46 -3.69 2.51
N VAL A 130 41.05 -4.74 3.21
CA VAL A 130 41.68 -6.04 3.01
C VAL A 130 41.07 -6.78 1.83
N ASP A 131 39.90 -6.36 1.37
CA ASP A 131 39.31 -6.99 0.19
C ASP A 131 40.03 -6.60 -1.08
N LYS A 132 40.61 -5.39 -1.14
CA LYS A 132 41.41 -5.06 -2.32
C LYS A 132 42.78 -5.76 -2.27
N LEU A 133 43.26 -6.13 -1.07
CA LEU A 133 44.56 -6.76 -0.95
C LEU A 133 44.57 -8.17 -1.53
N ILE A 134 43.41 -8.84 -1.59
CA ILE A 134 43.39 -10.22 -2.06
C ILE A 134 43.25 -10.30 -3.57
N LYS A 135 42.90 -9.18 -4.23
CA LYS A 135 42.89 -9.13 -5.68
C LYS A 135 44.28 -8.99 -6.28
N GLU A 136 45.18 -8.26 -5.62
CA GLU A 136 46.52 -8.04 -6.19
C GLU A 136 47.37 -9.30 -6.10
N ILE A 137 47.07 -10.20 -5.17
CA ILE A 137 47.73 -11.51 -5.12
C ILE A 137 47.34 -12.33 -6.33
N HIS A 138 46.06 -12.28 -6.73
CA HIS A 138 45.63 -12.88 -7.99
C HIS A 138 46.29 -12.22 -9.19
N LYS A 139 46.63 -10.93 -9.11
CA LYS A 139 47.31 -10.26 -10.23
C LYS A 139 48.76 -10.69 -10.38
N LYS A 140 49.50 -10.80 -9.28
CA LYS A 140 50.93 -11.09 -9.38
C LYS A 140 51.23 -12.55 -9.69
N ALA A 141 50.36 -13.47 -9.27
CA ALA A 141 50.57 -14.88 -9.58
C ALA A 141 50.21 -15.26 -11.00
N LYS A 142 49.48 -14.42 -11.73
CA LYS A 142 49.12 -14.75 -13.10
C LYS A 142 50.31 -14.59 -14.04
N GLU A 143 51.04 -13.48 -13.94
CA GLU A 143 52.09 -13.16 -14.91
C GLU A 143 53.47 -13.66 -14.45
N ARG A 144 53.52 -14.96 -14.18
CA ARG A 144 54.77 -15.67 -13.91
C ARG A 144 54.62 -17.08 -14.48
N MET A 145 55.71 -17.60 -15.04
CA MET A 145 55.75 -18.98 -15.48
C MET A 145 56.93 -19.78 -14.92
N VAL A 146 57.80 -19.16 -14.14
CA VAL A 146 58.98 -19.84 -13.62
C VAL A 146 58.86 -19.91 -12.10
N CYS A 147 58.70 -21.12 -11.57
CA CYS A 147 58.60 -21.20 -10.12
C CYS A 147 60.00 -21.44 -9.53
N PRO A 148 60.25 -21.01 -8.29
CA PRO A 148 61.57 -21.25 -7.69
C PRO A 148 61.85 -22.68 -7.24
N HIS A 149 60.93 -23.64 -7.46
CA HIS A 149 61.11 -24.97 -6.92
C HIS A 149 60.83 -26.10 -7.89
N CYS A 150 60.43 -25.81 -9.13
CA CYS A 150 60.12 -26.87 -10.09
C CYS A 150 60.66 -26.62 -11.48
N GLY A 151 61.38 -25.54 -11.70
CA GLY A 151 62.03 -25.30 -12.99
C GLY A 151 61.12 -25.06 -14.17
N ALA A 152 59.99 -24.35 -13.94
CA ALA A 152 58.98 -23.97 -14.94
C ALA A 152 58.41 -25.20 -15.64
N PRO A 153 57.55 -26.02 -14.97
CA PRO A 153 57.07 -27.28 -15.53
C PRO A 153 55.89 -27.16 -16.48
N GLN A 154 56.02 -26.24 -17.46
CA GLN A 154 55.10 -26.05 -18.59
C GLN A 154 53.67 -25.75 -18.11
N PHE A 155 53.53 -24.57 -17.52
CA PHE A 155 52.24 -24.13 -17.01
C PHE A 155 51.23 -23.94 -18.13
N PRO A 156 50.07 -24.59 -18.06
CA PRO A 156 49.03 -24.36 -19.06
C PRO A 156 48.22 -23.12 -18.70
N ILE A 157 47.53 -22.59 -19.69
CA ILE A 157 46.72 -21.39 -19.50
C ILE A 157 45.31 -21.86 -19.17
N LYS A 158 44.75 -21.34 -18.08
CA LYS A 158 43.42 -21.75 -17.69
C LYS A 158 42.35 -21.00 -18.49
N PHE A 159 41.11 -21.42 -18.31
CA PHE A 159 40.00 -20.86 -19.09
C PHE A 159 38.71 -21.05 -18.29
N GLU A 160 37.68 -20.31 -18.68
CA GLU A 160 36.43 -20.20 -17.93
C GLU A 160 35.30 -19.95 -18.94
N ARG A 161 34.21 -19.32 -18.49
CA ARG A 161 33.11 -18.81 -19.30
C ARG A 161 32.26 -19.90 -19.98
N PRO A 162 31.20 -20.42 -19.30
CA PRO A 162 30.80 -20.06 -17.94
C PRO A 162 31.29 -21.02 -16.84
N THR A 163 31.29 -22.32 -17.12
CA THR A 163 31.50 -23.34 -16.10
C THR A 163 32.46 -24.45 -16.55
N ILE A 164 32.57 -24.71 -17.85
CA ILE A 164 33.39 -25.82 -18.35
C ILE A 164 34.81 -25.29 -18.47
N TYR A 165 35.78 -26.06 -17.99
CA TYR A 165 37.15 -25.57 -17.99
C TYR A 165 37.95 -26.20 -19.11
N TRP A 166 39.09 -25.58 -19.43
CA TRP A 166 40.03 -26.12 -20.39
C TRP A 166 41.45 -25.71 -20.00
N GLU A 167 42.39 -26.16 -20.81
CA GLU A 167 43.80 -25.79 -20.71
C GLU A 167 44.36 -25.69 -22.12
N LEU A 168 45.33 -24.79 -22.31
CA LEU A 168 46.03 -24.62 -23.59
C LEU A 168 47.43 -25.20 -23.49
N ARG A 169 47.54 -26.51 -23.71
CA ARG A 169 48.84 -27.17 -23.59
C ARG A 169 49.40 -27.47 -24.97
N LYS A 170 50.73 -27.49 -25.05
CA LYS A 170 51.49 -27.89 -26.24
C LYS A 170 51.95 -29.32 -26.10
N ASP A 171 51.94 -30.07 -27.21
CA ASP A 171 52.39 -31.45 -27.18
C ASP A 171 53.61 -31.67 -28.06
N GLU A 172 53.54 -31.38 -29.36
CA GLU A 172 54.68 -31.66 -30.23
C GLU A 172 55.66 -30.51 -30.19
N GLU A 173 55.29 -29.38 -30.78
CA GLU A 173 56.01 -28.11 -30.60
C GLU A 173 55.10 -26.98 -30.12
N GLY A 174 54.02 -26.70 -30.84
CA GLY A 174 53.22 -25.53 -30.53
C GLY A 174 51.72 -25.64 -30.61
N ASN A 175 51.15 -26.81 -30.28
CA ASN A 175 49.74 -27.04 -30.52
C ASN A 175 48.89 -26.26 -29.50
N GLU A 176 47.63 -26.01 -29.88
CA GLU A 176 46.72 -25.22 -29.07
C GLU A 176 45.41 -25.96 -28.88
N TYR A 177 45.50 -27.26 -28.63
CA TYR A 177 44.30 -28.06 -28.44
C TYR A 177 43.69 -27.76 -27.08
N LYS A 178 42.36 -27.78 -27.00
CA LYS A 178 41.63 -27.40 -25.80
C LYS A 178 41.30 -28.68 -25.03
N HIS A 179 42.24 -29.10 -24.18
CA HIS A 179 42.02 -30.25 -23.33
C HIS A 179 41.02 -29.90 -22.23
N ARG A 180 39.89 -30.61 -22.23
CA ARG A 180 38.87 -30.39 -21.22
C ARG A 180 39.35 -30.85 -19.86
N MET A 181 39.10 -30.05 -18.84
CA MET A 181 39.62 -30.32 -17.51
C MET A 181 38.61 -31.22 -16.82
N MET A 182 39.13 -32.25 -16.12
CA MET A 182 38.08 -33.03 -15.48
C MET A 182 37.91 -32.63 -14.01
N PRO A 183 36.68 -32.74 -13.50
CA PRO A 183 36.45 -32.49 -12.07
C PRO A 183 37.20 -33.44 -11.14
N SER A 184 37.47 -34.67 -11.57
CA SER A 184 38.32 -35.55 -10.79
C SER A 184 39.78 -35.11 -10.83
N GLU A 185 40.21 -34.48 -11.93
CA GLU A 185 41.58 -33.99 -12.01
C GLU A 185 41.79 -32.75 -11.16
N VAL A 186 40.74 -31.97 -10.92
CA VAL A 186 40.88 -30.75 -10.13
C VAL A 186 41.05 -31.09 -8.65
N ARG A 187 40.20 -31.96 -8.11
CA ARG A 187 40.16 -32.19 -6.68
C ARG A 187 41.39 -32.95 -6.20
N ASP A 188 42.04 -33.71 -7.09
CA ASP A 188 43.33 -34.30 -6.78
C ASP A 188 44.43 -33.24 -6.66
N ARG A 189 44.32 -32.14 -7.42
CA ARG A 189 45.31 -31.08 -7.30
C ARG A 189 45.12 -30.27 -6.02
N LEU A 190 43.87 -30.09 -5.59
CA LEU A 190 43.60 -29.23 -4.45
C LEU A 190 44.07 -29.87 -3.14
N GLU A 191 44.11 -31.20 -3.07
CA GLU A 191 44.59 -31.85 -1.86
C GLU A 191 46.09 -31.70 -1.65
N LYS A 192 46.84 -31.32 -2.68
CA LYS A 192 48.28 -31.20 -2.56
C LYS A 192 48.72 -29.84 -2.04
N ILE A 193 47.81 -28.88 -1.92
CA ILE A 193 48.13 -27.59 -1.33
C ILE A 193 48.28 -27.73 0.16
N PRO A 194 49.42 -27.36 0.74
CA PRO A 194 49.56 -27.41 2.20
C PRO A 194 48.75 -26.31 2.87
N ASP A 195 48.44 -26.54 4.15
CA ASP A 195 47.52 -25.69 4.89
C ASP A 195 48.10 -24.30 5.18
N LYS A 196 49.42 -24.14 5.07
CA LYS A 196 50.06 -22.87 5.35
C LYS A 196 49.74 -21.81 4.30
N ASP A 197 49.34 -22.22 3.10
CA ASP A 197 49.01 -21.27 2.05
C ASP A 197 47.61 -20.67 2.21
N LEU A 198 46.78 -21.23 3.08
CA LEU A 198 45.43 -20.70 3.25
C LEU A 198 45.37 -19.33 3.92
N PRO A 199 46.26 -18.95 4.87
CA PRO A 199 46.30 -17.52 5.25
C PRO A 199 46.77 -16.59 4.15
N LEU A 200 47.55 -17.07 3.16
CA LEU A 200 47.94 -16.19 2.07
C LEU A 200 46.78 -15.87 1.13
N LEU A 201 45.74 -16.70 1.11
CA LEU A 201 44.48 -16.37 0.48
C LEU A 201 43.49 -15.97 1.57
N GLY A 202 42.24 -15.77 1.17
CA GLY A 202 41.18 -15.51 2.13
C GLY A 202 40.46 -16.77 2.57
N LEU A 203 41.19 -17.68 3.21
CA LEU A 203 40.66 -18.97 3.60
C LEU A 203 41.08 -19.29 5.03
N HIS A 204 40.48 -20.34 5.60
CA HIS A 204 40.72 -20.71 6.99
C HIS A 204 40.93 -22.22 7.07
N PRO A 205 41.99 -22.68 7.75
CA PRO A 205 42.37 -24.10 7.67
C PRO A 205 41.47 -25.06 8.43
N GLU A 206 40.62 -24.59 9.34
CA GLU A 206 39.73 -25.49 10.07
C GLU A 206 38.29 -25.43 9.61
N LYS A 207 37.87 -24.36 8.95
CA LYS A 207 36.47 -24.19 8.55
C LYS A 207 36.24 -24.30 7.06
N SER A 208 37.23 -23.94 6.23
CA SER A 208 37.06 -23.94 4.77
C SER A 208 38.25 -24.58 4.07
N ARG A 209 38.23 -25.91 3.90
CA ARG A 209 39.23 -26.50 3.03
C ARG A 209 38.79 -26.36 1.58
N PRO A 210 39.72 -26.08 0.66
CA PRO A 210 39.32 -25.90 -0.74
C PRO A 210 38.88 -27.18 -1.42
N GLU A 211 39.41 -28.35 -1.02
CA GLU A 211 38.99 -29.58 -1.69
C GLU A 211 37.57 -30.00 -1.31
N TRP A 212 37.01 -29.42 -0.26
CA TRP A 212 35.63 -29.68 0.14
C TRP A 212 34.60 -28.96 -0.72
N MET A 213 35.05 -28.10 -1.64
CA MET A 213 34.13 -27.40 -2.53
C MET A 213 33.51 -28.33 -3.59
N VAL A 214 34.21 -29.40 -3.95
CA VAL A 214 33.70 -30.35 -4.94
C VAL A 214 32.78 -31.36 -4.26
N LEU A 215 31.51 -31.38 -4.67
CA LEU A 215 30.48 -32.19 -4.03
C LEU A 215 30.69 -33.66 -4.36
N THR A 216 31.28 -34.40 -3.44
CA THR A 216 31.37 -35.84 -3.56
C THR A 216 30.14 -36.52 -2.97
N VAL A 217 29.59 -35.95 -1.91
CA VAL A 217 28.39 -36.45 -1.25
C VAL A 217 27.41 -35.29 -1.14
N LEU A 218 26.23 -35.44 -1.74
CA LEU A 218 25.22 -34.40 -1.71
C LEU A 218 24.27 -34.63 -0.56
N PRO A 219 24.10 -33.67 0.34
CA PRO A 219 23.14 -33.86 1.43
C PRO A 219 21.71 -33.63 0.95
N VAL A 220 20.79 -34.30 1.60
CA VAL A 220 19.36 -34.24 1.27
C VAL A 220 18.69 -33.34 2.30
N PRO A 221 17.87 -32.38 1.88
CA PRO A 221 17.13 -31.56 2.85
C PRO A 221 16.04 -32.35 3.54
N PRO A 222 15.63 -31.93 4.74
CA PRO A 222 14.66 -32.72 5.51
C PRO A 222 13.23 -32.73 5.02
N VAL A 223 12.40 -33.52 5.71
CA VAL A 223 10.98 -33.61 5.39
C VAL A 223 10.25 -32.35 5.84
N THR A 224 10.66 -31.78 6.97
CA THR A 224 9.98 -30.61 7.53
C THR A 224 10.15 -29.36 6.68
N MET A 225 11.14 -29.35 5.78
CA MET A 225 11.32 -28.30 4.81
C MET A 225 10.65 -28.64 3.48
N ARG A 226 10.17 -29.87 3.32
CA ARG A 226 9.52 -30.33 2.09
C ARG A 226 8.14 -30.90 2.37
N PRO A 227 7.12 -30.06 2.47
CA PRO A 227 5.77 -30.53 2.79
C PRO A 227 5.11 -31.20 1.59
N SER A 228 3.98 -31.87 1.85
CA SER A 228 3.20 -32.56 0.83
C SER A 228 1.85 -31.88 0.66
N ILE A 229 1.71 -31.08 -0.40
CA ILE A 229 0.49 -30.34 -0.67
C ILE A 229 -0.55 -31.31 -1.25
N THR A 230 -1.76 -31.30 -0.68
CA THR A 230 -2.87 -32.10 -1.21
C THR A 230 -3.70 -31.26 -2.18
N LEU A 231 -4.04 -31.83 -3.33
CA LEU A 231 -4.70 -31.03 -4.37
C LEU A 231 -6.21 -30.93 -4.14
N GLU A 232 -6.94 -32.04 -4.30
CA GLU A 232 -8.38 -32.04 -4.11
C GLU A 232 -8.77 -32.72 -2.81
N SER A 233 -8.57 -34.03 -2.70
CA SER A 233 -8.81 -34.73 -1.44
C SER A 233 -7.79 -35.82 -1.11
N GLY A 234 -7.16 -36.44 -2.10
CA GLY A 234 -6.25 -37.53 -1.82
C GLY A 234 -5.09 -37.52 -2.77
N ILE A 235 -5.09 -36.56 -3.67
CA ILE A 235 -4.04 -36.41 -4.66
C ILE A 235 -3.02 -35.46 -4.07
N ARG A 236 -1.75 -35.82 -4.16
CA ARG A 236 -0.68 -35.11 -3.49
C ARG A 236 0.15 -34.36 -4.52
N ALA A 237 0.17 -33.04 -4.43
CA ALA A 237 1.01 -32.22 -5.28
C ALA A 237 2.44 -32.32 -4.78
N GLU A 238 3.31 -32.83 -5.63
CA GLU A 238 4.71 -33.00 -5.26
C GLU A 238 5.39 -31.64 -5.12
N ASP A 239 6.24 -31.52 -4.12
CA ASP A 239 6.91 -30.27 -3.83
C ASP A 239 8.00 -30.03 -4.89
N ASP A 240 8.32 -28.75 -5.13
CA ASP A 240 9.29 -28.40 -6.17
C ASP A 240 10.69 -28.92 -5.81
N LEU A 241 11.04 -28.90 -4.53
CA LEU A 241 12.30 -29.52 -4.12
C LEU A 241 12.23 -31.04 -4.24
N THR A 242 11.06 -31.62 -3.98
CA THR A 242 10.90 -33.07 -4.05
C THR A 242 11.00 -33.57 -5.50
N HIS A 243 10.40 -32.82 -6.43
CA HIS A 243 10.35 -33.24 -7.83
C HIS A 243 11.71 -33.30 -8.49
N LYS A 244 12.64 -32.41 -8.15
CA LYS A 244 13.97 -32.49 -8.74
C LYS A 244 14.90 -33.47 -8.02
N LEU A 245 14.77 -33.63 -6.71
CA LEU A 245 15.63 -34.58 -5.98
C LEU A 245 15.36 -36.02 -6.37
N VAL A 246 14.12 -36.36 -6.71
CA VAL A 246 13.81 -37.69 -7.21
C VAL A 246 14.48 -37.91 -8.56
N ASP A 247 14.48 -36.89 -9.41
CA ASP A 247 15.09 -36.99 -10.72
C ASP A 247 16.62 -36.96 -10.68
N ILE A 248 17.21 -36.52 -9.57
CA ILE A 248 18.66 -36.62 -9.42
C ILE A 248 19.06 -38.08 -9.17
N ILE A 249 18.33 -38.78 -8.32
CA ILE A 249 18.69 -40.14 -7.92
C ILE A 249 18.49 -41.13 -9.07
N ARG A 250 17.52 -40.87 -9.95
CA ARG A 250 17.29 -41.76 -11.08
C ARG A 250 18.31 -41.56 -12.20
N ILE A 251 18.96 -40.40 -12.27
CA ILE A 251 20.06 -40.22 -13.21
C ILE A 251 21.36 -40.71 -12.59
N ASN A 252 21.36 -40.96 -11.27
CA ASN A 252 22.50 -41.53 -10.58
C ASN A 252 22.50 -43.05 -10.78
N ASN A 253 21.40 -43.70 -10.40
CA ASN A 253 21.15 -45.14 -10.53
C ASN A 253 21.68 -45.77 -11.82
N ARG A 254 21.25 -45.24 -12.98
CA ARG A 254 21.79 -45.70 -14.25
C ARG A 254 23.28 -45.48 -14.37
N LEU A 255 23.76 -44.28 -13.98
CA LEU A 255 25.18 -43.96 -14.04
C LEU A 255 26.03 -44.95 -13.23
N LYS A 256 25.55 -45.36 -12.05
CA LYS A 256 26.24 -46.41 -11.30
C LYS A 256 26.36 -47.70 -12.11
N SER A 257 25.25 -48.14 -12.70
CA SER A 257 25.27 -49.31 -13.57
C SER A 257 26.09 -49.09 -14.84
N ASN A 258 26.10 -47.85 -15.36
CA ASN A 258 26.81 -47.56 -16.61
C ASN A 258 28.31 -47.84 -16.49
N ILE A 259 28.94 -47.41 -15.39
CA ILE A 259 30.38 -47.59 -15.24
C ILE A 259 30.71 -48.94 -14.58
N GLU A 260 29.72 -49.64 -14.02
CA GLU A 260 29.99 -50.97 -13.49
C GLU A 260 29.89 -52.09 -14.52
N ALA A 261 29.25 -51.86 -15.66
CA ALA A 261 29.23 -52.92 -16.65
C ALA A 261 29.65 -52.41 -18.02
N GLY A 262 28.94 -51.39 -18.51
CA GLY A 262 29.31 -50.74 -19.76
C GLY A 262 30.71 -50.16 -19.71
N ALA A 263 31.45 -50.35 -20.80
CA ALA A 263 32.77 -49.71 -20.94
C ALA A 263 33.00 -49.19 -22.36
N PRO A 264 32.19 -48.18 -22.84
CA PRO A 264 32.57 -47.56 -24.13
C PRO A 264 33.38 -46.28 -23.98
N GLN A 265 33.45 -45.75 -22.74
CA GLN A 265 34.23 -44.59 -22.30
C GLN A 265 33.77 -43.26 -22.91
N LEU A 266 32.84 -43.28 -23.88
CA LEU A 266 32.40 -42.06 -24.56
C LEU A 266 31.08 -41.52 -24.02
N ILE A 267 30.07 -42.37 -23.85
CA ILE A 267 28.78 -41.92 -23.30
C ILE A 267 28.93 -41.46 -21.86
N ILE A 268 29.85 -42.09 -21.12
CA ILE A 268 30.20 -41.72 -19.73
C ILE A 268 30.43 -40.21 -19.62
N GLU A 269 31.40 -39.70 -20.39
CA GLU A 269 31.70 -38.27 -20.42
C GLU A 269 30.49 -37.43 -20.82
N ASP A 270 29.65 -37.96 -21.71
CA ASP A 270 28.40 -37.29 -22.04
C ASP A 270 27.46 -37.32 -20.83
N LEU A 271 27.34 -38.49 -20.21
CA LEU A 271 26.53 -38.63 -18.99
C LEU A 271 27.10 -37.81 -17.83
N TRP A 272 28.43 -37.77 -17.71
CA TRP A 272 29.17 -36.97 -16.73
C TRP A 272 28.65 -35.54 -16.58
N ASP A 273 28.39 -34.88 -17.70
CA ASP A 273 27.93 -33.50 -17.71
C ASP A 273 26.45 -33.38 -17.37
N LEU A 274 25.67 -34.43 -17.61
CA LEU A 274 24.25 -34.41 -17.22
C LEU A 274 24.07 -34.36 -15.72
N LEU A 275 24.84 -35.16 -14.97
CA LEU A 275 24.86 -35.07 -13.51
C LEU A 275 25.12 -33.66 -13.01
N GLN A 276 26.17 -33.01 -13.54
CA GLN A 276 26.53 -31.66 -13.16
C GLN A 276 25.39 -30.68 -13.39
N TYR A 277 24.98 -30.51 -14.64
CA TYR A 277 23.79 -29.80 -15.11
C TYR A 277 22.51 -30.00 -14.29
N HIS A 278 22.27 -31.20 -13.78
CA HIS A 278 20.97 -31.47 -13.20
C HIS A 278 20.89 -31.00 -11.75
N VAL A 279 22.01 -31.04 -11.02
CA VAL A 279 22.07 -30.47 -9.67
C VAL A 279 22.35 -28.96 -9.72
N THR A 280 22.87 -28.44 -10.85
CA THR A 280 23.18 -27.03 -10.98
C THR A 280 21.92 -26.16 -11.01
N THR A 281 20.87 -26.65 -11.65
CA THR A 281 19.59 -25.94 -11.60
C THR A 281 18.99 -25.97 -10.19
N TYR A 282 19.31 -27.02 -9.42
CA TYR A 282 18.74 -27.18 -8.09
C TYR A 282 19.27 -26.13 -7.11
N ILE A 283 20.50 -25.66 -7.30
CA ILE A 283 21.00 -24.56 -6.49
C ILE A 283 20.42 -23.23 -6.95
N ASN A 284 20.58 -22.90 -8.24
CA ASN A 284 20.06 -21.66 -8.79
C ASN A 284 19.50 -21.95 -10.18
N ASN A 285 18.19 -21.82 -10.32
CA ASN A 285 17.53 -22.06 -11.60
C ASN A 285 17.79 -20.94 -12.59
N GLU A 286 17.92 -19.70 -12.13
CA GLU A 286 17.95 -18.55 -13.01
C GLU A 286 19.38 -18.10 -13.35
N THR A 287 20.30 -19.04 -13.47
CA THR A 287 21.63 -18.70 -13.96
C THR A 287 21.57 -18.42 -15.46
N SER A 288 22.69 -17.94 -16.00
CA SER A 288 22.77 -17.65 -17.41
C SER A 288 23.43 -18.82 -18.14
N GLY A 289 23.07 -18.98 -19.42
CA GLY A 289 23.54 -20.11 -20.18
C GLY A 289 22.92 -21.45 -19.83
N VAL A 290 21.87 -21.44 -19.00
CA VAL A 290 21.23 -22.66 -18.53
C VAL A 290 19.75 -22.60 -18.84
N PRO A 291 19.19 -23.59 -19.53
CA PRO A 291 17.72 -23.66 -19.69
C PRO A 291 17.04 -23.95 -18.38
N PRO A 292 15.97 -23.21 -18.06
CA PRO A 292 15.26 -23.39 -16.78
C PRO A 292 14.57 -24.75 -16.74
N ALA A 293 14.89 -25.53 -15.71
CA ALA A 293 14.23 -26.80 -15.48
C ALA A 293 12.78 -26.56 -15.06
N LYS A 294 11.85 -26.81 -15.97
CA LYS A 294 10.47 -26.45 -15.76
C LYS A 294 9.74 -27.60 -15.06
N HIS A 295 8.59 -27.28 -14.49
CA HIS A 295 7.67 -28.33 -14.09
C HIS A 295 6.93 -28.74 -15.33
N LYS A 296 6.49 -30.00 -15.40
CA LYS A 296 6.00 -30.50 -16.67
C LYS A 296 4.56 -30.10 -16.99
N SER A 297 4.27 -28.80 -16.84
CA SER A 297 3.02 -28.16 -17.25
C SER A 297 3.23 -26.78 -17.84
N GLY A 298 4.41 -26.16 -17.67
CA GLY A 298 4.68 -24.83 -18.17
C GLY A 298 5.14 -23.83 -17.11
N ARG A 299 5.33 -24.28 -15.84
CA ARG A 299 5.82 -23.52 -14.69
C ARG A 299 7.27 -23.83 -14.42
N PRO A 300 8.12 -22.83 -14.24
CA PRO A 300 9.46 -23.07 -13.69
C PRO A 300 9.45 -23.47 -12.22
N LEU A 301 10.49 -24.19 -11.82
CA LEU A 301 10.69 -24.61 -10.43
C LEU A 301 11.32 -23.49 -9.63
N LYS A 302 10.72 -23.17 -8.47
CA LYS A 302 11.34 -22.23 -7.55
C LYS A 302 12.28 -23.06 -6.68
N THR A 303 13.55 -23.05 -7.04
CA THR A 303 14.57 -23.80 -6.31
C THR A 303 15.13 -22.95 -5.17
N LEU A 304 16.29 -23.36 -4.64
CA LEU A 304 16.85 -22.77 -3.41
C LEU A 304 17.12 -21.27 -3.55
N ALA A 305 17.74 -20.87 -4.67
CA ALA A 305 18.02 -19.46 -4.89
C ALA A 305 16.77 -18.63 -5.12
N GLN A 306 15.66 -19.26 -5.55
CA GLN A 306 14.40 -18.56 -5.62
C GLN A 306 13.64 -18.67 -4.31
N ARG A 307 14.02 -19.63 -3.47
CA ARG A 307 13.43 -19.75 -2.15
C ARG A 307 14.06 -18.76 -1.17
N LEU A 308 15.37 -18.50 -1.33
CA LEU A 308 16.09 -17.53 -0.51
C LEU A 308 15.72 -16.08 -0.80
N LYS A 309 15.29 -15.77 -2.02
CA LYS A 309 15.32 -14.41 -2.53
C LYS A 309 14.04 -14.16 -3.31
N GLY A 310 14.01 -13.08 -4.08
CA GLY A 310 12.97 -12.84 -5.04
C GLY A 310 11.87 -11.88 -4.64
N LYS A 311 12.19 -10.85 -3.84
CA LYS A 311 11.35 -9.71 -3.43
C LYS A 311 10.28 -10.12 -2.41
N GLU A 312 10.09 -11.41 -2.21
CA GLU A 312 9.24 -11.94 -1.16
C GLU A 312 9.86 -13.21 -0.60
N GLY A 313 11.17 -13.22 -0.37
CA GLY A 313 11.76 -14.46 0.07
C GLY A 313 11.74 -14.63 1.57
N ARG A 314 12.88 -14.95 2.19
CA ARG A 314 12.89 -15.26 3.61
C ARG A 314 14.00 -14.50 4.31
N PHE A 315 14.14 -13.24 3.93
CA PHE A 315 14.70 -12.22 4.80
C PHE A 315 13.73 -11.07 5.03
N ARG A 316 13.13 -10.53 3.97
CA ARG A 316 12.12 -9.49 4.13
C ARG A 316 10.69 -9.98 4.13
N GLY A 317 10.38 -11.05 3.39
CA GLY A 317 8.99 -11.44 3.24
C GLY A 317 8.41 -12.11 4.47
N ASN A 318 9.22 -12.90 5.17
CA ASN A 318 8.73 -13.75 6.26
C ASN A 318 9.55 -13.67 7.53
N LEU A 319 10.78 -13.17 7.52
CA LEU A 319 11.62 -13.20 8.70
C LEU A 319 11.62 -11.84 9.41
N SER A 320 11.99 -10.77 8.72
CA SER A 320 12.03 -9.46 9.36
C SER A 320 10.70 -8.71 9.21
N GLY A 321 9.79 -9.22 8.38
CA GLY A 321 8.43 -8.76 8.29
C GLY A 321 7.45 -9.92 8.32
N LYS A 322 6.60 -10.00 9.35
CA LYS A 322 5.69 -11.13 9.53
C LYS A 322 4.25 -10.65 9.58
N ARG A 323 3.33 -11.59 9.40
CA ARG A 323 1.91 -11.31 9.60
C ARG A 323 1.57 -11.45 11.08
N VAL A 324 0.61 -10.64 11.54
CA VAL A 324 0.46 -10.50 12.98
C VAL A 324 -0.87 -11.01 13.50
N ASN A 325 -1.05 -10.89 14.81
CA ASN A 325 -2.28 -11.22 15.50
C ASN A 325 -2.76 -9.98 16.24
N PHE A 326 -4.01 -10.04 16.67
CA PHE A 326 -4.65 -9.01 17.50
C PHE A 326 -4.67 -7.66 16.79
N SER A 327 -5.40 -7.60 15.67
CA SER A 327 -5.51 -6.38 14.86
C SER A 327 -6.96 -6.25 14.41
N ALA A 328 -7.20 -5.26 13.56
CA ALA A 328 -8.49 -4.95 12.93
C ALA A 328 -8.24 -3.95 11.83
N ARG A 329 -9.23 -3.76 10.96
CA ARG A 329 -9.08 -2.84 9.83
C ARG A 329 -10.46 -2.46 9.33
N THR A 330 -10.80 -1.17 9.34
CA THR A 330 -12.11 -0.73 8.87
C THR A 330 -11.99 0.69 8.31
N VAL A 331 -13.11 1.38 8.15
CA VAL A 331 -13.13 2.68 7.51
C VAL A 331 -13.16 3.77 8.58
N ILE A 332 -12.96 5.02 8.18
CA ILE A 332 -12.95 6.11 9.14
C ILE A 332 -13.97 7.20 8.82
N SER A 333 -14.36 7.94 9.86
CA SER A 333 -15.41 8.94 9.87
C SER A 333 -15.25 9.92 11.03
N PRO A 334 -15.30 11.24 10.78
CA PRO A 334 -14.85 12.23 11.77
C PRO A 334 -15.78 12.37 12.96
N ASP A 335 -15.24 12.95 14.05
CA ASP A 335 -16.01 13.60 15.10
C ASP A 335 -15.21 14.60 15.93
N PRO A 336 -15.56 15.87 15.93
CA PRO A 336 -14.90 16.82 16.84
C PRO A 336 -15.65 16.99 18.15
N MET A 337 -15.77 15.91 18.90
CA MET A 337 -16.33 15.95 20.26
C MET A 337 -15.53 15.13 21.24
N ILE A 338 -14.60 14.30 20.78
CA ILE A 338 -13.70 13.60 21.66
C ILE A 338 -12.42 14.41 21.74
N SER A 339 -11.56 14.08 22.70
CA SER A 339 -10.33 14.81 22.92
C SER A 339 -9.34 14.52 21.79
N ILE A 340 -8.19 15.18 21.84
CA ILE A 340 -7.23 15.05 20.74
C ILE A 340 -6.58 13.67 20.71
N ASN A 341 -6.41 13.01 21.86
CA ASN A 341 -5.76 11.71 21.92
C ASN A 341 -6.72 10.58 22.23
N GLU A 342 -7.95 10.62 21.73
CA GLU A 342 -8.81 9.46 21.87
C GLU A 342 -9.14 8.88 20.52
N VAL A 343 -9.88 7.78 20.53
CA VAL A 343 -10.27 7.09 19.31
C VAL A 343 -11.57 6.35 19.57
N GLY A 344 -12.42 6.32 18.56
CA GLY A 344 -13.56 5.44 18.59
C GLY A 344 -13.18 4.01 18.27
N VAL A 345 -13.90 3.07 18.85
CA VAL A 345 -13.72 1.67 18.54
C VAL A 345 -15.14 1.11 18.39
N PRO A 346 -15.46 0.43 17.30
CA PRO A 346 -16.77 -0.21 17.18
C PRO A 346 -16.93 -1.30 18.22
N LEU A 347 -18.17 -1.56 18.58
CA LEU A 347 -18.41 -2.52 19.66
C LEU A 347 -18.33 -3.98 19.20
N ALA A 348 -18.30 -4.24 17.89
CA ALA A 348 -18.01 -5.59 17.42
C ALA A 348 -16.51 -5.91 17.50
N VAL A 349 -15.66 -4.95 17.10
CA VAL A 349 -14.21 -5.10 17.18
C VAL A 349 -13.73 -5.07 18.62
N ALA A 350 -14.43 -4.38 19.50
CA ALA A 350 -14.01 -4.34 20.90
C ALA A 350 -14.21 -5.67 21.59
N MET A 351 -15.12 -6.51 21.12
CA MET A 351 -15.33 -7.82 21.72
C MET A 351 -14.59 -8.93 21.00
N GLU A 352 -13.74 -8.62 20.03
CA GLU A 352 -12.94 -9.63 19.37
C GLU A 352 -11.45 -9.33 19.45
N LEU A 353 -11.06 -8.48 20.40
CA LEU A 353 -9.67 -8.18 20.70
C LEU A 353 -9.60 -8.12 22.21
N THR A 354 -8.52 -8.63 22.78
CA THR A 354 -8.47 -8.84 24.22
C THR A 354 -7.10 -8.47 24.74
N VAL A 355 -7.07 -8.00 25.98
CA VAL A 355 -5.79 -7.78 26.65
C VAL A 355 -5.64 -8.82 27.76
N PRO A 356 -4.43 -9.21 28.14
CA PRO A 356 -4.25 -10.03 29.33
C PRO A 356 -4.07 -9.16 30.55
N GLU A 357 -4.55 -9.66 31.69
CA GLU A 357 -4.70 -8.71 32.79
C GLU A 357 -4.02 -9.03 34.12
N LYS A 358 -3.84 -10.33 34.46
CA LYS A 358 -2.98 -10.78 35.55
C LYS A 358 -3.42 -10.20 36.90
N VAL A 359 -4.56 -10.70 37.40
CA VAL A 359 -5.19 -10.16 38.61
C VAL A 359 -4.28 -10.25 39.83
N THR A 360 -3.93 -9.08 40.41
CA THR A 360 -3.08 -9.10 41.58
C THR A 360 -3.77 -9.03 42.93
N GLU A 361 -4.20 -7.84 43.36
CA GLU A 361 -4.85 -7.74 44.67
C GLU A 361 -5.95 -6.70 44.68
N PHE A 362 -5.85 -5.71 43.79
CA PHE A 362 -6.71 -4.54 43.85
C PHE A 362 -7.65 -4.41 42.67
N ASN A 363 -7.52 -5.29 41.66
CA ASN A 363 -8.52 -5.44 40.62
C ASN A 363 -9.27 -6.76 40.73
N TYR A 364 -9.16 -7.44 41.86
CA TYR A 364 -9.79 -8.74 42.05
C TYR A 364 -11.32 -8.62 42.13
N GLU A 365 -11.83 -7.51 42.65
CA GLU A 365 -13.27 -7.30 42.62
C GLU A 365 -13.76 -6.97 41.22
N LYS A 366 -12.89 -6.45 40.36
CA LYS A 366 -13.29 -6.11 39.02
C LYS A 366 -13.40 -7.36 38.15
N LEU A 367 -12.36 -8.19 38.15
CA LEU A 367 -12.29 -9.34 37.27
C LEU A 367 -13.09 -10.54 37.76
N LYS A 368 -13.60 -10.51 38.99
CA LYS A 368 -14.62 -11.49 39.34
C LYS A 368 -15.88 -11.20 38.56
N GLN A 369 -16.19 -9.92 38.35
CA GLN A 369 -17.39 -9.56 37.63
C GLN A 369 -17.21 -9.76 36.13
N ARG A 370 -15.98 -9.58 35.63
CA ARG A 370 -15.73 -9.76 34.20
C ARG A 370 -15.79 -11.21 33.77
N VAL A 371 -15.61 -12.17 34.68
CA VAL A 371 -15.71 -13.57 34.31
C VAL A 371 -17.05 -14.13 34.69
N LEU A 372 -17.78 -13.46 35.59
CA LEU A 372 -19.12 -13.90 35.93
C LEU A 372 -20.11 -13.53 34.85
N ASN A 373 -19.75 -12.59 33.98
CA ASN A 373 -20.69 -11.96 33.09
C ASN A 373 -20.77 -12.64 31.72
N GLY A 374 -19.87 -13.59 31.45
CA GLY A 374 -19.85 -14.31 30.20
C GLY A 374 -19.14 -13.53 29.10
N PRO A 375 -18.90 -14.17 27.96
CA PRO A 375 -18.47 -13.40 26.78
C PRO A 375 -19.62 -12.92 25.90
N GLU A 376 -20.70 -12.39 26.46
CA GLU A 376 -21.73 -11.76 25.67
C GLU A 376 -21.93 -10.30 26.05
N LYS A 377 -22.25 -10.01 27.30
CA LYS A 377 -22.48 -8.64 27.74
C LYS A 377 -21.12 -7.96 27.82
N TYR A 378 -21.09 -6.70 27.36
CA TYR A 378 -19.83 -6.01 27.02
C TYR A 378 -18.74 -6.03 28.10
N PRO A 379 -19.00 -5.83 29.39
CA PRO A 379 -17.95 -6.18 30.34
C PRO A 379 -17.93 -7.69 30.49
N GLY A 380 -16.97 -8.35 29.84
CA GLY A 380 -16.89 -9.79 29.85
C GLY A 380 -15.50 -10.27 29.53
N ALA A 381 -15.32 -11.59 29.63
CA ALA A 381 -14.02 -12.20 29.38
C ALA A 381 -14.19 -13.34 28.38
N ASN A 382 -13.07 -13.75 27.76
CA ASN A 382 -13.06 -14.84 26.80
C ASN A 382 -12.24 -16.03 27.30
N TYR A 383 -10.97 -15.80 27.62
CA TYR A 383 -10.04 -16.87 27.97
C TYR A 383 -9.42 -16.58 29.32
N VAL A 384 -9.62 -17.48 30.26
CA VAL A 384 -8.97 -17.44 31.56
C VAL A 384 -7.79 -18.38 31.47
N ILE A 385 -6.77 -18.15 32.30
CA ILE A 385 -5.53 -18.92 32.26
C ILE A 385 -5.10 -19.24 33.70
N ASP A 386 -4.89 -20.52 33.98
CA ASP A 386 -4.39 -20.99 35.27
C ASP A 386 -2.86 -20.82 35.31
N PRO A 387 -2.19 -20.92 36.48
CA PRO A 387 -0.73 -20.75 36.46
C PRO A 387 0.02 -21.92 35.87
N GLU A 388 -0.63 -23.06 35.66
CA GLU A 388 -0.01 -24.15 34.93
C GLU A 388 0.22 -23.77 33.46
N GLY A 389 -0.82 -23.25 32.80
CA GLY A 389 -0.70 -22.98 31.38
C GLY A 389 -1.83 -23.52 30.53
N ARG A 390 -2.76 -24.24 31.15
CA ARG A 390 -3.95 -24.77 30.49
C ARG A 390 -5.04 -23.72 30.46
N ARG A 391 -5.21 -23.08 29.31
CA ARG A 391 -6.30 -22.13 29.15
C ARG A 391 -7.66 -22.82 29.14
N ILE A 392 -8.66 -22.10 29.62
CA ILE A 392 -10.01 -22.61 29.81
C ILE A 392 -10.95 -21.64 29.12
N ARG A 393 -11.51 -22.04 27.98
CA ARG A 393 -12.47 -21.17 27.31
C ARG A 393 -13.77 -21.10 28.11
N LEU A 394 -14.39 -19.94 28.11
CA LEU A 394 -15.44 -19.59 29.06
C LEU A 394 -16.84 -19.81 28.53
N MET A 395 -17.00 -19.93 27.22
CA MET A 395 -18.27 -19.83 26.52
C MET A 395 -19.32 -20.85 26.98
N GLU A 396 -18.90 -22.05 27.37
CA GLU A 396 -19.82 -23.18 27.36
C GLU A 396 -20.53 -23.35 28.71
N SER A 397 -21.80 -22.97 28.74
CA SER A 397 -22.87 -23.52 29.57
C SER A 397 -22.81 -23.23 31.07
N ASN A 398 -21.69 -22.71 31.57
CA ASN A 398 -21.55 -22.23 32.94
C ASN A 398 -20.24 -21.48 33.08
N ARG A 399 -20.28 -20.45 33.93
CA ARG A 399 -19.12 -19.73 34.39
C ARG A 399 -19.06 -19.61 35.90
N GLU A 400 -20.14 -19.98 36.61
CA GLU A 400 -20.18 -19.88 38.07
C GLU A 400 -19.11 -20.78 38.69
N LEU A 401 -18.94 -21.97 38.14
CA LEU A 401 -17.92 -22.90 38.61
C LEU A 401 -16.52 -22.46 38.25
N ILE A 402 -16.38 -21.48 37.35
CA ILE A 402 -15.10 -20.84 37.06
C ILE A 402 -15.00 -19.49 37.77
N ALA A 403 -16.13 -18.91 38.18
CA ALA A 403 -16.16 -17.70 39.02
C ALA A 403 -16.13 -18.04 40.50
N GLU A 404 -15.51 -19.16 40.85
CA GLU A 404 -15.26 -19.61 42.22
C GLU A 404 -14.09 -18.86 42.79
N LYS A 405 -13.43 -19.42 43.82
CA LYS A 405 -12.14 -18.89 44.24
C LYS A 405 -11.18 -18.78 43.07
N LEU A 406 -10.86 -17.53 42.70
CA LEU A 406 -10.16 -17.22 41.47
C LEU A 406 -8.65 -17.29 41.63
N ASP A 407 -8.14 -17.40 42.87
CA ASP A 407 -6.78 -17.87 43.15
C ASP A 407 -5.70 -16.95 42.56
N ILE A 408 -5.44 -15.83 43.23
CA ILE A 408 -4.55 -14.73 42.83
C ILE A 408 -3.26 -15.21 42.17
N GLY A 409 -2.99 -14.69 40.98
CA GLY A 409 -1.94 -15.20 40.12
C GLY A 409 -2.41 -15.61 38.74
N TRP A 410 -3.71 -15.80 38.54
CA TRP A 410 -4.23 -16.21 37.23
C TRP A 410 -4.17 -15.04 36.26
N THR A 411 -4.50 -15.32 35.00
CA THR A 411 -4.39 -14.32 33.94
C THR A 411 -5.67 -14.39 33.13
N VAL A 412 -6.48 -13.34 33.19
CA VAL A 412 -7.76 -13.30 32.51
C VAL A 412 -7.62 -12.43 31.26
N GLU A 413 -8.26 -12.83 30.18
CA GLU A 413 -8.33 -12.05 28.95
C GLU A 413 -9.75 -11.51 28.82
N ARG A 414 -9.90 -10.20 28.91
CA ARG A 414 -11.19 -9.51 28.85
C ARG A 414 -11.22 -8.57 27.65
N HIS A 415 -12.39 -8.00 27.39
CA HIS A 415 -12.57 -7.12 26.25
C HIS A 415 -11.89 -5.77 26.53
N LEU A 416 -11.71 -4.98 25.47
CA LEU A 416 -11.18 -3.63 25.67
C LEU A 416 -12.20 -2.76 26.40
N GLU A 417 -11.70 -1.86 27.24
CA GLU A 417 -12.53 -0.94 27.98
C GLU A 417 -12.02 0.47 27.76
N ASP A 418 -12.64 1.44 28.41
CA ASP A 418 -12.24 2.83 28.31
C ASP A 418 -10.95 3.04 29.08
N GLY A 419 -9.82 3.03 28.38
CA GLY A 419 -8.56 3.31 29.03
C GLY A 419 -7.37 2.54 28.52
N ASP A 420 -7.59 1.46 27.78
CA ASP A 420 -6.51 0.61 27.35
C ASP A 420 -5.83 1.14 26.09
N VAL A 421 -4.51 1.26 26.15
CA VAL A 421 -3.75 1.88 25.08
C VAL A 421 -3.75 0.98 23.86
N VAL A 422 -4.05 1.55 22.70
CA VAL A 422 -3.99 0.87 21.42
C VAL A 422 -2.95 1.60 20.57
N LEU A 423 -2.71 1.16 19.35
CA LEU A 423 -1.91 1.93 18.40
C LEU A 423 -2.80 2.24 17.22
N PHE A 424 -2.20 2.79 16.17
CA PHE A 424 -2.96 3.19 14.99
C PHE A 424 -1.96 3.31 13.85
N ASN A 425 -2.46 3.26 12.62
CA ASN A 425 -1.55 3.11 11.49
C ASN A 425 -2.29 3.47 10.21
N ARG A 426 -1.55 3.88 9.19
CA ARG A 426 -2.18 4.37 7.96
C ARG A 426 -1.88 3.53 6.72
N GLN A 427 -0.70 2.94 6.65
CA GLN A 427 -0.20 1.94 5.72
C GLN A 427 -0.13 2.37 4.25
N PRO A 428 0.27 3.60 3.94
CA PRO A 428 1.65 3.81 3.48
C PRO A 428 2.41 4.43 4.64
N SER A 429 3.48 3.83 5.13
CA SER A 429 4.08 4.27 6.39
C SER A 429 5.32 5.11 6.15
N LEU A 430 5.12 6.31 5.58
CA LEU A 430 6.23 7.12 5.13
C LEU A 430 7.16 7.61 6.25
N HIS A 431 6.68 8.50 7.13
CA HIS A 431 7.56 9.11 8.11
C HIS A 431 7.37 8.55 9.51
N ARG A 432 8.07 9.15 10.48
CA ARG A 432 8.21 8.64 11.85
C ARG A 432 6.91 8.66 12.62
N MET A 433 5.93 9.44 12.20
CA MET A 433 4.86 9.90 13.06
C MET A 433 3.54 9.27 12.65
N SER A 434 3.55 8.40 11.65
CA SER A 434 2.32 7.76 11.24
C SER A 434 2.10 6.45 11.95
N ILE A 435 2.33 6.46 13.26
CA ILE A 435 1.89 5.44 14.20
C ILE A 435 1.99 6.12 15.56
N MET A 436 0.91 6.10 16.33
CA MET A 436 0.76 7.00 17.47
C MET A 436 -0.26 6.39 18.41
N ALA A 437 0.11 6.15 19.65
CA ALA A 437 -0.73 5.40 20.56
C ALA A 437 -1.86 6.28 21.10
N HIS A 438 -3.09 5.90 20.82
CA HIS A 438 -4.28 6.61 21.25
C HIS A 438 -4.84 5.97 22.51
N ARG A 439 -6.08 6.33 22.87
CA ARG A 439 -6.67 5.99 24.18
C ARG A 439 -8.15 5.63 24.05
N VAL A 440 -8.42 4.35 23.75
CA VAL A 440 -9.71 3.77 23.33
C VAL A 440 -10.94 4.29 24.07
N ARG A 441 -11.95 4.73 23.31
CA ARG A 441 -13.29 5.03 23.78
C ARG A 441 -14.29 4.31 22.86
N VAL A 442 -15.31 3.67 23.45
CA VAL A 442 -16.13 2.70 22.74
C VAL A 442 -17.50 3.29 22.45
N MET A 443 -17.89 3.27 21.17
CA MET A 443 -19.13 3.87 20.66
C MET A 443 -19.77 2.97 19.61
N PRO A 444 -21.09 2.80 19.65
CA PRO A 444 -21.75 1.83 18.77
C PRO A 444 -22.04 2.33 17.36
N TYR A 445 -21.24 1.86 16.39
CA TYR A 445 -21.48 1.78 14.94
C TYR A 445 -20.32 0.99 14.35
N ARG A 446 -20.07 1.02 13.05
CA ARG A 446 -19.01 0.20 12.48
C ARG A 446 -17.84 0.97 11.87
N THR A 447 -17.47 2.13 12.41
CA THR A 447 -16.33 2.87 11.87
C THR A 447 -15.37 3.29 12.97
N PHE A 448 -14.07 3.29 12.65
CA PHE A 448 -13.09 3.96 13.50
C PHE A 448 -13.30 5.46 13.45
N ARG A 449 -13.40 6.08 14.60
CA ARG A 449 -13.52 7.53 14.67
C ARG A 449 -12.17 8.15 15.01
N LEU A 450 -12.05 9.44 14.72
CA LEU A 450 -10.76 10.09 14.74
C LEU A 450 -10.96 11.59 14.78
N ASN A 451 -10.35 12.25 15.77
CA ASN A 451 -10.49 13.68 15.94
C ASN A 451 -9.92 14.45 14.76
N LEU A 452 -10.68 15.42 14.27
CA LEU A 452 -10.31 16.20 13.09
C LEU A 452 -8.95 16.90 13.11
N PRO A 453 -8.43 17.48 14.22
CA PRO A 453 -7.09 18.07 14.12
C PRO A 453 -6.00 17.04 13.93
N VAL A 454 -6.20 15.79 14.34
CA VAL A 454 -5.18 14.78 14.05
C VAL A 454 -5.55 14.16 12.72
N CYS A 455 -5.36 14.92 11.65
CA CYS A 455 -5.33 14.41 10.29
C CYS A 455 -4.51 15.31 9.35
N PRO A 456 -3.41 15.93 9.78
CA PRO A 456 -2.23 16.00 8.90
C PRO A 456 -1.09 15.06 9.26
N PRO A 457 -0.99 14.42 10.44
CA PRO A 457 0.07 13.40 10.55
C PRO A 457 -0.18 12.17 9.72
N TYR A 458 -1.40 11.65 9.74
CA TYR A 458 -1.73 10.44 9.00
C TYR A 458 -1.86 10.68 7.51
N ASN A 459 -1.97 11.94 7.09
CA ASN A 459 -2.16 12.35 5.69
C ASN A 459 -3.43 11.73 5.10
N ALA A 460 -4.51 11.76 5.87
CA ALA A 460 -5.73 11.10 5.45
C ALA A 460 -6.79 12.13 5.10
N ASP A 461 -7.88 11.61 4.57
CA ASP A 461 -9.13 12.33 4.35
C ASP A 461 -10.23 11.29 4.55
N PHE A 462 -11.47 11.70 4.39
CA PHE A 462 -12.55 10.82 4.83
C PHE A 462 -13.39 10.29 3.68
N ASP A 463 -12.81 10.08 2.52
CA ASP A 463 -13.55 9.47 1.40
C ASP A 463 -13.29 7.98 1.33
N GLY A 464 -13.61 7.31 2.43
CA GLY A 464 -13.53 5.87 2.57
C GLY A 464 -12.14 5.29 2.55
N ASP A 465 -11.32 5.66 3.53
CA ASP A 465 -9.97 5.14 3.67
C ASP A 465 -9.98 4.00 4.67
N GLU A 466 -8.80 3.50 5.03
CA GLU A 466 -8.71 2.33 5.89
C GLU A 466 -7.57 2.49 6.89
N MET A 467 -7.89 2.46 8.16
CA MET A 467 -6.93 2.58 9.26
C MET A 467 -6.99 1.33 10.11
N ASN A 468 -5.83 0.82 10.51
CA ASN A 468 -5.73 -0.43 11.26
C ASN A 468 -5.11 -0.22 12.63
N LEU A 469 -5.78 -0.68 13.68
CA LEU A 469 -5.21 -0.68 15.02
C LEU A 469 -4.76 -2.08 15.41
N HIS A 470 -3.79 -2.15 16.32
CA HIS A 470 -3.39 -3.43 16.89
C HIS A 470 -2.92 -3.30 18.33
N VAL A 471 -3.66 -3.94 19.23
CA VAL A 471 -3.45 -3.89 20.68
C VAL A 471 -2.12 -4.54 21.05
N PRO A 472 -1.30 -3.91 21.89
CA PRO A 472 -0.17 -4.61 22.52
C PRO A 472 -0.60 -5.22 23.85
N GLN A 473 0.07 -6.32 24.21
CA GLN A 473 -0.42 -7.19 25.27
C GLN A 473 0.44 -7.25 26.53
N THR A 474 1.72 -7.58 26.42
CA THR A 474 2.54 -7.79 27.60
C THR A 474 2.80 -6.48 28.32
N GLU A 475 2.94 -6.55 29.65
CA GLU A 475 2.91 -5.34 30.46
C GLU A 475 4.15 -4.46 30.32
N GLU A 476 5.24 -4.99 29.77
CA GLU A 476 6.39 -4.15 29.47
C GLU A 476 6.22 -3.42 28.15
N ALA A 477 5.59 -4.07 27.18
CA ALA A 477 5.41 -3.49 25.86
C ALA A 477 4.24 -2.51 25.80
N GLN A 478 3.49 -2.37 26.88
CA GLN A 478 2.34 -1.48 26.95
C GLN A 478 2.67 -0.14 27.58
N ALA A 479 3.52 -0.11 28.61
CA ALA A 479 3.97 1.14 29.20
C ALA A 479 5.02 1.84 28.36
N GLU A 480 5.61 1.18 27.40
CA GLU A 480 6.41 1.90 26.43
C GLU A 480 5.54 2.66 25.45
N ALA A 481 4.36 2.12 25.10
CA ALA A 481 3.47 2.81 24.17
C ALA A 481 2.85 4.05 24.79
N LYS A 482 2.57 4.04 26.09
CA LYS A 482 1.82 5.15 26.66
C LYS A 482 2.71 6.34 26.95
N ILE A 483 3.94 6.09 27.40
CA ILE A 483 4.83 7.18 27.79
C ILE A 483 5.54 7.75 26.58
N LEU A 484 5.94 6.93 25.63
CA LEU A 484 6.79 7.43 24.57
C LEU A 484 6.03 7.77 23.29
N MET A 485 4.77 7.34 23.14
CA MET A 485 4.12 7.46 21.83
C MET A 485 2.77 8.16 21.82
N GLU A 486 2.33 8.77 22.91
CA GLU A 486 1.04 9.45 22.88
C GLU A 486 1.07 10.71 22.04
N VAL A 487 -0.14 11.17 21.68
CA VAL A 487 -0.34 12.19 20.65
C VAL A 487 0.30 13.51 21.06
N GLN A 488 0.19 13.87 22.35
CA GLN A 488 0.64 15.20 22.75
C GLN A 488 2.15 15.33 22.73
N ASN A 489 2.90 14.24 22.74
CA ASN A 489 4.35 14.36 22.57
C ASN A 489 4.73 14.72 21.15
N HIS A 490 3.83 14.55 20.19
CA HIS A 490 4.15 14.77 18.78
C HIS A 490 3.44 15.99 18.20
N ILE A 491 3.33 17.09 18.96
CA ILE A 491 2.62 18.24 18.42
C ILE A 491 3.51 19.07 17.49
N ILE A 492 4.81 19.03 17.65
CA ILE A 492 5.70 19.66 16.69
C ILE A 492 6.48 18.58 15.96
N SER A 493 7.04 18.96 14.81
CA SER A 493 7.58 17.95 13.94
C SER A 493 9.09 18.08 13.80
N PRO A 494 9.81 16.97 13.61
CA PRO A 494 11.26 17.03 13.54
C PRO A 494 11.82 17.45 12.18
N ARG A 495 10.98 17.75 11.21
CA ARG A 495 11.51 18.14 9.92
C ARG A 495 11.76 19.63 9.82
N TYR A 496 10.95 20.44 10.50
CA TYR A 496 11.11 21.89 10.43
C TYR A 496 10.78 22.60 11.73
N GLY A 497 10.53 21.91 12.83
CA GLY A 497 10.21 22.54 14.10
C GLY A 497 8.78 23.00 14.31
N GLY A 498 8.15 23.56 13.27
CA GLY A 498 6.79 24.07 13.32
C GLY A 498 5.75 23.03 13.71
N PRO A 499 4.58 23.48 14.19
CA PRO A 499 3.57 22.52 14.63
C PRO A 499 2.93 21.81 13.47
N LEU A 500 2.53 20.57 13.71
CA LEU A 500 1.96 19.70 12.70
C LEU A 500 0.52 19.33 13.01
N ILE A 501 0.26 18.81 14.20
CA ILE A 501 -1.10 18.60 14.66
C ILE A 501 -1.71 19.94 15.02
N ALA A 502 -2.54 20.50 14.14
CA ALA A 502 -3.08 21.84 14.36
C ALA A 502 -4.42 21.96 13.63
N GLY A 503 -4.90 23.20 13.50
CA GLY A 503 -6.22 23.42 12.94
C GLY A 503 -6.29 23.28 11.44
N ILE A 504 -7.50 22.95 10.97
CA ILE A 504 -7.78 22.72 9.56
C ILE A 504 -8.98 23.57 9.15
N GLN A 505 -9.59 23.23 8.00
CA GLN A 505 -10.56 24.00 7.22
C GLN A 505 -11.58 24.90 7.91
N ASP A 506 -12.37 24.36 8.85
CA ASP A 506 -13.33 25.21 9.54
C ASP A 506 -12.73 25.95 10.72
N HIS A 507 -11.66 25.42 11.31
CA HIS A 507 -11.10 26.01 12.51
C HIS A 507 -10.41 27.33 12.23
N ILE A 508 -10.00 27.55 10.99
CA ILE A 508 -9.37 28.81 10.61
C ILE A 508 -10.43 29.83 10.27
N SER A 509 -11.29 29.50 9.29
CA SER A 509 -12.26 30.45 8.80
C SER A 509 -13.40 30.68 9.75
N GLY A 510 -13.55 29.83 10.76
CA GLY A 510 -14.41 30.18 11.88
C GLY A 510 -13.77 31.20 12.79
N GLY A 511 -12.45 31.10 12.97
CA GLY A 511 -11.76 31.98 13.88
C GLY A 511 -11.60 33.38 13.35
N TYR A 512 -11.75 33.57 12.04
CA TYR A 512 -11.81 34.89 11.47
C TYR A 512 -13.15 35.55 11.72
N LEU A 513 -14.23 34.77 11.77
CA LEU A 513 -15.54 35.37 12.01
C LEU A 513 -15.74 35.73 13.47
N LEU A 514 -14.91 35.24 14.37
CA LEU A 514 -15.03 35.57 15.78
C LEU A 514 -14.32 36.88 16.12
N THR A 515 -13.22 37.19 15.44
CA THR A 515 -12.40 38.35 15.76
C THR A 515 -12.48 39.46 14.72
N ARG A 516 -13.51 39.46 13.87
CA ARG A 516 -13.71 40.61 12.99
C ARG A 516 -14.17 41.83 13.78
N GLU A 517 -13.86 43.00 13.25
CA GLU A 517 -14.36 44.24 13.82
C GLU A 517 -15.84 44.30 13.47
N GLY A 518 -16.70 44.01 14.43
CA GLY A 518 -18.13 43.98 14.17
C GLY A 518 -18.78 42.64 14.50
N ALA A 519 -18.19 41.87 15.41
CA ALA A 519 -18.63 40.51 15.72
C ALA A 519 -19.46 40.40 16.98
N TYR A 520 -20.33 41.36 17.27
CA TYR A 520 -20.94 41.50 18.59
C TYR A 520 -21.97 40.41 18.90
N PHE A 521 -21.63 39.51 19.82
CA PHE A 521 -22.51 38.46 20.28
C PHE A 521 -23.39 38.95 21.42
N THR A 522 -24.64 38.48 21.45
CA THR A 522 -25.55 38.83 22.53
C THR A 522 -25.29 38.00 23.78
N ARG A 523 -26.15 38.13 24.79
CA ARG A 523 -25.88 37.50 26.09
C ARG A 523 -26.13 35.99 26.05
N TYR A 524 -27.17 35.57 25.33
CA TYR A 524 -27.47 34.15 25.24
C TYR A 524 -26.41 33.41 24.43
N GLU A 525 -25.86 34.05 23.39
CA GLU A 525 -24.90 33.35 22.57
C GLU A 525 -23.54 33.21 23.23
N VAL A 526 -23.20 34.07 24.17
CA VAL A 526 -21.94 33.92 24.91
C VAL A 526 -22.04 32.75 25.87
N GLU A 527 -23.14 32.71 26.60
CA GLU A 527 -23.33 31.74 27.67
C GLU A 527 -23.51 30.34 27.13
N GLN A 528 -24.06 30.24 25.93
CA GLN A 528 -24.24 28.93 25.31
C GLN A 528 -22.94 28.35 24.79
N MET A 529 -22.05 29.20 24.24
CA MET A 529 -20.85 28.66 23.62
C MET A 529 -19.74 28.39 24.63
N LEU A 530 -19.75 29.06 25.78
CA LEU A 530 -18.77 28.73 26.79
C LEU A 530 -19.07 27.40 27.47
N MET A 531 -20.32 26.96 27.46
CA MET A 531 -20.60 25.63 27.94
C MET A 531 -20.25 24.59 26.91
N PHE A 532 -20.28 24.94 25.63
CA PHE A 532 -20.06 23.94 24.59
C PHE A 532 -18.60 23.72 24.32
N ALA A 533 -17.77 24.72 24.54
CA ALA A 533 -16.34 24.54 24.32
C ALA A 533 -15.64 24.15 25.61
N GLY A 534 -16.19 23.17 26.31
CA GLY A 534 -15.48 22.50 27.39
C GLY A 534 -15.31 23.28 28.67
N MET A 535 -14.91 24.55 28.57
CA MET A 535 -14.39 25.30 29.71
C MET A 535 -15.48 25.58 30.74
N ASP A 536 -15.05 25.95 31.93
CA ASP A 536 -15.86 25.77 33.12
C ASP A 536 -16.13 27.06 33.90
N VAL A 537 -15.81 28.23 33.33
CA VAL A 537 -15.73 29.45 34.12
C VAL A 537 -17.05 29.82 34.79
N ASN A 538 -16.96 30.52 35.91
CA ASN A 538 -18.15 30.95 36.64
C ASN A 538 -18.74 32.21 36.03
N GLU A 539 -19.62 32.87 36.78
CA GLU A 539 -20.31 34.03 36.25
C GLU A 539 -19.46 35.28 36.10
N LEU A 540 -18.44 35.21 35.24
CA LEU A 540 -17.64 36.38 34.88
C LEU A 540 -17.45 36.47 33.36
N PRO A 541 -18.51 36.69 32.58
CA PRO A 541 -18.31 37.11 31.20
C PRO A 541 -18.09 38.60 31.05
N GLU A 542 -18.10 39.33 32.17
CA GLU A 542 -18.21 40.77 32.38
C GLU A 542 -17.30 41.62 31.50
N PRO A 543 -17.60 42.93 31.29
CA PRO A 543 -18.68 43.81 31.77
C PRO A 543 -19.73 44.39 30.79
N ASP A 544 -20.22 43.69 29.77
CA ASP A 544 -21.29 44.18 28.88
C ASP A 544 -20.89 45.49 28.19
N LYS A 545 -19.95 45.37 27.25
CA LYS A 545 -19.11 46.49 26.85
C LYS A 545 -19.88 47.55 26.04
N TYR A 546 -20.83 47.15 25.19
CA TYR A 546 -21.67 48.07 24.43
C TYR A 546 -23.14 47.86 24.77
N GLU A 547 -23.65 48.61 25.74
CA GLU A 547 -25.07 48.53 26.05
C GLU A 547 -25.94 49.41 25.17
N ASN A 548 -25.45 49.86 24.01
CA ASN A 548 -26.16 50.86 23.21
C ASN A 548 -27.46 50.31 22.64
N GLY A 549 -27.40 49.16 21.99
CA GLY A 549 -28.61 48.45 21.63
C GLY A 549 -29.14 47.65 22.79
N GLU A 550 -28.34 46.68 23.22
CA GLU A 550 -28.66 45.71 24.25
C GLU A 550 -27.37 45.41 25.00
N PRO A 551 -27.44 44.79 26.19
CA PRO A 551 -26.19 44.46 26.90
C PRO A 551 -25.44 43.32 26.23
N LEU A 552 -24.56 43.64 25.30
CA LEU A 552 -23.88 42.60 24.54
C LEU A 552 -22.39 42.85 24.44
N TRP A 553 -21.64 41.75 24.36
CA TRP A 553 -20.19 41.70 24.43
C TRP A 553 -19.52 41.96 23.10
N SER A 554 -18.20 41.83 23.11
CA SER A 554 -17.34 41.95 21.95
C SER A 554 -16.78 40.58 21.62
N GLY A 555 -16.09 40.50 20.50
CA GLY A 555 -15.63 39.21 20.05
C GLY A 555 -14.26 38.89 20.58
N LYS A 556 -13.50 39.92 20.97
CA LYS A 556 -12.15 39.70 21.47
C LYS A 556 -12.16 39.04 22.84
N THR A 557 -13.07 39.46 23.74
CA THR A 557 -12.99 38.98 25.11
C THR A 557 -13.51 37.55 25.26
N ILE A 558 -14.26 37.03 24.29
CA ILE A 558 -14.60 35.61 24.37
C ILE A 558 -13.40 34.77 23.94
N PHE A 559 -12.57 35.31 23.05
CA PHE A 559 -11.32 34.67 22.68
C PHE A 559 -10.24 34.85 23.74
N SER A 560 -10.34 35.88 24.57
CA SER A 560 -9.34 36.12 25.59
C SER A 560 -9.67 35.45 26.92
N LEU A 561 -10.43 34.37 26.90
CA LEU A 561 -10.55 33.50 28.05
C LEU A 561 -9.76 32.20 27.92
N LEU A 562 -9.19 31.94 26.76
CA LEU A 562 -8.53 30.67 26.54
C LEU A 562 -7.02 30.72 26.76
N LEU A 563 -6.46 31.85 26.74
CA LEU A 563 -5.03 32.07 26.85
C LEU A 563 -4.60 32.12 28.31
N PRO A 564 -3.39 31.68 28.62
CA PRO A 564 -2.86 31.83 29.98
C PRO A 564 -2.64 33.30 30.32
N ASP A 565 -2.44 33.55 31.59
CA ASP A 565 -2.62 34.90 32.13
C ASP A 565 -1.46 35.86 31.88
N ASP A 566 -0.34 35.42 31.29
CA ASP A 566 0.79 36.33 31.12
C ASP A 566 1.48 36.13 29.78
N LEU A 567 0.71 36.04 28.70
CA LEU A 567 1.29 36.06 27.37
C LEU A 567 1.65 37.47 26.98
N THR A 568 2.64 37.60 26.09
CA THR A 568 2.96 38.89 25.48
C THR A 568 3.60 38.58 24.12
N ILE A 569 2.82 38.75 23.06
CA ILE A 569 3.26 38.46 21.71
C ILE A 569 2.72 39.53 20.76
N TRP A 570 3.51 39.87 19.74
CA TRP A 570 3.08 40.80 18.72
C TRP A 570 3.77 40.47 17.41
N TYR A 571 2.97 40.28 16.37
CA TYR A 571 3.46 39.84 15.06
C TYR A 571 2.44 40.23 13.99
N ARG A 572 2.89 40.17 12.74
CA ARG A 572 2.08 40.58 11.59
C ARG A 572 1.69 39.36 10.75
N ASN A 573 0.46 39.32 10.27
CA ASN A 573 -0.07 38.15 9.58
C ASN A 573 -0.56 38.52 8.18
N LYS A 574 -1.25 37.55 7.53
CA LYS A 574 -1.50 37.58 6.09
C LYS A 574 -2.45 38.67 5.63
N LEU A 575 -3.29 39.20 6.51
CA LEU A 575 -4.35 40.09 6.07
C LEU A 575 -3.91 41.54 5.93
N CYS A 576 -2.61 41.81 6.02
CA CYS A 576 -2.13 43.19 6.06
C CYS A 576 -2.16 43.78 4.65
N ASP A 577 -3.11 44.67 4.39
CA ASP A 577 -3.22 45.32 3.10
C ASP A 577 -2.76 46.77 3.16
N GLU A 578 -2.52 47.28 4.36
CA GLU A 578 -2.06 48.65 4.57
C GLU A 578 -0.94 48.61 5.60
N PRO A 579 0.31 48.65 5.15
CA PRO A 579 1.43 48.51 6.09
C PRO A 579 1.65 49.74 6.95
N GLU A 580 1.08 50.88 6.56
CA GLU A 580 1.29 52.10 7.31
C GLU A 580 0.51 52.09 8.61
N ARG A 581 -0.70 51.52 8.61
CA ARG A 581 -1.47 51.58 9.84
C ARG A 581 -1.05 50.49 10.81
N CYS A 582 -0.18 49.56 10.39
CA CYS A 582 0.48 48.66 11.33
C CYS A 582 1.65 49.37 12.00
N GLU A 583 2.47 50.05 11.18
CA GLU A 583 3.64 50.83 11.59
C GLU A 583 3.42 51.69 12.83
N ALA A 584 2.43 52.59 12.73
CA ALA A 584 2.01 53.46 13.83
C ALA A 584 1.82 52.69 15.13
N LEU A 585 1.07 51.59 15.06
CA LEU A 585 0.86 50.72 16.22
C LEU A 585 2.18 50.15 16.73
N GLU A 586 3.01 49.66 15.82
CA GLU A 586 4.33 49.11 16.17
C GLU A 586 5.22 50.15 16.85
N LYS A 587 5.27 51.37 16.28
CA LYS A 587 6.13 52.45 16.78
C LYS A 587 5.87 52.78 18.24
N LEU A 588 4.60 52.90 18.62
CA LEU A 588 4.25 53.18 20.00
C LEU A 588 4.72 52.07 20.92
N ILE A 589 4.53 50.83 20.47
CA ILE A 589 4.84 49.62 21.24
C ILE A 589 6.33 49.55 21.58
N GLU A 590 7.19 49.82 20.59
CA GLU A 590 8.64 49.66 20.79
C GLU A 590 9.24 50.70 21.74
N GLU A 591 8.66 51.89 21.84
CA GLU A 591 9.22 52.91 22.72
C GLU A 591 8.60 52.97 24.10
N LYS A 592 7.31 52.69 24.21
CA LYS A 592 6.58 52.78 25.46
C LYS A 592 6.04 51.42 25.87
N LEU A 593 6.94 50.42 25.98
CA LEU A 593 6.75 49.01 26.29
C LEU A 593 5.43 48.53 26.90
N ILE A 594 4.82 49.33 27.77
CA ILE A 594 3.54 48.99 28.39
C ILE A 594 2.72 50.26 28.35
N PRO A 595 1.88 50.44 27.33
CA PRO A 595 0.92 51.55 27.34
C PRO A 595 -0.38 51.15 28.02
N ASP A 596 -1.36 52.05 27.99
CA ASP A 596 -2.59 51.62 28.64
C ASP A 596 -3.49 50.93 27.63
N PRO A 597 -4.13 49.80 28.02
CA PRO A 597 -4.94 49.04 27.06
C PRO A 597 -6.20 49.75 26.58
N GLU A 598 -6.58 50.88 27.17
CA GLU A 598 -7.84 51.53 26.80
C GLU A 598 -7.61 52.59 25.72
N GLU A 599 -6.94 53.67 26.09
CA GLU A 599 -6.78 54.88 25.28
C GLU A 599 -6.17 54.70 23.90
N VAL A 600 -4.86 54.48 23.85
CA VAL A 600 -4.13 54.47 22.57
C VAL A 600 -4.45 53.25 21.73
N ARG A 601 -4.73 52.11 22.35
CA ARG A 601 -4.92 50.84 21.65
C ARG A 601 -6.22 50.75 20.87
N LYS A 602 -7.13 51.71 21.00
CA LYS A 602 -8.33 51.75 20.16
C LYS A 602 -8.10 52.62 18.94
N LEU A 603 -6.90 52.48 18.42
CA LEU A 603 -6.45 52.95 17.13
C LEU A 603 -6.05 51.74 16.29
N ALA A 604 -6.28 50.55 16.83
CA ALA A 604 -6.09 49.23 16.24
C ALA A 604 -6.54 48.96 14.81
N TYR A 605 -6.06 47.83 14.28
CA TYR A 605 -6.24 47.37 12.91
C TYR A 605 -6.76 45.94 12.99
N ASP A 606 -6.90 45.24 11.86
CA ASP A 606 -7.32 43.85 11.84
C ASP A 606 -6.24 42.96 11.22
N GLY A 607 -4.99 43.38 11.31
CA GLY A 607 -3.89 42.64 10.75
C GLY A 607 -2.64 42.72 11.59
N PHE A 608 -2.76 43.16 12.84
CA PHE A 608 -1.63 43.22 13.75
C PHE A 608 -2.06 42.57 15.06
N VAL A 609 -1.68 41.31 15.27
CA VAL A 609 -2.06 40.62 16.50
C VAL A 609 -1.22 41.12 17.65
N TYR A 610 -1.87 41.54 18.72
CA TYR A 610 -1.16 41.99 19.92
C TYR A 610 -1.91 41.53 21.16
N ILE A 611 -1.30 40.63 21.92
CA ILE A 611 -1.86 40.11 23.15
C ILE A 611 -0.95 40.56 24.28
N GLN A 612 -1.52 41.11 25.34
CA GLN A 612 -0.73 41.27 26.55
C GLN A 612 -1.54 40.82 27.74
N ASN A 613 -0.85 40.18 28.69
CA ASN A 613 -1.38 39.73 29.97
C ASN A 613 -2.60 38.82 29.84
N GLY A 614 -2.64 38.04 28.76
CA GLY A 614 -3.78 37.18 28.47
C GLY A 614 -5.03 37.95 28.10
N LYS A 615 -4.91 38.89 27.17
CA LYS A 615 -6.02 39.76 26.81
C LYS A 615 -5.73 40.28 25.41
N LEU A 616 -6.47 39.82 24.40
CA LEU A 616 -6.20 40.19 23.01
C LEU A 616 -6.82 41.55 22.76
N LEU A 617 -5.99 42.59 22.76
CA LEU A 617 -6.49 43.94 22.56
C LEU A 617 -6.77 44.23 21.08
N SER A 618 -5.94 43.71 20.18
CA SER A 618 -6.01 44.08 18.78
C SER A 618 -5.53 42.94 17.91
N GLY A 619 -6.34 42.49 16.97
CA GLY A 619 -5.89 41.44 16.07
C GLY A 619 -7.05 40.81 15.33
N ALA A 620 -6.70 39.76 14.57
CA ALA A 620 -7.66 38.95 13.82
C ALA A 620 -7.02 37.60 13.52
N VAL A 621 -7.61 36.54 14.04
CA VAL A 621 -7.00 35.20 14.01
C VAL A 621 -7.24 34.53 12.66
N ASP A 622 -6.17 34.12 12.02
CA ASP A 622 -6.21 33.41 10.74
C ASP A 622 -5.17 32.31 10.81
N LYS A 623 -4.75 31.79 9.66
CA LYS A 623 -3.74 30.72 9.58
C LYS A 623 -2.34 31.32 9.77
N LYS A 624 -2.15 31.93 10.94
CA LYS A 624 -0.85 32.27 11.49
C LYS A 624 -0.91 32.04 12.99
N ALA A 625 -1.98 31.44 13.48
CA ALA A 625 -2.13 31.11 14.89
C ALA A 625 -2.41 29.63 15.10
N TYR A 626 -2.63 28.88 14.03
CA TYR A 626 -2.81 27.44 14.05
C TYR A 626 -2.17 26.94 12.76
N GLY A 627 -2.55 25.76 12.33
CA GLY A 627 -2.29 25.44 10.95
C GLY A 627 -1.21 24.40 10.77
N ARG A 628 -1.28 23.70 9.64
CA ARG A 628 -0.39 22.59 9.36
C ARG A 628 1.01 23.13 9.09
N GLU A 629 1.10 24.33 8.57
CA GLU A 629 2.35 25.08 8.49
C GLU A 629 2.31 26.08 9.64
N ASP A 630 3.36 26.89 9.79
CA ASP A 630 3.68 27.73 10.93
C ASP A 630 2.54 28.53 11.54
N GLY A 631 2.29 28.29 12.82
CA GLY A 631 1.43 29.17 13.56
C GLY A 631 2.07 29.53 14.87
N LYS A 632 2.43 30.79 15.05
CA LYS A 632 3.21 31.19 16.21
C LYS A 632 2.34 31.71 17.35
N LEU A 633 1.31 30.93 17.67
CA LEU A 633 0.57 31.05 18.92
C LEU A 633 0.26 29.70 19.53
N LEU A 634 0.33 28.63 18.75
CA LEU A 634 0.46 27.29 19.28
C LEU A 634 1.93 26.95 19.47
N ASP A 635 2.80 27.64 18.74
CA ASP A 635 4.22 27.39 18.85
C ASP A 635 4.77 27.90 20.17
N ILE A 636 4.36 29.09 20.61
CA ILE A 636 4.97 29.67 21.79
C ILE A 636 4.24 29.24 23.04
N ILE A 637 3.31 28.30 22.89
CA ILE A 637 2.61 27.74 24.05
C ILE A 637 3.08 26.33 24.35
N VAL A 638 3.83 25.69 23.45
CA VAL A 638 4.45 24.41 23.78
C VAL A 638 5.87 24.57 24.32
N ARG A 639 6.53 25.71 24.08
CA ARG A 639 7.86 25.95 24.63
C ARG A 639 7.84 26.73 25.92
N GLU A 640 6.70 27.21 26.37
CA GLU A 640 6.67 27.99 27.59
C GLU A 640 5.81 27.40 28.70
N TYR A 641 4.71 26.74 28.36
CA TYR A 641 3.78 26.21 29.35
C TYR A 641 3.57 24.74 29.03
N GLY A 642 4.56 23.93 29.38
CA GLY A 642 4.59 22.49 29.18
C GLY A 642 4.07 21.95 27.86
N VAL A 643 3.37 20.82 27.92
CA VAL A 643 2.75 20.20 26.76
C VAL A 643 1.28 19.99 27.10
N GLU A 644 1.02 19.44 28.30
CA GLU A 644 -0.34 19.10 28.74
C GLU A 644 -1.26 20.31 28.80
N ARG A 645 -0.71 21.54 28.85
CA ARG A 645 -1.54 22.71 28.65
C ARG A 645 -1.92 22.85 27.19
N ALA A 646 -1.00 22.59 26.27
CA ALA A 646 -1.32 22.80 24.87
C ALA A 646 -2.14 21.68 24.24
N ARG A 647 -2.49 20.63 24.98
CA ARG A 647 -3.50 19.74 24.45
C ARG A 647 -4.89 20.20 24.84
N GLN A 648 -5.01 21.08 25.83
CA GLN A 648 -6.32 21.63 26.19
C GLN A 648 -6.45 23.07 25.72
N PHE A 649 -5.43 23.66 25.14
CA PHE A 649 -5.68 24.85 24.36
C PHE A 649 -6.26 24.49 23.00
N LEU A 650 -5.76 23.42 22.41
CA LEU A 650 -6.24 22.99 21.10
C LEU A 650 -7.53 22.21 21.20
N ASP A 651 -7.89 21.75 22.40
CA ASP A 651 -9.15 21.06 22.57
C ASP A 651 -10.29 22.02 22.87
N GLN A 652 -9.98 23.20 23.40
CA GLN A 652 -11.00 24.21 23.64
C GLN A 652 -11.15 25.19 22.49
N VAL A 653 -10.09 25.47 21.74
CA VAL A 653 -10.21 26.28 20.53
C VAL A 653 -11.10 25.60 19.52
N THR A 654 -10.88 24.30 19.29
CA THR A 654 -11.57 23.54 18.25
C THR A 654 -13.08 23.53 18.45
N LYS A 655 -13.53 23.37 19.68
CA LYS A 655 -14.97 23.31 19.87
C LYS A 655 -15.60 24.69 19.95
N LEU A 656 -14.86 25.71 20.39
CA LEU A 656 -15.37 27.08 20.35
C LEU A 656 -15.53 27.59 18.92
N THR A 657 -14.62 27.22 18.04
CA THR A 657 -14.62 27.81 16.72
C THR A 657 -15.69 27.19 15.83
N ILE A 658 -15.92 25.89 15.96
CA ILE A 658 -16.96 25.26 15.17
C ILE A 658 -18.36 25.65 15.65
N TRP A 659 -18.50 26.14 16.88
CA TRP A 659 -19.81 26.61 17.33
C TRP A 659 -20.22 27.85 16.57
N VAL A 660 -19.33 28.84 16.50
CA VAL A 660 -19.70 30.09 15.87
C VAL A 660 -19.83 29.94 14.34
N ILE A 661 -19.08 29.04 13.71
CA ILE A 661 -19.28 28.82 12.27
C ILE A 661 -20.54 28.02 11.96
N THR A 662 -21.13 27.36 12.95
CA THR A 662 -22.38 26.65 12.72
C THR A 662 -23.58 27.58 12.78
N HIS A 663 -23.69 28.37 13.86
CA HIS A 663 -24.86 29.20 14.08
C HIS A 663 -24.66 30.61 13.58
N LYS A 664 -23.85 30.79 12.54
CA LYS A 664 -23.73 32.05 11.84
C LYS A 664 -23.78 31.89 10.32
N GLY A 665 -23.68 30.67 9.81
CA GLY A 665 -23.83 30.45 8.38
C GLY A 665 -22.60 30.76 7.55
N PHE A 666 -22.19 29.83 6.69
CA PHE A 666 -21.05 30.05 5.81
C PHE A 666 -21.30 29.41 4.44
N THR A 667 -22.49 29.63 3.88
CA THR A 667 -22.84 29.14 2.55
C THR A 667 -22.02 29.78 1.44
N THR A 668 -22.05 29.17 0.25
CA THR A 668 -21.43 29.76 -0.93
C THR A 668 -22.20 29.35 -2.20
N ALA A 669 -23.11 30.22 -2.62
CA ALA A 669 -24.01 29.99 -3.75
C ALA A 669 -23.31 30.29 -5.08
N ILE A 670 -24.08 30.44 -6.16
CA ILE A 670 -23.46 30.63 -7.47
C ILE A 670 -23.10 32.09 -7.76
N ASP A 671 -23.69 33.07 -7.08
CA ASP A 671 -23.42 34.46 -7.43
C ASP A 671 -22.10 34.98 -6.88
N ASP A 672 -21.39 34.18 -6.09
CA ASP A 672 -20.11 34.59 -5.52
C ASP A 672 -19.00 34.71 -6.56
N GLU A 673 -19.16 34.11 -7.74
CA GLU A 673 -18.15 34.16 -8.79
C GLU A 673 -18.42 35.25 -9.81
N ASP A 674 -19.47 36.05 -9.60
CA ASP A 674 -20.03 36.95 -10.60
C ASP A 674 -19.38 38.33 -10.63
N LEU A 675 -19.14 38.83 -11.83
CA LEU A 675 -18.57 40.15 -12.08
C LEU A 675 -19.57 41.00 -12.86
N PRO A 676 -19.72 42.27 -12.51
CA PRO A 676 -20.61 43.15 -13.28
C PRO A 676 -20.04 43.51 -14.64
N GLN A 677 -20.94 44.05 -15.47
CA GLN A 677 -20.74 44.17 -16.91
C GLN A 677 -19.51 44.98 -17.27
N GLU A 678 -19.28 46.09 -16.56
CA GLU A 678 -18.18 46.96 -16.94
C GLU A 678 -16.82 46.36 -16.58
N ALA A 679 -16.77 45.47 -15.60
CA ALA A 679 -15.53 44.76 -15.32
C ALA A 679 -15.24 43.68 -16.36
N ILE A 680 -16.28 43.12 -16.99
CA ILE A 680 -16.07 42.09 -18.00
C ILE A 680 -15.52 42.70 -19.28
N ASP A 681 -15.96 43.91 -19.64
CA ASP A 681 -15.43 44.55 -20.83
C ASP A 681 -14.00 45.04 -20.61
N ARG A 682 -13.60 45.25 -19.36
CA ARG A 682 -12.20 45.49 -19.05
C ARG A 682 -11.36 44.27 -19.38
N ILE A 683 -11.92 43.06 -19.21
CA ILE A 683 -11.16 41.84 -19.47
C ILE A 683 -11.03 41.62 -20.97
N HIS A 684 -12.10 41.84 -21.72
CA HIS A 684 -12.10 41.51 -23.14
C HIS A 684 -11.21 42.43 -23.96
N GLU A 685 -10.93 43.65 -23.50
CA GLU A 685 -9.97 44.46 -24.23
C GLU A 685 -8.55 44.01 -23.96
N ILE A 686 -8.32 43.29 -22.85
CA ILE A 686 -7.00 42.72 -22.61
C ILE A 686 -6.75 41.54 -23.54
N ILE A 687 -7.76 40.71 -23.76
CA ILE A 687 -7.57 39.50 -24.56
C ILE A 687 -7.44 39.86 -26.03
N ARG A 688 -8.02 40.98 -26.46
CA ARG A 688 -7.94 41.36 -27.87
C ARG A 688 -6.54 41.83 -28.24
N GLU A 689 -5.98 42.77 -27.48
CA GLU A 689 -4.68 43.32 -27.85
C GLU A 689 -3.54 42.34 -27.57
N ALA A 690 -3.73 41.44 -26.61
CA ALA A 690 -2.72 40.41 -26.37
C ALA A 690 -2.67 39.38 -27.47
N GLU A 691 -3.79 39.12 -28.14
CA GLU A 691 -3.73 38.28 -29.32
C GLU A 691 -3.13 39.04 -30.50
N GLU A 692 -3.36 40.34 -30.60
CA GLU A 692 -2.76 41.14 -31.66
C GLU A 692 -1.25 41.27 -31.52
N LYS A 693 -0.75 41.28 -30.28
CA LYS A 693 0.70 41.35 -30.09
C LYS A 693 1.35 40.02 -30.50
N VAL A 694 0.62 38.92 -30.37
CA VAL A 694 1.10 37.62 -30.83
C VAL A 694 1.16 37.60 -32.35
N GLN A 695 0.13 38.13 -33.01
CA GLN A 695 0.08 38.13 -34.46
C GLN A 695 1.15 39.03 -35.08
N ARG A 696 1.57 40.07 -34.36
CA ARG A 696 2.67 40.90 -34.85
C ARG A 696 4.01 40.18 -34.73
N LEU A 697 4.24 39.47 -33.63
CA LEU A 697 5.54 38.83 -33.42
C LEU A 697 5.76 37.63 -34.33
N ILE A 698 4.71 37.04 -34.88
CA ILE A 698 4.89 36.02 -35.90
C ILE A 698 5.38 36.66 -37.19
N GLU A 699 4.90 37.87 -37.49
CA GLU A 699 5.27 38.56 -38.72
C GLU A 699 6.74 38.98 -38.72
N ALA A 700 7.32 39.20 -37.54
CA ALA A 700 8.74 39.54 -37.47
C ALA A 700 9.60 38.33 -37.83
N TYR A 701 9.17 37.14 -37.43
CA TYR A 701 9.88 35.92 -37.78
C TYR A 701 9.68 35.56 -39.24
N LYS A 702 8.53 35.92 -39.81
CA LYS A 702 8.20 35.43 -41.14
C LYS A 702 8.90 36.22 -42.25
N ARG A 703 9.21 37.50 -42.02
CA ARG A 703 9.85 38.33 -43.03
C ARG A 703 11.33 38.56 -42.81
N GLY A 704 11.93 37.96 -41.78
CA GLY A 704 13.36 38.08 -41.56
C GLY A 704 13.76 39.29 -40.74
N GLU A 705 13.09 39.49 -39.61
CA GLU A 705 13.44 40.54 -38.66
C GLU A 705 13.66 39.90 -37.30
N LEU A 706 14.47 38.82 -37.32
CA LEU A 706 14.51 37.78 -36.28
C LEU A 706 14.66 38.31 -34.86
N GLU A 707 15.60 39.25 -34.62
CA GLU A 707 16.02 39.78 -33.32
C GLU A 707 16.31 38.61 -32.39
N PRO A 708 17.44 37.92 -32.54
CA PRO A 708 17.61 36.63 -31.89
C PRO A 708 18.13 36.74 -30.46
N LEU A 709 17.80 35.73 -29.68
CA LEU A 709 18.38 35.54 -28.37
C LEU A 709 19.72 34.81 -28.52
N PRO A 710 20.66 35.03 -27.59
CA PRO A 710 21.98 34.38 -27.74
C PRO A 710 21.95 32.88 -27.54
N GLY A 711 21.17 32.39 -26.58
CA GLY A 711 21.16 30.97 -26.28
C GLY A 711 20.44 30.12 -27.30
N LYS A 712 19.19 30.48 -27.59
CA LYS A 712 18.31 29.62 -28.36
C LYS A 712 18.41 29.91 -29.86
N THR A 713 17.89 28.97 -30.64
CA THR A 713 17.77 29.07 -32.10
C THR A 713 16.48 29.81 -32.43
N LEU A 714 16.34 30.25 -33.70
CA LEU A 714 15.24 31.11 -34.13
C LEU A 714 13.87 30.48 -33.90
N GLU A 715 13.76 29.16 -34.05
CA GLU A 715 12.49 28.50 -33.76
C GLU A 715 12.21 28.50 -32.26
N GLU A 716 13.25 28.40 -31.45
CA GLU A 716 13.11 28.36 -30.00
C GLU A 716 13.02 29.74 -29.36
N THR A 717 13.51 30.79 -30.03
CA THR A 717 13.30 32.15 -29.55
C THR A 717 11.84 32.57 -29.67
N LEU A 718 11.22 32.24 -30.80
CA LEU A 718 9.81 32.55 -31.06
C LEU A 718 8.91 32.00 -29.96
N GLU A 719 9.05 30.71 -29.65
CA GLU A 719 8.25 30.07 -28.60
C GLU A 719 8.50 30.68 -27.23
N SER A 720 9.74 31.05 -26.94
CA SER A 720 10.10 31.70 -25.67
C SER A 720 9.33 33.01 -25.45
N LYS A 721 9.50 33.97 -26.38
CA LYS A 721 8.85 35.28 -26.29
C LYS A 721 7.34 35.20 -26.16
N ILE A 722 6.70 34.29 -26.91
CA ILE A 722 5.24 34.16 -26.96
C ILE A 722 4.66 33.88 -25.59
N MET A 723 5.19 32.86 -24.89
CA MET A 723 4.64 32.43 -23.60
C MET A 723 4.68 33.55 -22.56
N ALA A 724 5.73 34.36 -22.55
CA ALA A 724 5.81 35.51 -21.64
C ALA A 724 4.66 36.49 -21.86
N VAL A 725 4.37 36.81 -23.13
CA VAL A 725 3.22 37.65 -23.49
C VAL A 725 1.91 37.05 -22.98
N LEU A 726 1.73 35.75 -23.19
CA LEU A 726 0.53 35.05 -22.75
C LEU A 726 0.42 35.03 -21.23
N ALA A 727 1.55 34.78 -20.55
CA ALA A 727 1.59 34.78 -19.08
C ALA A 727 1.13 36.11 -18.52
N GLU A 728 1.83 37.19 -18.85
CA GLU A 728 1.47 38.57 -18.56
C GLU A 728 0.00 38.91 -18.80
N ALA A 729 -0.55 38.45 -19.93
CA ALA A 729 -1.97 38.67 -20.23
C ALA A 729 -2.88 38.04 -19.18
N ARG A 730 -2.53 36.83 -18.73
CA ARG A 730 -3.38 36.15 -17.75
C ARG A 730 -3.19 36.74 -16.36
N ASP A 731 -1.99 37.22 -16.06
CA ASP A 731 -1.73 37.82 -14.76
C ASP A 731 -2.33 39.21 -14.65
N ASN A 732 -2.37 39.95 -15.74
CA ASN A 732 -2.97 41.28 -15.76
C ASN A 732 -4.49 41.22 -15.59
N ALA A 733 -5.12 40.18 -16.13
CA ALA A 733 -6.57 39.99 -15.97
C ALA A 733 -6.93 39.36 -14.64
N GLY A 734 -5.98 38.70 -13.99
CA GLY A 734 -6.25 38.21 -12.65
C GLY A 734 -6.27 39.34 -11.64
N LYS A 735 -5.56 40.42 -11.93
CA LYS A 735 -5.51 41.57 -11.05
C LYS A 735 -6.79 42.39 -11.14
N VAL A 736 -7.46 42.35 -12.29
CA VAL A 736 -8.69 43.12 -12.49
C VAL A 736 -9.82 42.57 -11.62
N ALA A 737 -10.02 41.26 -11.65
CA ALA A 737 -11.07 40.63 -10.85
C ALA A 737 -10.82 40.77 -9.36
N GLU A 738 -9.58 40.54 -8.92
CA GLU A 738 -9.22 40.60 -7.50
C GLU A 738 -9.48 41.99 -6.93
N ARG A 739 -9.23 43.02 -7.74
CA ARG A 739 -9.47 44.39 -7.31
C ARG A 739 -10.96 44.66 -7.11
N TYR A 740 -11.81 43.95 -7.84
CA TYR A 740 -13.19 44.41 -7.90
C TYR A 740 -14.05 43.79 -6.80
N LEU A 741 -14.13 42.46 -6.76
CA LEU A 741 -15.08 41.81 -5.86
C LEU A 741 -14.59 41.89 -4.42
N GLY A 742 -15.49 42.26 -3.53
CA GLY A 742 -15.14 42.67 -2.20
C GLY A 742 -14.77 41.51 -1.32
N MET A 743 -14.21 41.84 -0.15
CA MET A 743 -13.89 40.83 0.83
C MET A 743 -15.06 40.62 1.79
N ASN A 744 -16.24 40.38 1.22
CA ASN A 744 -17.45 40.19 2.01
C ASN A 744 -18.32 39.06 1.51
N ASN A 745 -17.92 38.35 0.47
CA ASN A 745 -18.57 37.11 0.09
C ASN A 745 -17.81 35.95 0.72
N HIS A 746 -18.45 34.79 0.74
CA HIS A 746 -17.81 33.67 1.43
C HIS A 746 -17.01 32.81 0.45
N ALA A 747 -16.18 33.48 -0.33
CA ALA A 747 -15.28 32.81 -1.28
C ALA A 747 -13.91 33.44 -1.27
N VAL A 748 -13.76 34.62 -0.70
CA VAL A 748 -12.47 35.24 -0.50
C VAL A 748 -12.07 35.20 0.98
N ILE A 749 -13.03 35.08 1.89
CA ILE A 749 -12.75 34.76 3.29
C ILE A 749 -11.99 33.45 3.41
N MET A 750 -12.37 32.45 2.60
CA MET A 750 -11.65 31.20 2.53
C MET A 750 -10.31 31.30 1.83
N ALA A 751 -10.05 32.38 1.10
CA ALA A 751 -8.82 32.49 0.33
C ALA A 751 -7.79 33.42 0.95
N LYS A 752 -8.22 34.51 1.60
CA LYS A 752 -7.27 35.38 2.27
C LYS A 752 -6.64 34.69 3.46
N THR A 753 -7.47 34.20 4.38
CA THR A 753 -6.96 33.51 5.57
C THR A 753 -6.23 32.24 5.19
N GLY A 754 -6.92 31.35 4.48
CA GLY A 754 -6.30 30.17 3.93
C GLY A 754 -6.84 28.92 4.57
N ALA A 755 -7.82 28.30 3.90
CA ALA A 755 -8.28 26.98 4.26
C ALA A 755 -8.92 26.42 3.00
N ARG A 756 -8.17 25.60 2.27
CA ARG A 756 -8.55 25.05 0.98
C ARG A 756 -8.97 26.14 0.00
N GLY A 757 -7.99 26.91 -0.39
CA GLY A 757 -8.19 27.90 -1.43
C GLY A 757 -6.85 28.47 -1.80
N LYS A 758 -6.84 29.16 -2.94
CA LYS A 758 -5.73 30.02 -3.31
C LYS A 758 -6.34 31.33 -3.80
N ILE A 759 -5.53 32.24 -4.33
CA ILE A 759 -6.05 33.39 -5.03
C ILE A 759 -5.82 33.22 -6.52
N LEU A 760 -5.51 32.00 -6.93
CA LEU A 760 -5.43 31.60 -8.33
C LEU A 760 -6.74 31.03 -8.84
N ASN A 761 -7.30 30.04 -8.15
CA ASN A 761 -8.51 29.40 -8.59
C ASN A 761 -9.79 30.13 -8.21
N ILE A 762 -9.72 31.35 -7.69
CA ILE A 762 -10.91 32.19 -7.67
C ILE A 762 -10.83 33.26 -8.76
N THR A 763 -9.66 33.48 -9.35
CA THR A 763 -9.57 34.23 -10.59
C THR A 763 -9.26 33.35 -11.78
N GLN A 764 -9.36 32.03 -11.63
CA GLN A 764 -9.38 31.11 -12.76
C GLN A 764 -10.78 30.54 -12.93
N MET A 765 -11.76 31.26 -12.44
CA MET A 765 -13.16 30.86 -12.41
C MET A 765 -14.06 32.02 -12.80
N ALA A 766 -13.51 33.22 -13.01
CA ALA A 766 -14.25 34.31 -13.60
C ALA A 766 -13.38 35.11 -14.55
N ALA A 767 -12.38 34.47 -15.13
CA ALA A 767 -11.40 35.11 -16.00
C ALA A 767 -10.87 34.06 -16.95
N MET A 768 -9.68 34.28 -17.51
CA MET A 768 -9.02 33.26 -18.33
C MET A 768 -8.68 32.01 -17.52
N LEU A 769 -8.21 30.99 -18.25
CA LEU A 769 -7.50 29.87 -17.66
C LEU A 769 -6.05 29.83 -18.10
N GLY A 770 -5.54 30.94 -18.63
CA GLY A 770 -4.16 31.03 -19.06
C GLY A 770 -3.89 30.18 -20.29
N GLN A 771 -2.62 29.86 -20.50
CA GLN A 771 -2.27 28.97 -21.60
C GLN A 771 -2.48 27.53 -21.13
N GLN A 772 -2.06 26.58 -21.94
CA GLN A 772 -2.31 25.20 -21.57
C GLN A 772 -1.17 24.36 -22.14
N SER A 773 -0.15 24.14 -21.32
CA SER A 773 1.12 23.58 -21.76
C SER A 773 1.22 22.13 -21.33
N ILE A 774 2.28 21.47 -21.78
CA ILE A 774 2.53 20.09 -21.39
C ILE A 774 4.05 19.89 -21.25
N ARG A 775 4.50 19.70 -20.01
CA ARG A 775 5.89 19.68 -19.52
C ARG A 775 6.80 20.74 -20.14
N GLY A 776 6.30 21.96 -20.28
CA GLY A 776 7.09 23.08 -20.74
C GLY A 776 6.96 23.41 -22.20
N LYS A 777 6.57 22.45 -23.03
CA LYS A 777 6.35 22.73 -24.44
C LYS A 777 4.92 23.22 -24.64
N ARG A 778 4.72 23.96 -25.71
CA ARG A 778 3.37 24.31 -26.13
C ARG A 778 2.84 23.15 -26.98
N LEU A 779 1.51 23.04 -27.07
CA LEU A 779 0.88 21.86 -27.66
C LEU A 779 1.22 21.73 -29.14
N TYR A 780 1.88 20.62 -29.48
CA TYR A 780 2.38 20.40 -30.84
C TYR A 780 2.04 19.04 -31.43
N ARG A 781 1.72 18.04 -30.62
CA ARG A 781 1.41 16.71 -31.15
C ARG A 781 0.07 16.72 -31.85
N GLY A 782 0.00 16.04 -32.98
CA GLY A 782 -1.22 16.03 -33.76
C GLY A 782 -0.96 15.69 -35.21
N TYR A 783 -1.62 16.41 -36.12
CA TYR A 783 -1.46 16.17 -37.55
C TYR A 783 -0.19 16.87 -38.04
N ARG A 784 -0.03 16.92 -39.36
CA ARG A 784 1.19 17.45 -39.99
C ARG A 784 1.10 18.99 -40.05
N GLY A 785 1.38 19.61 -38.92
CA GLY A 785 1.50 21.05 -38.84
C GLY A 785 0.27 21.75 -38.31
N ARG A 786 -0.61 21.02 -37.63
CA ARG A 786 -1.89 21.53 -37.15
C ARG A 786 -2.36 20.55 -36.09
N VAL A 787 -2.74 21.06 -34.91
CA VAL A 787 -2.99 20.18 -33.79
C VAL A 787 -4.30 19.45 -33.98
N LEU A 788 -5.40 20.17 -34.05
CA LEU A 788 -6.69 19.64 -34.39
C LEU A 788 -7.02 19.91 -35.85
N THR A 789 -8.00 19.18 -36.38
CA THR A 789 -8.39 19.39 -37.77
C THR A 789 -9.51 20.42 -37.92
N HIS A 790 -9.36 21.55 -37.26
CA HIS A 790 -10.25 22.68 -37.41
C HIS A 790 -9.48 23.94 -37.71
N PHE A 791 -8.17 23.83 -37.86
CA PHE A 791 -7.29 24.97 -37.96
C PHE A 791 -6.55 24.90 -39.28
N LYS A 792 -6.37 26.05 -39.91
CA LYS A 792 -5.62 26.13 -41.15
C LYS A 792 -4.16 25.81 -40.88
N PRO A 793 -3.52 24.98 -41.70
CA PRO A 793 -2.16 24.53 -41.37
C PRO A 793 -1.14 25.65 -41.54
N GLY A 794 0.04 25.40 -40.99
CA GLY A 794 1.06 26.43 -40.99
C GLY A 794 0.67 27.63 -40.13
N ASP A 795 0.22 27.39 -38.91
CA ASP A 795 -0.28 28.47 -38.07
C ASP A 795 0.35 28.36 -36.69
N LEU A 796 0.87 29.48 -36.19
CA LEU A 796 1.46 29.55 -34.86
C LEU A 796 0.77 30.58 -33.98
N GLY A 797 -0.48 30.87 -34.27
CA GLY A 797 -1.23 31.86 -33.51
C GLY A 797 -1.51 31.39 -32.10
N ALA A 798 -1.94 32.34 -31.26
CA ALA A 798 -2.24 32.02 -29.86
C ALA A 798 -3.47 31.15 -29.75
N ARG A 799 -4.56 31.56 -30.40
CA ARG A 799 -5.84 30.85 -30.33
C ARG A 799 -5.78 29.44 -30.95
N ALA A 800 -4.81 29.17 -31.81
CA ALA A 800 -4.79 27.92 -32.57
C ALA A 800 -3.82 26.90 -32.01
N ARG A 801 -2.98 27.28 -31.04
CA ARG A 801 -1.99 26.39 -30.43
C ARG A 801 -2.19 26.48 -28.92
N GLY A 802 -3.19 25.77 -28.40
CA GLY A 802 -3.38 25.63 -26.96
C GLY A 802 -3.49 26.89 -26.11
N PHE A 803 -4.56 27.67 -26.26
CA PHE A 803 -4.78 28.82 -25.38
C PHE A 803 -6.27 29.06 -25.25
N VAL A 804 -6.79 28.72 -24.08
CA VAL A 804 -8.21 28.90 -23.79
C VAL A 804 -8.45 30.33 -23.34
N THR A 805 -9.69 30.79 -23.53
CA THR A 805 -10.01 32.18 -23.23
C THR A 805 -11.38 32.34 -22.62
N ASN A 806 -11.94 31.30 -22.04
CA ASN A 806 -13.24 31.37 -21.42
C ASN A 806 -13.17 30.81 -20.01
N SER A 807 -14.08 31.24 -19.17
CA SER A 807 -14.00 30.89 -17.76
C SER A 807 -14.55 29.49 -17.53
N TYR A 808 -14.69 29.11 -16.27
CA TYR A 808 -15.50 27.97 -15.89
C TYR A 808 -16.93 28.39 -15.61
N LYS A 809 -17.35 29.52 -16.12
CA LYS A 809 -18.72 29.99 -15.94
C LYS A 809 -19.28 30.36 -17.32
N SER A 810 -18.42 30.85 -18.21
CA SER A 810 -18.87 31.27 -19.53
C SER A 810 -18.65 30.19 -20.58
N GLY A 811 -18.46 28.94 -20.18
CA GLY A 811 -18.52 27.85 -21.13
C GLY A 811 -17.29 27.61 -21.98
N LEU A 812 -16.82 26.38 -22.05
CA LEU A 812 -15.71 26.03 -22.93
C LEU A 812 -16.24 25.48 -24.26
N THR A 813 -15.76 26.06 -25.39
CA THR A 813 -16.02 25.65 -26.77
C THR A 813 -15.13 24.46 -27.14
N PRO A 814 -15.55 23.58 -28.07
CA PRO A 814 -14.94 22.23 -28.12
C PRO A 814 -13.48 22.15 -28.53
N GLN A 815 -12.87 23.18 -29.13
CA GLN A 815 -11.42 23.11 -29.23
C GLN A 815 -10.76 23.43 -27.90
N GLU A 816 -11.33 24.38 -27.15
CA GLU A 816 -10.73 24.73 -25.87
C GLU A 816 -10.91 23.63 -24.85
N TYR A 817 -12.04 22.92 -24.90
CA TYR A 817 -12.26 21.82 -23.96
C TYR A 817 -11.33 20.66 -24.29
N PHE A 818 -11.11 20.41 -25.58
CA PHE A 818 -10.22 19.33 -25.97
C PHE A 818 -8.76 19.72 -25.75
N PHE A 819 -8.46 21.02 -25.74
CA PHE A 819 -7.13 21.42 -25.30
C PHE A 819 -6.97 21.24 -23.81
N HIS A 820 -8.06 21.29 -23.05
CA HIS A 820 -7.94 21.19 -21.61
C HIS A 820 -7.84 19.76 -21.13
N ALA A 821 -8.34 18.80 -21.92
CA ALA A 821 -8.13 17.41 -21.54
C ALA A 821 -6.68 16.99 -21.76
N MET A 822 -5.99 17.61 -22.73
CA MET A 822 -4.58 17.30 -22.95
C MET A 822 -3.74 17.75 -21.77
N GLY A 823 -4.04 18.92 -21.22
CA GLY A 823 -3.32 19.40 -20.05
C GLY A 823 -3.73 18.71 -18.77
N GLY A 824 -4.88 18.06 -18.76
CA GLY A 824 -5.38 17.40 -17.56
C GLY A 824 -4.87 15.97 -17.39
N ARG A 825 -4.57 15.28 -18.48
CA ARG A 825 -4.06 13.92 -18.38
C ARG A 825 -2.58 13.90 -18.03
N GLU A 826 -1.90 15.02 -18.22
CA GLU A 826 -0.50 15.14 -17.80
C GLU A 826 -0.37 15.19 -16.28
N GLY A 827 -1.40 15.70 -15.60
CA GLY A 827 -1.37 15.74 -14.15
C GLY A 827 -1.62 14.40 -13.49
N LEU A 828 -2.38 13.53 -14.14
CA LEU A 828 -2.75 12.25 -13.52
C LEU A 828 -1.68 11.18 -13.72
N VAL A 829 -0.86 11.29 -14.76
CA VAL A 829 0.22 10.33 -14.96
C VAL A 829 1.31 10.51 -13.90
N ASP A 830 1.61 11.76 -13.56
CA ASP A 830 2.72 12.05 -12.65
C ASP A 830 2.39 11.83 -11.18
N THR A 831 1.21 11.33 -10.85
CA THR A 831 0.95 10.89 -9.49
C THR A 831 1.45 9.47 -9.28
N ALA A 832 1.08 8.56 -10.17
CA ALA A 832 1.45 7.16 -10.01
C ALA A 832 2.88 6.86 -10.44
N VAL A 833 3.50 7.72 -11.24
CA VAL A 833 4.90 7.55 -11.62
C VAL A 833 5.85 7.97 -10.50
N ARG A 834 5.63 9.16 -9.92
CA ARG A 834 6.57 9.70 -8.94
C ARG A 834 6.54 8.96 -7.61
N THR A 835 5.44 8.27 -7.28
CA THR A 835 5.37 7.61 -5.98
C THR A 835 6.28 6.38 -5.91
N ALA A 836 6.43 5.65 -7.01
CA ALA A 836 7.23 4.44 -7.01
C ALA A 836 8.72 4.72 -7.02
N GLN A 837 9.16 5.89 -7.46
CA GLN A 837 10.58 6.21 -7.44
C GLN A 837 11.03 6.65 -6.06
N SER A 838 10.17 7.33 -5.32
CA SER A 838 10.51 7.74 -3.96
C SER A 838 10.52 6.57 -2.99
N GLY A 839 9.69 5.55 -3.23
CA GLY A 839 9.68 4.39 -2.34
C GLY A 839 10.95 3.58 -2.39
N TYR A 840 11.50 3.36 -3.58
CA TYR A 840 12.76 2.64 -3.70
C TYR A 840 13.94 3.49 -3.23
N MET A 841 13.83 4.81 -3.38
CA MET A 841 14.88 5.73 -2.93
C MET A 841 14.93 5.85 -1.42
N GLN A 842 13.82 5.58 -0.74
CA GLN A 842 13.85 5.58 0.72
C GLN A 842 14.52 4.33 1.26
N ARG A 843 14.33 3.18 0.60
CA ARG A 843 14.93 1.93 1.08
C ARG A 843 16.45 1.96 1.06
N ARG A 844 17.05 2.74 0.17
CA ARG A 844 18.49 2.86 0.17
C ARG A 844 18.96 3.59 1.42
N LEU A 845 18.29 4.69 1.76
CA LEU A 845 18.78 5.57 2.80
C LEU A 845 18.46 5.05 4.19
N ILE A 846 17.35 4.33 4.37
CA ILE A 846 17.08 3.78 5.69
C ILE A 846 18.06 2.67 5.99
N ASN A 847 18.24 1.76 5.04
CA ASN A 847 19.03 0.57 5.26
C ASN A 847 20.52 0.86 5.28
N ALA A 848 20.94 2.04 4.84
CA ALA A 848 22.33 2.43 4.96
C ALA A 848 22.61 3.20 6.24
N LEU A 849 21.58 3.76 6.87
CA LEU A 849 21.74 4.68 7.99
C LEU A 849 21.04 4.24 9.26
N GLN A 850 20.46 3.05 9.32
CA GLN A 850 19.68 2.67 10.48
C GLN A 850 20.49 2.18 11.66
N ASP A 851 21.82 2.29 11.62
CA ASP A 851 22.65 1.70 12.66
C ASP A 851 22.98 2.68 13.79
N LEU A 852 22.79 3.98 13.54
CA LEU A 852 23.47 5.01 14.31
C LEU A 852 22.66 5.42 15.53
N LYS A 853 23.30 5.42 16.68
CA LYS A 853 22.74 5.89 17.94
C LYS A 853 23.47 7.16 18.38
N VAL A 854 23.14 7.63 19.57
CA VAL A 854 23.88 8.71 20.23
C VAL A 854 24.23 8.25 21.62
N ASP A 855 25.52 8.17 21.92
CA ASP A 855 26.00 7.73 23.21
C ASP A 855 25.89 8.84 24.24
N TYR A 856 26.27 8.55 25.48
CA TYR A 856 26.11 9.50 26.56
C TYR A 856 27.05 10.69 26.47
N ASP A 857 28.25 10.53 25.91
CA ASP A 857 29.14 11.67 25.79
C ASP A 857 28.89 12.47 24.51
N GLY A 858 27.78 12.23 23.82
CA GLY A 858 27.48 12.96 22.60
C GLY A 858 28.37 12.55 21.46
N THR A 859 28.20 11.34 20.94
CA THR A 859 28.99 10.88 19.81
C THR A 859 28.16 9.89 19.03
N VAL A 860 28.08 10.08 17.72
CA VAL A 860 27.36 9.16 16.84
C VAL A 860 28.38 8.16 16.29
N ARG A 861 28.13 6.88 16.50
CA ARG A 861 29.09 5.84 16.18
C ARG A 861 28.46 4.75 15.34
N ASP A 862 29.25 4.18 14.44
CA ASP A 862 28.83 3.10 13.56
C ASP A 862 28.90 1.78 14.33
N PRO A 863 28.53 0.63 13.73
CA PRO A 863 28.71 -0.65 14.45
C PRO A 863 30.14 -1.10 14.66
N THR A 864 31.12 -0.55 13.96
CA THR A 864 32.50 -1.00 14.13
C THR A 864 33.27 -0.19 15.16
N GLY A 865 32.66 0.86 15.70
CA GLY A 865 33.33 1.72 16.65
C GLY A 865 34.09 2.88 16.04
N ILE A 866 33.91 3.12 14.75
CA ILE A 866 34.55 4.26 14.10
C ILE A 866 33.69 5.49 14.35
N ILE A 867 34.27 6.54 14.93
CA ILE A 867 33.47 7.71 15.27
C ILE A 867 33.13 8.45 13.98
N VAL A 868 31.83 8.70 13.79
CA VAL A 868 31.34 9.33 12.56
C VAL A 868 31.22 10.83 12.72
N GLN A 869 30.63 11.28 13.82
CA GLN A 869 30.49 12.71 14.03
C GLN A 869 30.58 12.98 15.51
N PHE A 870 31.52 13.83 15.90
CA PHE A 870 31.68 14.21 17.30
C PHE A 870 30.59 15.21 17.66
N LYS A 871 30.05 15.08 18.89
CA LYS A 871 29.22 16.13 19.51
C LYS A 871 27.98 16.43 18.67
N TYR A 872 27.05 15.45 18.68
CA TYR A 872 26.06 15.15 17.64
C TYR A 872 25.48 16.36 16.94
N GLY A 873 25.55 16.31 15.61
CA GLY A 873 24.96 17.28 14.73
C GLY A 873 25.39 18.70 15.01
N GLU A 874 26.70 18.97 14.89
CA GLU A 874 27.35 20.28 15.05
C GLU A 874 26.86 20.98 16.31
N ASP A 875 27.35 20.50 17.45
CA ASP A 875 26.70 20.41 18.77
C ASP A 875 25.82 21.59 19.18
N GLY A 876 24.70 21.27 19.84
CA GLY A 876 24.23 19.90 20.05
C GLY A 876 22.75 19.72 20.15
N VAL A 877 22.02 20.73 19.70
CA VAL A 877 20.59 20.87 20.03
C VAL A 877 19.73 20.02 19.09
N ASP A 878 18.84 19.23 19.70
CA ASP A 878 17.82 18.43 19.06
C ASP A 878 17.04 19.25 18.03
N PRO A 879 16.94 18.79 16.76
CA PRO A 879 16.15 19.53 15.78
C PRO A 879 14.66 19.54 16.03
N MET A 880 14.14 18.66 16.88
CA MET A 880 12.74 18.75 17.28
C MET A 880 12.47 20.00 18.12
N LYS A 881 13.47 20.47 18.86
CA LYS A 881 13.26 21.59 19.78
C LYS A 881 14.10 22.82 19.47
N SER A 882 14.93 22.79 18.44
CA SER A 882 15.56 24.03 18.03
C SER A 882 14.55 24.91 17.32
N TRP A 883 14.84 26.19 17.24
CA TRP A 883 13.95 27.16 16.59
C TRP A 883 14.58 27.61 15.28
N GLN A 884 14.03 27.10 14.17
CA GLN A 884 14.31 27.61 12.82
C GLN A 884 15.80 27.55 12.45
N GLY A 885 16.46 26.46 12.83
CA GLY A 885 17.88 26.31 12.60
C GLY A 885 18.74 26.79 13.73
N LYS A 886 18.33 27.86 14.40
CA LYS A 886 19.14 28.49 15.43
C LYS A 886 19.08 27.69 16.72
N THR A 887 19.56 28.31 17.79
CA THR A 887 19.70 27.73 19.12
C THR A 887 18.94 28.67 20.07
N VAL A 888 19.29 28.70 21.35
CA VAL A 888 18.48 29.02 22.54
C VAL A 888 17.43 30.16 22.46
N ASP A 889 17.50 31.01 21.42
CA ASP A 889 16.52 32.10 21.14
C ASP A 889 16.53 33.17 22.21
N VAL A 890 17.69 33.80 22.38
CA VAL A 890 17.91 34.88 23.34
C VAL A 890 16.90 36.01 23.18
N ASP A 891 16.67 36.43 21.92
CA ASP A 891 15.80 37.57 21.57
C ASP A 891 14.42 37.54 22.20
N ARG A 892 13.68 36.44 22.03
CA ARG A 892 12.37 36.31 22.65
C ARG A 892 12.49 36.27 24.18
N VAL A 893 13.48 35.53 24.69
CA VAL A 893 13.75 35.39 26.12
C VAL A 893 13.92 36.73 26.83
N ILE A 894 14.76 37.60 26.28
CA ILE A 894 15.02 38.93 26.86
C ILE A 894 13.72 39.72 27.04
N VAL A 895 12.95 39.83 25.96
CA VAL A 895 11.69 40.59 25.98
C VAL A 895 10.70 39.97 26.97
N ARG A 896 10.56 38.64 26.94
CA ARG A 896 9.61 37.94 27.81
C ARG A 896 9.94 38.12 29.28
N THR A 897 11.20 37.89 29.66
CA THR A 897 11.59 37.95 31.08
C THR A 897 11.49 39.37 31.63
N LEU A 898 11.91 40.36 30.84
CA LEU A 898 11.86 41.76 31.25
C LEU A 898 10.42 42.20 31.51
N LEU A 899 9.53 41.92 30.55
CA LEU A 899 8.10 42.25 30.62
C LEU A 899 7.46 41.73 31.90
N LYS A 900 7.65 40.44 32.19
CA LYS A 900 7.08 39.81 33.39
C LYS A 900 7.58 40.48 34.66
N MET A 901 8.90 40.69 34.74
CA MET A 901 9.50 41.36 35.90
C MET A 901 9.00 42.80 36.04
N ARG A 902 9.12 43.60 34.98
CA ARG A 902 8.71 45.01 35.02
C ARG A 902 7.20 45.16 35.21
N GLY A 903 6.42 44.39 34.44
CA GLY A 903 4.97 44.46 34.53
C GLY A 903 4.42 44.06 35.89
N GLY A 904 4.87 42.93 36.40
CA GLY A 904 4.42 42.39 37.69
C GLY A 904 2.93 42.14 37.83
N GLU B 9 -30.90 31.20 -46.34
CA GLU B 9 -31.78 30.14 -45.84
C GLU B 9 -31.34 29.76 -44.42
N PRO B 10 -32.30 29.35 -43.59
CA PRO B 10 -31.96 28.98 -42.20
C PRO B 10 -31.22 27.66 -42.07
N THR B 11 -29.88 27.70 -42.16
CA THR B 11 -29.01 26.68 -42.76
C THR B 11 -29.38 25.24 -42.45
N LEU B 12 -29.23 24.76 -41.21
CA LEU B 12 -30.12 23.66 -40.86
C LEU B 12 -30.89 23.98 -39.58
N THR B 13 -30.22 23.80 -38.42
CA THR B 13 -30.30 24.25 -37.04
C THR B 13 -29.34 23.34 -36.30
N PRO B 14 -29.03 23.57 -35.02
CA PRO B 14 -28.48 22.48 -34.21
C PRO B 14 -29.52 21.47 -33.74
N ASP B 15 -30.74 21.47 -34.30
CA ASP B 15 -31.79 20.54 -33.91
C ASP B 15 -32.19 19.53 -34.98
N GLU B 16 -31.98 19.82 -36.27
CA GLU B 16 -32.19 18.75 -37.24
C GLU B 16 -31.03 17.78 -37.29
N LEU B 17 -29.84 18.22 -36.94
CA LEU B 17 -28.68 17.32 -36.91
C LEU B 17 -28.76 16.29 -35.79
N TRP B 18 -29.56 16.52 -34.76
CA TRP B 18 -29.86 15.46 -33.81
C TRP B 18 -30.59 14.30 -34.47
N LEU B 19 -31.57 14.58 -35.33
CA LEU B 19 -32.38 13.52 -35.91
C LEU B 19 -31.62 12.68 -36.94
N VAL B 20 -30.65 13.26 -37.64
CA VAL B 20 -29.77 12.48 -38.49
C VAL B 20 -28.94 11.50 -37.67
N MET B 21 -28.31 11.99 -36.59
CA MET B 21 -27.47 11.15 -35.76
C MET B 21 -28.30 10.20 -34.89
N GLU B 22 -29.58 10.49 -34.68
CA GLU B 22 -30.44 9.55 -33.98
C GLU B 22 -30.68 8.29 -34.78
N SER B 23 -30.71 8.40 -36.12
CA SER B 23 -30.92 7.23 -36.95
C SER B 23 -29.67 6.38 -37.12
N TYR B 24 -28.53 6.84 -36.65
CA TYR B 24 -27.31 6.05 -36.80
C TYR B 24 -27.27 4.91 -35.80
N TRP B 25 -27.76 5.14 -34.59
CA TRP B 25 -27.64 4.10 -33.58
C TRP B 25 -28.89 3.24 -33.46
N LYS B 26 -30.02 3.62 -34.06
CA LYS B 26 -31.17 2.73 -34.09
C LYS B 26 -31.21 1.88 -35.34
N GLU B 27 -30.27 2.09 -36.27
CA GLU B 27 -30.17 1.23 -37.44
C GLU B 27 -29.16 0.12 -37.15
N LYS B 28 -27.93 0.50 -36.87
CA LYS B 28 -26.90 -0.42 -36.40
C LYS B 28 -26.57 -0.10 -34.95
N GLY B 29 -26.24 -1.14 -34.20
CA GLY B 29 -26.10 -1.00 -32.76
C GLY B 29 -24.82 -0.33 -32.34
N PHE B 30 -24.50 -0.52 -31.06
CA PHE B 30 -23.27 -0.01 -30.50
C PHE B 30 -22.16 -1.04 -30.48
N VAL B 31 -22.49 -2.32 -30.33
CA VAL B 31 -21.48 -3.39 -30.40
C VAL B 31 -21.39 -3.83 -31.86
N ARG B 32 -20.67 -3.05 -32.63
CA ARG B 32 -20.54 -3.34 -34.04
C ARG B 32 -19.27 -4.12 -34.34
N GLN B 33 -18.15 -3.69 -33.73
CA GLN B 33 -16.84 -4.24 -34.04
C GLN B 33 -16.74 -5.75 -33.76
N HIS B 34 -17.25 -6.22 -32.61
CA HIS B 34 -17.21 -7.66 -32.36
C HIS B 34 -18.14 -8.42 -33.28
N LEU B 35 -19.42 -8.04 -33.29
CA LEU B 35 -20.47 -8.75 -34.01
C LEU B 35 -20.20 -8.80 -35.52
N ASP B 36 -19.90 -7.66 -36.14
CA ASP B 36 -19.76 -7.65 -37.59
C ASP B 36 -18.53 -8.43 -38.06
N SER B 37 -17.40 -8.28 -37.37
CA SER B 37 -16.20 -8.99 -37.79
C SER B 37 -16.27 -10.49 -37.51
N TYR B 38 -16.88 -10.88 -36.38
CA TYR B 38 -17.07 -12.31 -36.08
C TYR B 38 -17.98 -12.99 -37.10
N ASN B 39 -18.98 -12.26 -37.59
CA ASN B 39 -19.87 -12.77 -38.64
C ASN B 39 -19.10 -13.20 -39.87
N ALA B 40 -18.03 -12.48 -40.21
CA ALA B 40 -17.25 -12.86 -41.37
C ALA B 40 -16.35 -14.06 -41.10
N PHE B 41 -15.98 -14.31 -39.85
CA PHE B 41 -15.21 -15.51 -39.52
C PHE B 41 -15.99 -16.79 -39.76
N ILE B 42 -17.31 -16.77 -39.57
CA ILE B 42 -18.10 -17.97 -39.82
C ILE B 42 -18.22 -18.22 -41.32
N ASP B 43 -18.45 -17.14 -42.08
CA ASP B 43 -18.61 -17.28 -43.53
C ASP B 43 -17.29 -17.58 -44.21
N HIS B 44 -16.32 -16.66 -44.11
CA HIS B 44 -15.13 -16.70 -44.93
C HIS B 44 -13.86 -17.00 -44.16
N GLY B 45 -13.95 -17.17 -42.85
CA GLY B 45 -12.78 -17.42 -42.04
C GLY B 45 -12.34 -18.88 -42.03
N LEU B 46 -13.29 -19.78 -41.77
CA LEU B 46 -12.97 -21.18 -41.59
C LEU B 46 -12.49 -21.83 -42.88
N GLN B 47 -13.03 -21.40 -44.02
CA GLN B 47 -12.71 -22.06 -45.28
C GLN B 47 -11.30 -21.74 -45.75
N ASP B 48 -10.75 -20.60 -45.34
CA ASP B 48 -9.43 -20.21 -45.83
C ASP B 48 -8.29 -20.83 -45.04
N VAL B 49 -8.55 -21.33 -43.83
CA VAL B 49 -7.48 -22.00 -43.08
C VAL B 49 -7.31 -23.43 -43.56
N VAL B 50 -8.43 -24.08 -43.91
CA VAL B 50 -8.40 -25.45 -44.39
C VAL B 50 -7.77 -25.55 -45.76
N ASN B 51 -8.00 -24.56 -46.62
CA ASN B 51 -7.42 -24.64 -47.97
C ASN B 51 -5.93 -24.34 -48.01
N GLU B 52 -5.30 -24.00 -46.89
CA GLU B 52 -3.85 -23.97 -46.87
C GLU B 52 -3.28 -25.39 -46.86
N PHE B 53 -3.90 -26.30 -46.11
CA PHE B 53 -3.31 -27.62 -45.89
C PHE B 53 -3.50 -28.54 -47.10
N GLY B 54 -4.75 -28.90 -47.40
CA GLY B 54 -4.98 -29.84 -48.48
C GLY B 54 -4.48 -31.24 -48.14
N GLU B 55 -3.95 -31.93 -49.15
CA GLU B 55 -3.35 -33.24 -48.93
C GLU B 55 -1.98 -33.07 -48.30
N VAL B 56 -1.67 -33.91 -47.30
CA VAL B 56 -0.34 -33.87 -46.71
C VAL B 56 0.37 -35.23 -46.70
N VAL B 57 -0.19 -36.19 -45.96
CA VAL B 57 0.43 -37.45 -45.55
C VAL B 57 -0.78 -38.33 -45.26
N PRO B 58 -0.68 -39.63 -44.85
CA PRO B 58 0.20 -40.62 -44.20
C PRO B 58 1.48 -41.02 -44.94
N ASP B 59 2.14 -42.06 -44.41
CA ASP B 59 3.43 -42.51 -44.92
C ASP B 59 3.30 -43.46 -46.12
N ILE B 60 2.21 -44.21 -46.23
CA ILE B 60 2.01 -45.06 -47.41
C ILE B 60 1.83 -44.16 -48.64
N PRO B 61 2.54 -44.43 -49.75
CA PRO B 61 2.41 -43.56 -50.94
C PRO B 61 1.09 -43.63 -51.68
N ASN B 62 0.20 -44.57 -51.35
CA ASN B 62 -0.96 -44.75 -52.22
C ASN B 62 -2.17 -43.92 -51.83
N PHE B 63 -2.51 -43.88 -50.54
CA PHE B 63 -3.69 -43.17 -50.06
C PHE B 63 -3.36 -41.75 -49.62
N LYS B 64 -4.19 -40.79 -50.04
CA LYS B 64 -4.11 -39.41 -49.61
C LYS B 64 -5.52 -38.88 -49.40
N VAL B 65 -5.63 -37.79 -48.66
CA VAL B 65 -6.91 -37.22 -48.23
C VAL B 65 -6.92 -35.74 -48.59
N LYS B 66 -7.87 -35.34 -49.43
CA LYS B 66 -8.09 -33.95 -49.79
C LYS B 66 -9.28 -33.41 -49.00
N PHE B 67 -9.13 -32.18 -48.51
CA PHE B 67 -10.12 -31.56 -47.63
C PHE B 67 -11.20 -30.84 -48.44
N GLY B 68 -12.44 -31.01 -48.01
CA GLY B 68 -13.60 -30.43 -48.68
C GLY B 68 -14.09 -29.16 -48.01
N LYS B 69 -15.41 -29.00 -47.97
CA LYS B 69 -16.02 -27.79 -47.43
C LYS B 69 -16.53 -28.02 -46.01
N ILE B 70 -16.94 -26.91 -45.39
CA ILE B 70 -17.37 -26.87 -43.99
C ILE B 70 -18.77 -26.27 -43.93
N ARG B 71 -19.64 -26.88 -43.12
CA ARG B 71 -20.90 -26.28 -42.73
C ARG B 71 -20.97 -26.23 -41.21
N ILE B 72 -21.77 -25.30 -40.70
CA ILE B 72 -21.90 -25.08 -39.26
C ILE B 72 -23.37 -25.26 -38.89
N GLY B 73 -23.63 -26.19 -37.98
CA GLY B 73 -25.00 -26.49 -37.60
C GLY B 73 -25.55 -25.56 -36.53
N GLN B 74 -26.83 -25.74 -36.26
CA GLN B 74 -27.52 -24.99 -35.23
C GLN B 74 -27.00 -25.39 -33.85
N PRO B 75 -27.00 -24.48 -32.87
CA PRO B 75 -26.42 -24.79 -31.55
C PRO B 75 -27.23 -25.88 -30.86
N GLU B 76 -26.57 -27.01 -30.62
CA GLU B 76 -27.20 -28.19 -30.05
C GLU B 76 -26.21 -28.83 -29.09
N PHE B 77 -26.70 -29.78 -28.30
CA PHE B 77 -25.86 -30.35 -27.27
C PHE B 77 -26.35 -31.75 -26.95
N GLN B 78 -25.43 -32.71 -26.98
CA GLN B 78 -25.72 -34.09 -26.63
C GLN B 78 -25.06 -34.44 -25.31
N GLU B 79 -25.84 -35.01 -24.40
CA GLU B 79 -25.37 -35.42 -23.09
C GLU B 79 -24.92 -36.87 -23.13
N ALA B 80 -24.73 -37.47 -21.96
CA ALA B 80 -24.70 -38.92 -21.86
C ALA B 80 -26.07 -39.47 -22.21
N GLN B 81 -26.10 -40.77 -22.52
CA GLN B 81 -27.18 -41.49 -23.21
C GLN B 81 -27.71 -40.64 -24.39
N GLY B 82 -26.80 -40.46 -25.35
CA GLY B 82 -26.80 -39.46 -26.40
C GLY B 82 -28.10 -39.03 -27.05
N GLN B 83 -28.36 -37.73 -27.00
CA GLN B 83 -29.64 -37.17 -27.44
C GLN B 83 -29.41 -35.69 -27.72
N ARG B 84 -29.72 -35.26 -28.94
CA ARG B 84 -29.34 -33.95 -29.41
C ARG B 84 -30.54 -33.02 -29.43
N ARG B 85 -30.47 -31.93 -28.67
CA ARG B 85 -31.53 -30.95 -28.55
C ARG B 85 -30.92 -29.56 -28.64
N PRO B 86 -31.69 -28.56 -29.06
CA PRO B 86 -31.13 -27.21 -29.23
C PRO B 86 -30.93 -26.50 -27.91
N LEU B 87 -29.80 -25.80 -27.79
CA LEU B 87 -29.55 -24.96 -26.62
C LEU B 87 -30.20 -23.60 -26.78
N TYR B 88 -30.44 -22.98 -25.64
CA TYR B 88 -31.06 -21.68 -25.50
C TYR B 88 -30.34 -20.89 -24.41
N PRO B 89 -29.56 -19.84 -24.79
CA PRO B 89 -28.51 -19.27 -23.93
C PRO B 89 -28.81 -18.97 -22.47
N MET B 90 -30.08 -18.79 -22.10
CA MET B 90 -30.38 -18.68 -20.68
C MET B 90 -30.18 -20.02 -19.97
N ASP B 91 -30.36 -21.12 -20.69
CA ASP B 91 -30.10 -22.43 -20.10
C ASP B 91 -28.61 -22.75 -20.09
N ALA B 92 -27.81 -22.11 -20.93
CA ALA B 92 -26.39 -22.42 -21.04
C ALA B 92 -25.52 -21.55 -20.14
N ARG B 93 -26.12 -20.65 -19.36
CA ARG B 93 -25.38 -19.90 -18.36
C ARG B 93 -25.82 -20.28 -16.95
N ILE B 94 -26.63 -21.33 -16.84
CA ILE B 94 -27.27 -21.68 -15.57
C ILE B 94 -26.92 -23.09 -15.12
N ARG B 95 -26.30 -23.90 -15.98
CA ARG B 95 -25.83 -25.20 -15.53
C ARG B 95 -24.47 -25.57 -16.13
N ASN B 96 -23.63 -24.56 -16.37
CA ASN B 96 -22.21 -24.70 -16.70
C ASN B 96 -22.00 -25.53 -17.97
N LEU B 97 -22.46 -24.97 -19.07
CA LEU B 97 -22.25 -25.58 -20.37
C LEU B 97 -21.36 -24.68 -21.20
N THR B 98 -21.18 -25.05 -22.46
CA THR B 98 -20.49 -24.23 -23.43
C THR B 98 -21.43 -24.08 -24.60
N TYR B 99 -22.01 -22.90 -24.75
CA TYR B 99 -22.96 -22.64 -25.84
C TYR B 99 -22.20 -22.71 -27.15
N SER B 100 -22.39 -23.82 -27.88
CA SER B 100 -21.52 -24.17 -29.00
C SER B 100 -22.29 -24.86 -30.12
N ALA B 101 -21.61 -25.04 -31.25
CA ALA B 101 -22.15 -25.65 -32.47
C ALA B 101 -21.18 -26.66 -33.05
N PRO B 102 -21.66 -27.77 -33.62
CA PRO B 102 -20.76 -28.78 -34.17
C PRO B 102 -20.21 -28.40 -35.53
N LEU B 103 -18.98 -28.83 -35.78
CA LEU B 103 -18.20 -28.42 -36.96
C LEU B 103 -18.05 -29.62 -37.91
N TYR B 104 -18.94 -29.71 -38.91
CA TYR B 104 -18.90 -30.79 -39.89
C TYR B 104 -17.95 -30.47 -41.04
N LEU B 105 -17.11 -31.44 -41.42
CA LEU B 105 -16.14 -31.27 -42.51
C LEU B 105 -16.02 -32.55 -43.34
N GLU B 106 -16.42 -32.48 -44.62
CA GLU B 106 -16.24 -33.61 -45.53
C GLU B 106 -14.81 -33.70 -46.06
N MET B 107 -14.37 -34.93 -46.32
CA MET B 107 -13.05 -35.24 -46.89
C MET B 107 -13.17 -36.05 -48.17
N ILE B 108 -12.13 -35.93 -49.00
CA ILE B 108 -12.03 -36.58 -50.31
C ILE B 108 -11.01 -37.72 -50.22
N PRO B 109 -11.46 -38.98 -50.23
CA PRO B 109 -10.54 -40.11 -50.41
C PRO B 109 -9.97 -40.20 -51.83
N VAL B 110 -8.69 -39.94 -51.99
CA VAL B 110 -8.03 -39.98 -53.30
C VAL B 110 -7.34 -41.32 -53.47
N VAL B 111 -7.88 -42.19 -54.31
CA VAL B 111 -7.26 -43.47 -54.63
C VAL B 111 -6.61 -43.31 -56.00
N ASN B 112 -5.27 -43.11 -56.00
CA ASN B 112 -4.43 -43.00 -57.20
C ASN B 112 -4.90 -41.89 -58.15
N GLY B 113 -5.52 -40.85 -57.61
CA GLY B 113 -6.03 -39.78 -58.46
C GLY B 113 -7.54 -39.72 -58.53
N ILE B 114 -8.19 -40.88 -58.54
CA ILE B 114 -9.62 -40.95 -58.79
C ILE B 114 -10.39 -40.64 -57.51
N GLU B 115 -11.21 -39.59 -57.56
CA GLU B 115 -12.09 -39.23 -56.45
C GLU B 115 -13.46 -39.83 -56.71
N GLN B 116 -14.00 -40.56 -55.73
CA GLN B 116 -15.25 -41.27 -55.96
C GLN B 116 -16.31 -41.16 -54.87
N GLU B 117 -15.94 -40.86 -53.60
CA GLU B 117 -17.00 -40.85 -52.58
C GLU B 117 -16.61 -39.96 -51.41
N PRO B 118 -17.25 -38.80 -51.23
CA PRO B 118 -16.92 -37.93 -50.08
C PRO B 118 -17.78 -38.18 -48.84
N VAL B 119 -17.13 -38.35 -47.70
CA VAL B 119 -17.81 -38.61 -46.43
C VAL B 119 -17.62 -37.40 -45.49
N GLU B 120 -18.73 -36.93 -44.91
CA GLU B 120 -18.73 -35.80 -43.97
C GLU B 120 -18.57 -36.29 -42.54
N VAL B 121 -17.45 -35.92 -41.91
CA VAL B 121 -17.17 -36.26 -40.52
C VAL B 121 -17.14 -34.97 -39.69
N ARG B 122 -17.77 -34.99 -38.53
CA ARG B 122 -17.67 -33.88 -37.60
C ARG B 122 -16.32 -33.88 -36.88
N ILE B 123 -15.70 -32.70 -36.78
CA ILE B 123 -14.38 -32.61 -36.18
C ILE B 123 -14.47 -32.28 -34.70
N GLY B 124 -15.27 -31.27 -34.35
CA GLY B 124 -15.43 -30.89 -32.97
C GLY B 124 -16.55 -29.91 -32.72
N GLU B 125 -16.40 -29.07 -31.70
CA GLU B 125 -17.35 -28.01 -31.42
C GLU B 125 -16.68 -26.65 -31.55
N LEU B 126 -17.50 -25.59 -31.50
CA LEU B 126 -17.04 -24.22 -31.70
C LEU B 126 -17.92 -23.24 -30.93
N PRO B 127 -17.35 -22.38 -30.08
CA PRO B 127 -18.18 -21.39 -29.39
C PRO B 127 -18.71 -20.36 -30.36
N ILE B 128 -19.81 -19.73 -29.98
CA ILE B 128 -20.60 -18.92 -30.90
C ILE B 128 -21.09 -17.69 -30.16
N MET B 129 -21.08 -16.55 -30.85
CA MET B 129 -21.30 -15.26 -30.20
C MET B 129 -22.79 -14.98 -30.12
N LEU B 130 -23.23 -14.45 -28.97
CA LEU B 130 -24.64 -14.18 -28.77
C LEU B 130 -25.14 -13.05 -29.65
N LYS B 131 -26.35 -13.23 -30.19
CA LYS B 131 -27.04 -12.28 -31.08
C LYS B 131 -26.23 -12.00 -32.34
N SER B 132 -25.39 -12.96 -32.75
CA SER B 132 -24.72 -12.95 -34.05
C SER B 132 -25.63 -13.56 -35.11
N LYS B 133 -25.10 -13.68 -36.32
CA LYS B 133 -25.88 -14.25 -37.42
C LYS B 133 -26.02 -15.76 -37.33
N ALA B 134 -25.14 -16.42 -36.57
CA ALA B 134 -25.17 -17.87 -36.55
C ALA B 134 -25.95 -18.46 -35.37
N CYS B 135 -26.19 -17.70 -34.31
CA CYS B 135 -26.92 -18.21 -33.16
C CYS B 135 -28.44 -18.12 -33.40
N ARG B 136 -29.20 -18.59 -32.41
CA ARG B 136 -30.66 -18.69 -32.50
C ARG B 136 -31.44 -17.44 -32.14
N LEU B 137 -30.78 -16.30 -31.91
CA LEU B 137 -31.52 -15.11 -31.51
C LEU B 137 -31.50 -14.04 -32.58
N TYR B 138 -31.05 -14.36 -33.78
CA TYR B 138 -30.84 -13.34 -34.80
C TYR B 138 -32.15 -12.98 -35.45
N GLY B 139 -32.46 -11.68 -35.50
CA GLY B 139 -33.68 -11.20 -36.14
C GLY B 139 -34.95 -11.62 -35.44
N LEU B 140 -34.87 -11.93 -34.16
CA LEU B 140 -35.96 -12.55 -33.42
C LEU B 140 -36.67 -11.49 -32.59
N SER B 141 -38.00 -11.44 -32.70
CA SER B 141 -38.78 -10.30 -32.28
C SER B 141 -38.91 -10.20 -30.76
N ASP B 142 -39.47 -9.06 -30.34
CA ASP B 142 -39.47 -8.65 -28.93
C ASP B 142 -40.24 -9.59 -28.03
N GLU B 143 -41.42 -10.05 -28.47
CA GLU B 143 -42.21 -10.90 -27.59
C GLU B 143 -41.66 -12.31 -27.47
N GLU B 144 -40.66 -12.67 -28.26
CA GLU B 144 -40.03 -13.98 -28.16
C GLU B 144 -38.75 -13.96 -27.32
N LEU B 145 -37.99 -12.86 -27.31
CA LEU B 145 -36.84 -12.77 -26.41
C LEU B 145 -37.28 -12.79 -24.95
N ILE B 146 -38.49 -12.33 -24.68
CA ILE B 146 -39.09 -12.47 -23.35
C ILE B 146 -39.38 -13.93 -23.07
N LYS B 147 -39.77 -14.67 -24.11
CA LYS B 147 -40.15 -16.07 -23.97
C LYS B 147 -38.95 -16.94 -23.63
N LEU B 148 -37.76 -16.60 -24.13
CA LEU B 148 -36.58 -17.42 -23.92
C LEU B 148 -35.84 -17.06 -22.64
N GLY B 149 -36.31 -16.08 -21.88
CA GLY B 149 -35.68 -15.73 -20.62
C GLY B 149 -34.56 -14.72 -20.81
N GLU B 150 -34.86 -13.58 -21.41
CA GLU B 150 -33.86 -12.56 -21.68
C GLU B 150 -34.51 -11.19 -21.50
N ASP B 151 -33.72 -10.12 -21.67
CA ASP B 151 -34.36 -8.83 -21.85
C ASP B 151 -33.92 -8.29 -23.20
N PRO B 152 -34.76 -7.52 -23.89
CA PRO B 152 -34.34 -7.02 -25.21
C PRO B 152 -33.25 -5.95 -25.19
N LYS B 153 -32.97 -5.29 -24.06
CA LYS B 153 -31.97 -4.24 -24.07
C LYS B 153 -30.54 -4.76 -23.99
N ASP B 154 -30.35 -6.05 -23.74
CA ASP B 154 -29.02 -6.67 -23.72
C ASP B 154 -28.44 -6.63 -25.13
N PRO B 155 -27.24 -6.08 -25.34
CA PRO B 155 -26.73 -5.97 -26.72
C PRO B 155 -26.05 -7.21 -27.29
N GLY B 156 -25.46 -8.06 -26.46
CA GLY B 156 -24.78 -9.24 -26.97
C GLY B 156 -23.40 -8.92 -27.55
N GLY B 157 -22.60 -9.96 -27.69
CA GLY B 157 -21.22 -9.78 -28.09
C GLY B 157 -20.23 -10.42 -27.13
N TYR B 158 -20.66 -11.47 -26.44
CA TYR B 158 -19.87 -12.10 -25.40
C TYR B 158 -20.16 -13.59 -25.41
N PHE B 159 -19.11 -14.40 -25.28
CA PHE B 159 -19.25 -15.85 -25.24
C PHE B 159 -19.74 -16.30 -23.86
N ILE B 160 -20.20 -17.54 -23.77
CA ILE B 160 -20.61 -18.12 -22.50
C ILE B 160 -19.79 -19.38 -22.26
N ILE B 161 -18.48 -19.31 -22.53
CA ILE B 161 -17.58 -20.42 -22.22
C ILE B 161 -17.68 -20.78 -20.74
N ASN B 162 -18.10 -22.02 -20.49
CA ASN B 162 -18.12 -22.76 -19.22
C ASN B 162 -19.17 -22.26 -18.25
N GLY B 163 -19.87 -21.19 -18.56
CA GLY B 163 -20.89 -20.64 -17.69
C GLY B 163 -20.54 -19.30 -17.09
N SER B 164 -19.44 -18.69 -17.50
CA SER B 164 -19.03 -17.38 -17.04
C SER B 164 -18.78 -16.57 -18.30
N GLU B 165 -19.45 -15.44 -18.43
CA GLU B 165 -19.51 -14.72 -19.69
C GLU B 165 -18.19 -14.02 -19.99
N ARG B 166 -17.51 -14.44 -21.05
CA ARG B 166 -16.15 -14.00 -21.31
C ARG B 166 -16.11 -13.23 -22.62
N VAL B 167 -15.35 -12.13 -22.64
CA VAL B 167 -15.33 -11.23 -23.79
C VAL B 167 -13.88 -10.97 -24.20
N ILE B 168 -13.64 -10.93 -25.51
CA ILE B 168 -12.34 -10.55 -26.04
C ILE B 168 -12.22 -9.03 -26.08
N VAL B 169 -11.16 -8.50 -25.48
CA VAL B 169 -10.88 -7.08 -25.49
C VAL B 169 -9.83 -6.82 -26.55
N SER B 170 -10.08 -5.84 -27.41
CA SER B 170 -9.32 -5.70 -28.64
C SER B 170 -7.92 -5.16 -28.40
N ILE B 171 -6.91 -5.96 -28.73
CA ILE B 171 -5.52 -5.56 -28.56
C ILE B 171 -5.12 -4.71 -29.76
N GLU B 172 -4.44 -3.60 -29.52
CA GLU B 172 -4.11 -2.64 -30.55
C GLU B 172 -2.75 -2.94 -31.15
N ASP B 173 -2.70 -3.20 -32.46
CA ASP B 173 -1.46 -3.60 -33.13
C ASP B 173 -0.55 -2.41 -33.36
N LEU B 174 0.46 -2.60 -34.18
CA LEU B 174 1.33 -1.54 -34.63
C LEU B 174 1.53 -1.66 -36.14
N ALA B 175 0.39 -1.78 -36.86
CA ALA B 175 0.30 -1.58 -38.30
C ALA B 175 1.15 -2.54 -39.12
N PRO B 176 0.73 -3.79 -39.29
CA PRO B 176 1.57 -4.79 -39.94
C PRO B 176 1.81 -4.47 -41.40
N ASN B 177 2.97 -4.94 -41.89
CA ASN B 177 3.44 -4.80 -43.28
C ASN B 177 3.64 -3.34 -43.68
N LYS B 178 3.85 -2.47 -42.72
CA LYS B 178 4.17 -1.08 -42.96
C LYS B 178 5.69 -0.92 -43.03
N THR B 179 6.16 0.32 -42.89
CA THR B 179 7.55 0.66 -42.69
C THR B 179 7.61 1.96 -41.91
N LEU B 180 8.64 2.12 -41.09
CA LEU B 180 8.71 3.30 -40.23
C LEU B 180 10.07 3.96 -40.39
N VAL B 181 10.07 5.27 -40.22
CA VAL B 181 11.26 6.11 -40.32
C VAL B 181 11.49 6.70 -38.95
N GLU B 182 12.36 6.07 -38.17
CA GLU B 182 12.50 6.37 -36.75
C GLU B 182 13.25 7.71 -36.60
N ARG B 183 13.19 8.27 -35.38
CA ARG B 183 13.65 9.63 -35.15
C ARG B 183 15.19 9.69 -35.13
N ASP B 184 15.71 10.85 -34.75
CA ASP B 184 17.12 11.14 -34.94
C ASP B 184 17.76 11.54 -33.61
N GLU B 185 19.05 11.21 -33.50
CA GLU B 185 19.98 11.71 -32.50
C GLU B 185 19.54 11.41 -31.07
N ARG B 186 19.40 10.11 -30.77
CA ARG B 186 19.37 9.70 -29.38
C ARG B 186 20.68 9.08 -28.91
N GLN B 187 21.26 8.17 -29.68
CA GLN B 187 22.63 7.70 -29.51
C GLN B 187 23.40 7.62 -30.81
N ASN B 188 22.73 7.41 -31.94
CA ASN B 188 23.37 7.10 -33.20
C ASN B 188 22.61 7.85 -34.28
N LYS B 189 22.89 7.55 -35.53
CA LYS B 189 22.16 8.14 -36.64
C LYS B 189 20.80 7.47 -36.81
N VAL B 190 20.11 7.83 -37.90
CA VAL B 190 18.72 7.45 -38.11
C VAL B 190 18.63 5.96 -38.38
N VAL B 191 17.56 5.32 -37.89
CA VAL B 191 17.31 3.91 -38.11
C VAL B 191 15.90 3.75 -38.69
N ALA B 192 15.61 2.56 -39.18
CA ALA B 192 14.30 2.31 -39.81
C ALA B 192 13.85 0.90 -39.44
N LYS B 193 13.05 0.79 -38.38
CA LYS B 193 12.60 -0.49 -37.86
C LYS B 193 11.26 -0.88 -38.47
N VAL B 194 10.94 -2.16 -38.43
CA VAL B 194 9.72 -2.67 -39.05
C VAL B 194 9.31 -3.97 -38.38
N PHE B 195 8.04 -4.34 -38.53
CA PHE B 195 7.54 -5.65 -38.18
C PHE B 195 7.00 -6.34 -39.42
N SER B 196 6.97 -7.66 -39.39
CA SER B 196 6.49 -8.46 -40.50
C SER B 196 6.13 -9.84 -39.98
N TYR B 197 4.90 -10.27 -40.25
CA TYR B 197 4.48 -11.61 -39.87
C TYR B 197 3.51 -12.18 -40.89
N ARG B 198 3.58 -13.50 -41.03
CA ARG B 198 2.65 -14.27 -41.84
C ARG B 198 2.53 -15.65 -41.22
N HIS B 199 1.29 -16.04 -40.93
CA HIS B 199 0.93 -17.32 -40.31
C HIS B 199 1.70 -17.59 -39.01
N GLY B 200 1.60 -16.66 -38.08
CA GLY B 200 2.31 -16.84 -36.83
C GLY B 200 3.41 -15.84 -36.54
N TYR B 201 4.68 -16.26 -36.71
CA TYR B 201 5.81 -15.61 -36.07
C TYR B 201 6.06 -14.22 -36.60
N ARG B 202 6.31 -13.28 -35.68
CA ARG B 202 6.60 -11.90 -35.98
C ARG B 202 8.02 -11.58 -35.52
N ALA B 203 8.66 -10.62 -36.20
CA ALA B 203 10.05 -10.34 -35.89
C ALA B 203 10.45 -8.94 -36.34
N LEU B 204 11.34 -8.33 -35.55
CA LEU B 204 11.96 -7.07 -35.94
C LEU B 204 12.98 -7.30 -37.04
N ILE B 205 12.89 -6.51 -38.11
CA ILE B 205 13.88 -6.54 -39.20
C ILE B 205 14.26 -5.10 -39.48
N THR B 206 15.33 -4.63 -38.85
CA THR B 206 15.70 -3.22 -38.92
C THR B 206 16.90 -3.04 -39.84
N VAL B 207 17.03 -1.85 -40.43
CA VAL B 207 18.21 -1.50 -41.21
C VAL B 207 18.78 -0.20 -40.63
N GLU B 208 19.66 -0.35 -39.64
CA GLU B 208 20.18 0.80 -38.90
C GLU B 208 21.42 1.33 -39.61
N ARG B 209 21.99 2.43 -39.10
CA ARG B 209 23.35 2.86 -39.41
C ARG B 209 23.82 3.83 -38.33
N LYS B 210 25.06 3.66 -37.87
CA LYS B 210 25.74 4.56 -36.95
C LYS B 210 26.83 5.35 -37.65
N LYS B 211 27.58 6.15 -36.88
CA LYS B 211 28.50 7.14 -37.42
C LYS B 211 29.88 6.53 -37.75
N ASP B 212 29.85 5.49 -38.59
CA ASP B 212 31.03 5.13 -39.38
C ASP B 212 30.61 4.52 -40.72
N GLY B 213 29.33 4.48 -41.03
CA GLY B 213 28.85 3.85 -42.24
C GLY B 213 28.85 2.34 -42.21
N ILE B 214 28.37 1.75 -41.12
CA ILE B 214 28.32 0.28 -41.06
C ILE B 214 27.09 -0.22 -41.79
N LEU B 215 25.95 0.45 -41.59
CA LEU B 215 24.65 0.08 -42.14
C LEU B 215 24.26 -1.33 -41.68
N TYR B 216 24.00 -1.46 -40.38
CA TYR B 216 23.58 -2.74 -39.83
C TYR B 216 22.24 -3.21 -40.40
N VAL B 217 22.08 -4.54 -40.41
CA VAL B 217 20.83 -5.23 -40.70
C VAL B 217 20.63 -6.21 -39.56
N THR B 218 19.42 -6.32 -39.05
CA THR B 218 19.13 -7.19 -37.91
C THR B 218 18.43 -8.44 -38.42
N ILE B 219 18.84 -9.58 -37.89
CA ILE B 219 18.25 -10.87 -38.25
C ILE B 219 17.51 -11.31 -37.00
N PRO B 220 16.38 -12.04 -37.12
CA PRO B 220 15.69 -12.52 -35.92
C PRO B 220 16.48 -13.54 -35.11
N ASN B 221 16.80 -14.65 -35.74
CA ASN B 221 17.45 -15.77 -35.08
C ASN B 221 18.96 -15.57 -35.06
N VAL B 222 19.58 -15.78 -33.89
CA VAL B 222 21.02 -15.62 -33.64
C VAL B 222 21.46 -14.20 -34.02
N PRO B 223 21.20 -13.20 -33.15
CA PRO B 223 21.13 -11.79 -33.58
C PRO B 223 22.33 -11.17 -34.28
N LYS B 224 23.52 -11.09 -33.62
CA LYS B 224 24.88 -10.85 -34.16
C LYS B 224 24.92 -9.91 -35.36
N PRO B 225 24.64 -8.61 -35.16
CA PRO B 225 24.23 -7.70 -36.25
C PRO B 225 25.17 -7.65 -37.46
N VAL B 226 24.59 -7.91 -38.64
CA VAL B 226 25.35 -8.19 -39.84
C VAL B 226 25.42 -6.93 -40.69
N LYS B 227 26.56 -6.73 -41.37
CA LYS B 227 26.72 -5.61 -42.29
C LYS B 227 25.79 -5.76 -43.49
N PHE B 228 25.43 -4.62 -44.10
CA PHE B 228 24.45 -4.60 -45.17
C PHE B 228 24.97 -5.29 -46.42
N VAL B 229 26.21 -4.96 -46.82
CA VAL B 229 26.71 -5.43 -48.10
C VAL B 229 27.13 -6.89 -48.02
N TYR B 230 27.25 -7.44 -46.81
CA TYR B 230 27.30 -8.88 -46.64
C TYR B 230 25.98 -9.51 -47.04
N VAL B 231 24.87 -9.04 -46.46
CA VAL B 231 23.57 -9.66 -46.69
C VAL B 231 23.04 -9.32 -48.08
N MET B 232 23.16 -8.06 -48.49
CA MET B 232 22.56 -7.60 -49.74
C MET B 232 23.22 -8.25 -50.96
N ARG B 233 24.53 -8.52 -50.88
CA ARG B 233 25.17 -9.31 -51.93
C ARG B 233 24.76 -10.77 -51.84
N ALA B 234 24.71 -11.33 -50.63
CA ALA B 234 24.46 -12.76 -50.48
C ALA B 234 23.01 -13.15 -50.73
N LEU B 235 22.09 -12.19 -50.78
CA LEU B 235 20.67 -12.54 -50.85
C LEU B 235 20.27 -12.88 -52.27
N GLY B 236 20.29 -11.88 -53.17
CA GLY B 236 19.88 -12.16 -54.53
C GLY B 236 20.63 -11.47 -55.66
N LEU B 237 21.52 -10.54 -55.34
CA LEU B 237 22.20 -9.75 -56.38
C LEU B 237 23.70 -9.78 -56.17
N LEU B 238 24.44 -10.02 -57.26
CA LEU B 238 25.88 -10.19 -57.19
C LEU B 238 26.63 -9.00 -57.78
N THR B 239 26.18 -8.50 -58.92
CA THR B 239 26.84 -7.38 -59.59
C THR B 239 26.59 -6.09 -58.82
N ASP B 240 27.64 -5.28 -58.69
CA ASP B 240 27.50 -3.98 -58.02
C ASP B 240 26.57 -3.05 -58.79
N LYS B 241 26.48 -3.22 -60.10
CA LYS B 241 25.51 -2.48 -60.90
C LYS B 241 24.07 -2.88 -60.58
N GLU B 242 23.85 -4.12 -60.14
CA GLU B 242 22.49 -4.55 -59.78
C GLU B 242 22.03 -3.94 -58.46
N ILE B 243 22.96 -3.73 -57.52
CA ILE B 243 22.66 -3.04 -56.27
C ILE B 243 22.30 -1.58 -56.55
N VAL B 244 22.90 -0.99 -57.58
CA VAL B 244 22.60 0.38 -57.99
C VAL B 244 21.16 0.50 -58.42
N GLU B 245 20.69 -0.41 -59.28
CA GLU B 245 19.34 -0.25 -59.82
C GLU B 245 18.27 -0.72 -58.84
N ALA B 246 18.65 -1.47 -57.81
CA ALA B 246 17.67 -1.92 -56.84
C ALA B 246 17.33 -0.82 -55.83
N VAL B 247 18.33 -0.02 -55.44
CA VAL B 247 18.09 1.00 -54.42
C VAL B 247 17.38 2.21 -55.01
N SER B 248 18.05 2.91 -55.93
CA SER B 248 17.51 4.17 -56.43
C SER B 248 18.14 4.50 -57.77
N ASP B 249 17.55 5.47 -58.46
CA ASP B 249 18.11 6.00 -59.68
C ASP B 249 18.36 7.51 -59.61
N ASP B 250 17.99 8.14 -58.49
CA ASP B 250 18.24 9.56 -58.25
C ASP B 250 19.74 9.77 -58.06
N PRO B 251 20.38 10.67 -58.83
CA PRO B 251 21.84 10.83 -58.73
C PRO B 251 22.35 11.36 -57.40
N ARG B 252 21.55 12.16 -56.69
CA ARG B 252 21.99 12.68 -55.40
C ARG B 252 22.07 11.59 -54.35
N ILE B 253 21.17 10.61 -54.42
CA ILE B 253 21.26 9.41 -53.60
C ILE B 253 22.41 8.53 -54.07
N GLN B 254 22.69 8.51 -55.37
CA GLN B 254 23.55 7.48 -55.96
C GLN B 254 25.01 7.65 -55.56
N GLN B 255 25.48 8.90 -55.41
CA GLN B 255 26.89 9.10 -55.06
C GLN B 255 27.17 8.71 -53.61
N VAL B 256 26.16 8.74 -52.75
CA VAL B 256 26.33 8.29 -51.37
C VAL B 256 26.42 6.78 -51.31
N LEU B 257 25.75 6.07 -52.23
CA LEU B 257 25.75 4.62 -52.18
C LEU B 257 27.08 4.02 -52.64
N PHE B 258 27.80 4.71 -53.51
CA PHE B 258 29.11 4.22 -53.92
C PHE B 258 30.16 4.35 -52.84
N ASP B 259 30.02 5.32 -51.93
CA ASP B 259 30.96 5.41 -50.83
C ASP B 259 30.81 4.23 -49.85
N ASN B 260 29.58 3.85 -49.51
CA ASN B 260 29.39 2.74 -48.59
C ASN B 260 29.63 1.39 -49.27
N LEU B 261 29.41 1.32 -50.59
CA LEU B 261 29.74 0.12 -51.36
C LEU B 261 31.26 -0.10 -51.38
N GLU B 262 31.99 0.86 -51.95
CA GLU B 262 33.40 0.70 -52.32
C GLU B 262 34.31 0.53 -51.10
N ASP B 263 33.85 0.97 -49.92
CA ASP B 263 34.63 0.87 -48.70
C ASP B 263 34.76 -0.57 -48.22
N ALA B 264 33.81 -1.43 -48.55
CA ALA B 264 33.81 -2.80 -48.06
C ALA B 264 33.67 -3.84 -49.16
N SER B 265 33.49 -3.42 -50.42
CA SER B 265 33.39 -4.34 -51.55
C SER B 265 34.65 -5.18 -51.77
N ASP B 266 35.83 -4.65 -51.47
CA ASP B 266 37.07 -5.41 -51.59
C ASP B 266 37.42 -6.15 -50.31
N ILE B 267 36.47 -6.90 -49.73
CA ILE B 267 36.75 -7.81 -48.62
C ILE B 267 36.21 -9.18 -48.97
N SER B 268 34.93 -9.25 -49.31
CA SER B 268 34.23 -10.50 -49.60
C SER B 268 33.64 -10.37 -50.99
N THR B 269 33.83 -11.41 -51.80
CA THR B 269 33.30 -11.41 -53.16
C THR B 269 31.93 -12.07 -53.20
N GLN B 270 31.45 -12.32 -54.40
CA GLN B 270 30.12 -12.86 -54.63
C GLN B 270 30.03 -14.34 -54.20
N GLU B 271 28.86 -14.70 -53.69
CA GLU B 271 28.45 -16.05 -53.29
C GLU B 271 29.31 -16.67 -52.20
N GLU B 272 30.13 -15.89 -51.50
CA GLU B 272 30.92 -16.38 -50.39
C GLU B 272 30.44 -15.83 -49.06
N ALA B 273 29.69 -14.72 -49.08
CA ALA B 273 29.06 -14.16 -47.90
C ALA B 273 27.82 -14.92 -47.46
N LEU B 274 27.19 -15.67 -48.38
CA LEU B 274 26.17 -16.64 -48.02
C LEU B 274 26.73 -17.71 -47.09
N ASP B 275 27.96 -18.14 -47.34
CA ASP B 275 28.64 -19.06 -46.45
C ASP B 275 29.12 -18.37 -45.19
N TYR B 276 29.42 -17.07 -45.26
CA TYR B 276 29.91 -16.33 -44.09
C TYR B 276 28.86 -16.13 -43.01
N ILE B 277 27.57 -16.11 -43.38
CA ILE B 277 26.52 -16.08 -42.36
C ILE B 277 26.52 -17.38 -41.55
N GLY B 278 26.78 -18.51 -42.21
CA GLY B 278 27.04 -19.76 -41.52
C GLY B 278 28.33 -19.79 -40.73
N ARG B 279 29.28 -18.91 -41.05
CA ARG B 279 30.48 -18.75 -40.23
C ARG B 279 30.21 -17.95 -38.97
N LEU B 280 29.24 -17.04 -38.98
CA LEU B 280 29.01 -16.13 -37.87
C LEU B 280 28.16 -16.77 -36.79
N ALA B 281 27.17 -17.57 -37.18
CA ALA B 281 26.21 -18.10 -36.22
C ALA B 281 26.84 -19.19 -35.36
N LEU B 282 27.86 -19.87 -35.87
CA LEU B 282 28.60 -20.90 -35.14
C LEU B 282 29.95 -21.09 -35.81
N PRO B 283 31.00 -21.41 -35.04
CA PRO B 283 32.34 -21.57 -35.63
C PRO B 283 32.82 -23.00 -35.84
N GLY B 284 34.15 -23.13 -35.94
CA GLY B 284 34.89 -24.36 -36.11
C GLY B 284 34.48 -25.36 -37.17
N GLN B 285 34.60 -24.96 -38.46
CA GLN B 285 34.28 -25.68 -39.69
C GLN B 285 33.01 -26.53 -39.62
N PRO B 286 31.82 -25.91 -39.49
CA PRO B 286 30.59 -26.72 -39.39
C PRO B 286 30.29 -27.58 -40.59
N LYS B 287 30.52 -27.03 -41.79
CA LYS B 287 30.26 -27.61 -43.11
C LYS B 287 28.81 -28.05 -43.30
N GLU B 288 28.38 -29.08 -42.57
CA GLU B 288 26.99 -29.51 -42.66
C GLU B 288 26.03 -28.54 -41.97
N TYR B 289 26.48 -27.83 -40.93
CA TYR B 289 25.70 -26.78 -40.29
C TYR B 289 25.88 -25.42 -40.95
N ARG B 290 26.94 -25.27 -41.75
CA ARG B 290 27.29 -24.00 -42.39
C ARG B 290 26.31 -23.64 -43.49
N LEU B 291 26.38 -24.35 -44.61
CA LEU B 291 25.45 -24.17 -45.73
C LEU B 291 23.99 -24.22 -45.28
N ARG B 292 23.64 -25.22 -44.46
CA ARG B 292 22.25 -25.54 -44.20
C ARG B 292 21.54 -24.58 -43.25
N ARG B 293 22.23 -24.00 -42.27
CA ARG B 293 21.52 -23.07 -41.40
C ARG B 293 21.27 -21.73 -42.07
N ALA B 294 22.20 -21.24 -42.88
CA ALA B 294 21.97 -19.99 -43.60
C ALA B 294 20.90 -20.14 -44.67
N GLU B 295 20.75 -21.34 -45.22
CA GLU B 295 19.60 -21.61 -46.08
C GLU B 295 18.31 -21.69 -45.28
N HIS B 296 18.40 -22.14 -44.02
CA HIS B 296 17.22 -22.22 -43.16
C HIS B 296 16.86 -20.88 -42.51
N ILE B 297 17.83 -19.99 -42.34
CA ILE B 297 17.53 -18.69 -41.74
C ILE B 297 16.90 -17.74 -42.75
N ILE B 298 17.48 -17.66 -43.95
CA ILE B 298 17.04 -16.70 -44.96
C ILE B 298 15.64 -17.02 -45.47
N ASP B 299 15.34 -18.30 -45.71
CA ASP B 299 14.01 -18.61 -46.22
C ASP B 299 12.92 -18.55 -45.15
N ASN B 300 13.28 -18.37 -43.86
CA ASN B 300 12.30 -18.33 -42.79
C ASN B 300 12.44 -17.17 -41.82
N ASN B 301 13.38 -16.24 -42.03
CA ASN B 301 13.46 -15.08 -41.15
C ASN B 301 13.57 -13.74 -41.89
N LEU B 302 14.15 -13.73 -43.08
CA LEU B 302 14.23 -12.48 -43.84
C LEU B 302 12.92 -12.27 -44.58
N LEU B 303 12.07 -11.41 -44.02
CA LEU B 303 10.87 -10.82 -44.60
C LEU B 303 9.86 -11.89 -45.03
N PRO B 304 9.23 -12.60 -44.09
CA PRO B 304 8.33 -13.70 -44.47
C PRO B 304 6.99 -13.30 -45.07
N HIS B 305 6.65 -12.01 -45.16
CA HIS B 305 5.36 -11.67 -45.76
C HIS B 305 5.38 -11.65 -47.28
N MET B 306 6.52 -11.97 -47.91
CA MET B 306 6.61 -12.04 -49.36
C MET B 306 6.61 -13.47 -49.88
N GLY B 307 7.04 -14.42 -49.07
CA GLY B 307 7.12 -15.80 -49.48
C GLY B 307 8.11 -16.56 -48.64
N VAL B 308 8.16 -17.86 -48.89
CA VAL B 308 8.99 -18.78 -48.13
C VAL B 308 9.86 -19.57 -49.09
N ASP B 309 9.61 -19.40 -50.38
CA ASP B 309 10.37 -20.12 -51.39
C ASP B 309 11.66 -19.38 -51.75
N PRO B 310 12.70 -20.09 -52.17
CA PRO B 310 13.91 -19.40 -52.67
C PRO B 310 13.71 -18.75 -54.03
N GLU B 311 12.64 -19.08 -54.75
CA GLU B 311 12.23 -18.30 -55.91
C GLU B 311 11.98 -16.85 -55.53
N ASN B 312 11.35 -16.61 -54.38
CA ASN B 312 10.91 -15.31 -53.91
C ASN B 312 12.06 -14.39 -53.47
N ARG B 313 13.31 -14.90 -53.44
CA ARG B 313 14.45 -14.10 -53.00
C ARG B 313 14.71 -12.90 -53.91
N ARG B 314 14.32 -12.98 -55.18
CA ARG B 314 14.42 -11.85 -56.08
C ARG B 314 13.51 -10.70 -55.67
N ALA B 315 12.36 -10.99 -55.07
CA ALA B 315 11.46 -9.95 -54.58
C ALA B 315 11.89 -9.35 -53.26
N LYS B 316 12.52 -10.14 -52.37
CA LYS B 316 12.91 -9.64 -51.07
C LYS B 316 14.07 -8.65 -51.16
N ALA B 317 14.86 -8.74 -52.23
CA ALA B 317 15.92 -7.75 -52.46
C ALA B 317 15.34 -6.38 -52.74
N TYR B 318 14.16 -6.31 -53.36
CA TYR B 318 13.57 -5.01 -53.68
C TYR B 318 12.92 -4.39 -52.46
N TYR B 319 12.33 -5.22 -51.59
CA TYR B 319 11.66 -4.72 -50.39
C TYR B 319 12.68 -4.19 -49.40
N LEU B 320 13.73 -4.97 -49.14
CA LEU B 320 14.78 -4.53 -48.24
C LEU B 320 15.67 -3.48 -48.91
N GLY B 321 15.66 -3.43 -50.25
CA GLY B 321 16.30 -2.32 -50.92
C GLY B 321 15.55 -1.02 -50.72
N MET B 322 14.24 -1.11 -50.47
CA MET B 322 13.43 0.08 -50.27
C MET B 322 13.55 0.58 -48.83
N MET B 323 13.78 -0.32 -47.87
CA MET B 323 13.98 0.13 -46.51
C MET B 323 15.33 0.82 -46.34
N ALA B 324 16.35 0.39 -47.09
CA ALA B 324 17.64 1.03 -47.00
C ALA B 324 17.65 2.35 -47.73
N LEU B 325 16.70 2.53 -48.66
CA LEU B 325 16.42 3.83 -49.24
C LEU B 325 15.97 4.80 -48.17
N LYS B 326 14.97 4.39 -47.37
CA LYS B 326 14.30 5.27 -46.43
C LYS B 326 15.20 5.72 -45.28
N VAL B 327 16.31 5.02 -45.03
CA VAL B 327 17.24 5.51 -44.03
C VAL B 327 18.03 6.68 -44.59
N LEU B 328 18.24 6.69 -45.90
CA LEU B 328 19.27 7.55 -46.46
C LEU B 328 18.72 8.83 -47.06
N GLU B 329 17.43 8.91 -47.36
CA GLU B 329 16.92 10.26 -47.59
C GLU B 329 16.52 10.98 -46.31
N LEU B 330 16.57 10.34 -45.15
CA LEU B 330 16.37 11.09 -43.92
C LEU B 330 17.68 11.69 -43.42
N SER B 331 18.81 11.04 -43.73
CA SER B 331 20.11 11.58 -43.41
C SER B 331 20.38 12.86 -44.20
N LEU B 332 19.96 12.90 -45.46
CA LEU B 332 20.00 14.13 -46.22
C LEU B 332 18.91 15.08 -45.78
N GLY B 333 17.69 14.57 -45.71
CA GLY B 333 16.52 15.33 -45.33
C GLY B 333 15.63 15.49 -46.53
N LEU B 334 14.68 14.56 -46.63
CA LEU B 334 13.72 14.49 -47.73
C LEU B 334 12.31 14.16 -47.27
N ARG B 335 12.15 13.53 -46.10
CA ARG B 335 10.87 13.41 -45.42
C ARG B 335 11.02 13.92 -44.00
N GLY B 336 10.03 13.66 -43.16
CA GLY B 336 10.09 13.97 -41.75
C GLY B 336 9.94 12.70 -40.93
N GLU B 337 10.17 12.84 -39.62
CA GLU B 337 10.14 11.68 -38.74
C GLU B 337 8.70 11.19 -38.57
N ASP B 338 8.53 9.89 -38.64
CA ASP B 338 7.20 9.29 -38.54
C ASP B 338 6.90 8.86 -37.11
N ASP B 339 5.80 9.35 -36.57
CA ASP B 339 5.49 9.17 -35.16
C ASP B 339 4.61 7.92 -35.00
N LYS B 340 4.95 7.07 -34.05
CA LYS B 340 4.24 5.81 -33.91
C LYS B 340 3.09 5.91 -32.90
N ASP B 341 2.31 6.98 -33.00
CA ASP B 341 1.10 7.15 -32.20
C ASP B 341 -0.05 7.58 -33.09
N HIS B 342 0.30 8.23 -34.20
CA HIS B 342 -0.64 8.71 -35.19
C HIS B 342 -1.49 7.57 -35.71
N TYR B 343 -2.81 7.68 -35.59
CA TYR B 343 -3.70 6.56 -35.95
C TYR B 343 -3.75 6.25 -37.44
N ALA B 344 -2.94 6.83 -38.33
CA ALA B 344 -2.82 6.29 -39.68
C ALA B 344 -2.11 4.96 -39.66
N ASN B 345 -1.13 4.78 -38.77
CA ASN B 345 -0.49 3.47 -38.64
C ASN B 345 -0.60 2.99 -37.20
N LYS B 346 -1.81 2.55 -36.84
CA LYS B 346 -2.04 1.77 -35.62
C LYS B 346 -3.41 1.12 -35.81
N ARG B 347 -3.43 -0.16 -36.17
CA ARG B 347 -4.68 -0.86 -36.44
C ARG B 347 -5.11 -1.69 -35.25
N LEU B 348 -6.34 -2.17 -35.29
CA LEU B 348 -6.93 -2.93 -34.20
C LEU B 348 -7.34 -4.30 -34.71
N LYS B 349 -6.57 -5.33 -34.38
CA LYS B 349 -7.05 -6.68 -34.57
C LYS B 349 -7.99 -7.01 -33.41
N LEU B 350 -9.15 -7.56 -33.73
CA LEU B 350 -10.18 -7.79 -32.73
C LEU B 350 -10.75 -9.20 -32.88
N ALA B 351 -11.90 -9.46 -32.25
CA ALA B 351 -12.35 -10.82 -31.95
C ALA B 351 -12.62 -11.68 -33.17
N GLY B 352 -12.80 -11.09 -34.35
CA GLY B 352 -12.84 -11.91 -35.56
C GLY B 352 -11.46 -12.39 -35.97
N ASP B 353 -10.46 -11.52 -35.89
CA ASP B 353 -9.12 -11.83 -36.36
C ASP B 353 -8.32 -12.59 -35.31
N LEU B 354 -8.54 -12.32 -34.02
CA LEU B 354 -7.84 -13.07 -32.99
C LEU B 354 -8.27 -14.53 -32.96
N LEU B 355 -9.57 -14.79 -33.10
CA LEU B 355 -10.08 -16.15 -32.95
C LEU B 355 -9.73 -17.03 -34.14
N LYS B 356 -9.37 -16.45 -35.29
CA LYS B 356 -8.84 -17.24 -36.39
C LYS B 356 -7.45 -17.76 -36.09
N ASP B 357 -6.64 -16.99 -35.35
CA ASP B 357 -5.31 -17.47 -34.97
C ASP B 357 -5.40 -18.61 -33.96
N LEU B 358 -6.42 -18.59 -33.09
CA LEU B 358 -6.59 -19.67 -32.14
C LEU B 358 -7.13 -20.91 -32.84
N PHE B 359 -7.86 -20.73 -33.94
CA PHE B 359 -8.36 -21.87 -34.70
C PHE B 359 -7.25 -22.53 -35.51
N ARG B 360 -6.29 -21.74 -36.00
CA ARG B 360 -5.20 -22.25 -36.83
C ARG B 360 -4.34 -23.24 -36.05
N VAL B 361 -4.01 -22.90 -34.81
CA VAL B 361 -3.17 -23.76 -33.99
C VAL B 361 -3.93 -25.01 -33.60
N ALA B 362 -5.21 -24.88 -33.23
CA ALA B 362 -5.96 -26.03 -32.76
C ALA B 362 -6.31 -26.99 -33.89
N PHE B 363 -6.51 -26.50 -35.11
CA PHE B 363 -6.78 -27.40 -36.23
C PHE B 363 -5.51 -28.03 -36.77
N GLY B 364 -4.39 -27.31 -36.73
CA GLY B 364 -3.13 -27.87 -37.20
C GLY B 364 -2.63 -28.98 -36.32
N GLN B 365 -2.93 -28.92 -35.02
CA GLN B 365 -2.60 -29.98 -34.09
C GLN B 365 -3.53 -31.18 -34.19
N LEU B 366 -4.77 -30.99 -34.65
CA LEU B 366 -5.66 -32.14 -34.84
C LEU B 366 -5.29 -32.94 -36.09
N VAL B 367 -4.82 -32.27 -37.15
CA VAL B 367 -4.40 -32.98 -38.36
C VAL B 367 -3.19 -33.85 -38.08
N LYS B 368 -2.22 -33.33 -37.32
CA LYS B 368 -1.03 -34.09 -36.97
C LYS B 368 -1.34 -35.26 -36.05
N ASP B 369 -2.39 -35.14 -35.22
CA ASP B 369 -2.81 -36.27 -34.39
C ASP B 369 -3.64 -37.28 -35.18
N MET B 370 -4.30 -36.85 -36.26
CA MET B 370 -5.03 -37.78 -37.13
C MET B 370 -4.08 -38.70 -37.88
N GLN B 371 -2.96 -38.16 -38.38
CA GLN B 371 -2.06 -38.94 -39.23
C GLN B 371 -1.33 -40.01 -38.43
N TYR B 372 -1.15 -39.81 -37.13
CA TYR B 372 -0.50 -40.80 -36.29
C TYR B 372 -1.40 -42.02 -36.07
N GLN B 373 -2.72 -41.81 -36.07
CA GLN B 373 -3.68 -42.89 -35.85
C GLN B 373 -4.00 -43.66 -37.11
N MET B 374 -3.56 -43.18 -38.28
CA MET B 374 -3.64 -43.98 -39.50
C MET B 374 -2.43 -44.90 -39.66
N THR B 375 -1.23 -44.40 -39.36
CA THR B 375 -0.05 -45.24 -39.50
C THR B 375 0.03 -46.29 -38.40
N LYS B 376 -0.55 -46.06 -37.22
CA LYS B 376 -0.55 -47.06 -36.16
C LYS B 376 -1.83 -47.87 -36.13
N THR B 377 -2.46 -48.07 -37.29
CA THR B 377 -3.63 -48.93 -37.44
C THR B 377 -3.59 -49.70 -38.76
N TYR B 378 -2.76 -49.27 -39.72
CA TYR B 378 -2.65 -49.94 -41.02
C TYR B 378 -2.12 -51.37 -40.90
N GLN B 379 -1.22 -51.62 -39.96
CA GLN B 379 -0.60 -52.94 -39.83
C GLN B 379 -1.28 -53.82 -38.80
N ARG B 380 -1.76 -53.21 -37.70
CA ARG B 380 -2.43 -53.94 -36.61
C ARG B 380 -3.64 -54.73 -37.09
N LYS B 381 -4.32 -54.29 -38.15
CA LYS B 381 -5.43 -55.03 -38.73
C LYS B 381 -5.24 -55.37 -40.20
N GLY B 382 -4.17 -54.88 -40.82
CA GLY B 382 -3.83 -55.25 -42.18
C GLY B 382 -4.74 -54.73 -43.28
N GLU B 383 -5.50 -55.64 -43.88
CA GLU B 383 -6.33 -55.33 -45.03
C GLU B 383 -7.79 -55.51 -44.68
N ARG B 384 -8.61 -54.56 -45.11
CA ARG B 384 -10.06 -54.64 -44.96
C ARG B 384 -10.68 -54.27 -46.31
N TYR B 385 -11.99 -53.96 -46.30
CA TYR B 385 -12.75 -53.71 -47.53
C TYR B 385 -12.20 -52.48 -48.25
N THR B 386 -11.85 -52.67 -49.54
CA THR B 386 -10.94 -51.76 -50.23
C THR B 386 -11.46 -50.34 -50.32
N PHE B 387 -12.62 -50.14 -50.94
CA PHE B 387 -13.19 -48.80 -51.02
C PHE B 387 -13.80 -48.34 -49.72
N GLU B 388 -14.19 -49.28 -48.86
CA GLU B 388 -14.72 -49.02 -47.53
C GLU B 388 -13.62 -48.96 -46.46
N ASN B 389 -12.35 -49.07 -46.87
CA ASN B 389 -11.25 -48.77 -45.96
C ASN B 389 -11.30 -47.33 -45.51
N ILE B 390 -11.24 -46.41 -46.47
CA ILE B 390 -11.20 -44.99 -46.13
C ILE B 390 -12.54 -44.52 -45.59
N GLN B 391 -13.63 -45.21 -45.94
CA GLN B 391 -14.89 -44.96 -45.28
C GLN B 391 -14.94 -45.48 -43.84
N ARG B 392 -13.98 -46.32 -43.44
CA ARG B 392 -13.88 -46.76 -42.06
C ARG B 392 -12.54 -46.48 -41.39
N PHE B 393 -11.48 -46.20 -42.15
CA PHE B 393 -10.24 -45.67 -41.56
C PHE B 393 -10.40 -44.24 -41.08
N VAL B 394 -11.15 -43.42 -41.81
CA VAL B 394 -11.26 -42.01 -41.47
C VAL B 394 -12.07 -41.81 -40.19
N ARG B 395 -13.28 -42.40 -40.13
CA ARG B 395 -14.18 -42.06 -39.03
C ARG B 395 -13.73 -42.64 -37.69
N ASN B 396 -12.87 -43.64 -37.68
CA ASN B 396 -12.41 -44.20 -36.41
C ASN B 396 -11.12 -43.54 -35.92
N SER B 397 -10.37 -42.88 -36.80
CA SER B 397 -9.06 -42.28 -36.51
C SER B 397 -9.13 -40.78 -36.22
N ILE B 398 -10.13 -40.27 -35.50
CA ILE B 398 -10.30 -38.83 -35.29
C ILE B 398 -10.28 -38.46 -33.81
N ARG B 399 -11.12 -39.12 -32.99
CA ARG B 399 -11.41 -38.85 -31.57
C ARG B 399 -11.66 -37.37 -31.26
N PRO B 400 -12.89 -36.87 -31.55
CA PRO B 400 -13.17 -35.43 -31.73
C PRO B 400 -12.74 -34.45 -30.66
N ASP B 401 -12.55 -34.92 -29.42
CA ASP B 401 -12.31 -34.04 -28.28
C ASP B 401 -10.97 -33.31 -28.30
N VAL B 402 -10.07 -33.66 -29.22
CA VAL B 402 -8.76 -33.00 -29.27
C VAL B 402 -8.89 -31.56 -29.73
N LEU B 403 -9.81 -31.29 -30.67
CA LEU B 403 -10.00 -29.94 -31.17
C LEU B 403 -10.59 -29.00 -30.12
N SER B 404 -11.67 -29.43 -29.47
CA SER B 404 -12.52 -28.47 -28.77
C SER B 404 -11.96 -28.02 -27.42
N GLU B 405 -11.22 -28.88 -26.73
CA GLU B 405 -10.57 -28.48 -25.48
C GLU B 405 -9.56 -27.35 -25.67
N ARG B 406 -8.72 -27.44 -26.70
CA ARG B 406 -7.80 -26.34 -27.01
C ARG B 406 -8.51 -25.02 -27.29
N ILE B 407 -9.71 -25.07 -27.88
CA ILE B 407 -10.49 -23.84 -28.07
C ILE B 407 -10.95 -23.29 -26.73
N GLU B 408 -11.51 -24.16 -25.87
CA GLU B 408 -12.11 -23.70 -24.62
C GLU B 408 -11.05 -23.26 -23.60
N HIS B 409 -10.02 -24.09 -23.38
CA HIS B 409 -9.10 -23.83 -22.28
C HIS B 409 -8.21 -22.62 -22.55
N ALA B 410 -7.99 -22.28 -23.81
CA ALA B 410 -7.21 -21.09 -24.12
C ALA B 410 -8.04 -19.83 -23.93
N LEU B 411 -9.35 -19.93 -23.97
CA LEU B 411 -10.21 -18.77 -23.84
C LEU B 411 -10.86 -18.68 -22.46
N ALA B 412 -10.86 -19.76 -21.68
CA ALA B 412 -11.26 -19.71 -20.29
C ALA B 412 -10.11 -19.37 -19.35
N THR B 413 -8.94 -19.03 -19.90
CA THR B 413 -7.81 -18.64 -19.09
C THR B 413 -7.18 -17.37 -19.66
N GLY B 414 -7.25 -17.20 -20.97
CA GLY B 414 -6.68 -16.03 -21.60
C GLY B 414 -5.18 -16.06 -21.74
N SER B 415 -4.64 -17.12 -22.32
CA SER B 415 -3.21 -17.24 -22.58
C SER B 415 -3.07 -17.96 -23.91
N TRP B 416 -2.91 -17.25 -24.89
CA TRP B 416 -3.01 -17.83 -26.21
C TRP B 416 -1.64 -18.28 -26.72
N PRO B 417 -1.58 -19.28 -27.59
CA PRO B 417 -0.27 -19.86 -27.96
C PRO B 417 0.63 -18.94 -28.78
N GLY B 418 0.13 -17.82 -29.29
CA GLY B 418 1.02 -16.87 -29.93
C GLY B 418 1.95 -16.19 -28.95
N GLY B 419 1.44 -15.82 -27.79
CA GLY B 419 2.20 -15.15 -26.75
C GLY B 419 1.39 -14.10 -26.01
N ARG B 420 0.22 -13.78 -26.54
CA ARG B 420 -0.66 -12.84 -25.87
C ARG B 420 -1.21 -13.39 -24.56
N THR B 421 -1.22 -12.54 -23.53
CA THR B 421 -1.78 -12.89 -22.22
C THR B 421 -2.88 -11.89 -21.90
N GLY B 422 -3.93 -12.38 -21.25
CA GLY B 422 -5.05 -11.54 -20.82
C GLY B 422 -5.81 -10.97 -22.00
N VAL B 423 -6.41 -11.86 -22.78
CA VAL B 423 -7.22 -11.51 -23.94
C VAL B 423 -8.67 -11.95 -23.74
N SER B 424 -8.98 -12.49 -22.57
CA SER B 424 -10.33 -12.95 -22.24
C SER B 424 -10.60 -12.54 -20.81
N GLN B 425 -11.29 -11.42 -20.66
CA GLN B 425 -11.59 -10.83 -19.36
C GLN B 425 -13.08 -10.98 -19.08
N LEU B 426 -13.43 -11.50 -17.90
CA LEU B 426 -14.82 -11.83 -17.61
C LEU B 426 -15.67 -10.56 -17.57
N LEU B 427 -16.93 -10.70 -17.99
CA LEU B 427 -17.77 -9.56 -18.33
C LEU B 427 -18.20 -8.82 -17.08
N ASP B 428 -17.78 -7.56 -16.95
CA ASP B 428 -18.13 -6.76 -15.80
C ASP B 428 -19.61 -6.41 -15.84
N ARG B 429 -20.35 -6.77 -14.78
CA ARG B 429 -21.79 -6.86 -14.91
C ARG B 429 -22.60 -5.84 -14.10
N THR B 430 -22.03 -5.19 -13.08
CA THR B 430 -22.76 -4.17 -12.32
C THR B 430 -23.18 -2.99 -13.19
N ASN B 431 -24.41 -2.48 -12.96
CA ASN B 431 -25.00 -1.23 -13.49
C ASN B 431 -24.80 -0.93 -14.97
N TYR B 432 -25.79 -1.30 -15.79
CA TYR B 432 -25.87 -1.30 -17.26
C TYR B 432 -24.94 -0.37 -18.04
N MET B 433 -24.63 0.82 -17.52
CA MET B 433 -23.53 1.61 -18.10
C MET B 433 -22.18 0.93 -18.04
N SER B 434 -21.98 -0.07 -17.18
CA SER B 434 -20.67 -0.69 -17.08
C SER B 434 -20.54 -2.02 -17.78
N THR B 435 -21.63 -2.67 -18.17
CA THR B 435 -21.49 -3.79 -19.09
C THR B 435 -21.27 -3.28 -20.50
N LEU B 436 -21.93 -2.17 -20.84
CA LEU B 436 -21.84 -1.61 -22.17
C LEU B 436 -20.48 -0.98 -22.40
N SER B 437 -19.93 -0.35 -21.37
CA SER B 437 -18.62 0.27 -21.49
C SER B 437 -17.51 -0.75 -21.56
N HIS B 438 -17.72 -1.98 -21.08
CA HIS B 438 -16.70 -3.01 -21.17
C HIS B 438 -16.69 -3.69 -22.52
N LEU B 439 -17.71 -3.51 -23.34
CA LEU B 439 -17.72 -4.02 -24.69
C LEU B 439 -17.09 -3.07 -25.68
N ARG B 440 -16.57 -1.94 -25.22
CA ARG B 440 -15.96 -0.94 -26.09
C ARG B 440 -14.51 -0.67 -25.77
N ARG B 441 -13.85 -1.47 -24.94
CA ARG B 441 -12.49 -1.12 -24.53
C ARG B 441 -11.51 -1.37 -25.66
N VAL B 442 -10.42 -0.61 -25.64
CA VAL B 442 -9.31 -0.80 -26.55
C VAL B 442 -8.07 -0.75 -25.67
N THR B 443 -7.44 -1.89 -25.46
CA THR B 443 -6.25 -1.93 -24.62
C THR B 443 -5.01 -1.84 -25.49
N SER B 444 -3.86 -1.68 -24.85
CA SER B 444 -2.61 -1.48 -25.56
C SER B 444 -1.52 -2.34 -24.95
N PRO B 445 -0.87 -3.20 -25.72
CA PRO B 445 0.12 -4.10 -25.12
C PRO B 445 1.45 -3.42 -24.82
N LEU B 446 1.68 -3.10 -23.55
CA LEU B 446 2.96 -2.56 -23.09
C LEU B 446 3.20 -3.07 -21.68
N SER B 447 4.18 -2.48 -21.01
CA SER B 447 4.43 -2.77 -19.59
C SER B 447 3.63 -1.84 -18.70
N ARG B 448 3.06 -2.40 -17.63
CA ARG B 448 2.18 -1.60 -16.79
C ARG B 448 2.94 -0.62 -15.90
N ASP B 449 4.20 -0.90 -15.58
CA ASP B 449 4.88 -0.18 -14.50
C ASP B 449 5.90 0.85 -14.96
N GLN B 450 6.72 0.54 -15.97
CA GLN B 450 7.78 1.46 -16.39
C GLN B 450 7.15 2.66 -17.08
N PRO B 451 7.70 3.86 -16.89
CA PRO B 451 7.06 5.05 -17.46
C PRO B 451 7.22 5.12 -18.97
N HIS B 452 6.11 5.43 -19.63
CA HIS B 452 6.04 5.69 -21.05
C HIS B 452 5.43 7.07 -21.15
N PHE B 453 6.26 8.10 -21.09
CA PHE B 453 5.73 9.45 -21.09
C PHE B 453 5.24 9.89 -22.47
N GLU B 454 5.66 9.20 -23.52
CA GLU B 454 5.21 9.54 -24.86
C GLU B 454 4.10 8.61 -25.36
N ALA B 455 3.77 7.56 -24.61
CA ALA B 455 2.70 6.66 -25.00
C ALA B 455 1.50 6.72 -24.04
N ARG B 456 1.50 7.62 -23.08
CA ARG B 456 0.36 7.86 -22.21
C ARG B 456 -0.28 9.23 -22.44
N ASP B 457 0.12 9.94 -23.49
CA ASP B 457 -0.39 11.27 -23.79
C ASP B 457 -1.72 11.21 -24.51
N LEU B 458 -2.13 12.31 -25.13
CA LEU B 458 -3.41 12.41 -25.83
C LEU B 458 -3.12 13.11 -27.13
N HIS B 459 -3.27 12.41 -28.24
CA HIS B 459 -2.73 12.81 -29.52
C HIS B 459 -3.86 13.37 -30.38
N GLY B 460 -3.48 14.13 -31.42
CA GLY B 460 -4.50 14.81 -32.22
C GLY B 460 -5.35 13.87 -33.06
N THR B 461 -4.88 12.66 -33.33
CA THR B 461 -5.69 11.71 -34.07
C THR B 461 -6.81 11.09 -33.24
N HIS B 462 -6.80 11.26 -31.91
CA HIS B 462 -7.83 10.69 -31.05
C HIS B 462 -9.15 11.43 -31.11
N TRP B 463 -9.22 12.54 -31.83
CA TRP B 463 -10.42 13.36 -31.93
C TRP B 463 -11.58 12.60 -32.57
N GLY B 464 -12.61 12.29 -31.80
CA GLY B 464 -13.76 11.62 -32.36
C GLY B 464 -13.67 10.12 -32.48
N ARG B 465 -12.55 9.51 -32.13
CA ARG B 465 -12.39 8.07 -32.15
C ARG B 465 -12.19 7.49 -30.77
N ILE B 466 -11.45 8.20 -29.91
CA ILE B 466 -11.11 7.78 -28.56
C ILE B 466 -11.60 8.86 -27.61
N CYS B 467 -12.20 8.45 -26.51
CA CYS B 467 -12.74 9.38 -25.54
C CYS B 467 -11.60 10.11 -24.83
N PRO B 468 -11.72 11.44 -24.63
CA PRO B 468 -10.63 12.17 -23.97
C PRO B 468 -10.58 11.97 -22.48
N THR B 469 -11.66 11.51 -21.85
CA THR B 469 -11.76 11.56 -20.40
C THR B 469 -11.68 10.20 -19.72
N GLU B 470 -12.27 9.17 -20.31
CA GLU B 470 -12.43 7.88 -19.63
C GLU B 470 -11.09 7.16 -19.58
N THR B 471 -10.51 7.09 -18.39
CA THR B 471 -9.25 6.39 -18.18
C THR B 471 -9.16 5.95 -16.73
N PRO B 472 -9.07 4.65 -16.44
CA PRO B 472 -9.03 4.23 -15.04
C PRO B 472 -7.68 4.54 -14.44
N GLU B 473 -7.70 4.94 -13.18
CA GLU B 473 -6.49 5.39 -12.52
C GLU B 473 -5.82 4.29 -11.72
N GLY B 474 -4.51 4.41 -11.64
CA GLY B 474 -3.66 3.38 -11.10
C GLY B 474 -2.32 3.48 -11.79
N PRO B 475 -1.69 2.34 -12.04
CA PRO B 475 -0.45 2.37 -12.83
C PRO B 475 -0.70 2.52 -14.31
N ASN B 476 -1.89 2.15 -14.80
CA ASN B 476 -2.21 2.28 -16.22
C ASN B 476 -2.22 3.73 -16.66
N CYS B 477 -3.23 4.47 -16.20
CA CYS B 477 -3.48 5.90 -16.46
C CYS B 477 -3.18 6.31 -17.90
N GLY B 478 -3.72 5.55 -18.85
CA GLY B 478 -3.49 5.93 -20.22
C GLY B 478 -2.91 4.86 -21.12
N LEU B 479 -3.13 3.61 -20.74
CA LEU B 479 -2.83 2.49 -21.61
C LEU B 479 -4.06 1.69 -21.93
N VAL B 480 -5.16 1.88 -21.23
CA VAL B 480 -6.46 1.35 -21.61
C VAL B 480 -7.38 2.54 -21.86
N LYS B 481 -8.05 2.53 -23.00
CA LYS B 481 -8.79 3.69 -23.47
C LYS B 481 -10.04 3.21 -24.17
N ASN B 482 -11.05 4.07 -24.24
CA ASN B 482 -12.35 3.66 -24.75
C ASN B 482 -12.65 4.35 -26.07
N LEU B 483 -13.35 3.63 -26.94
CA LEU B 483 -13.78 4.20 -28.22
C LEU B 483 -14.79 5.31 -27.99
N ALA B 484 -14.81 6.27 -28.91
CA ALA B 484 -15.80 7.32 -28.84
C ALA B 484 -17.17 6.78 -29.22
N LEU B 485 -18.18 7.63 -29.09
CA LEU B 485 -19.56 7.21 -29.33
C LEU B 485 -20.01 7.47 -30.76
N MET B 486 -19.13 8.03 -31.59
CA MET B 486 -19.37 8.16 -33.04
C MET B 486 -18.11 7.70 -33.76
N SER B 487 -18.02 6.41 -34.01
CA SER B 487 -16.88 5.84 -34.71
C SER B 487 -17.33 4.60 -35.45
N GLN B 488 -16.48 4.13 -36.36
CA GLN B 488 -16.82 2.96 -37.14
C GLN B 488 -15.55 2.22 -37.49
N ILE B 489 -15.60 0.89 -37.47
CA ILE B 489 -14.43 0.06 -37.70
C ILE B 489 -14.61 -0.64 -39.05
N THR B 490 -13.55 -0.64 -39.86
CA THR B 490 -13.60 -1.22 -41.20
C THR B 490 -13.76 -2.73 -41.15
N THR B 491 -14.45 -3.27 -42.16
CA THR B 491 -14.75 -4.70 -42.20
C THR B 491 -13.74 -5.50 -43.01
N GLY B 492 -13.65 -5.23 -44.30
CA GLY B 492 -12.82 -5.97 -45.21
C GLY B 492 -13.44 -6.05 -46.59
N ILE B 493 -12.61 -6.42 -47.56
CA ILE B 493 -13.00 -6.48 -48.97
C ILE B 493 -11.94 -7.35 -49.67
N PRO B 494 -12.26 -8.04 -50.75
CA PRO B 494 -11.21 -8.72 -51.52
C PRO B 494 -10.29 -7.75 -52.21
N GLU B 495 -8.98 -8.04 -52.12
CA GLU B 495 -7.96 -7.12 -52.59
C GLU B 495 -7.93 -7.05 -54.11
N ARG B 496 -8.15 -8.19 -54.77
CA ARG B 496 -7.89 -8.33 -56.20
C ARG B 496 -8.83 -7.46 -57.04
N GLU B 497 -10.02 -7.17 -56.53
CA GLU B 497 -10.96 -6.31 -57.24
C GLU B 497 -10.47 -4.88 -57.34
N VAL B 498 -9.76 -4.40 -56.31
CA VAL B 498 -9.23 -3.05 -56.36
C VAL B 498 -8.02 -2.97 -57.30
N ARG B 499 -7.21 -4.04 -57.34
CA ARG B 499 -6.02 -4.09 -58.19
C ARG B 499 -6.36 -3.99 -59.67
N GLU B 500 -7.42 -4.68 -60.10
CA GLU B 500 -7.84 -4.63 -61.49
C GLU B 500 -8.46 -3.27 -61.82
N TYR B 501 -9.11 -2.66 -60.83
CA TYR B 501 -9.87 -1.44 -61.05
C TYR B 501 -8.97 -0.24 -61.30
N LEU B 502 -7.83 -0.17 -60.63
CA LEU B 502 -6.91 0.93 -60.86
C LEU B 502 -6.10 0.81 -62.14
N MET B 503 -5.94 -0.40 -62.69
CA MET B 503 -5.06 -0.59 -63.83
C MET B 503 -5.60 0.06 -65.11
N LYS B 504 -6.92 0.15 -65.25
CA LYS B 504 -7.47 0.78 -66.44
C LYS B 504 -7.64 2.29 -66.28
N MET B 505 -7.56 2.80 -65.05
CA MET B 505 -7.74 4.22 -64.76
C MET B 505 -6.47 5.04 -64.92
N GLY B 506 -5.41 4.48 -65.49
CA GLY B 506 -4.21 5.26 -65.73
C GLY B 506 -3.00 4.86 -64.93
N VAL B 507 -3.05 3.75 -64.19
CA VAL B 507 -1.90 3.31 -63.43
C VAL B 507 -0.85 2.70 -64.37
N VAL B 508 0.33 3.30 -64.37
CA VAL B 508 1.46 2.84 -65.18
C VAL B 508 2.36 2.01 -64.27
N PRO B 509 2.51 0.69 -64.51
CA PRO B 509 3.07 -0.18 -63.47
C PRO B 509 4.58 -0.03 -63.27
N ILE B 510 5.13 -0.92 -62.43
CA ILE B 510 6.51 -0.80 -61.98
C ILE B 510 7.51 -1.12 -63.10
N GLU B 511 7.05 -1.78 -64.17
CA GLU B 511 7.90 -2.11 -65.31
C GLU B 511 8.44 -0.87 -66.02
N GLU B 512 7.72 0.25 -65.94
CA GLU B 512 8.04 1.44 -66.73
C GLU B 512 8.72 2.54 -65.94
N ARG B 513 8.54 2.57 -64.61
CA ARG B 513 8.90 3.71 -63.80
C ARG B 513 10.41 3.97 -63.79
N ARG B 514 10.76 5.24 -63.74
CA ARG B 514 12.15 5.71 -63.63
C ARG B 514 12.66 5.67 -62.19
N PRO B 515 11.92 6.14 -61.15
CA PRO B 515 10.71 6.95 -60.96
C PRO B 515 10.97 8.45 -60.81
N ALA B 516 12.07 8.82 -60.23
CA ALA B 516 12.27 10.18 -59.79
C ALA B 516 12.88 11.04 -60.88
N PRO B 517 12.55 12.35 -60.91
CA PRO B 517 11.44 12.95 -60.16
C PRO B 517 10.14 12.90 -60.95
N GLY B 518 9.28 11.90 -60.79
CA GLY B 518 8.15 11.81 -61.67
C GLY B 518 6.76 12.04 -61.11
N LEU B 519 6.63 12.45 -59.84
CA LEU B 519 5.34 12.73 -59.20
C LEU B 519 4.39 11.52 -59.24
N TYR B 520 4.74 10.50 -58.47
CA TYR B 520 4.36 9.12 -58.75
C TYR B 520 4.05 8.42 -57.43
N ARG B 521 4.19 7.09 -57.40
CA ARG B 521 4.11 6.25 -56.21
C ARG B 521 2.73 6.17 -55.56
N VAL B 522 1.76 5.61 -56.28
CA VAL B 522 0.48 5.23 -55.70
C VAL B 522 0.68 3.99 -54.86
N TYR B 523 0.37 4.06 -53.56
CA TYR B 523 0.52 2.88 -52.72
C TYR B 523 -0.83 2.16 -52.57
N LEU B 524 -0.77 0.97 -51.99
CA LEU B 524 -1.97 0.16 -51.74
C LEU B 524 -1.66 -0.77 -50.57
N ASN B 525 -2.16 -0.41 -49.37
CA ASN B 525 -1.98 -1.20 -48.14
C ASN B 525 -0.51 -1.44 -47.79
N GLY B 526 0.36 -0.48 -48.09
CA GLY B 526 1.78 -0.65 -47.86
C GLY B 526 2.54 -1.21 -49.03
N VAL B 527 1.90 -1.91 -49.93
CA VAL B 527 2.56 -2.41 -51.13
C VAL B 527 2.63 -1.29 -52.15
N LEU B 528 3.78 -1.16 -52.81
CA LEU B 528 3.94 -0.17 -53.87
C LEU B 528 3.60 -0.84 -55.19
N ILE B 529 2.54 -0.37 -55.83
CA ILE B 529 2.20 -0.81 -57.18
C ILE B 529 1.89 0.40 -58.05
N GLY B 530 2.52 0.47 -59.21
CA GLY B 530 2.17 1.45 -60.21
C GLY B 530 2.51 2.91 -59.98
N THR B 531 2.37 3.71 -61.05
CA THR B 531 2.65 5.13 -61.07
C THR B 531 1.60 5.83 -61.93
N VAL B 532 1.17 7.02 -61.51
CA VAL B 532 0.30 7.86 -62.32
C VAL B 532 0.94 9.24 -62.44
N GLU B 533 0.58 9.94 -63.51
CA GLU B 533 1.34 11.14 -63.87
C GLU B 533 0.88 12.37 -63.10
N ASP B 534 -0.41 12.70 -63.18
CA ASP B 534 -0.93 13.91 -62.57
C ASP B 534 -1.64 13.55 -61.27
N GLY B 535 -1.18 14.16 -60.17
CA GLY B 535 -1.78 13.87 -58.88
C GLY B 535 -3.19 14.40 -58.75
N ARG B 536 -3.40 15.66 -59.18
CA ARG B 536 -4.70 16.32 -59.01
C ARG B 536 -5.79 15.69 -59.86
N LYS B 537 -5.43 15.03 -60.95
CA LYS B 537 -6.47 14.38 -61.74
C LYS B 537 -6.92 13.10 -61.07
N LEU B 538 -5.98 12.32 -60.53
CA LEU B 538 -6.29 10.98 -60.07
C LEU B 538 -6.90 10.95 -58.67
N VAL B 539 -6.48 11.84 -57.77
CA VAL B 539 -7.01 11.78 -56.40
C VAL B 539 -8.44 12.31 -56.33
N GLU B 540 -8.85 13.15 -57.27
CA GLU B 540 -10.25 13.58 -57.31
C GLU B 540 -11.10 12.57 -58.03
N ARG B 541 -10.49 11.76 -58.90
CA ARG B 541 -11.23 10.84 -59.73
C ARG B 541 -11.81 9.70 -58.91
N ILE B 542 -11.05 9.19 -57.95
CA ILE B 542 -11.53 8.08 -57.14
C ILE B 542 -12.58 8.56 -56.14
N ARG B 543 -12.39 9.74 -55.56
CA ARG B 543 -13.36 10.27 -54.61
C ARG B 543 -14.68 10.63 -55.27
N ALA B 544 -14.64 11.07 -56.53
CA ALA B 544 -15.87 11.38 -57.23
C ALA B 544 -16.61 10.12 -57.62
N ASP B 545 -15.87 9.03 -57.85
CA ASP B 545 -16.50 7.76 -58.16
C ASP B 545 -17.11 7.11 -56.94
N ARG B 546 -16.49 7.27 -55.76
CA ARG B 546 -17.05 6.73 -54.53
C ARG B 546 -18.35 7.39 -54.15
N ARG B 547 -18.47 8.70 -54.40
CA ARG B 547 -19.72 9.42 -54.14
C ARG B 547 -20.66 9.41 -55.34
N ALA B 548 -20.56 8.39 -56.17
CA ALA B 548 -21.54 8.09 -57.20
C ALA B 548 -22.17 6.73 -56.99
N GLY B 549 -21.40 5.74 -56.56
CA GLY B 549 -21.92 4.41 -56.25
C GLY B 549 -21.29 3.29 -57.03
N LYS B 550 -20.33 3.56 -57.91
CA LYS B 550 -19.75 2.51 -58.74
C LYS B 550 -18.83 1.60 -57.92
N ILE B 551 -17.80 2.18 -57.29
CA ILE B 551 -16.91 1.39 -56.45
C ILE B 551 -17.60 1.13 -55.11
N SER B 552 -17.09 0.15 -54.37
CA SER B 552 -17.59 -0.17 -53.05
C SER B 552 -17.29 0.95 -52.08
N ASP B 553 -17.96 0.90 -50.92
CA ASP B 553 -17.95 2.04 -50.02
C ASP B 553 -16.81 2.06 -48.99
N VAL B 554 -15.91 1.08 -48.99
CA VAL B 554 -14.76 1.22 -48.10
C VAL B 554 -13.50 1.37 -48.94
N ILE B 555 -13.22 2.61 -49.34
CA ILE B 555 -12.07 3.06 -50.13
C ILE B 555 -11.88 4.53 -49.80
N ASN B 556 -10.67 4.95 -49.46
CA ASN B 556 -10.50 6.37 -49.14
C ASN B 556 -9.09 6.82 -49.46
N VAL B 557 -9.01 7.93 -50.18
CA VAL B 557 -7.80 8.38 -50.85
C VAL B 557 -7.28 9.61 -50.16
N ALA B 558 -6.02 9.58 -49.78
CA ALA B 558 -5.34 10.71 -49.19
C ALA B 558 -4.19 11.10 -50.09
N LEU B 559 -3.80 12.37 -50.03
CA LEU B 559 -2.71 12.87 -50.84
C LEU B 559 -1.66 13.44 -49.90
N TYR B 560 -0.41 13.33 -50.30
CA TYR B 560 0.70 13.89 -49.54
C TYR B 560 1.41 14.90 -50.42
N GLU B 561 1.57 16.10 -49.89
CA GLU B 561 1.91 17.27 -50.70
C GLU B 561 3.19 17.96 -50.30
N ASP B 562 4.26 17.20 -50.09
CA ASP B 562 5.55 17.77 -49.74
C ASP B 562 6.10 18.61 -50.91
N GLU B 563 7.07 19.48 -50.59
CA GLU B 563 7.66 20.36 -51.59
C GLU B 563 8.39 19.61 -52.70
N GLU B 564 8.89 18.40 -52.42
CA GLU B 564 9.62 17.64 -53.41
C GLU B 564 9.13 16.22 -53.57
N VAL B 565 8.27 15.75 -52.68
CA VAL B 565 7.85 14.36 -52.61
C VAL B 565 6.35 14.32 -52.84
N LYS B 566 5.87 13.29 -53.53
CA LYS B 566 4.43 13.17 -53.75
C LYS B 566 4.05 11.70 -53.70
N GLU B 567 3.16 11.35 -52.77
CA GLU B 567 2.60 10.02 -52.67
C GLU B 567 1.08 10.09 -52.73
N VAL B 568 0.49 9.06 -53.32
CA VAL B 568 -0.96 8.89 -53.37
C VAL B 568 -1.31 7.62 -52.62
N TYR B 569 -2.06 7.74 -51.54
CA TYR B 569 -2.34 6.60 -50.67
C TYR B 569 -3.74 6.05 -50.91
N ILE B 570 -3.83 4.72 -51.02
CA ILE B 570 -5.10 4.00 -51.06
C ILE B 570 -5.07 3.01 -49.91
N ASN B 571 -6.17 2.90 -49.17
CA ASN B 571 -6.20 2.07 -47.97
C ASN B 571 -7.35 1.08 -48.05
N SER B 572 -7.03 -0.21 -47.99
CA SER B 572 -8.07 -1.23 -48.10
C SER B 572 -7.83 -2.42 -47.16
N ASP B 573 -7.38 -2.18 -45.93
CA ASP B 573 -7.20 -3.25 -44.95
C ASP B 573 -8.48 -3.41 -44.12
N ASP B 574 -8.41 -4.13 -42.99
CA ASP B 574 -9.62 -4.55 -42.28
C ASP B 574 -9.70 -4.10 -40.84
N GLY B 575 -8.78 -3.27 -40.36
CA GLY B 575 -8.81 -2.91 -38.96
C GLY B 575 -8.62 -1.44 -38.64
N ARG B 576 -9.00 -0.55 -39.55
CA ARG B 576 -8.85 0.86 -39.30
C ARG B 576 -10.00 1.37 -38.44
N VAL B 577 -9.88 2.62 -37.99
CA VAL B 577 -10.91 3.27 -37.18
C VAL B 577 -11.33 4.54 -37.90
N ARG B 578 -12.63 4.70 -38.14
CA ARG B 578 -13.10 5.80 -38.96
C ARG B 578 -14.14 6.62 -38.22
N ARG B 579 -14.60 7.68 -38.91
CA ARG B 579 -15.41 8.73 -38.33
C ARG B 579 -16.28 9.37 -39.40
N PRO B 580 -17.56 9.64 -39.11
CA PRO B 580 -18.45 10.21 -40.12
C PRO B 580 -18.52 11.73 -40.15
N LEU B 581 -18.48 12.28 -41.36
CA LEU B 581 -18.67 13.71 -41.60
C LEU B 581 -19.62 13.92 -42.77
N ILE B 582 -20.08 15.16 -42.94
CA ILE B 582 -21.00 15.54 -44.00
C ILE B 582 -20.22 16.34 -45.03
N VAL B 583 -20.33 15.97 -46.30
CA VAL B 583 -19.64 16.70 -47.36
C VAL B 583 -20.24 18.09 -47.53
N VAL B 584 -19.39 19.10 -47.58
CA VAL B 584 -19.79 20.44 -47.98
C VAL B 584 -19.22 20.67 -49.38
N GLU B 585 -19.84 21.58 -50.13
CA GLU B 585 -19.46 21.76 -51.52
C GLU B 585 -19.74 23.20 -51.94
N ASN B 586 -18.67 23.94 -52.22
CA ASN B 586 -18.71 25.34 -52.69
C ASN B 586 -19.48 26.27 -51.76
N GLY B 587 -19.54 25.97 -50.46
CA GLY B 587 -20.16 26.83 -49.49
C GLY B 587 -21.49 26.34 -48.96
N LYS B 588 -22.13 25.39 -49.63
CA LYS B 588 -23.44 24.94 -49.19
C LYS B 588 -23.35 23.55 -48.60
N PRO B 589 -23.92 23.32 -47.41
CA PRO B 589 -23.97 21.96 -46.87
C PRO B 589 -24.92 21.10 -47.69
N LYS B 590 -24.44 19.93 -48.10
CA LYS B 590 -25.19 19.12 -49.03
C LYS B 590 -26.32 18.36 -48.34
N LEU B 591 -27.42 18.21 -49.09
CA LEU B 591 -28.65 17.52 -48.66
C LEU B 591 -29.23 18.12 -47.37
N THR B 592 -29.79 19.31 -47.55
CA THR B 592 -30.54 20.04 -46.53
C THR B 592 -31.94 19.45 -46.37
N ARG B 593 -32.85 20.26 -45.77
CA ARG B 593 -34.05 19.81 -45.05
C ARG B 593 -34.89 18.74 -45.74
N GLU B 594 -34.87 18.69 -47.08
CA GLU B 594 -35.75 17.82 -47.85
C GLU B 594 -35.51 16.35 -47.55
N HIS B 595 -34.26 16.00 -47.20
CA HIS B 595 -33.95 14.66 -46.71
C HIS B 595 -34.18 14.51 -45.22
N VAL B 596 -34.17 15.60 -44.46
CA VAL B 596 -34.23 15.46 -43.01
C VAL B 596 -35.65 15.08 -42.57
N GLU B 597 -36.68 15.57 -43.27
CA GLU B 597 -38.00 15.02 -43.03
C GLU B 597 -38.11 13.59 -43.53
N GLY B 598 -37.31 13.23 -44.54
CA GLY B 598 -37.27 11.84 -44.96
C GLY B 598 -36.61 10.94 -43.92
N ILE B 599 -35.60 11.45 -43.23
CA ILE B 599 -35.04 10.70 -42.10
C ILE B 599 -36.02 10.70 -40.94
N LYS B 600 -36.72 11.82 -40.72
CA LYS B 600 -37.72 11.89 -39.68
C LYS B 600 -38.92 10.99 -39.97
N ASN B 601 -39.23 10.78 -41.24
CA ASN B 601 -40.26 9.82 -41.61
C ASN B 601 -39.63 8.46 -41.81
N GLY B 602 -40.41 7.49 -42.27
CA GLY B 602 -39.88 6.15 -42.43
C GLY B 602 -39.37 5.82 -43.81
N THR B 603 -39.03 6.85 -44.60
CA THR B 603 -38.68 6.60 -45.99
C THR B 603 -37.27 6.03 -46.12
N LEU B 604 -36.26 6.79 -45.70
CA LEU B 604 -34.87 6.38 -45.90
C LEU B 604 -34.15 6.39 -44.55
N THR B 605 -32.87 6.04 -44.57
CA THR B 605 -32.10 5.83 -43.34
C THR B 605 -30.61 5.98 -43.66
N TRP B 606 -29.76 5.71 -42.66
CA TRP B 606 -28.31 5.76 -42.81
C TRP B 606 -27.76 4.84 -43.89
N SER B 607 -28.46 3.75 -44.20
CA SER B 607 -28.03 2.92 -45.30
C SER B 607 -28.19 3.65 -46.63
N ASP B 608 -29.16 4.56 -46.72
CA ASP B 608 -29.40 5.28 -47.96
C ASP B 608 -28.58 6.56 -48.10
N LEU B 609 -28.16 7.19 -47.00
CA LEU B 609 -27.44 8.46 -47.13
C LEU B 609 -26.01 8.26 -47.61
N ILE B 610 -25.35 7.17 -47.23
CA ILE B 610 -23.98 6.95 -47.68
C ILE B 610 -23.94 6.41 -49.11
N ARG B 611 -25.04 5.86 -49.61
CA ARG B 611 -25.12 5.43 -51.00
C ARG B 611 -25.40 6.61 -51.92
N MET B 612 -26.14 7.59 -51.41
CA MET B 612 -26.53 8.78 -52.14
C MET B 612 -25.41 9.81 -52.17
N GLY B 613 -24.39 9.61 -51.35
CA GLY B 613 -23.19 10.43 -51.39
C GLY B 613 -23.38 11.76 -50.68
N VAL B 614 -23.67 11.70 -49.39
CA VAL B 614 -23.65 12.90 -48.56
C VAL B 614 -22.91 12.69 -47.26
N ILE B 615 -22.71 11.46 -46.82
CA ILE B 615 -21.98 11.15 -45.61
C ILE B 615 -20.69 10.50 -46.07
N GLU B 616 -19.58 10.85 -45.46
CA GLU B 616 -18.31 10.33 -45.91
C GLU B 616 -17.55 9.82 -44.70
N TYR B 617 -16.99 8.63 -44.82
CA TYR B 617 -16.19 8.04 -43.76
C TYR B 617 -14.72 8.33 -44.00
N LEU B 618 -14.12 9.11 -43.11
CA LEU B 618 -12.71 9.42 -43.21
C LEU B 618 -11.90 8.48 -42.32
N ASP B 619 -10.68 8.17 -42.76
CA ASP B 619 -9.67 7.51 -41.93
C ASP B 619 -9.02 8.52 -40.99
N ALA B 620 -7.93 8.10 -40.39
CA ALA B 620 -7.01 9.09 -39.86
C ALA B 620 -6.20 9.73 -40.98
N GLU B 621 -6.04 9.04 -42.11
CA GLU B 621 -5.13 9.46 -43.16
C GLU B 621 -5.77 10.36 -44.20
N GLU B 622 -7.02 10.12 -44.60
CA GLU B 622 -7.69 11.06 -45.51
C GLU B 622 -8.04 12.36 -44.81
N GLU B 623 -8.20 12.32 -43.49
CA GLU B 623 -8.61 13.48 -42.73
C GLU B 623 -7.51 14.53 -42.65
N GLU B 624 -6.29 14.14 -43.01
CA GLU B 624 -5.17 15.07 -43.09
C GLU B 624 -5.40 16.16 -44.14
N ASN B 625 -6.06 15.83 -45.26
CA ASN B 625 -6.28 16.82 -46.31
C ASN B 625 -7.49 17.70 -46.10
N ALA B 626 -8.35 17.38 -45.13
CA ALA B 626 -9.59 18.11 -44.94
C ALA B 626 -9.37 19.39 -44.13
N TYR B 627 -10.46 20.16 -43.98
CA TYR B 627 -10.46 21.40 -43.20
C TYR B 627 -11.90 21.58 -42.74
N VAL B 628 -12.17 21.22 -41.49
CA VAL B 628 -13.50 20.91 -41.01
C VAL B 628 -14.05 22.06 -40.18
N ALA B 629 -15.31 22.41 -40.43
CA ALA B 629 -16.01 23.42 -39.66
C ALA B 629 -16.57 22.78 -38.39
N THR B 630 -17.23 23.57 -37.55
CA THR B 630 -17.76 23.04 -36.30
C THR B 630 -19.25 23.21 -36.17
N TRP B 631 -19.82 24.18 -36.85
CA TRP B 631 -21.23 24.51 -36.74
C TRP B 631 -21.72 24.80 -38.15
N PRO B 632 -23.02 24.69 -38.39
CA PRO B 632 -23.54 25.12 -39.69
C PRO B 632 -23.55 26.63 -39.88
N TRP B 633 -23.33 27.42 -38.82
CA TRP B 633 -23.29 28.87 -38.97
C TRP B 633 -22.09 29.31 -39.80
N GLU B 634 -20.89 28.83 -39.46
CA GLU B 634 -19.67 29.35 -40.07
C GLU B 634 -19.18 28.35 -41.10
N VAL B 635 -19.67 28.51 -42.34
CA VAL B 635 -19.19 27.71 -43.47
C VAL B 635 -18.96 28.59 -44.70
N THR B 636 -17.71 28.95 -44.95
CA THR B 636 -17.39 29.77 -46.10
C THR B 636 -17.18 28.86 -47.31
N GLU B 637 -16.63 29.40 -48.40
CA GLU B 637 -16.25 28.58 -49.54
C GLU B 637 -14.79 28.14 -49.45
N GLU B 638 -14.42 27.61 -48.30
CA GLU B 638 -13.04 27.22 -48.06
C GLU B 638 -13.02 25.83 -47.43
N HIS B 639 -14.10 25.48 -46.74
CA HIS B 639 -14.16 24.22 -46.01
C HIS B 639 -14.34 23.05 -46.96
N THR B 640 -14.06 21.85 -46.45
CA THR B 640 -14.25 20.61 -47.20
C THR B 640 -15.22 19.64 -46.58
N HIS B 641 -15.55 19.78 -45.30
CA HIS B 641 -16.53 18.93 -44.67
C HIS B 641 -17.34 19.76 -43.70
N LEU B 642 -18.18 19.09 -42.93
CA LEU B 642 -18.99 19.73 -41.90
C LEU B 642 -19.31 18.68 -40.86
N GLU B 643 -19.10 19.02 -39.59
CA GLU B 643 -19.31 18.11 -38.49
C GLU B 643 -20.77 17.74 -38.35
N LEU B 644 -21.03 16.60 -37.73
CA LEU B 644 -22.33 16.27 -37.16
C LEU B 644 -22.44 16.95 -35.80
N MET B 645 -23.30 16.49 -34.91
CA MET B 645 -23.28 17.07 -33.57
C MET B 645 -21.93 16.80 -32.91
N PRO B 646 -21.28 17.82 -32.36
CA PRO B 646 -19.97 17.62 -31.71
C PRO B 646 -20.08 17.32 -30.23
N ALA B 647 -21.28 17.07 -29.72
CA ALA B 647 -21.50 16.68 -28.35
C ALA B 647 -21.36 15.19 -28.16
N ALA B 648 -20.64 14.52 -29.06
CA ALA B 648 -20.43 13.09 -29.04
C ALA B 648 -18.96 12.76 -29.22
N ILE B 649 -18.08 13.75 -28.98
CA ILE B 649 -16.65 13.48 -28.94
C ILE B 649 -16.34 12.45 -27.88
N LEU B 650 -16.84 12.66 -26.68
CA LEU B 650 -16.56 11.84 -25.52
C LEU B 650 -17.33 10.53 -25.55
N GLY B 651 -16.93 9.62 -24.66
CA GLY B 651 -17.39 8.25 -24.63
C GLY B 651 -18.80 8.07 -24.11
N ILE B 652 -19.12 6.82 -23.81
CA ILE B 652 -20.45 6.48 -23.31
C ILE B 652 -20.61 6.70 -21.79
N PRO B 653 -19.71 6.32 -20.87
CA PRO B 653 -19.85 6.83 -19.50
C PRO B 653 -19.23 8.19 -19.25
N ALA B 654 -18.81 8.95 -20.26
CA ALA B 654 -18.48 10.34 -20.05
C ALA B 654 -19.55 11.28 -20.59
N SER B 655 -20.60 10.74 -21.18
CA SER B 655 -21.75 11.53 -21.58
C SER B 655 -22.87 11.43 -20.57
N LEU B 656 -22.54 11.04 -19.34
CA LEU B 656 -23.51 10.99 -18.27
C LEU B 656 -23.43 12.24 -17.41
N VAL B 657 -22.30 12.93 -17.42
CA VAL B 657 -22.06 14.10 -16.59
C VAL B 657 -22.73 15.31 -17.24
N PRO B 658 -23.69 15.95 -16.59
CA PRO B 658 -24.32 17.13 -17.18
C PRO B 658 -23.44 18.35 -17.06
N TYR B 659 -23.49 19.17 -18.09
CA TYR B 659 -22.66 20.33 -18.35
C TYR B 659 -21.18 20.01 -18.17
N PRO B 660 -20.59 19.15 -18.99
CA PRO B 660 -19.22 18.73 -18.74
C PRO B 660 -18.22 19.68 -19.36
N GLU B 661 -18.66 20.89 -19.71
CA GLU B 661 -17.74 21.89 -20.22
C GLU B 661 -17.42 22.95 -19.17
N HIS B 662 -18.09 22.91 -18.02
CA HIS B 662 -17.81 23.85 -16.95
C HIS B 662 -16.83 23.31 -15.91
N ASN B 663 -16.77 22.00 -15.70
CA ASN B 663 -15.91 21.47 -14.65
C ASN B 663 -14.45 21.51 -15.07
N ALA B 664 -13.57 21.20 -14.13
CA ALA B 664 -12.16 21.01 -14.43
C ALA B 664 -11.96 19.68 -15.16
N ALA B 665 -10.75 19.45 -15.63
CA ALA B 665 -10.51 18.17 -16.30
C ALA B 665 -10.29 16.98 -15.37
N PRO B 666 -9.52 17.05 -14.26
CA PRO B 666 -9.45 15.85 -13.40
C PRO B 666 -10.71 15.55 -12.64
N ARG B 667 -11.67 16.49 -12.54
CA ARG B 667 -12.92 16.15 -11.88
C ARG B 667 -13.80 15.32 -12.78
N ASN B 668 -13.71 15.50 -14.10
CA ASN B 668 -14.49 14.68 -15.00
C ASN B 668 -13.98 13.24 -15.04
N THR B 669 -12.66 13.06 -14.93
CA THR B 669 -12.07 11.72 -14.98
C THR B 669 -12.52 10.88 -13.79
N TYR B 670 -12.67 11.49 -12.62
CA TYR B 670 -13.25 10.76 -11.50
C TYR B 670 -14.73 10.54 -11.71
N GLY B 671 -15.39 11.48 -12.40
CA GLY B 671 -16.83 11.35 -12.62
C GLY B 671 -17.19 10.30 -13.63
N ALA B 672 -16.37 10.13 -14.67
CA ALA B 672 -16.60 9.08 -15.64
C ALA B 672 -16.02 7.75 -15.20
N GLY B 673 -15.37 7.71 -14.05
CA GLY B 673 -14.93 6.48 -13.42
C GLY B 673 -15.85 6.01 -12.32
N MET B 674 -16.98 6.68 -12.11
CA MET B 674 -17.94 6.27 -11.11
C MET B 674 -19.33 6.07 -11.67
N ALA B 675 -19.55 6.35 -12.94
CA ALA B 675 -20.74 5.83 -13.57
C ALA B 675 -20.61 4.36 -13.89
N LYS B 676 -19.41 3.79 -13.77
CA LYS B 676 -19.15 2.38 -13.94
C LYS B 676 -19.14 1.60 -12.63
N GLN B 677 -19.55 2.21 -11.51
CA GLN B 677 -19.52 1.51 -10.24
C GLN B 677 -20.75 1.68 -9.36
N SER B 678 -21.70 2.55 -9.70
CA SER B 678 -22.89 2.79 -8.89
C SER B 678 -23.78 1.57 -8.81
N LEU B 679 -24.62 1.55 -7.78
CA LEU B 679 -25.66 0.54 -7.72
C LEU B 679 -26.81 0.98 -8.62
N GLY B 680 -27.64 0.02 -9.01
CA GLY B 680 -28.78 0.35 -9.83
C GLY B 680 -29.40 -0.83 -10.53
N LEU B 681 -30.70 -0.79 -10.76
CA LEU B 681 -31.43 -1.83 -11.47
C LEU B 681 -31.04 -1.81 -12.95
N GLY B 682 -30.20 -2.74 -13.35
CA GLY B 682 -29.68 -2.71 -14.70
C GLY B 682 -30.47 -3.54 -15.70
N TRP B 683 -30.93 -4.72 -15.30
CA TRP B 683 -31.65 -5.62 -16.18
C TRP B 683 -32.89 -6.19 -15.50
N ALA B 684 -33.83 -6.61 -16.32
CA ALA B 684 -35.09 -7.14 -15.82
C ALA B 684 -34.97 -8.57 -15.34
N ASN B 685 -33.95 -9.31 -15.78
CA ASN B 685 -33.86 -10.72 -15.43
C ASN B 685 -32.93 -10.97 -14.26
N PHE B 686 -32.92 -10.08 -13.26
CA PHE B 686 -32.09 -10.32 -12.09
C PHE B 686 -32.67 -11.42 -11.21
N ARG B 687 -33.94 -11.75 -11.40
CA ARG B 687 -34.54 -12.79 -10.59
C ARG B 687 -34.12 -14.18 -11.09
N ILE B 688 -34.33 -14.47 -12.37
CA ILE B 688 -33.89 -15.75 -12.93
C ILE B 688 -32.52 -15.53 -13.55
N ARG B 689 -31.49 -15.69 -12.73
CA ARG B 689 -30.12 -15.50 -13.15
C ARG B 689 -29.26 -16.02 -12.02
N VAL B 690 -28.12 -16.60 -12.36
CA VAL B 690 -27.14 -17.00 -11.37
C VAL B 690 -25.83 -16.32 -11.70
N ASP B 691 -25.56 -15.23 -11.01
CA ASP B 691 -24.29 -14.55 -11.10
C ASP B 691 -23.73 -14.51 -9.69
N THR B 692 -22.41 -14.32 -9.59
CA THR B 692 -21.73 -14.56 -8.32
C THR B 692 -22.12 -13.52 -7.26
N ARG B 693 -22.17 -12.24 -7.62
CA ARG B 693 -22.78 -11.25 -6.72
C ARG B 693 -23.46 -10.16 -7.52
N GLY B 694 -24.68 -9.84 -7.14
CA GLY B 694 -25.46 -8.83 -7.82
C GLY B 694 -25.97 -7.82 -6.82
N HIS B 695 -26.43 -6.70 -7.34
CA HIS B 695 -26.96 -5.62 -6.52
C HIS B 695 -28.27 -5.15 -7.12
N LEU B 696 -29.09 -4.56 -6.26
CA LEU B 696 -30.43 -4.13 -6.65
C LEU B 696 -30.82 -3.00 -5.73
N MET B 697 -31.33 -1.93 -6.30
CA MET B 697 -31.68 -0.71 -5.56
C MET B 697 -33.17 -0.52 -5.71
N HIS B 698 -33.87 -0.42 -4.58
CA HIS B 698 -35.32 -0.61 -4.57
C HIS B 698 -36.09 0.44 -5.36
N TYR B 699 -35.73 1.72 -5.24
CA TYR B 699 -36.48 2.81 -5.87
C TYR B 699 -35.55 3.66 -6.72
N PRO B 700 -35.11 3.20 -7.87
CA PRO B 700 -34.25 4.02 -8.72
C PRO B 700 -35.07 5.11 -9.37
N GLN B 701 -34.40 6.18 -9.76
CA GLN B 701 -35.07 7.32 -10.38
C GLN B 701 -34.34 7.77 -11.62
N VAL B 702 -35.12 8.08 -12.66
CA VAL B 702 -34.63 8.80 -13.84
C VAL B 702 -34.11 10.15 -13.40
N PRO B 703 -32.93 10.56 -13.80
CA PRO B 703 -32.39 11.83 -13.32
C PRO B 703 -33.14 12.99 -13.94
N LEU B 704 -33.08 14.12 -13.24
CA LEU B 704 -33.29 15.43 -13.82
C LEU B 704 -31.97 15.82 -14.46
N VAL B 705 -31.82 17.10 -14.82
CA VAL B 705 -31.13 17.58 -16.03
C VAL B 705 -29.87 16.82 -16.45
N ASN B 706 -29.89 16.30 -17.67
CA ASN B 706 -28.86 15.39 -18.16
C ASN B 706 -28.68 15.62 -19.65
N SER B 707 -27.81 14.83 -20.26
CA SER B 707 -27.60 14.97 -21.69
C SER B 707 -28.79 14.41 -22.45
N ARG B 708 -28.88 14.79 -23.73
CA ARG B 708 -29.88 14.17 -24.59
C ARG B 708 -29.39 12.87 -25.19
N ILE B 709 -28.15 12.46 -24.92
CA ILE B 709 -27.67 11.17 -25.42
C ILE B 709 -28.18 10.04 -24.56
N MET B 710 -28.26 10.25 -23.25
CA MET B 710 -28.64 9.19 -22.33
C MET B 710 -30.13 8.87 -22.34
N LYS B 711 -30.92 9.55 -23.15
CA LYS B 711 -32.26 9.07 -23.41
C LYS B 711 -32.27 8.04 -24.53
N ALA B 712 -31.29 8.11 -25.43
CA ALA B 712 -31.24 7.28 -26.63
C ALA B 712 -30.09 6.27 -26.58
N VAL B 713 -29.77 5.78 -25.39
CA VAL B 713 -28.94 4.60 -25.21
C VAL B 713 -29.74 3.60 -24.39
N GLY B 714 -30.61 4.12 -23.53
CA GLY B 714 -31.43 3.28 -22.67
C GLY B 714 -31.28 3.55 -21.20
N PHE B 715 -30.39 4.46 -20.82
CA PHE B 715 -30.09 4.71 -19.42
C PHE B 715 -31.26 5.32 -18.68
N GLU B 716 -32.14 6.04 -19.38
CA GLU B 716 -33.36 6.56 -18.75
C GLU B 716 -34.48 5.54 -18.76
N ASP B 717 -34.15 4.26 -18.91
CA ASP B 717 -35.11 3.18 -18.80
C ASP B 717 -34.65 2.11 -17.83
N ARG B 718 -33.35 2.02 -17.56
CA ARG B 718 -32.83 1.18 -16.48
C ARG B 718 -31.80 2.02 -15.71
N PRO B 719 -32.27 2.99 -14.91
CA PRO B 719 -31.35 4.00 -14.36
C PRO B 719 -30.71 3.56 -13.07
N ALA B 720 -29.94 4.43 -12.43
CA ALA B 720 -29.17 4.01 -11.26
C ALA B 720 -28.89 5.21 -10.37
N GLY B 721 -29.62 5.33 -9.26
CA GLY B 721 -29.38 6.44 -8.35
C GLY B 721 -30.59 7.31 -8.07
N GLN B 722 -30.59 8.08 -6.99
CA GLN B 722 -31.76 8.82 -6.57
C GLN B 722 -31.46 10.31 -6.60
N ASN B 723 -32.48 11.12 -6.29
CA ASN B 723 -32.40 12.58 -6.38
C ASN B 723 -32.55 13.16 -4.97
N PHE B 724 -31.45 13.51 -4.34
CA PHE B 724 -31.51 14.13 -3.03
C PHE B 724 -31.78 15.62 -3.17
N VAL B 725 -31.89 16.34 -2.06
CA VAL B 725 -32.12 17.79 -2.06
C VAL B 725 -31.14 18.45 -1.10
N VAL B 726 -30.01 18.91 -1.61
CA VAL B 726 -28.86 19.27 -0.80
C VAL B 726 -28.93 20.71 -0.33
N ALA B 727 -28.06 21.07 0.60
CA ALA B 727 -27.85 22.44 1.04
C ALA B 727 -26.37 22.60 1.26
N VAL B 728 -25.87 23.83 1.20
CA VAL B 728 -24.43 24.06 1.27
C VAL B 728 -24.20 24.95 2.48
N LEU B 729 -23.85 24.34 3.61
CA LEU B 729 -23.51 25.08 4.82
C LEU B 729 -22.70 24.15 5.69
N SER B 730 -21.86 24.72 6.54
CA SER B 730 -20.99 23.93 7.41
C SER B 730 -21.73 23.63 8.70
N TYR B 731 -21.97 22.36 8.96
CA TYR B 731 -22.72 21.96 10.14
C TYR B 731 -21.74 21.75 11.28
N HIS B 732 -22.14 21.06 12.35
CA HIS B 732 -21.41 21.02 13.63
C HIS B 732 -20.01 20.44 13.61
N GLY B 733 -19.48 20.07 12.47
CA GLY B 733 -18.07 19.77 12.39
C GLY B 733 -17.92 18.43 11.74
N TYR B 734 -19.02 17.69 11.70
CA TYR B 734 -18.97 16.32 11.23
C TYR B 734 -18.75 16.24 9.73
N ASN B 735 -19.20 17.22 8.96
CA ASN B 735 -18.96 17.18 7.52
C ASN B 735 -17.75 18.05 7.14
N MET B 736 -16.59 17.66 7.64
CA MET B 736 -15.36 18.32 7.25
C MET B 736 -14.48 17.37 6.48
N GLU B 737 -13.85 17.90 5.44
CA GLU B 737 -12.89 17.21 4.60
C GLU B 737 -13.53 15.99 3.93
N ASP B 738 -14.54 16.30 3.11
CA ASP B 738 -15.33 15.35 2.33
C ASP B 738 -16.03 14.29 3.19
N ALA B 739 -16.95 14.76 4.02
CA ALA B 739 -18.02 13.92 4.54
C ALA B 739 -19.34 14.55 4.13
N VAL B 740 -20.45 14.01 4.64
CA VAL B 740 -21.78 14.50 4.33
C VAL B 740 -22.72 13.98 5.41
N ILE B 741 -23.82 14.70 5.64
CA ILE B 741 -24.70 14.45 6.80
C ILE B 741 -26.10 14.17 6.29
N ILE B 742 -26.45 12.90 6.12
CA ILE B 742 -27.75 12.55 5.58
C ILE B 742 -28.81 12.63 6.67
N ASN B 743 -30.06 12.86 6.27
CA ASN B 743 -31.16 12.94 7.21
C ASN B 743 -31.44 11.56 7.82
N LYS B 744 -32.11 11.55 8.95
CA LYS B 744 -32.50 10.28 9.56
C LYS B 744 -33.86 9.78 9.08
N ALA B 745 -34.87 10.66 9.12
CA ALA B 745 -36.20 10.25 8.72
C ALA B 745 -36.30 10.06 7.23
N SER B 746 -35.32 10.56 6.47
CA SER B 746 -35.33 10.38 5.03
C SER B 746 -34.71 9.04 4.64
N ILE B 747 -33.75 8.55 5.43
CA ILE B 747 -33.33 7.16 5.33
C ILE B 747 -34.47 6.22 5.68
N GLU B 748 -35.24 6.59 6.68
CA GLU B 748 -36.18 5.67 7.28
C GLU B 748 -37.51 5.64 6.54
N ARG B 749 -37.58 6.27 5.38
CA ARG B 749 -38.73 6.20 4.50
C ARG B 749 -38.41 5.66 3.13
N GLY B 750 -37.13 5.49 2.79
CA GLY B 750 -36.83 4.93 1.49
C GLY B 750 -35.61 5.33 0.69
N LEU B 751 -34.80 6.28 1.13
CA LEU B 751 -33.62 6.65 0.35
C LEU B 751 -32.57 5.53 0.34
N ALA B 752 -32.26 5.03 -0.85
CA ALA B 752 -31.11 4.15 -1.13
C ALA B 752 -31.15 2.80 -0.41
N ARG B 753 -32.32 2.27 -0.11
CA ARG B 753 -32.42 0.93 0.49
C ARG B 753 -32.01 -0.11 -0.54
N SER B 754 -30.80 -0.69 -0.41
CA SER B 754 -30.25 -1.54 -1.46
C SER B 754 -30.01 -2.97 -1.00
N THR B 755 -30.22 -3.91 -1.92
CA THR B 755 -30.17 -5.36 -1.73
C THR B 755 -28.86 -5.93 -2.26
N PHE B 756 -28.43 -7.07 -1.71
CA PHE B 756 -27.17 -7.73 -2.05
C PHE B 756 -27.36 -9.23 -2.17
N PHE B 757 -26.84 -9.82 -3.24
CA PHE B 757 -27.02 -11.23 -3.59
C PHE B 757 -25.67 -11.93 -3.63
N ARG B 758 -25.65 -13.23 -3.31
CA ARG B 758 -24.54 -14.10 -3.68
C ARG B 758 -25.14 -15.38 -4.21
N THR B 759 -24.30 -16.34 -4.59
CA THR B 759 -24.78 -17.65 -5.04
C THR B 759 -23.70 -18.69 -4.73
N TYR B 760 -24.13 -19.94 -4.61
CA TYR B 760 -23.24 -21.03 -4.27
C TYR B 760 -23.50 -22.20 -5.22
N GLU B 761 -22.46 -22.98 -5.51
CA GLU B 761 -22.55 -23.93 -6.62
C GLU B 761 -22.07 -25.33 -6.21
N ALA B 762 -22.62 -25.85 -5.11
CA ALA B 762 -22.29 -27.21 -4.68
C ALA B 762 -22.79 -28.25 -5.69
N GLU B 763 -21.97 -29.29 -5.92
CA GLU B 763 -22.25 -30.32 -6.93
C GLU B 763 -22.11 -31.74 -6.41
N GLU B 764 -22.08 -32.72 -7.32
CA GLU B 764 -21.93 -34.14 -6.98
C GLU B 764 -20.98 -34.76 -7.98
N LYS B 765 -19.71 -34.92 -7.60
CA LYS B 765 -18.69 -35.40 -8.52
C LYS B 765 -18.67 -36.93 -8.60
N ARG B 766 -17.95 -37.45 -9.59
CA ARG B 766 -17.73 -38.89 -9.73
C ARG B 766 -16.23 -39.15 -9.77
N TYR B 767 -15.75 -39.96 -8.83
CA TYR B 767 -14.36 -40.37 -8.89
C TYR B 767 -14.19 -41.44 -9.96
N LEU B 768 -12.93 -41.74 -10.30
CA LEU B 768 -12.67 -42.72 -11.34
C LEU B 768 -12.75 -44.16 -10.84
N GLY B 769 -12.84 -44.37 -9.52
CA GLY B 769 -12.99 -45.72 -9.01
C GLY B 769 -14.37 -46.29 -9.14
N GLY B 770 -15.39 -45.44 -9.19
CA GLY B 770 -16.77 -45.88 -9.23
C GLY B 770 -17.60 -45.44 -8.04
N GLN B 771 -16.98 -44.90 -6.99
CA GLN B 771 -17.68 -44.46 -5.79
C GLN B 771 -18.07 -43.00 -5.96
N LYS B 772 -19.36 -42.72 -5.84
CA LYS B 772 -19.96 -41.41 -6.01
C LYS B 772 -20.47 -40.93 -4.67
N ASP B 773 -20.19 -39.67 -4.34
CA ASP B 773 -20.54 -39.14 -3.03
C ASP B 773 -21.99 -38.71 -3.03
N ASN B 774 -22.76 -39.27 -2.10
CA ASN B 774 -24.17 -38.92 -1.97
C ASN B 774 -24.31 -37.89 -0.87
N PHE B 775 -25.27 -36.99 -1.04
CA PHE B 775 -25.50 -35.94 -0.04
C PHE B 775 -26.78 -36.24 0.74
N GLU B 776 -26.74 -36.04 2.05
CA GLU B 776 -27.87 -36.35 2.92
C GLU B 776 -27.74 -35.51 4.17
N VAL B 777 -28.43 -35.93 5.24
CA VAL B 777 -28.27 -35.33 6.55
C VAL B 777 -27.09 -36.04 7.22
N PRO B 778 -26.05 -35.33 7.62
CA PRO B 778 -24.94 -35.99 8.34
C PRO B 778 -25.34 -36.50 9.71
N SER B 779 -24.86 -37.70 10.02
CA SER B 779 -25.06 -38.34 11.31
C SER B 779 -24.03 -37.79 12.28
N PRO B 780 -24.20 -38.02 13.59
CA PRO B 780 -23.20 -37.53 14.55
C PRO B 780 -21.81 -38.15 14.42
N ASN B 781 -21.71 -39.42 14.01
CA ASN B 781 -20.44 -40.15 14.06
C ASN B 781 -19.36 -39.52 13.19
N ILE B 782 -19.70 -39.13 11.95
CA ILE B 782 -18.76 -39.19 10.81
C ILE B 782 -17.61 -38.20 11.00
N GLN B 783 -16.43 -38.61 10.52
CA GLN B 783 -15.20 -37.84 10.68
C GLN B 783 -15.31 -36.48 9.99
N GLY B 784 -14.73 -35.48 10.62
CA GLY B 784 -14.71 -34.13 10.10
C GLY B 784 -15.98 -33.33 10.32
N TYR B 785 -16.77 -33.69 11.34
CA TYR B 785 -17.99 -32.97 11.69
C TYR B 785 -17.71 -31.49 11.91
N LEU B 786 -18.50 -30.63 11.25
CA LEU B 786 -18.35 -29.20 11.44
C LEU B 786 -18.83 -28.82 12.82
N GLY B 787 -19.94 -29.40 13.25
CA GLY B 787 -20.52 -29.08 14.53
C GLY B 787 -21.88 -29.71 14.62
N GLU B 788 -22.67 -29.23 15.56
CA GLU B 788 -24.03 -29.70 15.72
C GLU B 788 -24.89 -28.48 15.94
N LYS B 789 -26.17 -28.64 15.62
CA LYS B 789 -27.18 -27.58 15.67
C LYS B 789 -26.83 -26.46 14.69
N TYR B 790 -26.18 -26.83 13.59
CA TYR B 790 -26.05 -26.01 12.40
C TYR B 790 -26.87 -26.60 11.27
N TYR B 791 -27.49 -27.75 11.52
CA TYR B 791 -28.23 -28.49 10.52
C TYR B 791 -29.72 -28.42 10.82
N ARG B 792 -30.16 -27.31 11.40
CA ARG B 792 -31.56 -27.21 11.78
C ARG B 792 -32.42 -26.72 10.63
N HIS B 793 -31.80 -26.33 9.52
CA HIS B 793 -32.51 -25.79 8.39
C HIS B 793 -32.60 -26.74 7.21
N LEU B 794 -31.78 -27.79 7.18
CA LEU B 794 -31.84 -28.70 6.04
C LEU B 794 -33.09 -29.56 6.12
N ASP B 795 -33.54 -30.01 4.95
CA ASP B 795 -34.60 -30.99 4.89
C ASP B 795 -33.97 -32.38 4.85
N GLU B 796 -34.77 -33.40 4.51
CA GLU B 796 -34.29 -34.78 4.53
C GLU B 796 -33.23 -35.03 3.47
N ASP B 797 -33.49 -34.60 2.23
CA ASP B 797 -32.58 -34.92 1.14
C ASP B 797 -31.31 -34.07 1.16
N GLY B 798 -31.31 -32.94 1.84
CA GLY B 798 -30.09 -32.17 1.94
C GLY B 798 -30.15 -30.80 1.29
N LEU B 799 -31.34 -30.22 1.23
CA LEU B 799 -31.56 -28.94 0.59
C LEU B 799 -32.32 -28.01 1.52
N ILE B 800 -31.89 -26.76 1.60
CA ILE B 800 -32.56 -25.80 2.49
C ILE B 800 -33.86 -25.38 1.82
N PHE B 801 -34.97 -25.59 2.51
CA PHE B 801 -36.22 -25.04 2.03
C PHE B 801 -36.19 -23.52 2.18
N PRO B 802 -36.67 -22.78 1.20
CA PRO B 802 -36.37 -21.34 1.11
C PRO B 802 -36.99 -20.50 2.22
N GLU B 803 -36.53 -19.24 2.24
CA GLU B 803 -36.92 -18.20 3.20
C GLU B 803 -36.67 -18.64 4.65
N SER B 804 -35.40 -18.79 4.97
CA SER B 804 -34.96 -19.09 6.32
C SER B 804 -33.75 -18.23 6.64
N LYS B 805 -33.73 -17.65 7.84
CA LYS B 805 -32.69 -16.69 8.23
C LYS B 805 -31.37 -17.38 8.52
N VAL B 806 -30.67 -17.74 7.44
CA VAL B 806 -29.36 -18.36 7.53
C VAL B 806 -28.35 -17.31 7.98
N GLU B 807 -27.58 -17.62 9.02
CA GLU B 807 -26.65 -16.62 9.53
C GLU B 807 -25.40 -17.27 10.10
N GLY B 808 -24.30 -16.52 10.07
CA GLY B 808 -23.09 -16.98 10.71
C GLY B 808 -22.31 -17.95 9.86
N LYS B 809 -22.15 -19.19 10.36
CA LYS B 809 -21.52 -20.27 9.63
C LYS B 809 -22.51 -21.40 9.40
N ASP B 810 -23.79 -21.07 9.13
CA ASP B 810 -24.76 -22.11 8.90
C ASP B 810 -24.54 -22.81 7.56
N VAL B 811 -24.87 -24.10 7.54
CA VAL B 811 -24.63 -24.92 6.37
C VAL B 811 -25.68 -24.62 5.31
N LEU B 812 -25.41 -25.05 4.09
CA LEU B 812 -26.33 -24.86 2.98
C LEU B 812 -26.77 -26.17 2.35
N VAL B 813 -25.89 -27.16 2.28
CA VAL B 813 -26.16 -28.45 1.67
C VAL B 813 -25.30 -29.46 2.41
N GLY B 814 -25.91 -30.51 2.95
CA GLY B 814 -25.16 -31.49 3.71
C GLY B 814 -24.59 -32.56 2.81
N ARG B 815 -23.28 -32.65 2.70
CA ARG B 815 -22.59 -33.52 1.76
C ARG B 815 -21.81 -34.61 2.49
N THR B 816 -22.02 -35.86 2.12
CA THR B 816 -21.17 -36.94 2.59
C THR B 816 -20.22 -37.31 1.47
N SER B 817 -18.96 -37.46 1.80
CA SER B 817 -17.92 -37.84 0.86
C SER B 817 -17.56 -39.32 1.03
N PRO B 818 -16.98 -39.98 0.02
CA PRO B 818 -16.69 -41.41 0.17
C PRO B 818 -15.30 -41.65 0.75
N PRO B 819 -15.16 -42.74 1.63
CA PRO B 819 -13.96 -43.05 2.45
C PRO B 819 -12.61 -42.40 2.16
N ARG B 820 -12.18 -42.41 0.90
CA ARG B 820 -10.94 -41.80 0.44
C ARG B 820 -9.69 -42.38 1.08
N PHE B 821 -9.19 -43.49 0.50
CA PHE B 821 -8.05 -44.35 0.88
C PHE B 821 -8.13 -45.02 2.25
N ILE B 822 -8.84 -46.15 2.30
CA ILE B 822 -9.00 -46.89 3.54
C ILE B 822 -7.66 -47.53 3.93
N GLU B 823 -6.79 -47.80 2.93
CA GLU B 823 -5.48 -48.43 3.12
C GLU B 823 -4.42 -47.55 2.48
N GLU B 824 -3.99 -46.51 3.20
CA GLU B 824 -2.78 -45.80 2.80
C GLU B 824 -1.81 -45.61 3.95
N GLN B 825 -2.31 -45.30 5.14
CA GLN B 825 -1.49 -44.85 6.26
C GLN B 825 -1.31 -45.98 7.28
N SER B 826 -2.43 -46.51 7.78
CA SER B 826 -2.54 -47.43 8.91
C SER B 826 -1.79 -46.90 10.13
N SER B 827 -2.24 -45.72 10.58
CA SER B 827 -1.60 -44.99 11.68
C SER B 827 -2.23 -45.36 13.02
N LEU B 828 -2.22 -46.68 13.29
CA LEU B 828 -2.53 -47.31 14.57
C LEU B 828 -4.01 -47.26 14.97
N GLY B 829 -4.85 -46.54 14.24
CA GLY B 829 -6.27 -46.65 14.49
C GLY B 829 -7.15 -46.53 13.26
N SER B 830 -6.55 -46.30 12.10
CA SER B 830 -7.30 -45.99 10.90
C SER B 830 -7.78 -47.24 10.18
N MET B 831 -7.39 -48.42 10.65
CA MET B 831 -7.79 -49.69 10.07
C MET B 831 -9.23 -50.05 10.41
N VAL B 832 -9.72 -49.65 11.58
CA VAL B 832 -11.00 -50.11 12.09
C VAL B 832 -12.13 -49.12 11.81
N LEU B 833 -11.80 -47.81 11.77
CA LEU B 833 -12.84 -46.79 11.70
C LEU B 833 -13.56 -46.78 10.35
N GLN B 834 -12.80 -46.68 9.25
CA GLN B 834 -13.24 -46.95 7.88
C GLN B 834 -14.37 -46.05 7.37
N GLY B 835 -14.72 -45.00 8.11
CA GLY B 835 -15.91 -44.21 7.82
C GLY B 835 -15.72 -43.20 6.71
N ARG B 836 -16.39 -42.06 6.86
CA ARG B 836 -16.41 -41.06 5.80
C ARG B 836 -15.94 -39.73 6.38
N ARG B 837 -15.50 -38.85 5.50
CA ARG B 837 -14.94 -37.56 5.88
C ARG B 837 -15.86 -36.43 5.43
N GLU B 838 -16.54 -35.78 6.39
CA GLU B 838 -17.54 -34.76 6.11
C GLU B 838 -16.95 -33.53 5.41
N THR B 839 -17.47 -33.22 4.24
CA THR B 839 -17.15 -31.99 3.53
C THR B 839 -18.50 -31.36 3.22
N SER B 840 -18.58 -30.04 3.07
CA SER B 840 -19.84 -29.38 2.72
C SER B 840 -19.55 -27.99 2.19
N VAL B 841 -20.60 -27.17 2.10
CA VAL B 841 -20.51 -25.75 1.75
C VAL B 841 -21.29 -24.96 2.78
N THR B 842 -20.77 -23.81 3.15
CA THR B 842 -21.39 -22.97 4.13
C THR B 842 -21.10 -21.52 3.77
N VAL B 843 -22.01 -20.63 4.20
CA VAL B 843 -21.89 -19.21 3.89
C VAL B 843 -20.59 -18.67 4.46
N ARG B 844 -20.09 -17.61 3.86
CA ARG B 844 -18.81 -17.07 4.28
C ARG B 844 -18.94 -16.44 5.66
N PRO B 845 -18.02 -16.71 6.57
CA PRO B 845 -18.32 -16.55 8.01
C PRO B 845 -18.30 -15.14 8.56
N SER B 846 -18.89 -14.19 7.86
CA SER B 846 -19.15 -12.89 8.44
C SER B 846 -20.47 -12.30 7.99
N GLU B 847 -21.19 -12.97 7.09
CA GLU B 847 -22.36 -12.38 6.46
C GLU B 847 -23.63 -12.89 7.13
N LYS B 848 -24.78 -12.56 6.54
CA LYS B 848 -26.05 -12.88 7.13
C LYS B 848 -27.07 -12.96 6.00
N GLY B 849 -28.35 -12.97 6.32
CA GLY B 849 -29.39 -12.82 5.32
C GLY B 849 -30.31 -14.02 5.24
N VAL B 850 -31.10 -14.06 4.18
CA VAL B 850 -32.15 -15.06 4.03
C VAL B 850 -32.05 -15.65 2.62
N VAL B 851 -32.32 -16.97 2.51
CA VAL B 851 -32.24 -17.66 1.21
C VAL B 851 -33.41 -17.26 0.31
N ASP B 852 -33.19 -17.42 -1.00
CA ASP B 852 -34.15 -16.94 -1.99
C ASP B 852 -34.67 -18.01 -2.92
N LYS B 853 -33.82 -18.85 -3.51
CA LYS B 853 -34.30 -19.86 -4.45
C LYS B 853 -33.26 -20.95 -4.58
N VAL B 854 -33.72 -22.19 -4.57
CA VAL B 854 -32.86 -23.37 -4.68
C VAL B 854 -33.08 -24.00 -6.04
N ILE B 855 -32.01 -24.17 -6.78
CA ILE B 855 -32.04 -24.80 -8.09
C ILE B 855 -31.56 -26.24 -7.89
N VAL B 856 -31.93 -27.14 -8.80
CA VAL B 856 -31.50 -28.53 -8.79
C VAL B 856 -31.63 -28.98 -10.22
N THR B 857 -30.55 -29.54 -10.77
CA THR B 857 -30.53 -29.89 -12.19
C THR B 857 -29.48 -30.96 -12.42
N GLU B 858 -29.12 -31.15 -13.69
CA GLU B 858 -27.97 -31.96 -14.09
C GLU B 858 -27.13 -31.20 -15.11
N THR B 859 -25.82 -31.25 -14.94
CA THR B 859 -24.85 -30.68 -15.86
C THR B 859 -24.34 -31.73 -16.83
N GLY B 860 -23.71 -31.24 -17.90
CA GLY B 860 -23.33 -31.92 -19.13
C GLY B 860 -23.09 -33.42 -19.11
N ASP B 861 -22.14 -33.88 -18.30
CA ASP B 861 -21.78 -35.29 -18.34
C ASP B 861 -22.88 -36.21 -17.82
N GLY B 862 -23.00 -36.36 -16.50
CA GLY B 862 -24.11 -37.13 -15.95
C GLY B 862 -24.59 -36.71 -14.58
N THR B 863 -23.73 -35.95 -13.89
CA THR B 863 -23.84 -35.58 -12.48
C THR B 863 -25.03 -34.70 -12.11
N LYS B 864 -24.99 -34.11 -10.91
CA LYS B 864 -26.07 -33.27 -10.41
C LYS B 864 -25.44 -32.15 -9.60
N LEU B 865 -26.00 -30.94 -9.73
CA LEU B 865 -25.48 -29.77 -9.04
C LEU B 865 -26.61 -28.86 -8.60
N VAL B 866 -26.57 -28.39 -7.35
CA VAL B 866 -27.59 -27.52 -6.78
C VAL B 866 -27.00 -26.14 -6.56
N LYS B 867 -27.75 -25.12 -6.93
CA LYS B 867 -27.37 -23.72 -6.73
C LYS B 867 -28.31 -23.05 -5.74
N VAL B 868 -27.74 -22.41 -4.72
CA VAL B 868 -28.48 -21.71 -3.68
C VAL B 868 -28.02 -20.25 -3.67
N THR B 869 -28.96 -19.31 -3.59
CA THR B 869 -28.64 -17.88 -3.53
C THR B 869 -29.32 -17.21 -2.34
N VAL B 870 -28.55 -16.40 -1.62
CA VAL B 870 -29.02 -15.78 -0.38
C VAL B 870 -28.87 -14.26 -0.47
N ARG B 871 -29.92 -13.54 -0.08
CA ARG B 871 -29.97 -12.09 -0.24
C ARG B 871 -29.70 -11.40 1.09
N ASP B 872 -29.91 -10.08 1.14
CA ASP B 872 -29.58 -9.25 2.30
C ASP B 872 -30.32 -7.93 2.19
N LEU B 873 -30.44 -7.20 3.31
CA LEU B 873 -31.32 -6.02 3.34
C LEU B 873 -30.58 -4.69 3.33
N ARG B 874 -29.60 -4.49 4.22
CA ARG B 874 -28.53 -3.48 4.06
C ARG B 874 -29.03 -2.02 4.00
N ILE B 875 -29.57 -1.57 5.14
CA ILE B 875 -29.91 -0.15 5.36
C ILE B 875 -28.66 0.69 5.29
N PRO B 876 -28.70 1.92 4.75
CA PRO B 876 -27.49 2.78 4.68
C PRO B 876 -27.04 3.48 5.97
N GLU B 877 -26.25 2.80 6.79
CA GLU B 877 -25.67 3.37 8.01
C GLU B 877 -24.41 4.16 7.68
N LEU B 878 -23.60 4.47 8.71
CA LEU B 878 -22.35 5.21 8.54
C LEU B 878 -21.37 4.42 7.67
N GLY B 879 -20.39 5.13 7.13
CA GLY B 879 -19.37 4.54 6.30
C GLY B 879 -19.69 4.46 4.81
N ASP B 880 -20.97 4.34 4.46
CA ASP B 880 -21.39 3.96 3.10
C ASP B 880 -21.11 5.08 2.11
N LYS B 881 -20.12 4.87 1.25
CA LYS B 881 -19.60 5.91 0.36
C LYS B 881 -20.62 6.34 -0.68
N PHE B 882 -20.98 7.62 -0.69
CA PHE B 882 -21.76 8.25 -1.75
C PHE B 882 -20.85 9.06 -2.65
N ALA B 883 -21.35 9.42 -3.84
CA ALA B 883 -20.61 10.30 -4.72
C ALA B 883 -21.58 10.94 -5.69
N SER B 884 -21.21 12.10 -6.20
CA SER B 884 -21.92 12.72 -7.32
C SER B 884 -21.43 12.14 -8.63
N ARG B 885 -21.86 12.72 -9.75
CA ARG B 885 -21.20 12.43 -11.01
C ARG B 885 -20.24 13.54 -11.41
N HIS B 886 -19.99 14.49 -10.52
CA HIS B 886 -18.95 15.47 -10.77
C HIS B 886 -17.63 15.12 -10.09
N GLY B 887 -17.63 14.21 -9.14
CA GLY B 887 -16.43 13.81 -8.43
C GLY B 887 -16.30 14.28 -6.98
N GLN B 888 -17.40 14.56 -6.30
CA GLN B 888 -17.36 14.97 -4.90
C GLN B 888 -17.66 13.77 -4.02
N LYS B 889 -16.72 12.83 -3.96
CA LYS B 889 -16.93 11.61 -3.21
C LYS B 889 -16.84 11.87 -1.71
N GLY B 890 -17.46 10.99 -0.92
CA GLY B 890 -17.44 11.18 0.51
C GLY B 890 -18.16 10.08 1.23
N VAL B 891 -18.23 10.21 2.55
CA VAL B 891 -18.74 9.20 3.46
C VAL B 891 -19.75 9.86 4.38
N ILE B 892 -20.81 9.14 4.74
CA ILE B 892 -21.82 9.60 5.69
C ILE B 892 -21.17 9.98 7.03
N GLY B 893 -21.31 11.26 7.41
CA GLY B 893 -20.73 11.80 8.63
C GLY B 893 -21.47 11.42 9.89
N LEU B 894 -22.74 11.81 10.01
CA LEU B 894 -23.66 11.20 10.97
C LEU B 894 -25.06 11.32 10.43
N ILE B 895 -26.02 11.00 11.27
CA ILE B 895 -27.30 10.52 10.81
C ILE B 895 -28.44 11.29 11.49
N VAL B 896 -28.20 12.58 11.74
CA VAL B 896 -29.02 13.58 12.48
C VAL B 896 -30.53 13.49 12.24
N PRO B 897 -31.36 13.58 13.28
CA PRO B 897 -32.81 13.43 13.10
C PRO B 897 -33.41 14.56 12.29
N GLN B 898 -34.65 14.35 11.84
CA GLN B 898 -35.32 15.32 10.99
C GLN B 898 -35.63 16.60 11.74
N GLU B 899 -35.81 16.50 13.05
CA GLU B 899 -36.17 17.66 13.84
C GLU B 899 -35.03 18.67 13.95
N ASP B 900 -33.79 18.21 14.05
CA ASP B 900 -32.67 19.15 14.18
C ASP B 900 -32.08 19.50 12.83
N MET B 901 -32.92 19.84 11.88
CA MET B 901 -32.41 20.13 10.55
C MET B 901 -32.58 21.59 10.24
N PRO B 902 -31.55 22.23 9.72
CA PRO B 902 -31.73 23.60 9.25
C PRO B 902 -32.62 23.64 8.04
N TRP B 903 -33.76 24.24 8.24
CA TRP B 903 -34.89 24.18 7.32
C TRP B 903 -35.22 25.60 6.89
N THR B 904 -36.16 25.74 5.96
CA THR B 904 -36.22 26.92 5.12
C THR B 904 -37.62 27.50 5.17
N GLU B 905 -37.81 28.70 4.64
CA GLU B 905 -39.04 29.46 4.79
C GLU B 905 -40.13 28.97 3.82
N SER B 906 -40.36 27.67 3.85
CA SER B 906 -41.27 26.89 3.03
C SER B 906 -41.33 25.52 3.71
N GLY B 907 -41.88 24.53 3.03
CA GLY B 907 -41.93 23.19 3.63
C GLY B 907 -40.72 22.32 3.38
N ILE B 908 -39.57 22.94 3.15
CA ILE B 908 -38.38 22.23 2.70
C ILE B 908 -37.54 21.85 3.90
N VAL B 909 -37.12 20.59 3.97
CA VAL B 909 -36.14 20.16 4.97
C VAL B 909 -35.04 19.38 4.24
N PRO B 910 -33.84 19.92 4.09
CA PRO B 910 -32.79 19.28 3.27
C PRO B 910 -32.34 17.91 3.76
N ASP B 911 -31.72 17.14 2.86
CA ASP B 911 -31.14 15.85 3.22
C ASP B 911 -29.62 15.89 3.38
N LEU B 912 -28.88 16.22 2.35
CA LEU B 912 -27.43 16.11 2.38
C LEU B 912 -26.78 17.47 2.51
N ILE B 913 -26.38 17.84 3.73
CA ILE B 913 -25.74 19.12 3.98
C ILE B 913 -24.26 19.09 3.63
N VAL B 914 -23.93 19.48 2.39
CA VAL B 914 -22.57 19.41 1.88
C VAL B 914 -21.70 20.51 2.49
N ASN B 915 -20.45 20.16 2.79
CA ASN B 915 -19.41 21.08 3.25
C ASN B 915 -19.15 22.21 2.25
N PRO B 916 -19.22 23.48 2.65
CA PRO B 916 -18.95 24.58 1.71
C PRO B 916 -17.50 24.82 1.38
N HIS B 917 -16.55 24.16 2.04
CA HIS B 917 -15.13 24.37 1.74
C HIS B 917 -14.61 23.55 0.58
N GLY B 918 -15.46 22.95 -0.23
CA GLY B 918 -14.93 22.13 -1.28
C GLY B 918 -15.28 22.60 -2.68
N ILE B 919 -16.20 23.54 -2.82
CA ILE B 919 -16.59 23.96 -4.15
C ILE B 919 -15.62 25.00 -4.72
N PRO B 920 -15.24 26.12 -4.02
CA PRO B 920 -14.21 26.99 -4.64
C PRO B 920 -12.79 26.60 -4.28
N SER B 921 -12.51 25.31 -4.32
CA SER B 921 -11.17 24.77 -4.15
C SER B 921 -10.87 23.68 -5.15
N ARG B 922 -11.90 23.06 -5.73
CA ARG B 922 -11.76 21.96 -6.65
C ARG B 922 -12.26 22.34 -8.02
N MET B 923 -12.82 23.54 -8.17
CA MET B 923 -13.31 24.13 -9.42
C MET B 923 -14.37 23.24 -10.08
N THR B 924 -15.52 23.13 -9.41
CA THR B 924 -16.57 22.25 -9.90
C THR B 924 -17.85 23.03 -10.11
N VAL B 925 -17.79 24.11 -10.90
CA VAL B 925 -18.92 25.01 -11.15
C VAL B 925 -20.13 24.29 -11.72
N GLY B 926 -19.93 23.16 -12.40
CA GLY B 926 -21.05 22.35 -12.86
C GLY B 926 -21.91 21.79 -11.76
N GLN B 927 -21.40 21.71 -10.53
CA GLN B 927 -22.26 21.40 -9.39
C GLN B 927 -23.29 22.47 -9.17
N LEU B 928 -22.86 23.74 -9.24
CA LEU B 928 -23.75 24.84 -8.93
C LEU B 928 -24.71 25.17 -10.07
N ILE B 929 -24.40 24.80 -11.31
CA ILE B 929 -25.39 25.02 -12.35
C ILE B 929 -26.46 23.95 -12.28
N GLU B 930 -26.07 22.71 -11.99
CA GLU B 930 -27.01 21.61 -11.85
C GLU B 930 -27.93 21.77 -10.64
N ALA B 931 -27.44 22.41 -9.58
CA ALA B 931 -28.27 22.56 -8.39
C ALA B 931 -29.42 23.54 -8.61
N ILE B 932 -29.22 24.59 -9.40
CA ILE B 932 -30.35 25.45 -9.76
C ILE B 932 -31.23 24.77 -10.80
N GLY B 933 -30.63 24.00 -11.71
CA GLY B 933 -31.37 23.36 -12.78
C GLY B 933 -32.31 22.28 -12.31
N GLY B 934 -32.09 21.77 -11.11
CA GLY B 934 -33.07 20.88 -10.51
C GLY B 934 -34.24 21.64 -9.93
N LYS B 935 -34.01 22.84 -9.42
CA LYS B 935 -35.08 23.62 -8.83
C LYS B 935 -35.97 24.28 -9.88
N VAL B 936 -35.41 24.67 -11.03
CA VAL B 936 -36.22 25.20 -12.12
C VAL B 936 -37.04 24.08 -12.75
N ALA B 937 -36.41 22.96 -13.06
CA ALA B 937 -37.06 21.87 -13.75
C ALA B 937 -37.88 20.98 -12.83
N SER B 938 -38.00 21.31 -11.56
CA SER B 938 -39.01 20.66 -10.75
C SER B 938 -40.28 21.48 -10.57
N LEU B 939 -40.18 22.80 -10.66
CA LEU B 939 -41.34 23.66 -10.49
C LEU B 939 -42.04 23.89 -11.82
N THR B 940 -41.26 23.99 -12.89
CA THR B 940 -41.85 24.19 -14.21
C THR B 940 -42.60 22.95 -14.66
N GLY B 941 -41.95 21.79 -14.61
CA GLY B 941 -42.57 20.55 -15.01
C GLY B 941 -41.80 19.74 -16.02
N ARG B 942 -40.94 20.39 -16.79
CA ARG B 942 -40.27 19.73 -17.91
C ARG B 942 -38.79 19.58 -17.61
N ARG B 943 -38.27 18.38 -17.84
CA ARG B 943 -36.88 18.07 -17.50
C ARG B 943 -35.91 18.79 -18.42
N VAL B 944 -35.11 19.67 -17.83
CA VAL B 944 -34.21 20.54 -18.58
C VAL B 944 -33.15 19.72 -19.30
N ASP B 945 -33.00 19.95 -20.59
CA ASP B 945 -31.92 19.36 -21.36
C ASP B 945 -30.59 19.95 -20.91
N GLY B 946 -29.58 19.09 -20.81
CA GLY B 946 -28.31 19.54 -20.26
C GLY B 946 -27.11 18.96 -20.97
N THR B 947 -27.23 18.71 -22.25
CA THR B 947 -26.12 18.11 -22.98
C THR B 947 -24.98 19.10 -23.18
N ALA B 948 -23.84 18.55 -23.55
CA ALA B 948 -22.64 19.35 -23.72
C ALA B 948 -22.75 20.22 -24.97
N PHE B 949 -22.31 21.47 -24.83
CA PHE B 949 -21.98 22.44 -25.88
C PHE B 949 -23.20 23.01 -26.61
N ILE B 950 -24.37 22.39 -26.48
CA ILE B 950 -25.58 22.86 -27.14
C ILE B 950 -26.75 22.83 -26.18
N GLY B 951 -26.47 22.68 -24.89
CA GLY B 951 -27.53 22.44 -23.92
C GLY B 951 -28.28 23.69 -23.54
N GLU B 952 -28.92 23.63 -22.39
CA GLU B 952 -29.68 24.77 -21.91
C GLU B 952 -28.69 25.82 -21.42
N PRO B 953 -28.82 27.07 -21.83
CA PRO B 953 -27.83 28.07 -21.45
C PRO B 953 -27.99 28.51 -20.00
N GLU B 954 -27.02 29.31 -19.57
CA GLU B 954 -26.91 29.70 -18.18
C GLU B 954 -27.95 30.74 -17.79
N GLU B 955 -28.17 31.74 -18.65
CA GLU B 955 -28.98 32.88 -18.26
C GLU B 955 -30.47 32.56 -18.27
N LYS B 956 -30.90 31.57 -19.05
CA LYS B 956 -32.33 31.28 -19.13
C LYS B 956 -32.86 30.57 -17.90
N LEU B 957 -32.00 29.84 -17.17
CA LEU B 957 -32.41 29.25 -15.90
C LEU B 957 -32.66 30.32 -14.84
N ARG B 958 -31.71 31.24 -14.68
CA ARG B 958 -31.81 32.21 -13.60
C ARG B 958 -32.89 33.26 -13.85
N LYS B 959 -33.46 33.32 -15.05
CA LYS B 959 -34.66 34.12 -15.25
C LYS B 959 -35.94 33.35 -15.01
N GLU B 960 -35.97 32.06 -15.33
CA GLU B 960 -37.17 31.27 -15.05
C GLU B 960 -37.30 30.99 -13.57
N LEU B 961 -36.18 30.98 -12.85
CA LEU B 961 -36.27 30.90 -11.40
C LEU B 961 -36.71 32.23 -10.83
N GLU B 962 -36.38 33.32 -11.50
CA GLU B 962 -36.68 34.64 -10.95
C GLU B 962 -38.14 35.01 -11.18
N GLU B 963 -38.82 34.33 -12.11
CA GLU B 963 -40.22 34.60 -12.38
C GLU B 963 -41.17 33.55 -11.84
N LEU B 964 -40.67 32.49 -11.22
CA LEU B 964 -41.52 31.49 -10.59
C LEU B 964 -41.67 31.67 -9.09
N GLY B 965 -41.03 32.67 -8.50
CA GLY B 965 -41.28 32.90 -7.09
C GLY B 965 -40.12 32.74 -6.14
N PHE B 966 -38.88 32.87 -6.63
CA PHE B 966 -37.73 32.63 -5.77
C PHE B 966 -36.63 33.59 -6.21
N LYS B 967 -35.61 33.74 -5.36
CA LYS B 967 -34.51 34.64 -5.65
C LYS B 967 -33.60 34.04 -6.73
N HIS B 968 -32.94 34.91 -7.51
CA HIS B 968 -32.26 34.58 -8.75
C HIS B 968 -31.02 33.71 -8.56
N SER B 969 -30.65 33.37 -7.32
CA SER B 969 -29.40 32.67 -7.07
C SER B 969 -29.57 31.54 -6.07
N GLY B 970 -30.78 31.07 -5.84
CA GLY B 970 -31.01 29.95 -4.97
C GLY B 970 -31.15 30.28 -3.50
N ARG B 971 -30.43 31.30 -3.05
CA ARG B 971 -30.31 31.65 -1.64
C ARG B 971 -31.64 31.92 -0.97
N GLU B 972 -31.81 31.37 0.23
CA GLU B 972 -33.07 31.42 0.96
C GLU B 972 -32.80 31.61 2.45
N ILE B 973 -33.85 32.04 3.15
CA ILE B 973 -33.80 32.27 4.59
C ILE B 973 -33.95 30.96 5.31
N MET B 974 -33.00 30.62 6.17
CA MET B 974 -33.05 29.31 6.83
C MET B 974 -33.00 29.42 8.34
N TYR B 975 -33.81 28.59 9.01
CA TYR B 975 -33.91 28.55 10.46
C TYR B 975 -33.25 27.30 11.02
N ASP B 976 -32.44 27.44 12.05
CA ASP B 976 -31.80 26.29 12.67
C ASP B 976 -32.81 25.54 13.54
N GLY B 977 -32.59 24.24 13.69
CA GLY B 977 -33.56 23.41 14.38
C GLY B 977 -33.29 23.19 15.86
N ILE B 978 -32.10 23.55 16.33
CA ILE B 978 -31.77 23.35 17.73
C ILE B 978 -32.36 24.48 18.58
N THR B 979 -32.16 25.72 18.16
CA THR B 979 -32.62 26.89 18.91
C THR B 979 -33.72 27.64 18.18
N GLY B 980 -33.53 27.96 16.91
CA GLY B 980 -34.56 28.52 16.06
C GLY B 980 -34.52 30.03 15.93
N ARG B 981 -33.76 30.53 14.97
CA ARG B 981 -33.59 31.94 14.66
C ARG B 981 -32.98 31.97 13.28
N ARG B 982 -33.29 33.02 12.51
CA ARG B 982 -32.74 33.10 11.16
C ARG B 982 -31.24 33.26 11.22
N LEU B 983 -30.55 32.28 10.63
CA LEU B 983 -29.13 32.39 10.35
C LEU B 983 -28.88 33.61 9.49
N GLU B 984 -28.05 34.53 9.97
CA GLU B 984 -27.80 35.80 9.26
C GLU B 984 -26.87 35.60 8.06
N ALA B 985 -27.38 34.82 7.12
CA ALA B 985 -26.85 34.62 5.79
C ALA B 985 -28.01 34.02 5.00
N ASP B 986 -27.80 33.79 3.72
CA ASP B 986 -28.85 33.26 2.86
C ASP B 986 -28.31 31.98 2.26
N ILE B 987 -28.74 30.84 2.81
CA ILE B 987 -28.11 29.55 2.57
C ILE B 987 -28.54 28.98 1.23
N PHE B 988 -27.59 28.51 0.44
CA PHE B 988 -27.86 27.99 -0.90
C PHE B 988 -28.44 26.58 -0.81
N ILE B 989 -29.29 26.24 -1.77
CA ILE B 989 -30.08 25.00 -1.72
C ILE B 989 -30.54 24.67 -3.13
N GLY B 990 -30.49 23.39 -3.48
CA GLY B 990 -30.89 22.93 -4.79
C GLY B 990 -31.30 21.48 -4.82
N VAL B 991 -31.22 20.88 -6.00
CA VAL B 991 -31.47 19.45 -6.19
C VAL B 991 -30.31 18.87 -6.98
N ILE B 992 -29.51 18.02 -6.35
CA ILE B 992 -28.38 17.36 -7.00
C ILE B 992 -28.65 15.87 -7.02
N TYR B 993 -28.44 15.24 -8.18
CA TYR B 993 -28.54 13.79 -8.35
C TYR B 993 -27.28 13.11 -7.86
N TYR B 994 -27.38 12.40 -6.73
CA TYR B 994 -26.29 11.59 -6.23
C TYR B 994 -26.55 10.14 -6.61
N GLN B 995 -25.66 9.26 -6.16
CA GLN B 995 -25.75 7.84 -6.47
C GLN B 995 -24.93 7.07 -5.45
N ARG B 996 -25.48 5.98 -4.98
CA ARG B 996 -24.80 5.21 -3.95
C ARG B 996 -23.81 4.25 -4.59
N LEU B 997 -22.71 3.99 -3.89
CA LEU B 997 -21.66 3.13 -4.40
C LEU B 997 -21.48 1.95 -3.46
N HIS B 998 -20.91 0.88 -3.98
CA HIS B 998 -20.76 -0.38 -3.26
C HIS B 998 -19.39 -0.54 -2.59
N HIS B 999 -18.93 0.49 -1.88
CA HIS B 999 -17.81 0.34 -0.97
C HIS B 999 -18.29 0.37 0.47
N MET B 1000 -19.47 -0.22 0.68
CA MET B 1000 -20.18 -0.33 1.94
C MET B 1000 -19.35 -0.97 3.03
N VAL B 1001 -19.69 -0.70 4.29
CA VAL B 1001 -18.75 -0.95 5.37
C VAL B 1001 -18.76 -2.42 5.78
N ALA B 1002 -19.79 -3.17 5.44
CA ALA B 1002 -19.84 -4.56 5.87
C ALA B 1002 -18.99 -5.47 5.00
N ASP B 1003 -18.34 -4.95 3.97
CA ASP B 1003 -17.41 -5.70 3.15
C ASP B 1003 -15.96 -5.32 3.41
N LYS B 1004 -15.70 -4.45 4.38
CA LYS B 1004 -14.36 -3.98 4.71
C LYS B 1004 -13.93 -4.32 6.12
N MET B 1005 -14.81 -4.17 7.10
CA MET B 1005 -14.44 -4.33 8.50
C MET B 1005 -14.17 -5.78 8.84
N HIS B 1006 -12.96 -6.07 9.31
CA HIS B 1006 -12.68 -7.38 9.87
C HIS B 1006 -11.68 -7.27 11.01
N ALA B 1007 -11.74 -8.24 11.92
CA ALA B 1007 -10.84 -8.32 13.05
C ALA B 1007 -10.31 -9.73 13.14
N ARG B 1008 -9.07 -9.87 13.61
CA ARG B 1008 -8.45 -11.18 13.71
C ARG B 1008 -7.72 -11.31 15.02
N SER B 1009 -8.18 -12.23 15.88
CA SER B 1009 -7.50 -12.41 17.16
C SER B 1009 -6.37 -13.43 17.01
N ARG B 1010 -6.71 -14.69 16.74
CA ARG B 1010 -5.74 -15.76 16.45
C ARG B 1010 -6.42 -16.81 15.58
N GLY B 1011 -6.02 -16.88 14.32
CA GLY B 1011 -6.67 -17.72 13.35
C GLY B 1011 -5.82 -18.88 12.88
N PRO B 1012 -6.30 -19.60 11.86
CA PRO B 1012 -5.49 -20.65 11.25
C PRO B 1012 -4.27 -20.10 10.54
N VAL B 1013 -3.15 -20.83 10.64
CA VAL B 1013 -1.87 -20.33 10.14
C VAL B 1013 -1.37 -21.20 9.00
N GLN B 1014 -0.24 -20.81 8.41
CA GLN B 1014 0.45 -21.63 7.42
C GLN B 1014 1.03 -22.90 8.03
N VAL B 1015 1.05 -23.97 7.24
CA VAL B 1015 1.59 -25.24 7.69
C VAL B 1015 3.12 -25.19 7.73
N LEU B 1016 3.74 -24.57 6.73
CA LEU B 1016 5.19 -24.59 6.59
C LEU B 1016 5.89 -23.63 7.55
N THR B 1017 5.26 -22.49 7.87
CA THR B 1017 5.92 -21.43 8.66
C THR B 1017 5.27 -21.10 9.99
N LYS B 1018 4.02 -21.52 10.22
CA LYS B 1018 3.18 -21.11 11.36
C LYS B 1018 3.05 -19.59 11.38
N GLN B 1019 2.53 -19.07 10.27
CA GLN B 1019 2.21 -17.67 10.04
C GLN B 1019 0.83 -17.58 9.41
N PRO B 1020 0.11 -16.47 9.61
CA PRO B 1020 -1.27 -16.37 9.10
C PRO B 1020 -1.36 -16.37 7.58
N THR B 1021 -2.59 -16.60 7.11
CA THR B 1021 -2.88 -16.79 5.69
C THR B 1021 -3.19 -15.44 5.04
N GLU B 1022 -3.65 -15.47 3.79
CA GLU B 1022 -3.94 -14.25 3.03
C GLU B 1022 -5.40 -14.28 2.57
N GLY B 1023 -6.05 -13.13 2.68
CA GLY B 1023 -7.41 -12.95 2.20
C GLY B 1023 -8.44 -13.34 3.24
N ARG B 1024 -9.65 -12.80 3.08
CA ARG B 1024 -10.74 -13.15 3.98
C ARG B 1024 -11.40 -14.46 3.57
N ALA B 1025 -11.28 -14.85 2.30
CA ALA B 1025 -11.82 -16.12 1.82
C ALA B 1025 -11.02 -17.30 2.36
N ARG B 1026 -9.82 -17.07 2.87
CA ARG B 1026 -8.99 -18.09 3.50
C ARG B 1026 -8.57 -17.68 4.91
N GLU B 1027 -9.23 -16.67 5.48
CA GLU B 1027 -9.18 -16.27 6.90
C GLU B 1027 -7.76 -15.88 7.34
N GLY B 1028 -7.32 -14.73 6.83
CA GLY B 1028 -5.97 -14.25 7.06
C GLY B 1028 -5.93 -12.75 7.26
N GLY B 1029 -4.91 -12.29 7.97
CA GLY B 1029 -4.82 -10.90 8.40
C GLY B 1029 -3.90 -10.03 7.54
N LEU B 1030 -3.22 -9.08 8.20
CA LEU B 1030 -2.38 -8.07 7.59
C LEU B 1030 -0.92 -8.51 7.68
N ARG B 1031 -0.01 -7.75 7.05
CA ARG B 1031 1.31 -8.31 6.83
C ARG B 1031 2.56 -7.57 7.27
N PHE B 1032 2.49 -6.31 7.73
CA PHE B 1032 3.64 -5.60 8.33
C PHE B 1032 4.96 -5.62 7.56
N GLY B 1033 5.14 -4.79 6.56
CA GLY B 1033 6.34 -4.87 5.76
C GLY B 1033 7.57 -4.31 6.43
N GLU B 1034 8.54 -3.96 5.59
CA GLU B 1034 9.77 -3.36 6.08
C GLU B 1034 9.62 -1.90 6.44
N MET B 1035 8.52 -1.26 6.05
CA MET B 1035 8.24 0.09 6.52
C MET B 1035 7.91 0.10 8.00
N GLU B 1036 7.09 -0.84 8.44
CA GLU B 1036 6.58 -0.88 9.81
C GLU B 1036 7.64 -1.27 10.82
N ARG B 1037 8.74 -1.86 10.39
CA ARG B 1037 9.83 -2.09 11.33
C ARG B 1037 10.59 -0.81 11.60
N ASP B 1038 10.69 0.08 10.61
CA ASP B 1038 11.50 1.28 10.77
C ASP B 1038 10.74 2.41 11.43
N VAL B 1039 9.41 2.34 11.45
CA VAL B 1039 8.65 3.40 12.08
C VAL B 1039 8.54 3.16 13.58
N LEU B 1040 8.99 2.02 14.07
CA LEU B 1040 9.10 1.79 15.51
C LEU B 1040 10.50 2.03 16.03
N ILE B 1041 11.53 1.88 15.18
CA ILE B 1041 12.88 2.20 15.62
C ILE B 1041 13.08 3.71 15.71
N GLY B 1042 12.30 4.47 14.93
CA GLY B 1042 12.34 5.92 15.01
C GLY B 1042 11.85 6.47 16.33
N HIS B 1043 10.88 5.80 16.94
CA HIS B 1043 10.47 6.15 18.30
C HIS B 1043 11.59 5.82 19.28
N GLY B 1044 11.96 4.55 19.34
CA GLY B 1044 12.95 4.09 20.30
C GLY B 1044 12.43 2.82 20.93
N ALA B 1045 11.27 2.38 20.48
CA ALA B 1045 10.63 1.17 20.98
C ALA B 1045 11.45 -0.06 20.63
N ALA B 1046 12.08 -0.65 21.64
CA ALA B 1046 12.69 -1.96 21.49
C ALA B 1046 11.91 -3.06 22.19
N MET B 1047 11.17 -2.73 23.25
CA MET B 1047 10.29 -3.71 23.88
C MET B 1047 9.08 -4.03 23.02
N LEU B 1048 8.46 -3.01 22.43
CA LEU B 1048 7.29 -3.24 21.59
C LEU B 1048 7.65 -3.98 20.30
N LEU B 1049 8.82 -3.68 19.74
CA LEU B 1049 9.22 -4.26 18.46
C LEU B 1049 9.47 -5.76 18.56
N ILE B 1050 9.91 -6.24 19.73
CA ILE B 1050 9.99 -7.68 19.97
C ILE B 1050 8.59 -8.28 20.08
N GLU B 1051 7.73 -7.65 20.88
CA GLU B 1051 6.46 -8.26 21.28
C GLU B 1051 5.51 -8.38 20.10
N ARG B 1052 5.63 -7.52 19.11
CA ARG B 1052 4.72 -7.60 17.98
C ARG B 1052 5.15 -8.67 16.99
N LEU B 1053 6.43 -8.75 16.70
CA LEU B 1053 6.90 -9.49 15.54
C LEU B 1053 7.18 -10.97 15.83
N LEU B 1054 7.60 -11.32 17.04
CA LEU B 1054 7.99 -12.70 17.35
C LEU B 1054 7.09 -13.40 18.35
N GLU B 1055 6.49 -12.68 19.30
CA GLU B 1055 5.65 -13.34 20.30
C GLU B 1055 4.35 -13.81 19.68
N GLU B 1056 3.90 -13.10 18.65
CA GLU B 1056 2.78 -13.54 17.82
C GLU B 1056 3.29 -14.32 16.61
N SER B 1057 4.14 -15.30 16.87
CA SER B 1057 4.77 -16.08 15.81
C SER B 1057 5.23 -17.41 16.38
N ASP B 1058 6.11 -18.08 15.66
CA ASP B 1058 6.69 -19.34 16.09
C ASP B 1058 7.89 -19.12 17.01
N LYS B 1059 7.87 -19.77 18.18
CA LYS B 1059 9.03 -19.85 19.07
C LYS B 1059 9.32 -21.32 19.34
N THR B 1060 10.60 -21.72 19.20
CA THR B 1060 11.02 -23.11 19.36
C THR B 1060 12.26 -23.18 20.25
N GLU B 1061 12.32 -24.21 21.11
CA GLU B 1061 13.51 -24.43 21.93
C GLU B 1061 14.34 -25.56 21.34
N VAL B 1062 15.63 -25.31 21.18
CA VAL B 1062 16.55 -26.18 20.45
C VAL B 1062 17.75 -26.52 21.33
N TRP B 1063 18.16 -27.79 21.33
CA TRP B 1063 19.38 -28.21 22.01
C TRP B 1063 20.56 -28.08 21.07
N VAL B 1064 21.62 -27.41 21.54
CA VAL B 1064 22.79 -27.07 20.73
C VAL B 1064 24.03 -27.50 21.51
N CYS B 1065 24.99 -28.12 20.82
CA CYS B 1065 26.25 -28.48 21.43
C CYS B 1065 27.11 -27.25 21.68
N GLU B 1066 28.23 -27.45 22.37
CA GLU B 1066 29.14 -26.36 22.73
C GLU B 1066 30.37 -26.29 21.83
N SER B 1067 31.15 -27.37 21.74
CA SER B 1067 32.43 -27.29 21.05
C SER B 1067 32.36 -27.58 19.56
N CYS B 1068 31.26 -28.15 19.08
CA CYS B 1068 31.09 -28.34 17.64
C CYS B 1068 30.39 -27.17 16.97
N GLY B 1069 29.46 -26.51 17.64
CA GLY B 1069 28.71 -25.44 17.05
C GLY B 1069 27.45 -25.87 16.32
N HIS B 1070 27.25 -27.17 16.11
CA HIS B 1070 26.12 -27.67 15.34
C HIS B 1070 25.01 -28.08 16.29
N LEU B 1071 23.83 -28.32 15.74
CA LEU B 1071 22.69 -28.63 16.58
C LEU B 1071 22.79 -30.04 17.14
N ALA B 1072 22.18 -30.25 18.29
CA ALA B 1072 22.17 -31.56 18.90
C ALA B 1072 20.98 -32.37 18.40
N LEU B 1073 20.86 -33.61 18.85
CA LEU B 1073 19.73 -34.46 18.51
C LEU B 1073 19.21 -35.15 19.75
N GLU B 1074 17.96 -34.87 20.11
CA GLU B 1074 17.33 -35.57 21.21
C GLU B 1074 16.94 -36.97 20.77
N ASP B 1075 16.71 -37.84 21.76
CA ASP B 1075 16.23 -39.18 21.45
C ASP B 1075 15.42 -39.64 22.65
N LYS B 1076 14.10 -39.61 22.49
CA LYS B 1076 13.17 -40.15 23.46
C LYS B 1076 13.17 -41.67 23.38
N ARG B 1077 12.53 -42.27 24.40
CA ARG B 1077 12.48 -43.68 24.84
C ARG B 1077 13.77 -44.12 25.51
N ARG B 1078 14.84 -43.34 25.38
CA ARG B 1078 16.12 -43.70 25.98
C ARG B 1078 16.85 -42.47 26.55
N GLY B 1079 16.08 -41.43 26.87
CA GLY B 1079 16.62 -40.21 27.45
C GLY B 1079 17.75 -39.50 26.72
N LYS B 1080 18.97 -39.89 27.09
CA LYS B 1080 20.29 -39.34 26.73
C LYS B 1080 20.43 -38.65 25.38
N VAL B 1081 20.91 -37.42 25.44
CA VAL B 1081 21.08 -36.55 24.29
C VAL B 1081 22.57 -36.44 23.99
N TYR B 1082 22.91 -36.35 22.71
CA TYR B 1082 24.30 -36.43 22.29
C TYR B 1082 24.50 -35.71 20.98
N CYS B 1083 25.58 -34.95 20.90
CA CYS B 1083 25.97 -34.28 19.67
C CYS B 1083 26.63 -35.29 18.74
N PRO B 1084 26.14 -35.48 17.51
CA PRO B 1084 26.73 -36.49 16.60
C PRO B 1084 28.22 -36.35 16.32
N VAL B 1085 28.57 -35.24 15.65
CA VAL B 1085 29.90 -34.80 15.20
C VAL B 1085 31.11 -35.27 16.01
N CYS B 1086 31.09 -35.10 17.33
CA CYS B 1086 32.20 -35.58 18.16
C CYS B 1086 31.77 -36.36 19.39
N GLY B 1087 30.48 -36.67 19.53
CA GLY B 1087 29.95 -37.47 20.62
C GLY B 1087 30.25 -37.09 22.05
N GLU B 1088 29.58 -36.05 22.56
CA GLU B 1088 29.65 -35.67 23.96
C GLU B 1088 28.39 -36.17 24.66
N ASP B 1089 28.33 -35.98 25.97
CA ASP B 1089 27.22 -36.54 26.74
C ASP B 1089 26.45 -35.51 27.55
N GLU B 1090 27.14 -34.71 28.35
CA GLU B 1090 26.46 -33.73 29.19
C GLU B 1090 26.72 -32.28 28.83
N ARG B 1091 27.95 -31.91 28.45
CA ARG B 1091 28.24 -30.52 28.08
C ARG B 1091 27.46 -30.19 26.82
N ILE B 1092 26.33 -29.50 27.03
CA ILE B 1092 25.34 -29.20 26.01
C ILE B 1092 24.37 -28.20 26.66
N SER B 1093 23.77 -27.29 25.88
CA SER B 1093 22.87 -26.33 26.50
C SER B 1093 21.63 -26.15 25.62
N LYS B 1094 20.85 -25.12 25.94
CA LYS B 1094 19.61 -24.78 25.27
C LYS B 1094 19.62 -23.35 24.77
N VAL B 1095 19.17 -23.14 23.53
CA VAL B 1095 19.14 -21.82 22.93
C VAL B 1095 17.70 -21.54 22.51
N GLU B 1096 17.19 -20.35 22.84
CA GLU B 1096 15.80 -20.00 22.62
C GLU B 1096 15.78 -19.05 21.42
N MET B 1097 15.29 -19.54 20.28
CA MET B 1097 15.29 -18.76 19.06
C MET B 1097 14.05 -19.09 18.24
N SER B 1098 13.73 -18.21 17.29
CA SER B 1098 12.51 -18.37 16.53
C SER B 1098 12.64 -19.53 15.56
N TYR B 1099 11.49 -20.01 15.07
CA TYR B 1099 11.53 -21.11 14.13
C TYR B 1099 11.90 -20.66 12.73
N ALA B 1100 11.58 -19.42 12.35
CA ALA B 1100 11.95 -18.96 11.02
C ALA B 1100 13.45 -18.79 10.92
N PHE B 1101 14.11 -18.53 12.04
CA PHE B 1101 15.56 -18.55 12.06
C PHE B 1101 16.09 -19.98 12.00
N LYS B 1102 15.33 -20.94 12.54
CA LYS B 1102 15.77 -22.33 12.51
C LYS B 1102 15.66 -22.88 11.09
N LEU B 1103 14.66 -22.42 10.33
CA LEU B 1103 14.54 -22.76 8.93
C LEU B 1103 15.52 -21.98 8.07
N LEU B 1104 15.98 -20.82 8.55
CA LEU B 1104 17.04 -20.10 7.86
C LEU B 1104 18.37 -20.83 7.97
N LEU B 1105 18.55 -21.59 9.04
CA LEU B 1105 19.75 -22.41 9.17
C LEU B 1105 19.74 -23.57 8.18
N ASP B 1106 18.57 -24.18 7.95
CA ASP B 1106 18.50 -25.35 7.10
C ASP B 1106 18.62 -25.03 5.61
N GLU B 1107 18.16 -23.87 5.18
CA GLU B 1107 18.39 -23.52 3.79
C GLU B 1107 19.84 -23.16 3.55
N LEU B 1108 20.56 -22.79 4.60
CA LEU B 1108 22.00 -22.64 4.55
C LEU B 1108 22.72 -23.94 4.86
N LYS B 1109 22.01 -24.95 5.38
CA LYS B 1109 22.61 -26.24 5.70
C LYS B 1109 22.51 -27.20 4.53
N ALA B 1110 21.46 -27.09 3.73
CA ALA B 1110 21.33 -27.86 2.49
C ALA B 1110 22.44 -27.51 1.51
N MET B 1111 22.64 -26.22 1.27
CA MET B 1111 23.87 -25.75 0.68
C MET B 1111 25.00 -26.00 1.66
N VAL B 1112 26.22 -26.10 1.15
CA VAL B 1112 27.36 -26.66 1.88
C VAL B 1112 27.86 -25.78 3.04
N ILE B 1113 27.22 -24.63 3.26
CA ILE B 1113 27.62 -23.69 4.32
C ILE B 1113 27.39 -24.32 5.69
N ARG B 1114 28.38 -24.20 6.57
CA ARG B 1114 28.14 -24.66 7.94
C ARG B 1114 27.98 -23.45 8.85
N PRO B 1115 26.84 -23.33 9.54
CA PRO B 1115 26.59 -22.26 10.54
C PRO B 1115 27.03 -22.61 11.96
N SER B 1116 28.30 -22.39 12.27
CA SER B 1116 28.79 -22.68 13.62
C SER B 1116 28.22 -21.66 14.60
N LEU B 1117 27.53 -22.16 15.62
CA LEU B 1117 26.97 -21.36 16.69
C LEU B 1117 27.97 -21.30 17.84
N ARG B 1118 28.32 -20.10 18.27
CA ARG B 1118 29.20 -19.93 19.41
C ARG B 1118 28.43 -19.08 20.41
N LEU B 1119 27.72 -19.75 21.31
CA LEU B 1119 26.79 -19.06 22.19
C LEU B 1119 27.49 -18.41 23.37
N LYS B 1120 26.73 -17.64 24.14
CA LYS B 1120 27.26 -16.76 25.16
C LYS B 1120 26.30 -16.71 26.33
N ASP B 1121 26.85 -16.54 27.53
CA ASP B 1121 26.04 -16.31 28.73
C ASP B 1121 25.39 -14.93 28.67
N ARG B 1122 24.38 -14.74 29.53
CA ARG B 1122 23.54 -13.55 29.56
C ARG B 1122 24.27 -12.33 30.13
N VAL C 2 26.78 49.00 35.70
CA VAL C 2 25.72 49.19 34.73
C VAL C 2 26.32 49.20 33.32
N ALA C 3 27.52 49.75 33.21
CA ALA C 3 28.19 49.91 31.92
C ALA C 3 28.83 48.59 31.47
N GLU C 4 29.59 48.67 30.37
CA GLU C 4 30.27 47.59 29.65
C GLU C 4 30.95 46.55 30.54
N LYS C 5 31.87 46.99 31.40
CA LYS C 5 32.59 46.09 32.30
C LYS C 5 31.63 45.27 33.16
N THR C 6 30.60 45.93 33.72
CA THR C 6 29.62 45.25 34.57
C THR C 6 28.91 44.10 33.85
N ILE C 7 28.63 44.24 32.55
CA ILE C 7 27.91 43.18 31.86
C ILE C 7 28.87 42.09 31.42
N LYS C 8 29.82 42.44 30.54
CA LYS C 8 30.89 41.55 30.05
C LYS C 8 31.47 40.60 31.10
N SER C 9 31.74 41.11 32.30
CA SER C 9 32.25 40.25 33.35
C SER C 9 31.15 39.53 34.11
N MET C 10 29.88 39.87 33.88
CA MET C 10 28.80 39.05 34.40
C MET C 10 28.49 37.91 33.46
N VAL C 11 28.73 38.10 32.17
CA VAL C 11 28.55 37.03 31.20
C VAL C 11 29.74 36.06 31.21
N SER C 12 30.97 36.58 31.32
CA SER C 12 32.19 35.75 31.41
C SER C 12 32.16 34.76 32.56
N LYS C 13 31.81 35.23 33.76
CA LYS C 13 31.65 34.35 34.91
C LYS C 13 30.58 33.29 34.67
N ALA C 14 29.37 33.73 34.29
CA ALA C 14 28.23 32.83 34.05
C ALA C 14 28.48 31.81 32.95
N GLU C 15 29.31 32.17 31.96
CA GLU C 15 29.59 31.49 30.70
C GLU C 15 29.59 29.96 30.64
N LEU C 16 30.41 29.32 31.50
CA LEU C 16 30.75 27.89 31.58
C LEU C 16 29.67 26.86 31.26
N PRO C 17 28.41 26.97 31.71
CA PRO C 17 27.37 26.11 31.12
C PRO C 17 26.86 26.53 29.75
N ASP C 18 27.02 27.78 29.33
CA ASP C 18 26.44 28.24 28.09
C ASP C 18 27.47 27.98 26.98
N ASN C 19 27.26 28.50 25.77
CA ASN C 19 28.12 28.13 24.65
C ASN C 19 28.88 29.34 24.17
N ILE C 20 29.70 29.15 23.13
CA ILE C 20 30.54 30.23 22.64
C ILE C 20 29.77 31.12 21.69
N LYS C 21 29.02 30.52 20.76
CA LYS C 21 28.18 31.27 19.83
C LYS C 21 27.17 32.12 20.59
N GLU C 22 26.42 31.47 21.50
CA GLU C 22 25.54 32.12 22.48
C GLU C 22 26.08 33.40 23.13
N GLU C 23 27.35 33.36 23.56
CA GLU C 23 27.99 34.47 24.25
C GLU C 23 27.95 35.77 23.46
N LEU C 24 28.47 35.74 22.24
CA LEU C 24 28.51 36.91 21.36
C LEU C 24 27.11 37.45 21.08
N TYR C 25 26.18 36.56 20.72
CA TYR C 25 24.78 36.92 20.46
C TYR C 25 24.14 37.65 21.64
N ALA C 26 24.17 37.02 22.83
CA ALA C 26 23.53 37.58 24.02
C ALA C 26 24.11 38.95 24.40
N LYS C 27 25.43 39.11 24.32
CA LYS C 27 26.06 40.39 24.63
C LYS C 27 25.64 41.48 23.67
N LEU C 28 25.71 41.21 22.37
CA LEU C 28 25.54 42.26 21.36
C LEU C 28 24.12 42.80 21.30
N ILE C 29 23.15 42.11 21.88
CA ILE C 29 21.79 42.63 21.94
C ILE C 29 21.56 43.41 23.23
N GLU C 30 22.07 42.90 24.36
CA GLU C 30 21.97 43.59 25.65
C GLU C 30 22.56 44.99 25.59
N TYR C 31 23.80 45.11 25.12
CA TYR C 31 24.42 46.41 24.90
C TYR C 31 23.61 47.29 23.94
N ASN C 32 23.08 46.68 22.87
CA ASN C 32 22.35 47.42 21.83
C ASN C 32 21.11 48.12 22.37
N GLU C 33 20.26 47.39 23.10
CA GLU C 33 19.04 47.90 23.71
C GLU C 33 19.30 49.06 24.67
N LYS C 34 18.85 50.26 24.32
CA LYS C 34 19.08 51.45 25.14
C LYS C 34 17.75 52.12 25.48
N TYR C 35 17.08 51.52 26.46
CA TYR C 35 16.12 52.14 27.37
C TYR C 35 16.36 51.52 28.74
N LYS C 36 17.65 51.51 29.09
CA LYS C 36 18.35 50.38 29.69
C LYS C 36 17.83 49.93 31.05
N LEU C 37 17.98 48.64 31.27
CA LEU C 37 17.79 47.91 32.52
C LEU C 37 19.13 47.88 33.25
N LYS C 38 19.09 47.77 34.58
CA LYS C 38 20.23 48.24 35.38
C LYS C 38 21.08 47.17 36.06
N LYS C 39 20.58 46.44 37.06
CA LYS C 39 21.48 45.51 37.75
C LYS C 39 20.88 44.15 38.07
N ASP C 40 19.65 44.15 38.58
CA ASP C 40 19.07 42.93 39.14
C ASP C 40 18.42 42.08 38.05
N GLU C 41 17.78 42.74 37.10
CA GLU C 41 17.22 42.08 35.93
C GLU C 41 18.28 41.66 34.92
N ILE C 42 19.51 42.16 35.05
CA ILE C 42 20.61 41.62 34.24
C ILE C 42 20.94 40.20 34.68
N GLN C 43 20.92 39.94 35.99
CA GLN C 43 21.18 38.59 36.48
C GLN C 43 20.02 37.65 36.20
N ALA C 44 18.81 38.19 36.08
CA ALA C 44 17.66 37.33 35.80
C ALA C 44 17.65 36.83 34.36
N ILE C 45 18.18 37.63 33.42
CA ILE C 45 18.19 37.21 32.02
C ILE C 45 19.20 36.10 31.78
N ILE C 46 20.39 36.21 32.36
CA ILE C 46 21.43 35.20 32.16
C ILE C 46 21.06 33.89 32.84
N ASP C 47 20.40 33.96 33.99
CA ASP C 47 19.99 32.75 34.69
C ASP C 47 18.73 32.14 34.12
N GLU C 48 18.10 32.78 33.14
CA GLU C 48 16.99 32.22 32.38
C GLU C 48 17.44 31.65 31.04
N THR C 49 18.47 32.24 30.45
CA THR C 49 19.04 31.74 29.20
C THR C 49 19.75 30.40 29.39
N VAL C 50 20.30 30.16 30.58
CA VAL C 50 20.96 28.89 30.87
C VAL C 50 19.95 27.76 31.03
N ARG C 51 18.70 28.05 31.35
CA ARG C 51 17.73 26.97 31.52
C ARG C 51 17.19 26.48 30.20
N GLU C 52 17.11 27.34 29.18
CA GLU C 52 16.59 26.85 27.92
C GLU C 52 17.64 26.05 27.16
N TYR C 53 18.91 26.44 27.25
CA TYR C 53 19.96 25.62 26.67
C TYR C 53 20.05 24.26 27.36
N GLN C 54 19.84 24.23 28.68
CA GLN C 54 19.87 22.97 29.41
C GLN C 54 18.64 22.13 29.11
N LYS C 55 17.54 22.75 28.72
CA LYS C 55 16.33 22.02 28.36
C LYS C 55 16.39 21.40 26.96
N ALA C 56 17.16 21.99 26.05
CA ALA C 56 17.12 21.62 24.64
C ALA C 56 18.35 20.86 24.16
N LEU C 57 18.90 19.99 24.98
CA LEU C 57 19.90 19.03 24.54
C LEU C 57 19.23 17.71 24.21
N ILE C 58 19.90 16.92 23.37
CA ILE C 58 19.31 15.66 22.92
C ILE C 58 19.38 14.63 24.04
N GLU C 59 18.37 13.79 24.11
CA GLU C 59 18.32 12.72 25.08
C GLU C 59 19.24 11.60 24.63
N PRO C 60 20.16 11.14 25.47
CA PRO C 60 21.07 10.07 25.06
C PRO C 60 20.35 8.75 24.86
N GLY C 61 20.57 8.16 23.69
CA GLY C 61 19.90 6.93 23.30
C GLY C 61 19.02 7.08 22.09
N GLU C 62 18.96 8.28 21.51
CA GLU C 62 18.08 8.64 20.41
C GLU C 62 18.42 7.80 19.17
N ALA C 63 17.54 7.85 18.18
CA ALA C 63 17.68 6.99 17.02
C ALA C 63 17.85 7.81 15.75
N VAL C 64 18.82 8.72 15.80
CA VAL C 64 19.17 9.71 14.78
C VAL C 64 19.16 9.18 13.36
N GLY C 65 19.75 8.00 13.15
CA GLY C 65 19.88 7.53 11.78
C GLY C 65 18.58 7.10 11.13
N THR C 66 17.57 6.74 11.92
CA THR C 66 16.27 6.40 11.35
C THR C 66 15.42 7.64 11.10
N VAL C 67 15.49 8.66 11.97
CA VAL C 67 14.71 9.88 11.74
C VAL C 67 15.42 10.84 10.80
N ALA C 68 16.59 10.48 10.30
CA ALA C 68 17.19 11.25 9.22
C ALA C 68 16.70 10.78 7.87
N ALA C 69 16.56 9.45 7.70
CA ALA C 69 16.13 8.90 6.43
C ALA C 69 14.64 9.04 6.16
N GLN C 70 13.81 9.19 7.18
CA GLN C 70 12.38 9.31 6.92
C GLN C 70 11.98 10.74 6.64
N SER C 71 12.58 11.69 7.34
CA SER C 71 12.31 13.10 7.13
C SER C 71 13.02 13.66 5.92
N ILE C 72 13.88 12.89 5.25
CA ILE C 72 14.41 13.28 3.97
C ILE C 72 13.71 12.53 2.83
N GLY C 73 13.02 11.43 3.13
CA GLY C 73 12.33 10.65 2.13
C GLY C 73 10.83 10.88 2.05
N GLU C 74 10.25 11.53 3.07
CA GLU C 74 8.87 11.98 2.95
C GLU C 74 8.69 13.12 1.94
N PRO C 75 9.47 14.21 1.94
CA PRO C 75 9.17 15.30 1.00
C PRO C 75 9.43 14.96 -0.45
N SER C 76 10.09 13.82 -0.73
CA SER C 76 10.27 13.40 -2.09
C SER C 76 9.01 12.76 -2.68
N THR C 77 8.00 12.42 -1.86
CA THR C 77 6.77 11.93 -2.46
C THR C 77 5.86 13.08 -2.90
N GLN C 78 5.88 14.19 -2.17
CA GLN C 78 5.21 15.42 -2.55
C GLN C 78 6.10 16.32 -3.38
N MET C 79 7.13 15.73 -4.00
CA MET C 79 8.10 16.43 -4.85
C MET C 79 7.51 16.48 -6.26
N THR C 80 6.56 17.38 -6.46
CA THR C 80 5.92 17.54 -7.76
C THR C 80 6.72 18.45 -8.69
N LEU C 81 6.07 18.80 -9.81
CA LEU C 81 6.60 19.72 -10.81
C LEU C 81 6.61 21.14 -10.27
N ASN C 82 7.44 21.98 -10.89
CA ASN C 82 7.49 23.40 -10.58
C ASN C 82 7.25 24.21 -11.86
N THR C 83 7.48 25.52 -11.75
CA THR C 83 7.39 26.47 -12.86
C THR C 83 8.61 26.29 -13.76
N PHE C 84 8.46 25.41 -14.76
CA PHE C 84 9.53 25.19 -15.72
C PHE C 84 9.79 26.40 -16.61
N HIS C 85 8.85 27.33 -16.65
CA HIS C 85 8.98 28.59 -17.39
C HIS C 85 9.50 29.70 -16.49
N TYR C 86 10.65 29.43 -15.84
CA TYR C 86 11.38 30.45 -15.10
C TYR C 86 11.66 31.68 -15.94
N ALA C 87 11.70 32.84 -15.29
CA ALA C 87 11.83 34.13 -15.97
C ALA C 87 13.27 34.61 -15.92
N GLY C 88 14.22 33.68 -16.01
CA GLY C 88 15.63 34.00 -16.04
C GLY C 88 16.25 33.69 -17.39
N VAL C 89 17.51 34.11 -17.52
CA VAL C 89 18.26 34.01 -18.77
C VAL C 89 19.49 33.14 -18.58
N ALA C 90 20.26 33.40 -17.51
CA ALA C 90 21.56 32.78 -17.34
C ALA C 90 21.43 31.28 -17.09
N GLU C 91 20.78 30.91 -16.00
CA GLU C 91 20.58 29.50 -15.68
C GLU C 91 19.53 28.88 -16.61
N ILE C 92 19.91 27.78 -17.27
CA ILE C 92 19.08 27.15 -18.28
C ILE C 92 19.23 25.64 -18.14
N ASN C 93 18.13 24.95 -17.84
CA ASN C 93 17.98 23.49 -17.97
C ASN C 93 18.99 22.74 -17.10
N VAL C 94 18.79 22.86 -15.80
CA VAL C 94 19.72 22.35 -14.80
C VAL C 94 19.09 21.20 -14.00
N THR C 95 18.11 20.52 -14.61
CA THR C 95 17.46 19.28 -14.13
C THR C 95 16.90 19.47 -12.72
N LEU C 96 15.89 20.33 -12.67
CA LEU C 96 15.24 20.65 -11.41
C LEU C 96 14.42 19.45 -10.96
N GLY C 97 14.26 19.32 -9.65
CA GLY C 97 13.29 18.38 -9.16
C GLY C 97 13.77 17.14 -8.45
N LEU C 98 12.95 16.09 -8.47
CA LEU C 98 13.33 14.81 -7.85
C LEU C 98 14.53 14.11 -8.48
N PRO C 99 14.76 14.11 -9.80
CA PRO C 99 15.99 13.49 -10.29
C PRO C 99 17.27 14.19 -9.90
N ARG C 100 17.21 15.42 -9.35
CA ARG C 100 18.44 15.98 -8.81
C ARG C 100 18.82 15.31 -7.50
N ILE C 101 17.84 15.01 -6.64
CA ILE C 101 18.10 14.41 -5.33
C ILE C 101 18.71 13.02 -5.45
N ILE C 102 18.36 12.27 -6.50
CA ILE C 102 19.01 10.99 -6.70
C ILE C 102 20.43 11.16 -7.23
N GLU C 103 20.66 12.20 -8.03
CA GLU C 103 21.99 12.39 -8.61
C GLU C 103 23.00 12.89 -7.60
N ILE C 104 22.56 13.52 -6.52
CA ILE C 104 23.49 13.99 -5.50
C ILE C 104 23.75 12.92 -4.45
N VAL C 105 22.78 12.05 -4.17
CA VAL C 105 22.97 10.98 -3.18
C VAL C 105 23.86 9.88 -3.76
N ASP C 106 23.46 9.30 -4.88
CA ASP C 106 24.33 8.39 -5.62
C ASP C 106 25.41 9.19 -6.32
N ALA C 107 26.68 8.80 -6.10
CA ALA C 107 27.86 9.54 -6.55
C ALA C 107 27.82 9.89 -8.03
N ARG C 108 27.77 8.89 -8.92
CA ARG C 108 27.60 8.99 -10.37
C ARG C 108 28.47 10.03 -11.11
N LYS C 109 29.75 9.69 -11.34
CA LYS C 109 30.81 10.50 -11.95
C LYS C 109 30.43 11.46 -13.09
N ASN C 110 29.42 11.10 -13.89
CA ASN C 110 28.97 11.78 -15.11
C ASN C 110 28.28 13.15 -15.01
N PRO C 111 27.66 13.53 -13.85
CA PRO C 111 26.26 14.05 -13.86
C PRO C 111 25.83 15.03 -14.94
N SER C 112 24.60 14.85 -15.40
CA SER C 112 24.03 15.63 -16.50
C SER C 112 23.86 17.10 -16.13
N THR C 113 23.95 17.96 -17.17
CA THR C 113 23.90 19.42 -17.13
C THR C 113 24.80 20.08 -16.10
N PRO C 114 26.12 20.12 -16.30
CA PRO C 114 26.97 20.90 -15.38
C PRO C 114 26.85 22.39 -15.68
N ILE C 115 26.64 23.18 -14.64
CA ILE C 115 26.63 24.64 -14.72
C ILE C 115 27.53 25.15 -13.60
N MET C 116 28.67 25.71 -13.98
CA MET C 116 29.64 26.20 -13.01
C MET C 116 29.56 27.72 -12.85
N THR C 117 29.32 28.15 -11.62
CA THR C 117 29.22 29.58 -11.33
C THR C 117 30.59 30.22 -11.39
N VAL C 118 30.71 31.33 -12.11
CA VAL C 118 31.97 32.03 -12.26
C VAL C 118 31.79 33.43 -11.66
N TYR C 119 32.63 33.77 -10.70
CA TYR C 119 32.65 35.09 -10.07
C TYR C 119 33.88 35.85 -10.54
N LEU C 120 33.77 37.17 -10.52
CA LEU C 120 34.79 38.04 -11.08
C LEU C 120 35.51 38.75 -9.95
N ASP C 121 36.76 39.15 -10.20
CA ASP C 121 37.56 39.73 -9.13
C ASP C 121 37.30 41.21 -8.91
N GLU C 122 38.19 41.87 -8.17
CA GLU C 122 37.97 43.24 -7.75
C GLU C 122 38.31 44.25 -8.83
N GLU C 123 38.96 43.84 -9.91
CA GLU C 123 39.29 44.74 -11.00
C GLU C 123 38.44 44.49 -12.24
N HIS C 124 37.77 43.35 -12.33
CA HIS C 124 36.82 43.05 -13.38
C HIS C 124 35.40 42.93 -12.82
N ARG C 125 35.08 43.77 -11.83
CA ARG C 125 33.81 43.71 -11.11
C ARG C 125 32.71 44.58 -11.73
N TYR C 126 33.01 45.85 -12.01
CA TYR C 126 31.99 46.81 -12.43
C TYR C 126 32.07 47.15 -13.91
N ASP C 127 33.15 46.78 -14.58
CA ASP C 127 33.41 47.11 -15.97
C ASP C 127 32.63 46.22 -16.93
N ARG C 128 31.73 46.84 -17.70
CA ARG C 128 30.80 46.12 -18.57
C ARG C 128 31.52 45.39 -19.70
N ASP C 129 32.35 46.10 -20.47
CA ASP C 129 32.96 45.52 -21.66
C ASP C 129 34.17 44.67 -21.34
N LYS C 130 34.84 44.94 -20.21
CA LYS C 130 35.92 44.07 -19.76
C LYS C 130 35.37 42.72 -19.29
N ALA C 131 34.11 42.67 -18.87
CA ALA C 131 33.50 41.39 -18.56
C ALA C 131 33.24 40.56 -19.81
N LEU C 132 33.07 41.23 -20.96
CA LEU C 132 32.85 40.51 -22.21
C LEU C 132 34.10 39.77 -22.66
N GLU C 133 35.28 40.40 -22.54
CA GLU C 133 36.51 39.76 -22.97
C GLU C 133 36.91 38.59 -22.08
N VAL C 134 36.42 38.55 -20.83
CA VAL C 134 36.57 37.36 -20.02
C VAL C 134 35.76 36.21 -20.62
N ALA C 135 34.53 36.49 -21.07
CA ALA C 135 33.70 35.48 -21.73
C ALA C 135 34.28 35.04 -23.07
N ARG C 136 35.06 35.90 -23.73
CA ARG C 136 35.82 35.49 -24.91
C ARG C 136 36.86 34.44 -24.56
N ARG C 137 37.60 34.67 -23.47
CA ARG C 137 38.64 33.76 -23.05
C ARG C 137 38.09 32.44 -22.51
N ILE C 138 36.91 32.46 -21.89
CA ILE C 138 36.36 31.22 -21.33
C ILE C 138 35.70 30.33 -22.39
N GLU C 139 34.96 30.92 -23.34
CA GLU C 139 34.09 30.11 -24.19
C GLU C 139 34.78 29.13 -25.15
N GLY C 140 35.47 29.61 -26.16
CA GLY C 140 36.11 28.68 -27.08
C GLY C 140 35.19 28.10 -28.13
N THR C 141 35.58 28.19 -29.40
CA THR C 141 34.76 27.69 -30.50
C THR C 141 35.63 26.95 -31.51
N THR C 142 35.06 25.89 -32.11
CA THR C 142 35.74 25.14 -33.15
C THR C 142 35.36 25.72 -34.51
N LEU C 143 35.71 25.01 -35.59
CA LEU C 143 35.31 25.44 -36.93
C LEU C 143 33.99 24.83 -37.41
N GLU C 144 33.58 23.70 -36.84
CA GLU C 144 32.37 23.02 -37.31
C GLU C 144 31.09 23.73 -36.87
N ASN C 145 31.14 24.43 -35.74
CA ASN C 145 30.02 25.21 -35.24
C ASN C 145 30.04 26.65 -35.74
N LEU C 146 31.10 27.04 -36.44
CA LEU C 146 31.12 28.26 -37.25
C LEU C 146 30.63 28.00 -38.67
N ALA C 147 29.48 27.36 -38.79
CA ALA C 147 28.83 27.09 -40.06
C ALA C 147 27.34 26.91 -39.80
N ARG C 148 26.58 26.62 -40.85
CA ARG C 148 25.21 26.18 -40.63
C ARG C 148 24.89 24.88 -41.35
N GLU C 149 25.45 24.64 -42.54
CA GLU C 149 25.46 23.32 -43.14
C GLU C 149 26.66 23.25 -44.09
N GLU C 150 26.78 22.12 -44.78
CA GLU C 150 27.89 21.86 -45.68
C GLU C 150 27.44 21.58 -47.10
N THR C 151 28.00 22.34 -48.03
CA THR C 151 27.78 22.19 -49.47
C THR C 151 29.09 21.69 -50.05
N ILE C 152 29.04 20.64 -50.86
CA ILE C 152 30.28 20.06 -51.36
C ILE C 152 30.76 20.86 -52.56
N ASP C 153 32.08 20.89 -52.75
CA ASP C 153 32.72 21.51 -53.89
C ASP C 153 32.88 20.52 -55.04
N ILE C 154 33.69 20.89 -56.02
CA ILE C 154 33.89 20.10 -57.23
C ILE C 154 35.12 19.21 -57.15
N LEU C 155 36.31 19.82 -57.03
CA LEU C 155 37.55 19.08 -57.19
C LEU C 155 38.44 19.06 -55.95
N ASN C 156 38.83 20.22 -55.42
CA ASN C 156 39.86 20.26 -54.39
C ASN C 156 39.60 21.23 -53.25
N MET C 157 38.66 22.17 -53.38
CA MET C 157 38.36 23.08 -52.27
C MET C 157 37.63 22.34 -51.16
N GLU C 158 36.71 21.44 -51.52
CA GLU C 158 36.17 20.35 -50.69
C GLU C 158 35.27 20.76 -49.53
N TYR C 159 35.23 22.05 -49.20
CA TYR C 159 34.57 22.55 -48.00
C TYR C 159 34.31 24.03 -48.20
N VAL C 160 33.36 24.57 -47.43
CA VAL C 160 33.07 25.99 -47.48
C VAL C 160 32.43 26.40 -46.17
N VAL C 161 32.70 27.64 -45.77
CA VAL C 161 32.08 28.27 -44.62
C VAL C 161 31.00 29.22 -45.14
N GLU C 162 30.03 29.53 -44.30
CA GLU C 162 28.71 29.96 -44.71
C GLU C 162 28.24 30.97 -43.66
N ILE C 163 26.96 31.36 -43.75
CA ILE C 163 26.29 32.19 -42.73
C ILE C 163 26.55 31.60 -41.34
N ASP C 164 27.00 32.42 -40.38
CA ASP C 164 27.11 33.88 -40.47
C ASP C 164 28.49 34.26 -39.91
N PRO C 165 28.97 35.49 -40.13
CA PRO C 165 30.26 35.89 -39.55
C PRO C 165 30.21 36.66 -38.23
N GLU C 166 29.05 36.85 -37.61
CA GLU C 166 28.97 37.74 -36.45
C GLU C 166 29.41 37.07 -35.15
N ARG C 167 30.03 35.89 -35.18
CA ARG C 167 30.63 35.43 -33.93
C ARG C 167 31.99 36.06 -33.67
N LEU C 168 32.50 36.94 -34.54
CA LEU C 168 33.77 37.59 -34.29
C LEU C 168 33.68 39.12 -34.30
N GLU C 169 32.48 39.69 -34.43
CA GLU C 169 32.28 41.13 -34.38
C GLU C 169 31.35 41.61 -33.29
N LYS C 170 30.76 40.71 -32.51
CA LYS C 170 29.93 41.10 -31.38
C LYS C 170 30.53 40.68 -30.04
N ALA C 171 31.22 39.55 -30.01
CA ALA C 171 31.98 39.09 -28.86
C ALA C 171 33.46 39.41 -29.02
N GLY C 172 34.01 39.24 -30.22
CA GLY C 172 35.38 39.61 -30.48
C GLY C 172 36.37 38.47 -30.38
N LEU C 173 36.12 37.41 -31.15
CA LEU C 173 36.92 36.18 -31.19
C LEU C 173 38.17 36.33 -32.05
N ASP C 174 38.57 37.57 -32.34
CA ASP C 174 39.91 37.95 -32.74
C ASP C 174 40.40 37.38 -34.06
N MET C 175 40.02 38.01 -35.18
CA MET C 175 40.49 37.68 -36.54
C MET C 175 42.01 37.53 -36.72
N GLU C 176 42.82 37.97 -35.75
CA GLU C 176 44.25 37.66 -35.76
C GLU C 176 44.49 36.17 -35.61
N LYS C 177 43.57 35.45 -34.95
CA LYS C 177 43.64 34.01 -34.83
C LYS C 177 43.44 33.29 -36.17
N VAL C 178 42.83 33.95 -37.16
CA VAL C 178 42.75 33.38 -38.51
C VAL C 178 44.14 33.13 -39.08
N VAL C 179 45.04 34.11 -38.91
CA VAL C 179 46.45 33.89 -39.26
C VAL C 179 47.05 32.76 -38.43
N ARG C 180 46.67 32.69 -37.15
CA ARG C 180 47.24 31.74 -36.20
C ARG C 180 46.94 30.28 -36.51
N LYS C 181 45.91 29.98 -37.34
CA LYS C 181 45.45 28.61 -37.61
C LYS C 181 46.55 27.64 -38.02
N LEU C 182 47.65 28.13 -38.62
CA LEU C 182 48.76 27.33 -39.12
C LEU C 182 49.57 26.62 -38.04
N THR C 183 49.26 26.84 -36.76
CA THR C 183 49.95 26.25 -35.61
C THR C 183 49.98 24.73 -35.65
N GLY C 184 51.18 24.17 -35.84
CA GLY C 184 51.42 22.74 -35.98
C GLY C 184 50.56 21.93 -36.91
N SER C 185 49.90 22.56 -37.88
CA SER C 185 48.96 21.86 -38.73
C SER C 185 49.68 21.19 -39.90
N PHE C 186 48.91 20.55 -40.77
CA PHE C 186 49.47 19.68 -41.81
C PHE C 186 49.74 20.42 -43.11
N LYS C 187 48.72 21.06 -43.67
CA LYS C 187 48.81 21.64 -45.00
C LYS C 187 48.72 23.17 -44.96
N SER C 188 47.65 23.70 -44.37
CA SER C 188 47.52 25.12 -44.00
C SER C 188 47.62 26.04 -45.23
N ALA C 189 46.58 25.97 -46.06
CA ALA C 189 46.55 26.92 -47.17
C ALA C 189 46.12 28.30 -46.67
N GLU C 190 46.50 29.32 -47.43
CA GLU C 190 46.39 30.70 -46.98
C GLU C 190 45.60 31.51 -48.01
N PHE C 191 44.31 31.73 -47.73
CA PHE C 191 43.48 32.54 -48.63
C PHE C 191 42.36 33.10 -47.76
N GLU C 192 42.42 34.39 -47.46
CA GLU C 192 41.42 35.08 -46.66
C GLU C 192 40.81 36.25 -47.42
N ALA C 193 39.61 36.06 -47.97
CA ALA C 193 38.94 37.15 -48.66
C ALA C 193 38.05 37.93 -47.69
N GLU C 194 37.08 37.27 -47.07
CA GLU C 194 36.24 37.89 -46.06
C GLU C 194 36.60 37.43 -44.66
N GLY C 195 37.86 37.06 -44.44
CA GLY C 195 38.29 36.62 -43.13
C GLY C 195 38.11 35.14 -42.85
N TYR C 196 37.67 34.33 -43.82
CA TYR C 196 37.54 32.90 -43.59
C TYR C 196 38.45 32.13 -44.54
N THR C 197 39.14 31.15 -43.95
CA THR C 197 40.24 30.41 -44.59
C THR C 197 39.77 29.26 -45.46
N LEU C 198 40.02 29.37 -46.77
CA LEU C 198 39.74 28.28 -47.70
C LEU C 198 40.87 27.27 -47.57
N VAL C 199 40.54 26.02 -47.25
CA VAL C 199 41.55 24.98 -47.04
C VAL C 199 41.45 23.95 -48.15
N VAL C 200 42.42 23.99 -49.03
CA VAL C 200 42.62 23.04 -50.13
C VAL C 200 43.52 21.93 -49.63
N ARG C 201 43.38 20.73 -50.18
CA ARG C 201 44.20 19.58 -49.79
C ARG C 201 44.75 19.04 -51.11
N PRO C 202 45.84 19.69 -51.63
CA PRO C 202 46.36 19.41 -52.98
C PRO C 202 47.36 18.26 -53.12
N LYS C 203 47.01 17.09 -52.62
CA LYS C 203 47.93 15.95 -52.71
C LYS C 203 47.14 14.69 -53.05
N LYS C 204 47.75 13.55 -52.79
CA LYS C 204 47.55 12.32 -53.53
C LYS C 204 47.58 11.19 -52.52
N VAL C 205 47.91 9.97 -52.98
CA VAL C 205 47.41 8.65 -52.55
C VAL C 205 47.22 8.51 -51.04
N THR C 206 48.09 9.19 -50.27
CA THR C 206 47.91 9.32 -48.81
C THR C 206 46.53 9.87 -48.49
N LYS C 207 46.16 10.97 -49.16
CA LYS C 207 44.79 11.49 -49.12
C LYS C 207 44.18 11.36 -50.52
N LEU C 208 43.15 10.52 -50.64
CA LEU C 208 42.49 10.29 -51.93
C LEU C 208 41.04 10.77 -51.92
N SER C 209 40.20 10.23 -51.05
CA SER C 209 38.84 10.72 -50.91
C SER C 209 38.39 10.73 -49.45
N ASP C 210 39.30 10.46 -48.51
CA ASP C 210 38.96 10.33 -47.09
C ASP C 210 38.86 11.72 -46.43
N LEU C 211 37.82 12.45 -46.81
CA LEU C 211 37.49 13.71 -46.15
C LEU C 211 37.19 13.53 -44.67
N ARG C 212 36.68 12.36 -44.29
CA ARG C 212 36.15 12.13 -42.96
C ARG C 212 37.24 12.04 -41.89
N LYS C 213 38.48 11.74 -42.27
CA LYS C 213 39.53 11.62 -41.26
C LYS C 213 40.13 12.98 -40.88
N ILE C 214 40.05 13.95 -41.79
CA ILE C 214 40.40 15.34 -41.48
C ILE C 214 39.31 16.04 -40.66
N ALA C 215 38.07 15.54 -40.72
CA ALA C 215 36.99 16.07 -39.89
C ALA C 215 37.17 15.87 -38.39
N GLU C 216 38.06 14.97 -37.96
CA GLU C 216 38.40 14.88 -36.53
C GLU C 216 39.64 15.69 -36.18
N LYS C 217 40.55 15.89 -37.13
CA LYS C 217 41.68 16.79 -36.98
C LYS C 217 41.24 18.24 -37.19
N VAL C 218 42.20 19.11 -37.55
CA VAL C 218 42.23 20.58 -37.44
C VAL C 218 40.89 21.28 -37.70
N LYS C 219 40.09 20.72 -38.61
CA LYS C 219 38.70 21.14 -38.81
C LYS C 219 37.88 21.06 -37.53
N LYS C 220 38.17 20.09 -36.65
CA LYS C 220 37.54 20.01 -35.34
C LYS C 220 38.47 20.39 -34.19
N HIS C 221 39.79 20.37 -34.42
CA HIS C 221 40.77 20.61 -33.36
C HIS C 221 40.99 22.10 -33.08
N ARG C 222 40.24 22.99 -33.72
CA ARG C 222 40.45 24.42 -33.49
C ARG C 222 39.85 24.83 -32.15
N LEU C 223 40.63 25.61 -31.41
CA LEU C 223 40.36 25.96 -30.02
C LEU C 223 40.42 27.48 -29.83
N LYS C 224 39.62 28.23 -30.59
CA LYS C 224 39.70 29.69 -30.60
C LYS C 224 39.26 30.30 -29.27
N GLY C 225 40.13 30.14 -28.26
CA GLY C 225 39.96 30.63 -26.91
C GLY C 225 40.31 29.54 -25.92
N LEU C 226 40.53 29.94 -24.68
CA LEU C 226 40.94 29.03 -23.62
C LEU C 226 39.73 28.29 -23.06
N SER C 227 40.02 27.24 -22.27
CA SER C 227 39.05 26.52 -21.45
C SER C 227 37.92 25.93 -22.29
N GLY C 228 38.28 24.89 -23.05
CA GLY C 228 37.47 24.38 -24.13
C GLY C 228 36.17 23.72 -23.69
N VAL C 229 35.21 24.56 -23.31
CA VAL C 229 33.98 24.16 -22.65
C VAL C 229 32.83 24.91 -23.31
N GLY C 230 31.60 24.74 -22.80
CA GLY C 230 30.40 25.25 -23.45
C GLY C 230 30.11 26.73 -23.47
N LYS C 231 28.82 27.08 -23.46
CA LYS C 231 28.33 28.42 -23.75
C LYS C 231 28.35 29.27 -22.49
N THR C 232 28.42 30.59 -22.67
CA THR C 232 28.49 31.52 -21.54
C THR C 232 27.36 32.54 -21.59
N ILE C 233 26.70 32.76 -20.46
CA ILE C 233 25.66 33.77 -20.31
C ILE C 233 26.08 34.67 -19.16
N ILE C 234 25.77 35.96 -19.24
CA ILE C 234 26.20 36.94 -18.23
C ILE C 234 24.95 37.50 -17.57
N ARG C 235 24.94 37.51 -16.24
CA ARG C 235 23.85 38.07 -15.45
C ARG C 235 24.39 39.12 -14.47
N LYS C 236 23.52 40.10 -14.13
CA LYS C 236 23.80 41.15 -13.16
C LYS C 236 23.19 40.74 -11.83
N GLU C 237 24.03 40.50 -10.84
CA GLU C 237 23.60 40.12 -9.50
C GLU C 237 24.47 40.84 -8.48
N GLY C 238 23.83 41.60 -7.60
CA GLY C 238 24.53 42.22 -6.49
C GLY C 238 25.56 43.26 -6.90
N ASP C 239 25.39 43.87 -8.08
CA ASP C 239 26.28 44.82 -8.74
C ASP C 239 27.59 44.20 -9.20
N GLU C 240 27.70 42.87 -9.18
CA GLU C 240 28.75 42.13 -9.85
C GLU C 240 28.14 41.35 -11.01
N TYR C 241 28.93 41.14 -12.04
CA TYR C 241 28.51 40.26 -13.13
C TYR C 241 28.94 38.83 -12.85
N VAL C 242 28.01 37.89 -12.99
CA VAL C 242 28.30 36.49 -12.87
C VAL C 242 28.28 35.89 -14.27
N ILE C 243 29.04 34.84 -14.47
CA ILE C 243 29.12 34.21 -15.79
C ILE C 243 28.73 32.75 -15.60
N TYR C 244 27.45 32.45 -15.75
CA TYR C 244 27.00 31.07 -15.57
C TYR C 244 27.25 30.34 -16.88
N THR C 245 28.35 29.61 -16.95
CA THR C 245 28.76 28.96 -18.18
C THR C 245 28.13 27.58 -18.24
N GLU C 246 28.62 26.72 -19.12
CA GLU C 246 28.20 25.33 -19.18
C GLU C 246 29.44 24.45 -19.16
N GLY C 247 29.29 23.27 -18.58
CA GLY C 247 30.34 22.28 -18.47
C GLY C 247 31.17 22.46 -17.22
N SER C 248 32.31 21.76 -17.17
CA SER C 248 33.07 21.67 -15.92
C SER C 248 34.53 21.30 -16.24
N ASN C 249 35.42 22.28 -16.19
CA ASN C 249 36.84 22.09 -16.50
C ASN C 249 37.72 22.83 -15.50
N PHE C 250 37.53 22.53 -14.21
CA PHE C 250 38.03 23.26 -13.04
C PHE C 250 39.43 23.85 -13.07
N LYS C 251 40.44 22.99 -13.14
CA LYS C 251 41.80 23.45 -12.93
C LYS C 251 42.34 24.25 -14.10
N GLN C 252 41.67 24.17 -15.25
CA GLN C 252 41.95 25.11 -16.33
C GLN C 252 41.22 26.44 -16.13
N VAL C 253 39.97 26.40 -15.66
CA VAL C 253 39.16 27.61 -15.54
C VAL C 253 39.66 28.52 -14.42
N LEU C 254 40.14 27.93 -13.32
CA LEU C 254 40.65 28.74 -12.21
C LEU C 254 41.94 29.47 -12.55
N LYS C 255 42.68 29.01 -13.54
CA LYS C 255 43.87 29.71 -14.03
C LYS C 255 43.53 30.56 -15.25
N VAL C 256 42.66 31.54 -15.03
CA VAL C 256 42.24 32.50 -16.05
C VAL C 256 42.40 33.89 -15.46
N PRO C 257 43.00 34.85 -16.18
CA PRO C 257 43.19 36.19 -15.62
C PRO C 257 41.92 37.04 -15.52
N GLY C 258 41.22 36.92 -14.40
CA GLY C 258 40.09 37.79 -14.13
C GLY C 258 38.99 37.13 -13.33
N VAL C 259 38.91 35.81 -13.37
CA VAL C 259 37.95 35.10 -12.54
C VAL C 259 38.45 35.14 -11.11
N ASP C 260 37.58 35.51 -10.19
CA ASP C 260 37.94 35.43 -8.77
C ASP C 260 38.04 33.98 -8.34
N PRO C 261 39.23 33.49 -7.99
CA PRO C 261 39.40 32.05 -7.78
C PRO C 261 38.80 31.56 -6.49
N THR C 262 38.56 32.44 -5.53
CA THR C 262 38.29 32.02 -4.17
C THR C 262 36.82 31.80 -3.89
N ARG C 263 35.95 31.96 -4.88
CA ARG C 263 34.53 31.92 -4.56
C ARG C 263 33.67 31.15 -5.57
N THR C 264 34.25 30.61 -6.64
CA THR C 264 33.43 29.97 -7.67
C THR C 264 32.93 28.59 -7.23
N ARG C 265 31.65 28.51 -6.89
CA ARG C 265 31.02 27.24 -6.52
C ARG C 265 30.54 26.57 -7.80
N THR C 266 30.25 25.27 -7.72
CA THR C 266 30.00 24.44 -8.90
C THR C 266 28.85 23.46 -8.64
N ASN C 267 28.22 23.01 -9.72
CA ASN C 267 27.17 21.99 -9.68
C ASN C 267 27.70 20.60 -10.03
N ASN C 268 28.98 20.35 -9.83
CA ASN C 268 29.53 19.01 -10.02
C ASN C 268 30.07 18.57 -8.67
N ILE C 269 30.30 17.26 -8.50
CA ILE C 269 30.59 16.68 -7.20
C ILE C 269 31.99 16.06 -7.16
N TRP C 270 32.29 15.18 -8.11
CA TRP C 270 33.54 14.44 -8.05
C TRP C 270 34.74 15.30 -8.38
N GLU C 271 34.55 16.38 -9.13
CA GLU C 271 35.67 17.23 -9.50
C GLU C 271 36.10 18.15 -8.37
N ILE C 272 35.17 18.58 -7.51
CA ILE C 272 35.53 19.46 -6.42
C ILE C 272 36.31 18.69 -5.35
N ALA C 273 36.23 17.36 -5.34
CA ALA C 273 37.04 16.57 -4.42
C ALA C 273 38.48 16.44 -4.92
N GLU C 274 38.66 16.30 -6.23
CA GLU C 274 40.00 16.14 -6.78
C GLU C 274 40.78 17.45 -6.77
N VAL C 275 40.08 18.58 -6.83
CA VAL C 275 40.71 19.89 -6.98
C VAL C 275 40.72 20.65 -5.67
N LEU C 276 39.56 20.80 -5.03
CA LEU C 276 39.45 21.58 -3.81
C LEU C 276 39.55 20.73 -2.55
N GLY C 277 39.55 19.40 -2.67
CA GLY C 277 39.71 18.54 -1.51
C GLY C 277 38.40 17.95 -1.05
N ILE C 278 38.52 17.03 -0.09
CA ILE C 278 37.36 16.26 0.36
C ILE C 278 36.42 17.11 1.19
N GLU C 279 36.96 17.87 2.13
CA GLU C 279 36.10 18.65 2.99
C GLU C 279 35.47 19.83 2.28
N ALA C 280 35.95 20.18 1.08
CA ALA C 280 35.16 21.08 0.26
C ALA C 280 34.02 20.32 -0.40
N ALA C 281 34.22 19.06 -0.75
CA ALA C 281 33.13 18.27 -1.32
C ALA C 281 32.12 17.82 -0.28
N ARG C 282 32.50 17.87 1.00
CA ARG C 282 31.54 17.84 2.10
C ARG C 282 30.53 18.97 1.94
N ASN C 283 31.01 20.21 1.84
CA ASN C 283 30.14 21.37 1.69
C ASN C 283 29.51 21.48 0.32
N ALA C 284 30.00 20.73 -0.68
CA ALA C 284 29.32 20.72 -1.97
C ALA C 284 28.01 19.96 -1.87
N ILE C 285 28.02 18.85 -1.14
CA ILE C 285 26.82 18.04 -0.95
C ILE C 285 25.82 18.78 -0.08
N ILE C 286 26.30 19.48 0.96
CA ILE C 286 25.41 20.14 1.90
C ILE C 286 24.70 21.30 1.22
N ASP C 287 25.46 22.13 0.50
CA ASP C 287 24.88 23.34 -0.09
C ASP C 287 24.00 23.02 -1.30
N GLU C 288 24.11 21.84 -1.87
CA GLU C 288 23.32 21.57 -3.07
C GLU C 288 21.93 21.02 -2.74
N ILE C 289 21.81 20.19 -1.70
CA ILE C 289 20.48 19.70 -1.32
C ILE C 289 19.69 20.81 -0.63
N VAL C 290 20.38 21.76 0.00
CA VAL C 290 19.70 22.93 0.57
C VAL C 290 19.06 23.78 -0.52
N SER C 291 19.74 23.96 -1.65
CA SER C 291 19.17 24.79 -2.70
C SER C 291 18.02 24.12 -3.43
N THR C 292 17.93 22.79 -3.41
CA THR C 292 16.79 22.12 -4.03
C THR C 292 15.54 22.23 -3.18
N MET C 293 15.68 22.12 -1.86
CA MET C 293 14.52 22.16 -0.97
C MET C 293 13.87 23.53 -0.95
N ARG C 294 14.68 24.61 -0.98
CA ARG C 294 14.11 25.95 -0.91
C ARG C 294 13.37 26.34 -2.18
N GLU C 295 13.73 25.76 -3.33
CA GLU C 295 13.00 26.05 -4.55
C GLU C 295 11.59 25.49 -4.55
N GLN C 296 11.31 24.48 -3.74
CA GLN C 296 10.01 23.85 -3.72
C GLN C 296 9.16 24.29 -2.57
N GLY C 297 9.60 25.25 -1.78
CA GLY C 297 8.75 25.84 -0.80
C GLY C 297 8.95 25.26 0.59
N LEU C 298 9.31 23.99 0.68
CA LEU C 298 9.21 23.25 1.91
C LEU C 298 10.60 22.97 2.47
N GLU C 299 10.72 23.14 3.79
CA GLU C 299 11.99 23.27 4.47
C GLU C 299 12.29 22.00 5.24
N VAL C 300 13.56 21.61 5.25
CA VAL C 300 14.06 20.52 6.08
C VAL C 300 15.23 21.08 6.87
N ASP C 301 15.38 20.61 8.11
CA ASP C 301 16.39 21.14 9.00
C ASP C 301 17.75 20.56 8.65
N VAL C 302 18.81 21.32 8.91
CA VAL C 302 20.12 20.99 8.38
C VAL C 302 20.92 20.18 9.38
N ARG C 303 20.26 19.71 10.45
CA ARG C 303 20.88 18.65 11.22
C ARG C 303 20.78 17.32 10.49
N HIS C 304 19.71 17.12 9.71
CA HIS C 304 19.55 15.88 8.98
C HIS C 304 20.45 15.82 7.76
N ILE C 305 20.74 16.95 7.14
CA ILE C 305 21.62 16.96 5.98
C ILE C 305 23.08 16.77 6.41
N MET C 306 23.45 17.31 7.57
CA MET C 306 24.83 17.18 8.00
C MET C 306 25.12 15.85 8.69
N LEU C 307 24.14 14.95 8.72
CA LEU C 307 24.35 13.56 9.13
C LEU C 307 24.60 12.66 7.93
N VAL C 308 23.96 12.94 6.80
CA VAL C 308 24.22 12.17 5.60
C VAL C 308 25.54 12.56 4.97
N ALA C 309 25.84 13.85 4.90
CA ALA C 309 27.04 14.31 4.21
C ALA C 309 28.30 13.95 4.96
N ASP C 310 28.27 14.00 6.29
CA ASP C 310 29.43 13.61 7.08
C ASP C 310 29.50 12.10 7.31
N MET C 311 28.64 11.33 6.66
CA MET C 311 28.73 9.88 6.67
C MET C 311 29.03 9.31 5.29
N MET C 312 28.83 10.10 4.23
CA MET C 312 29.10 9.65 2.88
C MET C 312 30.53 9.94 2.44
N THR C 313 31.28 10.74 3.20
CA THR C 313 32.71 10.97 3.00
C THR C 313 33.55 10.35 4.12
N LEU C 314 33.19 9.14 4.54
CA LEU C 314 33.77 8.60 5.76
C LEU C 314 35.15 8.00 5.55
N ASP C 315 35.53 7.65 4.33
CA ASP C 315 36.82 7.02 4.14
C ASP C 315 37.62 7.77 3.08
N GLY C 316 37.59 9.09 3.13
CA GLY C 316 38.42 9.91 2.26
C GLY C 316 38.06 10.01 0.79
N VAL C 317 37.38 9.01 0.23
CA VAL C 317 36.82 9.11 -1.11
C VAL C 317 35.33 8.92 -0.93
N ILE C 318 34.53 9.76 -1.60
CA ILE C 318 33.09 9.71 -1.40
C ILE C 318 32.54 8.39 -1.95
N ARG C 319 31.50 7.89 -1.30
CA ARG C 319 30.94 6.59 -1.63
C ARG C 319 29.50 6.77 -2.11
N PRO C 320 28.96 5.82 -2.84
CA PRO C 320 27.51 5.83 -3.06
C PRO C 320 26.74 5.31 -1.86
N ILE C 321 25.43 5.17 -2.01
CA ILE C 321 24.56 4.82 -0.89
C ILE C 321 24.03 3.41 -0.98
N GLY C 322 24.07 2.78 -2.16
CA GLY C 322 23.43 1.50 -2.32
C GLY C 322 24.08 0.56 -3.31
N ARG C 323 24.27 -0.69 -2.88
CA ARG C 323 24.67 -1.87 -3.63
C ARG C 323 26.13 -1.88 -4.10
N HIS C 324 26.82 -0.75 -3.99
CA HIS C 324 28.26 -0.72 -4.22
C HIS C 324 28.98 0.13 -3.21
N GLY C 325 28.27 0.73 -2.27
CA GLY C 325 28.84 1.67 -1.35
C GLY C 325 28.59 1.18 0.06
N ILE C 326 27.90 2.02 0.83
CA ILE C 326 27.92 1.91 2.29
C ILE C 326 27.23 0.64 2.77
N VAL C 327 26.19 0.19 2.07
CA VAL C 327 25.62 -1.11 2.44
C VAL C 327 26.55 -2.23 2.02
N GLY C 328 27.10 -2.15 0.81
CA GLY C 328 28.10 -3.12 0.39
C GLY C 328 29.42 -3.03 1.13
N GLU C 329 29.69 -1.91 1.79
CA GLU C 329 30.87 -1.74 2.63
C GLU C 329 30.63 -2.39 4.00
N LYS C 330 31.51 -2.09 4.94
CA LYS C 330 31.69 -2.93 6.13
C LYS C 330 30.49 -2.86 7.06
N ALA C 331 30.06 -4.03 7.50
CA ALA C 331 28.95 -4.25 8.40
C ALA C 331 29.04 -5.69 8.89
N SER C 332 27.98 -6.15 9.53
CA SER C 332 27.78 -7.58 9.73
C SER C 332 27.50 -8.22 8.37
N VAL C 333 27.84 -9.51 8.25
CA VAL C 333 27.61 -10.17 6.97
C VAL C 333 26.16 -10.54 6.74
N LEU C 334 25.35 -10.64 7.80
CA LEU C 334 23.92 -10.85 7.62
C LEU C 334 23.19 -9.56 7.24
N ALA C 335 23.77 -8.40 7.57
CA ALA C 335 23.18 -7.14 7.16
C ALA C 335 23.21 -6.94 5.66
N ARG C 336 24.17 -7.57 4.98
CA ARG C 336 24.25 -7.47 3.53
C ARG C 336 23.40 -8.52 2.83
N ALA C 337 22.75 -9.40 3.59
CA ALA C 337 21.94 -10.46 2.99
C ALA C 337 20.56 -9.97 2.54
N ALA C 338 19.90 -9.12 3.33
CA ALA C 338 18.56 -8.66 3.01
C ALA C 338 18.51 -7.44 2.10
N PHE C 339 19.66 -6.91 1.70
CA PHE C 339 19.76 -5.80 0.76
C PHE C 339 20.64 -6.22 -0.41
N GLU C 340 20.31 -5.69 -1.60
CA GLU C 340 21.03 -5.98 -2.85
C GLU C 340 20.85 -7.45 -3.17
N ILE C 341 19.67 -7.78 -3.69
CA ILE C 341 19.29 -9.16 -3.95
C ILE C 341 20.23 -9.63 -5.06
N THR C 342 21.34 -10.19 -4.60
CA THR C 342 22.45 -10.66 -5.43
C THR C 342 23.08 -11.88 -4.77
N THR C 343 22.42 -12.43 -3.75
CA THR C 343 23.10 -12.91 -2.54
C THR C 343 24.07 -14.05 -2.80
N GLN C 344 23.86 -14.82 -3.87
CA GLN C 344 24.77 -15.90 -4.21
C GLN C 344 26.12 -15.37 -4.69
N HIS C 345 26.17 -14.10 -5.09
CA HIS C 345 27.45 -13.41 -5.24
C HIS C 345 28.07 -13.12 -3.88
N LEU C 346 27.27 -12.61 -2.95
CA LEU C 346 27.75 -11.97 -1.73
C LEU C 346 27.69 -12.86 -0.50
N PHE C 347 26.64 -13.66 -0.34
CA PHE C 347 26.56 -14.50 0.85
C PHE C 347 27.49 -15.70 0.74
N ALA C 348 27.78 -16.15 -0.47
CA ALA C 348 28.74 -17.23 -0.66
C ALA C 348 30.17 -16.71 -0.71
N ALA C 349 30.36 -15.39 -0.76
CA ALA C 349 31.69 -14.84 -0.70
C ALA C 349 32.24 -14.92 0.73
N ALA C 350 31.41 -14.55 1.70
CA ALA C 350 31.73 -14.67 3.12
C ALA C 350 31.35 -16.02 3.68
N GLU C 351 31.16 -17.01 2.81
CA GLU C 351 31.11 -18.41 3.20
C GLU C 351 32.50 -18.93 3.58
N ARG C 352 33.54 -18.28 3.09
CA ARG C 352 34.92 -18.73 3.25
C ARG C 352 35.58 -17.92 4.36
N GLY C 353 35.89 -18.56 5.48
CA GLY C 353 36.66 -17.94 6.56
C GLY C 353 36.13 -16.65 7.14
N GLU C 354 34.98 -16.66 7.81
CA GLU C 354 34.37 -15.42 8.26
C GLU C 354 33.54 -15.63 9.51
N VAL C 355 33.72 -14.75 10.49
CA VAL C 355 32.88 -14.74 11.68
C VAL C 355 31.88 -13.59 11.55
N ASP C 356 30.87 -13.59 12.42
CA ASP C 356 29.88 -12.52 12.46
C ASP C 356 29.40 -12.34 13.90
N PRO C 357 29.86 -11.28 14.59
CA PRO C 357 29.49 -11.16 16.00
C PRO C 357 28.03 -10.82 16.31
N LEU C 358 27.65 -9.55 16.12
CA LEU C 358 26.41 -8.98 16.67
C LEU C 358 26.22 -7.54 16.22
N ASN C 359 25.34 -6.84 16.94
CA ASN C 359 25.39 -5.40 17.15
C ASN C 359 24.98 -4.59 15.92
N GLY C 360 24.22 -5.18 15.02
CA GLY C 360 23.51 -4.42 14.02
C GLY C 360 22.17 -3.99 14.54
N VAL C 361 21.25 -3.71 13.63
CA VAL C 361 19.87 -3.49 14.01
C VAL C 361 19.04 -4.56 13.34
N VAL C 362 19.47 -4.99 12.15
CA VAL C 362 18.74 -6.03 11.42
C VAL C 362 19.05 -7.42 11.98
N GLU C 363 20.09 -7.57 12.78
CA GLU C 363 20.43 -8.88 13.33
C GLU C 363 19.68 -9.23 14.61
N ASN C 364 19.63 -8.31 15.57
CA ASN C 364 18.96 -8.62 16.83
C ASN C 364 17.45 -8.78 16.64
N VAL C 365 16.88 -8.15 15.62
CA VAL C 365 15.49 -8.38 15.27
C VAL C 365 15.35 -9.75 14.58
N LEU C 366 16.41 -10.24 13.96
CA LEU C 366 16.35 -11.48 13.22
C LEU C 366 16.45 -12.69 14.13
N ILE C 367 17.06 -12.50 15.30
CA ILE C 367 17.33 -13.60 16.21
C ILE C 367 16.44 -13.58 17.45
N GLY C 368 15.87 -12.42 17.82
CA GLY C 368 15.00 -12.33 18.97
C GLY C 368 15.59 -11.63 20.17
N GLN C 369 16.33 -10.56 19.93
CA GLN C 369 16.99 -9.79 20.96
C GLN C 369 16.53 -8.34 20.90
N PRO C 370 16.62 -7.59 21.99
CA PRO C 370 16.37 -6.15 21.91
C PRO C 370 17.50 -5.45 21.19
N VAL C 371 17.14 -4.57 20.27
CA VAL C 371 18.09 -3.84 19.43
C VAL C 371 18.84 -2.84 20.32
N PRO C 372 20.03 -2.36 19.94
CA PRO C 372 20.77 -1.48 20.85
C PRO C 372 20.23 -0.07 20.95
N VAL C 373 19.57 0.44 19.92
CA VAL C 373 19.05 1.79 19.99
C VAL C 373 17.80 1.83 20.85
N GLY C 374 17.45 3.01 21.31
CA GLY C 374 16.22 3.19 22.03
C GLY C 374 16.33 2.78 23.47
N THR C 375 15.36 2.00 23.94
CA THR C 375 15.28 1.67 25.35
C THR C 375 16.02 0.41 25.73
N GLY C 376 16.69 -0.26 24.79
CA GLY C 376 17.51 -1.39 25.16
C GLY C 376 18.94 -0.98 25.44
N ILE C 377 19.14 0.27 25.86
CA ILE C 377 20.46 0.83 26.09
C ILE C 377 20.70 1.14 27.56
N VAL C 378 19.66 1.10 28.37
CA VAL C 378 19.75 1.49 29.76
C VAL C 378 19.90 0.22 30.59
N LYS C 379 20.61 0.32 31.71
CA LYS C 379 20.87 -0.84 32.56
C LYS C 379 20.55 -0.49 33.99
N LEU C 380 19.70 -1.28 34.62
CA LEU C 380 19.18 -0.98 35.93
C LEU C 380 19.97 -1.74 37.00
N ALA C 381 19.69 -1.40 38.26
CA ALA C 381 20.38 -1.97 39.41
C ALA C 381 19.59 -1.59 40.64
N MET C 382 19.45 -2.53 41.57
CA MET C 382 18.53 -2.32 42.69
C MET C 382 18.84 -3.28 43.83
N SER C 383 18.86 -2.76 45.05
CA SER C 383 19.13 -3.54 46.25
C SER C 383 17.82 -4.07 46.84
N LEU C 384 17.92 -4.95 47.83
CA LEU C 384 16.69 -5.65 48.18
C LEU C 384 16.41 -5.91 49.67
N PRO C 385 16.39 -4.90 50.56
CA PRO C 385 15.48 -5.03 51.71
C PRO C 385 14.03 -4.81 51.28
N LEU C 386 13.79 -3.66 50.64
CA LEU C 386 12.51 -3.21 50.10
C LEU C 386 11.39 -3.27 51.15
N ARG C 387 11.54 -2.43 52.14
CA ARG C 387 10.50 -2.16 53.13
C ARG C 387 9.41 -1.25 52.57
N PRO C 388 8.14 -1.54 52.86
CA PRO C 388 7.02 -0.77 52.31
C PRO C 388 6.92 0.66 52.83
N LYS C 389 6.97 0.84 54.15
CA LYS C 389 6.75 2.11 54.84
C LYS C 389 5.41 2.76 54.47
N VAL D 2 -51.60 36.96 24.38
CA VAL D 2 -51.77 35.74 23.62
C VAL D 2 -53.11 35.79 22.87
N GLU D 3 -53.06 35.54 21.56
CA GLU D 3 -54.25 35.55 20.73
C GLU D 3 -53.94 34.78 19.46
N PHE D 4 -54.99 34.38 18.75
CA PHE D 4 -54.86 33.59 17.55
C PHE D 4 -55.66 34.20 16.41
N LYS D 5 -55.23 33.95 15.18
CA LYS D 5 -55.96 34.40 13.99
C LYS D 5 -55.94 33.28 12.96
N ILE D 6 -57.05 32.58 12.80
CA ILE D 6 -57.15 31.46 11.87
C ILE D 6 -57.30 31.99 10.45
N LEU D 7 -56.26 31.84 9.63
CA LEU D 7 -56.37 32.29 8.23
C LEU D 7 -57.24 31.36 7.40
N GLU D 8 -56.97 30.05 7.43
CA GLU D 8 -57.75 29.14 6.62
C GLU D 8 -57.83 27.77 7.27
N LYS D 9 -58.96 27.10 7.08
CA LYS D 9 -59.17 25.73 7.52
C LYS D 9 -59.55 24.89 6.31
N ARG D 10 -58.80 23.84 6.06
CA ARG D 10 -59.06 22.92 4.97
C ARG D 10 -59.02 21.51 5.51
N PRO D 11 -59.51 20.54 4.75
CA PRO D 11 -59.21 19.12 5.06
C PRO D 11 -57.72 18.86 5.09
N ASP D 12 -57.26 18.32 6.22
CA ASP D 12 -55.88 17.94 6.52
C ASP D 12 -54.86 19.07 6.41
N SER D 13 -55.25 20.33 6.54
CA SER D 13 -54.29 21.43 6.62
C SER D 13 -54.91 22.59 7.39
N ILE D 14 -54.04 23.47 7.89
CA ILE D 14 -54.48 24.66 8.63
C ILE D 14 -53.30 25.63 8.66
N LYS D 15 -53.60 26.92 8.61
CA LYS D 15 -52.61 27.97 8.78
C LYS D 15 -53.15 29.04 9.72
N PHE D 16 -52.30 29.51 10.64
CA PHE D 16 -52.74 30.50 11.60
C PHE D 16 -51.58 31.37 12.06
N ILE D 17 -51.94 32.50 12.68
CA ILE D 17 -50.99 33.46 13.24
C ILE D 17 -51.16 33.49 14.74
N VAL D 18 -50.07 33.26 15.47
CA VAL D 18 -50.05 33.31 16.92
C VAL D 18 -49.23 34.51 17.38
N SER D 19 -49.81 35.31 18.27
CA SER D 19 -49.15 36.49 18.82
C SER D 19 -48.98 36.34 20.33
N GLY D 20 -48.12 37.20 20.88
CA GLY D 20 -47.90 37.22 22.31
C GLY D 20 -47.00 36.14 22.88
N VAL D 21 -46.23 35.46 22.05
CA VAL D 21 -45.32 34.42 22.50
C VAL D 21 -43.90 34.88 22.18
N ASP D 22 -42.92 34.00 22.32
CA ASP D 22 -41.53 34.38 22.10
C ASP D 22 -40.79 33.25 21.41
N VAL D 23 -39.54 33.55 21.05
CA VAL D 23 -38.73 32.62 20.25
C VAL D 23 -38.49 31.25 20.91
N PRO D 24 -38.13 31.14 22.22
CA PRO D 24 -37.95 29.79 22.79
C PRO D 24 -39.20 28.95 22.76
N PHE D 25 -40.37 29.56 22.99
CA PHE D 25 -41.61 28.80 23.08
C PHE D 25 -42.00 28.22 21.73
N ALA D 26 -41.71 28.95 20.64
CA ALA D 26 -42.15 28.52 19.32
C ALA D 26 -41.51 27.21 18.88
N ASN D 27 -40.21 27.03 19.14
CA ASN D 27 -39.57 25.75 18.82
C ASN D 27 -40.09 24.63 19.69
N ALA D 28 -40.34 24.90 20.98
CA ALA D 28 -40.87 23.86 21.87
C ALA D 28 -42.23 23.37 21.41
N LEU D 29 -43.08 24.26 20.93
CA LEU D 29 -44.36 23.81 20.36
C LEU D 29 -44.16 23.04 19.07
N ARG D 30 -43.26 23.53 18.21
CA ARG D 30 -42.98 22.88 16.93
C ARG D 30 -42.39 21.48 17.10
N ARG D 31 -41.32 21.34 17.88
CA ARG D 31 -40.64 20.06 18.06
C ARG D 31 -41.51 19.03 18.75
N THR D 32 -42.38 19.46 19.65
CA THR D 32 -43.23 18.52 20.39
C THR D 32 -44.23 17.82 19.48
N ILE D 33 -44.76 18.54 18.48
CA ILE D 33 -45.72 17.95 17.54
C ILE D 33 -45.11 16.81 16.74
N LEU D 34 -43.85 16.94 16.35
CA LEU D 34 -43.23 15.87 15.57
C LEU D 34 -42.85 14.68 16.45
N SER D 35 -42.19 14.94 17.59
CA SER D 35 -41.58 13.86 18.37
C SER D 35 -42.38 13.39 19.57
N GLU D 36 -43.48 14.03 19.95
CA GLU D 36 -44.18 13.56 21.13
C GLU D 36 -45.55 12.97 20.85
N VAL D 37 -46.33 13.58 19.97
CA VAL D 37 -47.69 13.11 19.65
C VAL D 37 -47.62 11.69 19.13
N PRO D 38 -48.38 10.75 19.69
CA PRO D 38 -48.39 9.39 19.18
C PRO D 38 -49.48 9.07 18.17
N THR D 39 -49.18 8.12 17.30
CA THR D 39 -50.11 7.55 16.33
C THR D 39 -49.93 6.05 16.27
N PHE D 40 -50.85 5.39 15.58
CA PHE D 40 -50.78 3.95 15.33
C PHE D 40 -50.01 3.66 14.07
N ALA D 41 -49.25 2.56 14.08
CA ALA D 41 -48.55 2.11 12.90
C ALA D 41 -48.25 0.62 13.00
N VAL D 42 -48.25 -0.04 11.85
CA VAL D 42 -47.91 -1.46 11.75
C VAL D 42 -46.45 -1.66 12.11
N ASP D 43 -46.17 -2.61 13.01
CA ASP D 43 -44.81 -2.80 13.47
C ASP D 43 -44.18 -4.13 13.06
N GLU D 44 -44.98 -5.18 12.82
CA GLU D 44 -44.42 -6.44 12.38
C GLU D 44 -45.48 -7.22 11.61
N VAL D 45 -45.04 -7.97 10.61
CA VAL D 45 -45.92 -8.68 9.68
C VAL D 45 -45.46 -10.11 9.52
N GLU D 46 -46.38 -11.06 9.68
CA GLU D 46 -46.09 -12.47 9.52
C GLU D 46 -46.57 -12.96 8.16
N PHE D 47 -45.64 -13.48 7.36
CA PHE D 47 -45.90 -13.91 5.99
C PHE D 47 -46.23 -15.39 5.90
N LEU D 48 -47.27 -15.72 5.15
CA LEU D 48 -47.57 -17.11 4.87
C LEU D 48 -47.09 -17.56 3.49
N GLU D 49 -47.04 -16.68 2.51
CA GLU D 49 -46.60 -16.97 1.15
C GLU D 49 -46.45 -15.68 0.37
N ASN D 50 -45.52 -15.66 -0.58
CA ASN D 50 -45.32 -14.44 -1.36
C ASN D 50 -44.84 -14.85 -2.76
N ASP D 51 -45.79 -15.00 -3.68
CA ASP D 51 -45.47 -15.30 -5.06
C ASP D 51 -45.36 -14.06 -5.93
N SER D 52 -45.40 -12.85 -5.34
CA SER D 52 -45.39 -11.62 -6.11
C SER D 52 -43.99 -11.34 -6.67
N ALA D 53 -43.90 -10.26 -7.45
CA ALA D 53 -42.65 -9.86 -8.05
C ALA D 53 -41.70 -9.16 -7.08
N LEU D 54 -42.16 -8.82 -5.88
CA LEU D 54 -41.35 -8.08 -4.93
C LEU D 54 -40.87 -8.96 -3.80
N PHE D 55 -39.77 -8.52 -3.20
CA PHE D 55 -39.12 -9.16 -2.07
C PHE D 55 -40.03 -9.10 -0.85
N ASP D 56 -39.81 -10.01 0.08
CA ASP D 56 -40.55 -9.98 1.35
C ASP D 56 -40.43 -8.65 2.08
N GLU D 57 -39.19 -8.14 2.23
CA GLU D 57 -38.99 -6.89 2.97
C GLU D 57 -39.67 -5.68 2.33
N ILE D 58 -39.73 -5.61 0.99
CA ILE D 58 -40.29 -4.44 0.33
C ILE D 58 -41.80 -4.34 0.58
N ILE D 59 -42.50 -5.47 0.51
CA ILE D 59 -43.93 -5.48 0.81
C ILE D 59 -44.15 -5.17 2.28
N ALA D 60 -43.33 -5.75 3.16
CA ALA D 60 -43.38 -5.43 4.59
C ALA D 60 -43.09 -3.97 4.89
N HIS D 61 -42.22 -3.34 4.10
CA HIS D 61 -41.87 -1.94 4.32
C HIS D 61 -43.00 -0.97 4.00
N ARG D 62 -43.73 -1.23 2.91
CA ARG D 62 -44.85 -0.38 2.52
C ARG D 62 -46.03 -0.46 3.48
N LEU D 63 -46.24 -1.63 4.11
CA LEU D 63 -47.34 -1.76 5.05
C LEU D 63 -47.16 -0.82 6.23
N ALA D 64 -45.92 -0.66 6.68
CA ALA D 64 -45.61 0.27 7.76
C ALA D 64 -45.84 1.72 7.38
N MET D 65 -45.80 2.06 6.09
CA MET D 65 -45.94 3.45 5.67
C MET D 65 -47.37 3.84 5.34
N ILE D 66 -48.35 3.00 5.67
CA ILE D 66 -49.75 3.30 5.41
C ILE D 66 -50.29 4.09 6.61
N PRO D 67 -50.83 5.30 6.42
CA PRO D 67 -51.38 6.08 7.53
C PRO D 67 -52.68 5.50 8.05
N LEU D 68 -52.72 5.21 9.35
CA LEU D 68 -53.90 4.65 10.00
C LEU D 68 -54.58 5.66 10.89
N THR D 69 -55.91 5.71 10.82
CA THR D 69 -56.72 6.55 11.71
C THR D 69 -56.50 6.19 13.17
N THR D 70 -56.32 7.20 14.01
CA THR D 70 -56.02 7.01 15.43
C THR D 70 -57.06 7.66 16.32
N PRO D 71 -58.06 6.91 16.80
CA PRO D 71 -59.11 7.53 17.64
C PRO D 71 -58.66 8.02 19.01
N HIS D 72 -58.59 9.35 19.14
CA HIS D 72 -58.10 9.99 20.35
C HIS D 72 -59.04 9.90 21.55
N GLU D 73 -60.28 9.43 21.38
CA GLU D 73 -61.22 9.38 22.51
C GLU D 73 -61.24 8.01 23.17
N ARG D 74 -60.14 7.26 23.11
CA ARG D 74 -60.23 5.94 23.71
C ARG D 74 -58.93 5.47 24.38
N PHE D 75 -57.86 6.26 24.43
CA PHE D 75 -56.76 5.70 25.20
C PHE D 75 -56.16 6.67 26.21
N SER D 76 -55.15 7.42 25.77
CA SER D 76 -54.49 8.53 26.44
C SER D 76 -53.39 9.02 25.52
N LEU D 77 -53.40 10.27 25.07
CA LEU D 77 -52.30 10.68 24.20
C LEU D 77 -51.28 11.54 24.90
N ASP D 78 -51.53 11.97 26.13
CA ASP D 78 -50.59 12.81 26.85
C ASP D 78 -49.81 12.06 27.94
N ALA D 79 -49.91 10.74 27.98
CA ALA D 79 -49.14 9.94 28.93
C ALA D 79 -47.68 9.88 28.52
N LEU D 80 -46.80 9.73 29.49
CA LEU D 80 -45.40 9.48 29.16
C LEU D 80 -45.16 8.03 28.78
N GLU D 81 -45.98 7.10 29.30
CA GLU D 81 -45.86 5.68 29.01
C GLU D 81 -47.05 5.25 28.15
N LEU D 82 -46.78 5.00 26.87
CA LEU D 82 -47.82 4.68 25.90
C LEU D 82 -48.43 3.31 26.15
N ASP D 83 -49.75 3.21 25.92
CA ASP D 83 -50.48 1.96 26.01
C ASP D 83 -50.01 0.98 24.93
N ASP D 84 -49.96 -0.30 25.29
CA ASP D 84 -49.48 -1.39 24.43
C ASP D 84 -50.58 -2.18 23.69
N TYR D 85 -51.83 -1.71 23.70
CA TYR D 85 -52.95 -2.37 23.01
C TYR D 85 -52.65 -2.64 21.53
N THR D 86 -52.86 -3.89 21.10
CA THR D 86 -52.46 -4.38 19.78
C THR D 86 -53.67 -4.63 18.88
N VAL D 87 -53.58 -4.15 17.63
CA VAL D 87 -54.60 -4.32 16.59
C VAL D 87 -54.07 -5.20 15.46
N THR D 88 -54.87 -6.19 15.04
CA THR D 88 -54.49 -7.14 13.99
C THR D 88 -55.10 -6.75 12.64
N LEU D 89 -54.24 -6.58 11.62
CA LEU D 89 -54.64 -6.27 10.24
C LEU D 89 -54.33 -7.45 9.32
N SER D 90 -55.37 -8.12 8.82
CA SER D 90 -55.21 -9.29 7.96
C SER D 90 -55.53 -8.98 6.50
N LEU D 91 -55.06 -9.86 5.61
CA LEU D 91 -55.33 -9.79 4.19
C LEU D 91 -55.16 -11.16 3.56
N GLU D 92 -56.07 -11.52 2.65
CA GLU D 92 -55.95 -12.76 1.89
C GLU D 92 -56.48 -12.49 0.48
N ALA D 93 -55.57 -12.26 -0.47
CA ALA D 93 -55.97 -11.95 -1.83
C ALA D 93 -55.25 -12.88 -2.82
N GLU D 94 -55.80 -12.94 -4.03
CA GLU D 94 -55.21 -13.72 -5.11
C GLU D 94 -55.40 -12.98 -6.43
N GLY D 95 -54.34 -12.93 -7.24
CA GLY D 95 -54.37 -12.26 -8.51
C GLY D 95 -55.22 -13.00 -9.53
N PRO D 96 -55.34 -12.42 -10.73
CA PRO D 96 -54.75 -11.16 -11.22
C PRO D 96 -55.51 -9.90 -10.83
N GLY D 97 -54.78 -8.80 -10.72
CA GLY D 97 -55.36 -7.52 -10.37
C GLY D 97 -54.42 -6.76 -9.46
N MET D 98 -54.59 -5.45 -9.41
CA MET D 98 -53.78 -4.60 -8.55
C MET D 98 -54.37 -4.59 -7.15
N VAL D 99 -53.52 -4.72 -6.14
CA VAL D 99 -53.98 -4.76 -4.76
C VAL D 99 -53.96 -3.34 -4.18
N TYR D 100 -55.09 -2.94 -3.61
CA TYR D 100 -55.28 -1.63 -3.00
C TYR D 100 -55.36 -1.76 -1.49
N SER D 101 -55.12 -0.62 -0.83
CA SER D 101 -55.20 -0.53 0.63
C SER D 101 -56.61 -0.80 1.14
N GLY D 102 -57.64 -0.56 0.35
CA GLY D 102 -59.01 -0.78 0.79
C GLY D 102 -59.37 -2.22 1.08
N ASP D 103 -58.57 -3.18 0.62
CA ASP D 103 -58.84 -4.59 0.85
C ASP D 103 -58.40 -5.09 2.23
N LEU D 104 -57.69 -4.28 3.00
CA LEU D 104 -57.22 -4.72 4.31
C LEU D 104 -58.35 -4.79 5.33
N LYS D 105 -58.41 -5.89 6.07
CA LYS D 105 -59.41 -6.10 7.11
C LYS D 105 -58.81 -5.71 8.46
N SER D 106 -59.63 -5.09 9.31
CA SER D 106 -59.19 -4.61 10.61
C SER D 106 -60.00 -5.31 11.69
N SER D 107 -59.32 -5.78 12.73
CA SER D 107 -59.99 -6.38 13.88
C SER D 107 -60.69 -5.35 14.75
N ASP D 108 -60.46 -4.06 14.53
CA ASP D 108 -61.08 -2.99 15.29
C ASP D 108 -61.47 -1.91 14.30
N GLY D 109 -62.77 -1.68 14.13
CA GLY D 109 -63.33 -0.75 13.15
C GLY D 109 -62.89 0.71 13.28
N ASP D 110 -62.25 1.10 14.37
CA ASP D 110 -61.83 2.49 14.52
C ASP D 110 -60.41 2.73 14.02
N VAL D 111 -59.67 1.69 13.68
CA VAL D 111 -58.30 1.82 13.17
C VAL D 111 -58.29 1.15 11.81
N LYS D 112 -58.30 1.97 10.76
CA LYS D 112 -58.32 1.57 9.37
C LYS D 112 -57.41 2.54 8.63
N PRO D 113 -56.97 2.20 7.43
CA PRO D 113 -56.21 3.19 6.65
C PRO D 113 -57.08 4.38 6.30
N ALA D 114 -56.51 5.58 6.48
CA ALA D 114 -57.24 6.80 6.24
C ALA D 114 -57.48 7.03 4.76
N ASN D 115 -56.56 6.57 3.92
CA ASN D 115 -56.63 6.81 2.50
C ASN D 115 -56.78 5.46 1.82
N PRO D 116 -57.91 5.19 1.15
CA PRO D 116 -58.17 3.87 0.55
C PRO D 116 -57.64 3.63 -0.86
N ASN D 117 -56.93 4.57 -1.48
CA ASN D 117 -56.50 4.45 -2.86
C ASN D 117 -55.02 4.12 -3.02
N ILE D 118 -54.38 3.59 -1.98
CA ILE D 118 -52.96 3.23 -1.99
C ILE D 118 -52.65 1.89 -2.64
N PRO D 119 -51.83 1.86 -3.71
CA PRO D 119 -51.40 0.59 -4.30
C PRO D 119 -50.28 -0.05 -3.48
N ILE D 120 -50.45 -1.33 -3.15
CA ILE D 120 -49.44 -2.06 -2.39
C ILE D 120 -48.54 -2.89 -3.31
N VAL D 121 -49.13 -3.74 -4.15
CA VAL D 121 -48.38 -4.64 -5.04
C VAL D 121 -49.31 -5.13 -6.15
N LYS D 122 -48.76 -5.27 -7.36
CA LYS D 122 -49.47 -5.86 -8.50
C LYS D 122 -49.28 -7.38 -8.54
N LEU D 123 -50.36 -8.11 -8.82
CA LEU D 123 -50.34 -9.58 -8.83
C LEU D 123 -50.69 -10.13 -10.21
N ALA D 124 -49.87 -11.06 -10.69
CA ALA D 124 -50.08 -11.78 -11.93
C ALA D 124 -50.99 -12.98 -11.71
N GLU D 125 -51.27 -13.71 -12.79
CA GLU D 125 -52.08 -14.94 -12.76
C GLU D 125 -51.60 -15.97 -11.74
N GLY D 126 -52.52 -16.43 -10.90
CA GLY D 126 -52.25 -17.51 -9.97
C GLY D 126 -51.32 -17.23 -8.82
N GLN D 127 -50.86 -16.00 -8.64
CA GLN D 127 -49.94 -15.67 -7.56
C GLN D 127 -50.76 -15.29 -6.33
N ARG D 128 -50.42 -15.85 -5.18
CA ARG D 128 -51.17 -15.59 -3.95
C ARG D 128 -50.34 -14.81 -2.95
N LEU D 129 -51.02 -13.98 -2.15
CA LEU D 129 -50.38 -13.15 -1.13
C LEU D 129 -51.22 -13.12 0.14
N THR D 130 -50.67 -13.62 1.25
CA THR D 130 -51.41 -13.67 2.52
C THR D 130 -50.51 -13.25 3.67
N PHE D 131 -50.99 -12.36 4.55
CA PHE D 131 -50.19 -11.91 5.70
C PHE D 131 -51.08 -11.38 6.82
N ASN D 132 -50.48 -11.26 8.00
CA ASN D 132 -51.12 -10.68 9.19
C ASN D 132 -50.24 -9.58 9.74
N ALA D 133 -50.79 -8.37 9.85
CA ALA D 133 -50.06 -7.20 10.34
C ALA D 133 -50.50 -6.83 11.74
N TYR D 134 -49.53 -6.56 12.62
CA TYR D 134 -49.77 -6.19 14.02
C TYR D 134 -49.38 -4.73 14.23
N ALA D 135 -50.32 -3.92 14.71
CA ALA D 135 -50.09 -2.50 14.94
C ALA D 135 -50.03 -2.18 16.43
N ARG D 136 -49.19 -1.21 16.79
CA ARG D 136 -49.03 -0.76 18.18
C ARG D 136 -48.74 0.73 18.18
N LEU D 137 -48.94 1.38 19.34
CA LEU D 137 -48.66 2.81 19.50
C LEU D 137 -47.17 3.11 19.61
N GLY D 138 -46.77 4.25 19.06
CA GLY D 138 -45.38 4.67 19.15
C GLY D 138 -45.24 6.16 18.89
N ARG D 139 -44.02 6.65 19.06
CA ARG D 139 -43.70 8.07 18.86
C ARG D 139 -42.72 8.23 17.71
N GLY D 140 -42.81 9.40 17.08
CA GLY D 140 -41.98 9.72 15.93
C GLY D 140 -40.49 9.71 16.18
N LYS D 141 -40.07 10.00 17.42
CA LYS D 141 -38.65 9.98 17.74
C LYS D 141 -38.02 8.59 17.62
N ASP D 142 -38.80 7.51 17.80
CA ASP D 142 -38.21 6.18 17.68
C ASP D 142 -38.13 5.69 16.24
N HIS D 143 -39.17 5.92 15.44
CA HIS D 143 -39.20 5.51 14.04
C HIS D 143 -40.12 6.45 13.28
N ALA D 144 -39.69 6.87 12.08
CA ALA D 144 -40.39 7.84 11.25
C ALA D 144 -41.83 7.44 10.90
N LYS D 145 -42.17 6.15 10.96
CA LYS D 145 -43.52 5.69 10.65
C LYS D 145 -44.56 6.26 11.61
N TRP D 146 -44.15 6.64 12.82
CA TRP D 146 -45.06 7.15 13.84
C TRP D 146 -45.18 8.67 13.81
N GLN D 147 -45.06 9.26 12.66
CA GLN D 147 -45.15 10.70 12.51
C GLN D 147 -46.59 11.14 12.28
N PRO D 148 -47.09 12.12 13.02
CA PRO D 148 -48.46 12.61 12.79
C PRO D 148 -48.59 13.65 11.70
N GLY D 149 -47.52 14.27 11.22
CA GLY D 149 -47.65 15.29 10.18
C GLY D 149 -46.44 16.22 10.21
N PHE D 150 -46.69 17.49 9.87
CA PHE D 150 -45.70 18.57 9.90
C PHE D 150 -46.15 19.87 10.51
N VAL D 151 -45.13 20.65 10.90
CA VAL D 151 -45.25 22.00 11.41
C VAL D 151 -44.12 22.82 10.79
N TYR D 152 -44.42 24.02 10.34
CA TYR D 152 -43.42 24.97 9.86
C TYR D 152 -43.81 26.35 10.37
N TYR D 153 -42.84 27.19 10.71
CA TYR D 153 -43.22 28.51 11.23
C TYR D 153 -42.31 29.58 10.68
N LYS D 154 -42.79 30.80 10.65
CA LYS D 154 -41.98 31.91 10.17
C LYS D 154 -42.30 33.16 10.98
N TYR D 155 -41.41 34.14 10.87
CA TYR D 155 -41.65 35.43 11.49
C TYR D 155 -42.78 36.15 10.77
N LEU D 156 -43.17 37.30 11.31
CA LEU D 156 -44.16 38.13 10.65
C LEU D 156 -43.48 39.45 10.41
N THR D 157 -43.45 39.90 9.16
CA THR D 157 -42.70 41.10 8.83
C THR D 157 -43.54 42.06 8.00
N LYS D 158 -43.05 43.29 7.90
CA LYS D 158 -43.69 44.36 7.14
C LYS D 158 -42.64 45.03 6.28
N ILE D 159 -42.88 45.12 4.98
CA ILE D 159 -41.96 45.77 4.06
C ILE D 159 -42.50 47.16 3.74
N HIS D 160 -41.72 48.19 4.04
CA HIS D 160 -42.11 49.58 3.77
C HIS D 160 -41.49 50.06 2.46
N VAL D 161 -42.33 50.47 1.52
CA VAL D 161 -41.87 50.96 0.22
C VAL D 161 -42.37 52.39 0.07
N SER D 162 -41.46 53.36 0.20
CA SER D 162 -41.79 54.77 -0.02
C SER D 162 -42.10 55.01 -1.49
N LYS D 163 -42.95 56.01 -1.74
CA LYS D 163 -43.31 56.34 -3.12
C LYS D 163 -42.20 57.05 -3.90
N ASP D 164 -41.05 57.34 -3.29
CA ASP D 164 -39.92 57.90 -4.01
C ASP D 164 -39.11 56.85 -4.77
N VAL D 165 -39.45 55.58 -4.61
CA VAL D 165 -38.75 54.49 -5.27
C VAL D 165 -39.33 54.31 -6.68
N PRO D 166 -38.50 54.40 -7.71
CA PRO D 166 -38.98 54.21 -9.09
C PRO D 166 -39.58 52.83 -9.32
N ASP D 167 -40.78 52.82 -9.91
CA ASP D 167 -41.53 51.62 -10.29
C ASP D 167 -42.03 50.84 -9.07
N TRP D 168 -42.52 51.57 -8.08
CA TRP D 168 -43.12 50.97 -6.90
C TRP D 168 -44.42 50.25 -7.26
N GLU D 169 -45.08 50.63 -8.36
CA GLU D 169 -46.29 49.95 -8.82
C GLU D 169 -46.03 48.48 -9.14
N GLU D 170 -44.80 48.11 -9.51
CA GLU D 170 -44.51 46.71 -9.81
C GLU D 170 -44.64 45.84 -8.57
N LEU D 171 -44.36 46.37 -7.40
CA LEU D 171 -44.50 45.59 -6.18
C LEU D 171 -45.96 45.46 -5.78
N LYS D 172 -46.78 46.46 -6.12
CA LYS D 172 -48.20 46.43 -5.78
C LYS D 172 -48.93 45.32 -6.53
N GLU D 173 -48.69 45.22 -7.84
CA GLU D 173 -49.27 44.15 -8.63
C GLU D 173 -48.73 42.78 -8.22
N LEU D 174 -47.42 42.69 -8.00
CA LEU D 174 -46.76 41.45 -7.58
C LEU D 174 -47.28 40.93 -6.24
N ALA D 175 -47.38 41.81 -5.24
CA ALA D 175 -47.87 41.38 -3.93
C ALA D 175 -49.32 40.93 -3.98
N GLU D 176 -50.15 41.61 -4.78
CA GLU D 176 -51.55 41.23 -4.88
C GLU D 176 -51.76 39.92 -5.63
N ARG D 177 -50.89 39.62 -6.61
CA ARG D 177 -51.00 38.36 -7.34
C ARG D 177 -50.76 37.15 -6.43
N ARG D 178 -49.85 37.26 -5.47
CA ARG D 178 -49.54 36.13 -4.61
C ARG D 178 -50.34 36.12 -3.31
N GLY D 179 -51.31 37.00 -3.15
CA GLY D 179 -52.19 36.96 -1.99
C GLY D 179 -51.70 37.62 -0.72
N LEU D 180 -50.70 38.49 -0.80
CA LEU D 180 -50.24 39.19 0.40
C LEU D 180 -51.06 40.47 0.60
N PRO D 181 -51.56 40.73 1.79
CA PRO D 181 -52.32 41.96 2.04
C PRO D 181 -51.46 43.20 1.91
N VAL D 182 -52.02 44.23 1.29
CA VAL D 182 -51.31 45.50 1.05
C VAL D 182 -52.16 46.63 1.60
N GLU D 183 -51.58 47.43 2.49
CA GLU D 183 -52.18 48.62 3.07
C GLU D 183 -51.49 49.85 2.49
N GLU D 184 -52.24 50.68 1.77
CA GLU D 184 -51.66 51.79 1.04
C GLU D 184 -51.98 53.12 1.71
N SER D 185 -51.00 54.03 1.71
CA SER D 185 -51.15 55.38 2.22
C SER D 185 -50.36 56.31 1.33
N ASP D 186 -50.53 57.61 1.55
CA ASP D 186 -49.84 58.61 0.72
C ASP D 186 -48.34 58.70 0.99
N GLU D 187 -47.84 58.14 2.09
CA GLU D 187 -46.41 58.23 2.38
C GLU D 187 -45.63 57.04 1.87
N GLU D 188 -46.21 55.85 1.95
CA GLU D 188 -45.57 54.59 1.61
C GLU D 188 -46.63 53.49 1.68
N ILE D 189 -46.20 52.25 1.42
CA ILE D 189 -47.07 51.10 1.46
C ILE D 189 -46.45 50.04 2.37
N VAL D 190 -47.30 49.22 2.98
CA VAL D 190 -46.88 48.20 3.93
C VAL D 190 -47.39 46.84 3.46
N ILE D 191 -46.46 45.93 3.19
CA ILE D 191 -46.78 44.58 2.72
C ILE D 191 -46.60 43.62 3.89
N THR D 192 -47.65 42.93 4.29
CA THR D 192 -47.55 41.90 5.32
C THR D 192 -47.15 40.57 4.69
N THR D 193 -46.02 40.02 5.11
CA THR D 193 -45.42 38.83 4.51
C THR D 193 -45.91 37.54 5.16
N ILE D 194 -47.16 37.18 4.86
CA ILE D 194 -47.70 35.90 5.32
C ILE D 194 -47.11 34.70 4.57
N LYS D 195 -46.25 34.95 3.59
CA LYS D 195 -45.51 33.91 2.89
C LYS D 195 -44.29 34.58 2.27
N ALA D 196 -43.37 33.75 1.76
CA ALA D 196 -42.10 34.21 1.20
C ALA D 196 -42.27 35.23 0.08
N PHE D 197 -41.45 36.27 0.12
CA PHE D 197 -41.55 37.36 -0.84
C PHE D 197 -40.20 37.60 -1.52
N TYR D 198 -40.02 36.97 -2.68
CA TYR D 198 -38.81 37.09 -3.48
C TYR D 198 -38.71 38.50 -4.04
N LEU D 199 -37.72 39.25 -3.61
CA LEU D 199 -37.54 40.61 -4.12
C LEU D 199 -37.05 40.58 -5.57
N PRO D 200 -37.78 41.16 -6.53
CA PRO D 200 -37.27 41.25 -7.92
C PRO D 200 -35.99 42.06 -8.03
N ARG D 201 -35.11 41.61 -8.91
CA ARG D 201 -33.77 42.15 -9.18
C ARG D 201 -33.56 43.66 -9.26
N LYS D 202 -34.54 44.43 -9.74
CA LYS D 202 -34.33 45.87 -9.85
C LYS D 202 -34.17 46.51 -8.48
N PHE D 203 -34.78 45.91 -7.44
CA PHE D 203 -34.87 46.55 -6.15
C PHE D 203 -33.79 46.10 -5.16
N GLU D 204 -32.85 45.23 -5.55
CA GLU D 204 -31.79 44.78 -4.64
C GLU D 204 -30.95 45.93 -4.09
N GLU D 205 -30.52 46.83 -4.97
CA GLU D 205 -29.78 48.04 -4.58
C GLU D 205 -30.55 48.98 -3.66
N HIS D 206 -31.87 48.88 -3.60
CA HIS D 206 -32.66 49.73 -2.72
C HIS D 206 -33.04 49.08 -1.40
N MET D 207 -32.56 47.87 -1.12
CA MET D 207 -32.86 47.18 0.13
C MET D 207 -32.00 47.80 1.22
N GLY D 208 -32.61 48.65 2.05
CA GLY D 208 -31.89 49.31 3.11
C GLY D 208 -31.93 50.82 2.99
N LYS D 209 -31.83 51.33 1.76
CA LYS D 209 -31.91 52.78 1.55
C LYS D 209 -33.35 53.23 1.54
N GLY D 210 -34.12 52.77 0.55
CA GLY D 210 -35.52 53.12 0.43
C GLY D 210 -36.42 52.02 0.97
N ILE D 211 -36.10 50.78 0.62
CA ILE D 211 -36.89 49.62 1.04
C ILE D 211 -36.25 49.02 2.28
N ARG D 212 -37.02 48.88 3.36
CA ARG D 212 -36.53 48.31 4.60
C ARG D 212 -37.58 47.37 5.18
N GLU D 213 -37.11 46.34 5.87
CA GLU D 213 -37.97 45.34 6.48
C GLU D 213 -37.86 45.41 7.99
N GLU D 214 -39.01 45.48 8.67
CA GLU D 214 -39.04 45.52 10.13
C GLU D 214 -39.84 44.34 10.68
N ILE D 215 -39.21 43.58 11.55
CA ILE D 215 -39.83 42.42 12.17
C ILE D 215 -40.81 42.89 13.24
N VAL D 216 -41.98 42.27 13.30
CA VAL D 216 -42.99 42.52 14.32
C VAL D 216 -42.76 41.55 15.48
N PRO D 217 -42.19 42.00 16.60
CA PRO D 217 -41.93 41.14 17.75
C PRO D 217 -43.11 40.28 18.24
N GLY D 218 -42.86 38.98 18.35
CA GLY D 218 -43.81 38.08 18.97
C GLY D 218 -44.90 37.48 18.11
N SER D 219 -44.91 37.73 16.80
CA SER D 219 -45.95 37.18 15.94
C SER D 219 -45.36 36.17 14.96
N PHE D 220 -46.00 35.00 14.85
CA PHE D 220 -45.53 33.88 14.04
C PHE D 220 -46.64 33.30 13.19
N VAL D 221 -46.31 32.93 11.95
CA VAL D 221 -47.22 32.26 11.02
C VAL D 221 -46.95 30.76 11.03
N PHE D 222 -47.92 29.95 11.44
CA PHE D 222 -47.73 28.51 11.55
C PHE D 222 -48.39 27.81 10.38
N THR D 223 -47.78 26.71 9.92
CA THR D 223 -48.37 25.86 8.91
C THR D 223 -48.37 24.42 9.40
N VAL D 224 -49.54 23.80 9.45
CA VAL D 224 -49.69 22.41 9.90
C VAL D 224 -50.43 21.63 8.84
N GLU D 225 -49.90 20.47 8.47
CA GLU D 225 -50.60 19.59 7.54
C GLU D 225 -50.47 18.17 8.06
N THR D 226 -51.56 17.42 8.03
CA THR D 226 -51.54 16.04 8.46
C THR D 226 -51.83 15.11 7.29
N ASN D 227 -52.03 13.83 7.58
CA ASN D 227 -52.37 12.85 6.56
C ASN D 227 -53.69 12.14 6.82
N GLY D 228 -54.41 12.48 7.88
CA GLY D 228 -55.68 11.85 8.19
C GLY D 228 -55.69 10.95 9.41
N GLU D 229 -54.59 10.86 10.15
CA GLU D 229 -54.56 10.03 11.35
C GLU D 229 -55.09 10.75 12.58
N LEU D 230 -55.03 12.07 12.61
CA LEU D 230 -55.55 12.86 13.71
C LEU D 230 -56.22 14.10 13.15
N PRO D 231 -57.34 14.55 13.76
CA PRO D 231 -58.11 15.65 13.17
C PRO D 231 -57.42 16.99 13.26
N VAL D 232 -56.67 17.37 12.21
CA VAL D 232 -55.92 18.60 11.92
C VAL D 232 -55.90 19.79 12.91
N GLU D 233 -56.87 19.89 13.81
CA GLU D 233 -56.86 20.93 14.83
C GLU D 233 -57.08 20.31 16.19
N GLU D 234 -56.57 19.10 16.33
CA GLU D 234 -56.60 18.32 17.54
C GLU D 234 -55.16 17.93 17.80
N ILE D 235 -54.28 18.27 16.87
CA ILE D 235 -52.84 18.07 17.00
C ILE D 235 -52.26 19.03 18.02
N VAL D 236 -52.47 20.33 17.81
CA VAL D 236 -51.90 21.35 18.67
C VAL D 236 -52.45 21.28 20.08
N SER D 237 -53.72 20.89 20.24
CA SER D 237 -54.29 20.77 21.59
C SER D 237 -53.64 19.64 22.37
N ILE D 238 -53.38 18.50 21.72
CA ILE D 238 -52.76 17.36 22.39
C ILE D 238 -51.30 17.66 22.72
N ALA D 239 -50.59 18.34 21.82
CA ALA D 239 -49.19 18.69 22.04
C ALA D 239 -49.02 19.65 23.22
N LEU D 240 -49.96 20.57 23.37
CA LEU D 240 -49.92 21.50 24.49
C LEU D 240 -50.11 20.77 25.81
N LYS D 241 -51.01 19.79 25.86
CA LYS D 241 -51.22 19.02 27.08
C LYS D 241 -50.05 18.11 27.44
N ILE D 242 -49.11 17.88 26.53
CA ILE D 242 -47.94 17.07 26.88
C ILE D 242 -46.92 17.93 27.63
N LEU D 243 -46.57 19.09 27.06
CA LEU D 243 -45.74 20.13 27.69
C LEU D 243 -46.10 20.39 29.15
N MET D 244 -47.39 20.54 29.42
CA MET D 244 -47.92 20.65 30.78
C MET D 244 -47.52 19.44 31.62
N ARG D 245 -47.89 18.23 31.17
CA ARG D 245 -47.57 16.99 31.85
C ARG D 245 -46.06 16.77 31.99
N LYS D 246 -45.31 17.03 30.92
CA LYS D 246 -43.87 16.81 30.89
C LYS D 246 -43.15 17.67 31.93
N SER D 247 -43.51 18.95 32.03
CA SER D 247 -42.88 19.87 32.96
C SER D 247 -43.53 19.85 34.34
N ASP D 248 -44.34 18.83 34.63
CA ASP D 248 -44.86 18.60 35.96
C ASP D 248 -44.15 17.46 36.68
N ARG D 249 -43.67 16.47 35.92
CA ARG D 249 -42.88 15.38 36.47
C ARG D 249 -41.60 15.89 37.11
N PHE D 250 -40.98 16.87 36.46
CA PHE D 250 -39.81 17.61 36.92
C PHE D 250 -39.92 18.09 38.37
N ILE D 251 -41.08 18.63 38.76
CA ILE D 251 -41.26 19.13 40.13
C ILE D 251 -41.16 18.00 41.15
N ASN D 252 -41.76 16.84 40.85
CA ASN D 252 -41.64 15.68 41.73
C ASN D 252 -40.20 15.23 41.91
N GLU D 253 -39.46 15.07 40.81
CA GLU D 253 -38.06 14.65 40.89
C GLU D 253 -37.17 15.67 41.58
N LEU D 254 -37.41 16.95 41.37
CA LEU D 254 -36.60 18.00 41.99
C LEU D 254 -36.70 17.97 43.51
N HIS D 255 -37.94 17.92 44.03
CA HIS D 255 -38.16 17.87 45.48
C HIS D 255 -37.53 16.65 46.14
N LYS D 256 -37.54 15.51 45.44
CA LYS D 256 -37.00 14.27 46.00
C LYS D 256 -35.49 14.36 46.21
N LEU D 257 -34.79 15.06 45.32
CA LEU D 257 -33.34 15.23 45.41
C LEU D 257 -32.91 15.93 46.71
N ALA D 258 -33.46 17.13 46.94
CA ALA D 258 -33.16 17.92 48.15
C ALA D 258 -33.47 17.20 49.46
N MET E 1 34.58 -40.41 52.08
CA MET E 1 35.32 -39.20 52.43
C MET E 1 34.62 -37.96 51.87
N TYR E 2 34.34 -37.02 52.75
CA TYR E 2 33.59 -35.82 52.43
C TYR E 2 34.53 -34.62 52.28
N LYS E 3 34.05 -33.60 51.57
CA LYS E 3 34.81 -32.39 51.34
C LYS E 3 33.90 -31.18 51.55
N LEU E 4 34.51 -30.04 51.85
CA LEU E 4 33.77 -28.79 52.07
C LEU E 4 34.23 -27.75 51.07
N LEU E 5 33.28 -27.20 50.31
CA LEU E 5 33.54 -26.29 49.20
C LEU E 5 33.14 -24.87 49.55
N LYS E 6 33.66 -23.94 48.74
CA LYS E 6 33.28 -22.53 48.79
C LYS E 6 33.19 -22.05 47.35
N VAL E 7 31.97 -21.87 46.84
CA VAL E 7 31.69 -21.73 45.42
C VAL E 7 30.75 -20.55 45.25
N LYS E 8 31.07 -19.66 44.31
CA LYS E 8 30.16 -18.59 43.90
C LYS E 8 29.27 -19.04 42.73
N ASP E 9 28.04 -18.55 42.73
CA ASP E 9 27.07 -18.82 41.68
C ASP E 9 26.08 -17.67 41.61
N VAL E 10 25.39 -17.57 40.48
CA VAL E 10 24.42 -16.50 40.25
C VAL E 10 23.05 -16.94 40.72
N VAL E 11 22.43 -16.13 41.57
CA VAL E 11 21.20 -16.50 42.27
C VAL E 11 20.05 -15.72 41.65
N ARG E 12 18.91 -16.40 41.48
CA ARG E 12 17.72 -15.82 40.86
C ARG E 12 16.62 -15.75 41.90
N ILE E 13 16.38 -14.56 42.45
CA ILE E 13 15.35 -14.36 43.47
C ILE E 13 14.05 -13.99 42.76
N PRO E 14 12.98 -14.76 42.92
CA PRO E 14 11.71 -14.40 42.28
C PRO E 14 11.10 -13.20 42.98
N PRO E 15 10.19 -12.48 42.34
CA PRO E 15 9.53 -11.35 43.00
C PRO E 15 8.37 -11.73 43.90
N ARG E 16 8.20 -13.01 44.21
CA ARG E 16 7.17 -13.42 45.14
C ARG E 16 7.64 -13.18 46.58
N MET E 17 8.85 -13.64 46.90
CA MET E 17 9.51 -13.41 48.17
C MET E 17 10.48 -12.23 48.09
N PHE E 18 10.09 -11.23 47.33
CA PHE E 18 10.88 -10.03 47.07
C PHE E 18 11.08 -9.14 48.30
N THR E 19 10.31 -9.34 49.36
CA THR E 19 10.35 -8.46 50.52
C THR E 19 11.03 -9.10 51.73
N MET E 20 11.89 -10.09 51.53
CA MET E 20 12.61 -10.71 52.61
C MET E 20 14.02 -10.16 52.70
N ASP E 21 14.75 -10.59 53.73
CA ASP E 21 16.17 -10.26 53.86
C ASP E 21 16.95 -10.93 52.72
N PRO E 22 17.96 -10.26 52.16
CA PRO E 22 18.68 -10.84 51.01
C PRO E 22 19.49 -12.09 51.31
N LYS E 23 19.88 -12.34 52.56
CA LYS E 23 20.77 -13.47 52.81
C LYS E 23 20.02 -14.80 52.73
N GLU E 24 19.00 -14.98 53.54
CA GLU E 24 18.32 -16.27 53.56
C GLU E 24 17.38 -16.46 52.37
N ALA E 25 16.94 -15.37 51.74
CA ALA E 25 16.12 -15.50 50.53
C ALA E 25 16.93 -15.96 49.33
N ALA E 26 18.20 -15.59 49.26
CA ALA E 26 19.05 -16.16 48.23
C ALA E 26 19.49 -17.56 48.60
N LYS E 27 19.43 -17.89 49.90
CA LYS E 27 19.77 -19.23 50.37
C LYS E 27 18.69 -20.22 49.99
N ILE E 28 17.42 -19.82 50.08
CA ILE E 28 16.32 -20.75 49.80
C ILE E 28 16.16 -21.03 48.31
N VAL E 29 16.70 -20.18 47.43
CA VAL E 29 16.67 -20.49 46.00
C VAL E 29 17.75 -21.48 45.63
N LEU E 30 18.99 -21.20 46.02
CA LEU E 30 20.14 -21.99 45.58
C LEU E 30 20.18 -23.35 46.25
N ARG E 31 19.54 -23.49 47.41
CA ARG E 31 19.46 -24.78 48.08
C ARG E 31 18.59 -25.77 47.31
N GLU E 32 17.49 -25.32 46.73
CA GLU E 32 16.64 -26.25 45.99
C GLU E 32 17.00 -26.27 44.50
N THR E 33 18.29 -26.40 44.21
CA THR E 33 18.78 -26.60 42.85
C THR E 33 19.89 -27.64 42.74
N TYR E 34 20.69 -27.86 43.78
CA TYR E 34 21.87 -28.71 43.69
C TYR E 34 21.88 -29.88 44.65
N GLU E 35 20.96 -29.93 45.62
CA GLU E 35 20.97 -30.99 46.60
C GLU E 35 20.62 -32.34 45.98
N GLY E 36 21.37 -33.37 46.34
CA GLY E 36 21.06 -34.71 45.88
C GLY E 36 21.30 -34.98 44.40
N ILE E 37 22.23 -34.27 43.76
CA ILE E 37 22.46 -34.44 42.34
C ILE E 37 23.92 -34.82 42.09
N TYR E 38 24.12 -35.97 41.47
CA TYR E 38 25.45 -36.50 41.17
C TYR E 38 25.91 -35.91 39.84
N ASP E 39 26.97 -35.11 39.88
CA ASP E 39 27.63 -34.70 38.64
C ASP E 39 28.71 -35.68 38.25
N ARG E 40 29.03 -35.72 36.95
CA ARG E 40 30.10 -36.59 36.49
C ARG E 40 31.47 -35.98 36.70
N ASP E 41 31.54 -34.69 36.97
CA ASP E 41 32.82 -34.02 37.17
C ASP E 41 33.27 -34.02 38.62
N GLU E 42 32.36 -33.74 39.56
CA GLU E 42 32.76 -33.65 40.96
C GLU E 42 32.11 -34.70 41.85
N GLY E 43 30.79 -34.80 41.85
CA GLY E 43 30.14 -35.82 42.66
C GLY E 43 28.83 -35.43 43.32
N VAL E 44 28.50 -36.08 44.44
CA VAL E 44 27.24 -35.84 45.13
C VAL E 44 27.31 -34.53 45.91
N VAL E 45 26.44 -33.59 45.58
CA VAL E 45 26.30 -32.35 46.34
C VAL E 45 25.24 -32.59 47.40
N LEU E 46 25.63 -32.57 48.67
CA LEU E 46 24.68 -32.95 49.72
C LEU E 46 23.78 -31.81 50.17
N ALA E 47 24.35 -30.75 50.74
CA ALA E 47 23.50 -29.69 51.30
C ALA E 47 24.27 -28.37 51.37
N ILE E 48 23.52 -27.27 51.27
CA ILE E 48 24.08 -25.94 51.39
C ILE E 48 24.15 -25.56 52.86
N LEU E 49 25.31 -25.08 53.32
CA LEU E 49 25.45 -24.69 54.71
C LEU E 49 24.88 -23.30 54.97
N ASP E 50 25.49 -22.27 54.38
CA ASP E 50 25.17 -20.89 54.72
C ASP E 50 25.65 -19.97 53.60
N VAL E 51 25.18 -18.72 53.65
CA VAL E 51 25.47 -17.69 52.66
C VAL E 51 26.23 -16.55 53.32
N GLU E 52 27.48 -16.33 52.91
CA GLU E 52 28.31 -15.32 53.57
C GLU E 52 27.99 -13.91 53.08
N GLU E 53 28.22 -13.63 51.80
CA GLU E 53 28.11 -12.29 51.26
C GLU E 53 27.35 -12.33 49.94
N ILE E 54 26.75 -11.21 49.60
CA ILE E 54 25.89 -11.12 48.42
C ILE E 54 26.18 -9.78 47.74
N SER E 55 25.98 -9.75 46.43
CA SER E 55 26.19 -8.59 45.60
C SER E 55 24.86 -7.87 45.35
N GLU E 56 24.87 -6.93 44.41
CA GLU E 56 23.67 -6.16 44.10
C GLU E 56 22.81 -6.89 43.06
N GLY E 57 21.66 -6.28 42.77
CA GLY E 57 20.72 -6.79 41.80
C GLY E 57 20.87 -6.15 40.44
N VAL E 58 20.56 -6.93 39.40
CA VAL E 58 20.60 -6.45 38.02
C VAL E 58 19.33 -6.96 37.35
N ILE E 59 18.57 -6.04 36.75
CA ILE E 59 17.32 -6.35 36.08
C ILE E 59 17.60 -6.69 34.62
N VAL E 60 16.87 -7.68 34.10
CA VAL E 60 17.04 -8.15 32.74
C VAL E 60 15.73 -8.00 31.98
N PRO E 61 15.74 -7.49 30.73
CA PRO E 61 14.52 -7.36 29.94
C PRO E 61 13.74 -8.63 29.69
N GLY E 62 12.54 -8.74 30.26
CA GLY E 62 11.66 -9.85 29.96
C GLY E 62 11.10 -10.63 31.13
N ASP E 63 11.90 -10.82 32.18
CA ASP E 63 11.50 -11.69 33.28
C ASP E 63 10.89 -10.88 34.42
N GLY E 64 11.65 -9.93 34.97
CA GLY E 64 11.21 -9.17 36.13
C GLY E 64 11.78 -9.64 37.45
N ALA E 65 12.40 -10.80 37.50
CA ALA E 65 13.11 -11.17 38.71
C ALA E 65 14.50 -10.53 38.71
N THR E 66 15.28 -10.80 39.76
CA THR E 66 16.57 -10.18 39.95
C THR E 66 17.69 -11.23 39.97
N TYR E 67 18.90 -10.76 39.68
CA TYR E 67 20.10 -11.59 39.67
C TYR E 67 21.08 -11.08 40.71
N HIS E 68 21.79 -12.00 41.36
CA HIS E 68 22.76 -11.68 42.39
C HIS E 68 23.96 -12.60 42.20
N GLU E 69 25.02 -12.33 42.97
CA GLU E 69 26.27 -13.08 42.87
C GLU E 69 26.68 -13.38 44.31
N ALA E 70 26.31 -14.56 44.80
CA ALA E 70 26.45 -14.88 46.20
C ALA E 70 27.67 -15.74 46.47
N ILE E 71 27.92 -15.97 47.76
CA ILE E 71 29.01 -16.82 48.25
C ILE E 71 28.41 -17.78 49.27
N PHE E 72 28.64 -19.08 49.07
CA PHE E 72 28.02 -20.10 49.88
C PHE E 72 29.00 -21.25 50.10
N ASN E 73 28.60 -22.21 50.93
CA ASN E 73 29.44 -23.32 51.34
C ASN E 73 28.70 -24.63 51.10
N VAL E 74 29.39 -25.58 50.47
CA VAL E 74 28.78 -26.80 49.95
C VAL E 74 29.54 -28.00 50.49
N LEU E 75 28.81 -28.97 51.02
CA LEU E 75 29.37 -30.24 51.47
C LEU E 75 29.21 -31.26 50.35
N VAL E 76 30.31 -31.73 49.76
CA VAL E 76 30.25 -32.69 48.68
C VAL E 76 30.78 -34.04 49.15
N TRP E 77 30.54 -35.07 48.35
CA TRP E 77 31.09 -36.40 48.57
C TRP E 77 31.59 -36.95 47.25
N GLU E 78 32.87 -37.26 47.16
CA GLU E 78 33.47 -37.74 45.91
C GLU E 78 34.07 -39.13 46.12
N PRO E 79 33.39 -40.19 45.68
CA PRO E 79 34.01 -41.54 45.65
C PRO E 79 34.94 -41.72 44.46
N ARG E 80 36.18 -41.25 44.61
CA ARG E 80 37.18 -41.40 43.57
C ARG E 80 37.73 -42.82 43.54
N ASN E 81 38.55 -43.11 42.52
CA ASN E 81 39.00 -44.45 42.23
C ASN E 81 40.10 -44.88 43.21
N GLN E 82 40.21 -46.21 43.40
CA GLN E 82 41.07 -46.93 44.35
C GLN E 82 41.16 -46.24 45.71
N GLU E 83 40.01 -45.79 46.22
CA GLU E 83 39.93 -45.12 47.50
C GLU E 83 39.51 -46.14 48.56
N VAL E 84 40.27 -46.20 49.64
CA VAL E 84 40.01 -47.14 50.73
C VAL E 84 38.82 -46.65 51.54
N VAL E 85 37.76 -47.45 51.58
CA VAL E 85 36.49 -47.06 52.19
C VAL E 85 36.14 -48.05 53.30
N GLU E 86 35.04 -47.74 54.01
CA GLU E 86 34.46 -48.59 55.03
C GLU E 86 32.95 -48.66 54.83
N GLY E 87 32.36 -49.81 55.17
CA GLY E 87 30.94 -49.93 54.90
C GLY E 87 30.15 -50.90 55.76
N GLU E 88 28.90 -51.12 55.38
CA GLU E 88 27.96 -51.98 56.10
C GLU E 88 27.18 -52.83 55.12
N VAL E 89 27.13 -54.14 55.34
CA VAL E 89 26.36 -55.02 54.45
C VAL E 89 24.88 -54.84 54.75
N VAL E 90 24.16 -54.17 53.85
CA VAL E 90 22.76 -53.83 54.05
C VAL E 90 21.88 -54.48 52.98
N GLU E 91 22.39 -55.49 52.28
CA GLU E 91 21.64 -56.17 51.23
C GLU E 91 22.23 -57.54 50.99
N MET E 92 21.36 -58.52 50.74
CA MET E 92 21.76 -59.90 50.46
C MET E 92 21.13 -60.30 49.13
N MET E 93 21.97 -60.68 48.17
CA MET E 93 21.54 -61.08 46.85
C MET E 93 22.22 -62.40 46.49
N PRO E 94 21.61 -63.21 45.60
CA PRO E 94 22.27 -64.46 45.21
C PRO E 94 23.47 -64.28 44.30
N TYR E 95 23.68 -63.09 43.72
CA TYR E 95 24.83 -62.84 42.87
C TYR E 95 25.82 -61.85 43.48
N GLY E 96 25.53 -61.30 44.65
CA GLY E 96 26.44 -60.34 45.26
C GLY E 96 25.83 -59.72 46.50
N ALA E 97 26.42 -58.60 46.92
CA ALA E 97 25.99 -57.91 48.13
C ALA E 97 26.33 -56.42 48.04
N PHE E 98 25.33 -55.58 48.25
CA PHE E 98 25.52 -54.13 48.32
C PHE E 98 26.11 -53.72 49.67
N ILE E 99 27.23 -53.00 49.61
CA ILE E 99 27.92 -52.49 50.80
C ILE E 99 27.73 -50.98 50.80
N ARG E 100 27.01 -50.48 51.81
CA ARG E 100 26.71 -49.06 51.94
C ARG E 100 27.93 -48.31 52.50
N ILE E 101 28.57 -47.52 51.65
CA ILE E 101 29.72 -46.71 52.05
C ILE E 101 29.35 -45.25 52.30
N GLY E 102 28.05 -44.96 52.40
CA GLY E 102 27.57 -43.61 52.64
C GLY E 102 26.21 -43.39 52.02
N PRO E 103 26.08 -42.31 51.22
CA PRO E 103 24.83 -42.11 50.48
C PRO E 103 24.64 -43.08 49.33
N MET E 104 25.72 -43.67 48.84
CA MET E 104 25.68 -44.63 47.75
C MET E 104 26.04 -46.01 48.28
N ASP E 105 26.09 -46.98 47.37
CA ASP E 105 26.33 -48.37 47.69
C ASP E 105 27.51 -48.89 46.89
N GLY E 106 28.03 -50.02 47.35
CA GLY E 106 29.14 -50.65 46.65
C GLY E 106 28.90 -52.15 46.53
N LEU E 107 28.85 -52.63 45.30
CA LEU E 107 28.60 -54.02 45.00
C LEU E 107 29.88 -54.81 44.85
N VAL E 108 29.98 -55.93 45.54
CA VAL E 108 31.10 -56.85 45.41
C VAL E 108 30.52 -58.17 44.93
N HIS E 109 31.08 -58.72 43.86
CA HIS E 109 30.56 -59.97 43.32
C HIS E 109 31.15 -61.14 44.11
N ILE E 110 30.52 -62.31 43.96
CA ILE E 110 30.70 -63.42 44.89
C ILE E 110 32.10 -64.03 44.81
N SER E 111 32.83 -63.79 43.72
CA SER E 111 34.14 -64.39 43.53
C SER E 111 35.26 -63.40 43.80
N GLN E 112 34.93 -62.16 44.14
CA GLN E 112 35.88 -61.18 44.67
C GLN E 112 35.72 -60.97 46.18
N LEU E 113 34.98 -61.86 46.86
CA LEU E 113 34.71 -61.67 48.29
C LEU E 113 35.95 -61.93 49.13
N MET E 114 36.54 -63.12 49.01
CA MET E 114 37.53 -63.56 49.98
C MET E 114 38.44 -64.60 49.33
N ASP E 115 39.46 -65.02 50.09
CA ASP E 115 40.40 -66.04 49.64
C ASP E 115 39.86 -67.43 50.00
N ASP E 116 38.74 -67.77 49.36
CA ASP E 116 38.02 -69.01 49.64
C ASP E 116 37.06 -69.24 48.47
N TYR E 117 36.79 -70.51 48.17
CA TYR E 117 35.75 -70.85 47.22
C TYR E 117 34.39 -70.60 47.87
N VAL E 118 33.56 -69.77 47.24
CA VAL E 118 32.37 -69.22 47.88
C VAL E 118 31.12 -69.83 47.25
N VAL E 119 30.24 -70.35 48.10
CA VAL E 119 28.96 -70.95 47.71
C VAL E 119 27.86 -70.16 48.40
N PHE E 120 26.90 -69.66 47.62
CA PHE E 120 25.76 -68.93 48.19
C PHE E 120 24.73 -69.92 48.72
N ASP E 121 24.45 -69.84 50.02
CA ASP E 121 23.33 -70.55 50.60
C ASP E 121 22.03 -69.91 50.12
N GLU E 122 21.22 -70.67 49.38
CA GLU E 122 19.98 -70.16 48.85
C GLU E 122 18.87 -70.04 49.90
N LYS E 123 18.83 -70.96 50.88
CA LYS E 123 17.75 -70.93 51.86
C LYS E 123 17.90 -69.78 52.84
N ASN E 124 19.11 -69.54 53.31
CA ASN E 124 19.38 -68.46 54.25
C ASN E 124 19.98 -67.27 53.48
N ARG E 125 20.39 -66.25 54.22
CA ARG E 125 21.01 -65.06 53.66
C ARG E 125 22.41 -64.97 54.26
N GLN E 126 23.33 -65.70 53.64
CA GLN E 126 24.67 -65.93 54.18
C GLN E 126 25.54 -66.53 53.09
N PHE E 127 26.85 -66.49 53.33
CA PHE E 127 27.83 -67.22 52.54
C PHE E 127 28.58 -68.18 53.46
N ILE E 128 28.79 -69.41 52.99
CA ILE E 128 29.48 -70.43 53.77
C ILE E 128 30.70 -70.90 52.98
N GLY E 129 31.88 -70.82 53.62
CA GLY E 129 33.10 -71.25 52.96
C GLY E 129 33.30 -72.75 53.02
N LYS E 130 34.22 -73.23 52.18
CA LYS E 130 34.47 -74.67 52.08
C LYS E 130 35.35 -75.17 53.22
N GLU E 131 36.60 -74.69 53.26
CA GLU E 131 37.55 -75.15 54.27
C GLU E 131 37.32 -74.46 55.61
N THR E 132 37.44 -73.13 55.63
CA THR E 132 37.21 -72.36 56.84
C THR E 132 35.73 -72.24 57.14
N ASN E 133 35.42 -72.09 58.43
CA ASN E 133 34.04 -71.97 58.91
C ASN E 133 33.67 -70.52 59.14
N ARG E 134 34.23 -69.62 58.33
CA ARG E 134 33.85 -68.21 58.36
C ARG E 134 32.48 -68.03 57.72
N VAL E 135 31.68 -67.13 58.30
CA VAL E 135 30.32 -66.89 57.85
C VAL E 135 30.17 -65.38 57.62
N LEU E 136 29.89 -65.01 56.36
CA LEU E 136 29.58 -63.63 56.03
C LEU E 136 28.07 -63.52 55.82
N LYS E 137 27.44 -62.65 56.61
CA LYS E 137 25.99 -62.51 56.59
C LYS E 137 25.62 -61.05 56.77
N LEU E 138 24.34 -60.81 57.06
CA LEU E 138 23.77 -59.47 57.07
C LEU E 138 24.29 -58.66 58.24
N GLY E 139 24.46 -57.35 58.02
CA GLY E 139 24.82 -56.42 59.06
C GLY E 139 26.27 -56.37 59.46
N ASP E 140 27.13 -57.19 58.85
CA ASP E 140 28.51 -57.28 59.30
C ASP E 140 29.31 -56.11 58.73
N TYR E 141 30.10 -55.48 59.61
CA TYR E 141 30.96 -54.37 59.20
C TYR E 141 32.16 -54.88 58.42
N VAL E 142 32.41 -54.32 57.24
CA VAL E 142 33.48 -54.76 56.35
C VAL E 142 34.36 -53.57 55.97
N ARG E 143 35.42 -53.88 55.22
CA ARG E 143 36.38 -52.90 54.70
C ARG E 143 36.82 -53.35 53.31
N ALA E 144 36.81 -52.42 52.35
CA ALA E 144 37.00 -52.81 50.96
C ALA E 144 37.81 -51.73 50.24
N ARG E 145 37.92 -51.89 48.92
CA ARG E 145 38.62 -50.95 48.05
C ARG E 145 37.85 -50.86 46.74
N ILE E 146 37.64 -49.63 46.26
CA ILE E 146 37.01 -49.41 44.98
C ILE E 146 37.92 -49.91 43.86
N ILE E 147 37.33 -50.59 42.88
CA ILE E 147 38.06 -51.02 41.70
C ILE E 147 37.41 -50.54 40.41
N GLY E 148 36.10 -50.26 40.40
CA GLY E 148 35.43 -49.80 39.20
C GLY E 148 34.18 -49.03 39.54
N VAL E 149 33.97 -47.90 38.90
CA VAL E 149 32.81 -47.05 39.14
C VAL E 149 32.10 -46.86 37.82
N SER E 150 30.81 -47.20 37.79
CA SER E 150 29.99 -47.10 36.59
C SER E 150 29.08 -45.90 36.78
N VAL E 151 29.38 -44.81 36.07
CA VAL E 151 28.64 -43.56 36.14
C VAL E 151 27.81 -43.44 34.88
N LYS E 152 26.50 -43.42 35.06
CA LYS E 152 25.54 -43.37 33.96
C LYS E 152 24.76 -42.07 33.93
N SER E 153 24.13 -41.67 35.03
CA SER E 153 23.26 -40.50 34.95
C SER E 153 23.48 -39.52 36.09
N ARG E 154 22.65 -38.47 36.13
CA ARG E 154 22.77 -37.44 37.15
C ARG E 154 22.14 -37.86 38.47
N VAL E 155 21.34 -38.90 38.48
CA VAL E 155 20.62 -39.34 39.67
C VAL E 155 21.55 -40.21 40.51
N ILE E 156 21.45 -40.07 41.83
CA ILE E 156 22.20 -40.89 42.77
C ILE E 156 21.78 -42.35 42.61
N ARG E 157 20.48 -42.56 42.38
CA ARG E 157 19.87 -43.89 42.42
C ARG E 157 20.42 -44.80 41.32
N GLU E 158 20.70 -44.24 40.13
CA GLU E 158 21.03 -45.06 38.98
C GLU E 158 22.53 -45.29 38.79
N ASN E 159 23.37 -44.97 39.76
CA ASN E 159 24.80 -45.23 39.65
C ASN E 159 25.31 -46.12 40.78
N LYS E 160 26.05 -47.16 40.41
CA LYS E 160 26.48 -48.21 41.30
C LYS E 160 27.98 -48.41 41.16
N ILE E 161 28.63 -48.80 42.24
CA ILE E 161 30.09 -48.87 42.33
C ILE E 161 30.51 -50.30 42.60
N ASN E 162 31.42 -50.83 41.80
CA ASN E 162 31.95 -52.18 41.99
C ASN E 162 33.23 -52.10 42.81
N MET E 163 33.34 -52.95 43.82
CA MET E 163 34.49 -53.05 44.70
C MET E 163 34.97 -54.50 44.75
N THR E 164 36.02 -54.72 45.55
CA THR E 164 36.60 -56.03 45.72
C THR E 164 37.30 -56.09 47.08
N MET E 165 37.51 -57.32 47.56
CA MET E 165 38.14 -57.51 48.86
C MET E 165 39.18 -58.63 48.84
N ARG E 166 39.69 -58.97 47.66
CA ARG E 166 40.70 -60.03 47.54
C ARG E 166 42.09 -59.40 47.68
N GLN E 167 42.35 -58.92 48.90
CA GLN E 167 43.62 -58.31 49.27
C GLN E 167 43.89 -58.64 50.73
N PRO E 168 45.17 -58.71 51.13
CA PRO E 168 45.50 -58.89 52.56
C PRO E 168 45.18 -57.67 53.40
N GLY E 169 44.22 -57.81 54.33
CA GLY E 169 43.87 -56.74 55.23
C GLY E 169 42.52 -56.11 54.95
N LEU E 170 41.62 -56.87 54.34
CA LEU E 170 40.26 -56.42 54.06
C LEU E 170 39.25 -57.40 54.67
N GLY E 171 37.98 -57.20 54.32
CA GLY E 171 36.89 -58.02 54.80
C GLY E 171 36.31 -57.56 56.12
N LYS E 172 35.73 -58.48 56.88
CA LYS E 172 35.18 -58.14 58.20
C LYS E 172 36.32 -57.82 59.16
N PHE E 173 36.04 -56.93 60.12
CA PHE E 173 37.10 -56.37 60.96
C PHE E 173 37.65 -57.40 61.94
N GLU E 174 36.86 -58.36 62.39
CA GLU E 174 37.42 -59.37 63.25
C GLU E 174 38.20 -60.43 62.45
N TRP E 175 37.93 -60.53 61.14
CA TRP E 175 38.80 -61.31 60.27
C TRP E 175 40.15 -60.63 60.08
N ILE E 176 40.17 -59.29 60.13
CA ILE E 176 41.41 -58.53 59.91
C ILE E 176 42.33 -58.66 61.12
N GLU E 177 41.74 -58.70 62.33
CA GLU E 177 42.53 -58.70 63.55
C GLU E 177 43.27 -60.03 63.71
N LYS E 178 42.64 -61.14 63.32
CA LYS E 178 43.30 -62.43 63.43
C LYS E 178 44.33 -62.64 62.32
N GLU E 179 44.25 -61.85 61.25
CA GLU E 179 45.25 -61.86 60.19
C GLU E 179 46.43 -60.94 60.48
N LYS E 180 46.44 -60.27 61.63
CA LYS E 180 47.58 -59.48 62.05
C LYS E 180 48.73 -60.34 62.56
N LYS E 181 48.45 -61.56 62.99
CA LYS E 181 49.48 -62.45 63.52
C LYS E 181 49.67 -63.64 62.61
N MET F 1 32.38 -26.76 34.12
CA MET F 1 32.58 -25.90 35.29
C MET F 1 31.26 -25.71 36.03
N ILE F 2 31.26 -25.99 37.33
CA ILE F 2 30.16 -25.59 38.20
C ILE F 2 30.30 -24.13 38.58
N GLY F 3 29.33 -23.31 38.17
CA GLY F 3 29.34 -21.88 38.44
C GLY F 3 30.41 -21.14 37.65
N ARG F 4 30.97 -20.11 38.27
CA ARG F 4 32.01 -19.34 37.59
C ARG F 4 33.40 -19.90 37.90
N LYS F 5 33.67 -20.18 39.17
CA LYS F 5 34.98 -20.65 39.60
C LYS F 5 34.82 -21.51 40.84
N LYS F 6 35.82 -22.34 41.08
CA LYS F 6 35.97 -23.09 42.32
C LYS F 6 37.28 -22.62 42.95
N LEU F 7 37.19 -22.05 44.15
CA LEU F 7 38.36 -21.39 44.72
C LEU F 7 38.96 -22.06 45.95
N GLU F 8 38.20 -22.84 46.71
CA GLU F 8 38.76 -23.42 47.94
C GLU F 8 38.06 -24.73 48.26
N GLU F 9 38.85 -25.73 48.63
CA GLU F 9 38.33 -27.03 49.04
C GLU F 9 39.18 -27.57 50.18
N HIS F 10 38.55 -28.38 51.02
CA HIS F 10 39.19 -28.97 52.17
C HIS F 10 38.72 -30.40 52.29
N TYR F 11 39.40 -31.17 53.13
CA TYR F 11 39.09 -32.58 53.31
C TYR F 11 38.52 -32.80 54.69
N ILE F 12 37.39 -33.51 54.75
CA ILE F 12 36.61 -33.70 55.96
C ILE F 12 36.48 -35.19 56.23
N THR F 13 36.78 -35.59 57.46
CA THR F 13 36.58 -36.96 57.91
C THR F 13 35.11 -37.19 58.27
N ILE F 14 34.79 -38.44 58.61
CA ILE F 14 33.40 -38.81 58.88
C ILE F 14 32.94 -38.24 60.22
N ALA F 15 33.84 -38.18 61.20
CA ALA F 15 33.46 -37.62 62.50
C ALA F 15 33.28 -36.10 62.45
N GLU F 16 33.96 -35.43 61.54
CA GLU F 16 33.83 -33.98 61.38
C GLU F 16 32.55 -33.60 60.62
N ALA F 17 32.17 -34.40 59.62
CA ALA F 17 31.01 -34.12 58.79
C ALA F 17 29.70 -34.50 59.46
N LYS F 18 29.77 -35.21 60.59
CA LYS F 18 28.57 -35.54 61.35
C LYS F 18 27.91 -34.29 61.93
N GLU F 19 28.74 -33.35 62.39
CA GLU F 19 28.23 -32.11 62.97
C GLU F 19 27.61 -31.19 61.92
N LEU F 20 28.11 -31.23 60.69
CA LEU F 20 27.50 -30.43 59.64
C LEU F 20 26.11 -30.94 59.25
N LEU F 21 25.86 -32.25 59.39
CA LEU F 21 24.53 -32.77 59.14
C LEU F 21 23.55 -32.41 60.26
N GLU F 22 23.99 -32.51 61.51
CA GLU F 22 23.08 -32.28 62.63
C GLU F 22 22.75 -30.81 62.80
N ARG F 23 23.71 -29.92 62.51
CA ARG F 23 23.44 -28.48 62.53
C ARG F 23 22.54 -28.09 61.36
N ARG F 24 22.68 -28.75 60.21
CA ARG F 24 21.70 -28.61 59.15
C ARG F 24 20.35 -29.18 59.56
N HIS F 25 20.37 -30.29 60.31
CA HIS F 25 19.14 -30.89 60.82
C HIS F 25 18.51 -30.04 61.92
N ALA F 26 19.26 -29.12 62.53
CA ALA F 26 18.67 -28.16 63.46
C ALA F 26 17.72 -27.21 62.77
N GLU F 27 17.87 -27.02 61.45
CA GLU F 27 16.88 -26.28 60.68
C GLU F 27 15.75 -27.23 60.28
N GLY F 28 14.51 -26.82 60.55
CA GLY F 28 13.39 -27.69 60.26
C GLY F 28 12.50 -28.30 61.34
N LEU F 29 12.07 -27.65 62.44
CA LEU F 29 12.24 -26.27 62.95
C LEU F 29 11.98 -25.11 62.00
N ALA F 30 11.12 -25.34 61.00
CA ALA F 30 10.69 -24.27 60.12
C ALA F 30 9.18 -24.31 59.96
N GLU F 31 8.62 -25.52 60.15
CA GLU F 31 7.24 -25.76 60.56
C GLU F 31 6.18 -25.42 59.51
N ASN F 32 6.56 -24.80 58.38
CA ASN F 32 5.54 -24.50 57.39
C ASN F 32 5.31 -25.74 56.52
N PRO F 33 6.32 -26.44 55.98
CA PRO F 33 6.08 -27.84 55.58
C PRO F 33 6.57 -28.87 56.60
N GLU F 34 7.05 -28.43 57.77
CA GLU F 34 7.71 -29.14 58.88
C GLU F 34 9.16 -29.53 58.50
N GLU F 35 9.52 -29.39 57.22
CA GLU F 35 10.79 -29.76 56.60
C GLU F 35 11.36 -31.10 57.03
N PRO F 36 10.81 -32.23 56.57
CA PRO F 36 11.54 -33.49 56.72
C PRO F 36 12.67 -33.51 55.70
N MET F 37 13.87 -33.84 56.16
CA MET F 37 15.01 -33.94 55.26
C MET F 37 14.80 -35.12 54.32
N PHE F 38 15.36 -35.00 53.11
CA PHE F 38 15.09 -36.02 52.11
C PHE F 38 15.79 -37.34 52.46
N TYR F 39 15.48 -38.37 51.66
CA TYR F 39 15.74 -39.75 52.07
C TYR F 39 17.25 -40.06 52.06
N GLU F 40 17.93 -39.70 50.97
CA GLU F 40 19.34 -40.01 50.84
C GLU F 40 20.21 -39.16 51.76
N ALA F 41 19.69 -38.02 52.22
CA ALA F 41 20.35 -37.26 53.27
C ALA F 41 20.29 -38.00 54.60
N ARG F 42 19.13 -38.60 54.91
CA ARG F 42 18.98 -39.32 56.16
C ARG F 42 19.74 -40.65 56.15
N VAL F 43 19.94 -41.24 54.97
CA VAL F 43 20.77 -42.43 54.87
C VAL F 43 22.22 -42.10 55.20
N SER F 44 22.74 -40.98 54.66
CA SER F 44 24.11 -40.61 54.93
C SER F 44 24.30 -40.07 56.34
N LEU F 45 23.21 -39.70 57.01
CA LEU F 45 23.29 -39.37 58.43
C LEU F 45 23.57 -40.59 59.27
N GLU F 46 22.97 -41.74 58.92
CA GLU F 46 23.15 -42.96 59.70
C GLU F 46 24.56 -43.52 59.59
N HIS F 47 25.24 -43.27 58.47
CA HIS F 47 26.63 -43.69 58.38
C HIS F 47 27.52 -42.83 59.27
N ALA F 48 27.13 -41.56 59.50
CA ALA F 48 27.86 -40.73 60.45
C ALA F 48 27.51 -41.02 61.91
N GLU F 49 26.32 -41.57 62.19
CA GLU F 49 25.92 -41.77 63.57
C GLU F 49 26.56 -43.00 64.20
N ARG F 50 26.91 -44.00 63.39
CA ARG F 50 27.40 -45.27 63.88
C ARG F 50 28.91 -45.40 63.83
N PHE F 51 29.59 -44.63 62.98
CA PHE F 51 31.04 -44.70 62.85
C PHE F 51 31.73 -43.51 63.53
N ALA F 52 31.03 -42.78 64.39
CA ALA F 52 31.63 -41.66 65.12
C ALA F 52 32.50 -42.20 66.24
N LYS F 53 33.81 -42.27 65.98
CA LYS F 53 34.77 -42.83 66.92
C LYS F 53 35.51 -41.79 67.75
N LEU F 54 35.57 -40.54 67.30
CA LEU F 54 36.36 -39.49 67.93
C LEU F 54 35.51 -38.25 68.15
N LYS F 55 36.05 -37.30 68.91
CA LYS F 55 35.42 -36.01 69.03
C LYS F 55 35.53 -35.23 67.72
N PRO F 56 34.55 -34.36 67.43
CA PRO F 56 34.66 -33.53 66.21
C PRO F 56 35.79 -32.53 66.27
N GLU F 57 36.07 -31.94 67.44
CA GLU F 57 37.09 -30.91 67.52
C GLU F 57 38.49 -31.50 67.56
N GLN F 58 38.66 -32.62 68.26
CA GLN F 58 39.97 -33.26 68.38
C GLN F 58 40.43 -33.90 67.07
N ALA F 59 39.50 -34.21 66.16
CA ALA F 59 39.88 -34.67 64.83
C ALA F 59 40.43 -33.52 63.98
N ARG F 60 39.91 -32.30 64.18
CA ARG F 60 40.43 -31.15 63.45
C ARG F 60 41.83 -30.79 63.91
N GLU F 61 42.10 -30.94 65.22
CA GLU F 61 43.39 -30.63 65.78
C GLU F 61 44.44 -31.63 65.32
N LEU F 62 44.05 -32.90 65.21
CA LEU F 62 44.97 -33.96 64.81
C LEU F 62 45.38 -33.81 63.35
N LYS F 63 44.49 -33.31 62.48
CA LYS F 63 44.81 -33.20 61.06
C LYS F 63 45.86 -32.14 60.81
N GLU F 64 45.89 -31.09 61.63
CA GLU F 64 46.98 -30.12 61.55
C GLU F 64 48.28 -30.72 62.05
N LYS F 65 48.21 -31.60 63.05
CA LYS F 65 49.40 -32.15 63.68
C LYS F 65 50.10 -33.18 62.79
N LEU F 66 49.33 -33.99 62.07
CA LEU F 66 49.89 -35.06 61.27
C LEU F 66 50.59 -34.56 60.01
N MET F 67 50.26 -33.36 59.53
CA MET F 67 50.92 -32.83 58.35
C MET F 67 52.33 -32.37 58.64
N GLY F 68 52.60 -31.90 59.86
CA GLY F 68 53.90 -31.41 60.24
C GLY F 68 54.88 -32.49 60.66
N LEU F 69 54.40 -33.72 60.83
CA LEU F 69 55.27 -34.82 61.25
C LEU F 69 56.14 -35.31 60.10
N PHE F 70 55.53 -35.58 58.95
CA PHE F 70 56.26 -36.00 57.76
C PHE F 70 55.93 -35.08 56.60
N ASP F 71 56.92 -34.91 55.70
CA ASP F 71 56.70 -34.05 54.55
C ASP F 71 55.85 -34.73 53.49
N TRP F 72 55.98 -36.04 53.33
CA TRP F 72 55.23 -36.79 52.31
C TRP F 72 53.79 -37.09 52.71
N ILE F 73 53.35 -36.67 53.89
CA ILE F 73 51.97 -36.81 54.30
C ILE F 73 51.29 -35.45 54.13
N ASN F 74 50.35 -35.35 53.20
CA ASN F 74 49.61 -34.12 53.02
C ASN F 74 48.33 -34.20 53.84
N GLU F 75 47.42 -33.24 53.63
CA GLU F 75 46.15 -33.23 54.34
C GLU F 75 45.25 -34.39 53.93
N ARG F 76 45.32 -34.80 52.65
CA ARG F 76 44.47 -35.87 52.14
C ARG F 76 44.84 -37.23 52.72
N ILE F 77 46.13 -37.50 52.86
CA ILE F 77 46.61 -38.75 53.45
C ILE F 77 46.35 -38.77 54.96
N ALA F 78 46.48 -37.61 55.61
CA ALA F 78 46.30 -37.50 57.06
C ALA F 78 44.84 -37.72 57.46
N ALA F 79 43.90 -37.27 56.63
CA ALA F 79 42.49 -37.48 56.94
C ALA F 79 42.10 -38.94 56.82
N LYS F 80 42.81 -39.71 55.99
CA LYS F 80 42.54 -41.14 55.88
C LYS F 80 42.95 -41.87 57.15
N LEU F 81 44.05 -41.46 57.79
CA LEU F 81 44.56 -42.13 58.98
C LEU F 81 43.68 -41.94 60.20
N VAL F 82 42.88 -40.86 60.25
CA VAL F 82 41.98 -40.64 61.38
C VAL F 82 40.83 -41.64 61.35
N ASP F 83 40.30 -41.93 60.16
CA ASP F 83 39.16 -42.81 60.02
C ASP F 83 39.50 -44.27 60.27
N ILE F 84 40.72 -44.70 59.93
CA ILE F 84 41.08 -46.10 60.04
C ILE F 84 41.57 -46.45 61.45
N LEU F 85 42.30 -45.51 62.09
CA LEU F 85 43.04 -45.67 63.34
C LEU F 85 43.97 -46.89 63.25
N PRO F 86 45.09 -46.78 62.53
CA PRO F 86 45.99 -47.93 62.39
C PRO F 86 46.73 -48.27 63.68
N GLU F 87 46.96 -49.57 63.86
CA GLU F 87 47.66 -50.09 65.03
C GLU F 87 49.05 -50.63 64.73
N ASP F 88 49.28 -51.14 63.52
CA ASP F 88 50.54 -51.79 63.20
C ASP F 88 50.86 -51.55 61.73
N TYR F 89 51.80 -52.35 61.19
CA TYR F 89 52.24 -52.22 59.81
C TYR F 89 51.28 -52.88 58.82
N LEU F 90 50.27 -53.61 59.30
CA LEU F 90 49.28 -54.19 58.38
C LEU F 90 48.45 -53.10 57.71
N ASP F 91 47.97 -52.13 58.49
CA ASP F 91 47.15 -51.07 57.93
C ASP F 91 47.98 -50.08 57.13
N ILE F 92 49.28 -50.01 57.39
CA ILE F 92 50.15 -49.12 56.63
C ILE F 92 50.35 -49.69 55.23
N ARG F 93 50.31 -51.03 55.11
CA ARG F 93 50.42 -51.68 53.81
C ARG F 93 49.18 -51.44 52.95
N VAL F 94 47.98 -51.60 53.54
CA VAL F 94 46.77 -51.62 52.72
C VAL F 94 46.38 -50.21 52.24
N ILE F 95 46.69 -49.17 53.02
CA ILE F 95 46.40 -47.81 52.56
C ILE F 95 47.41 -47.39 51.48
N PHE F 96 48.68 -47.71 51.70
CA PHE F 96 49.78 -47.28 50.85
C PHE F 96 50.19 -48.31 49.82
N ALA F 97 49.28 -49.22 49.46
CA ALA F 97 49.61 -50.24 48.47
C ALA F 97 49.62 -49.68 47.05
N LYS F 98 48.98 -48.54 46.81
CA LYS F 98 48.94 -47.93 45.48
C LYS F 98 49.54 -46.52 45.51
N GLU F 99 50.51 -46.29 46.40
CA GLU F 99 51.13 -44.98 46.54
C GLU F 99 52.53 -44.97 45.96
N GLU F 100 53.09 -43.76 45.89
CA GLU F 100 54.44 -43.54 45.37
C GLU F 100 55.53 -43.88 46.38
N TYR F 101 55.19 -44.01 47.66
CA TYR F 101 56.17 -44.29 48.70
C TYR F 101 55.63 -45.30 49.69
N MET F 102 56.40 -46.36 49.93
CA MET F 102 56.06 -47.35 50.93
C MET F 102 56.89 -47.10 52.17
N PRO F 103 56.28 -46.92 53.33
CA PRO F 103 57.06 -46.53 54.52
C PRO F 103 57.88 -47.66 55.11
N THR F 104 58.98 -47.25 55.74
CA THR F 104 59.84 -48.10 56.55
C THR F 104 59.19 -48.37 57.90
N PRO F 105 59.54 -49.48 58.57
CA PRO F 105 58.99 -49.76 59.91
C PRO F 105 59.37 -48.72 60.97
N GLU F 106 60.45 -47.97 60.75
CA GLU F 106 60.77 -46.84 61.62
C GLU F 106 59.76 -45.72 61.43
N GLU F 107 59.55 -45.28 60.17
CA GLU F 107 58.69 -44.14 59.90
C GLU F 107 57.22 -44.47 60.15
N ALA F 108 56.82 -45.72 59.97
CA ALA F 108 55.43 -46.09 60.24
C ALA F 108 55.15 -46.15 61.72
N GLU F 109 56.16 -46.46 62.53
CA GLU F 109 55.96 -46.49 63.99
C GLU F 109 55.84 -45.09 64.56
N GLU F 110 56.50 -44.10 63.94
CA GLU F 110 56.42 -42.72 64.38
C GLU F 110 55.02 -42.13 64.20
N ILE F 111 54.28 -42.60 63.20
CA ILE F 111 52.88 -42.20 63.06
C ILE F 111 52.03 -42.74 64.19
N ILE F 112 52.30 -43.98 64.62
CA ILE F 112 51.55 -44.60 65.71
C ILE F 112 51.80 -43.90 67.04
N LYS F 113 53.03 -43.38 67.26
CA LYS F 113 53.37 -42.73 68.51
C LYS F 113 52.59 -41.44 68.76
N VAL F 114 52.19 -40.74 67.70
CA VAL F 114 51.34 -39.57 67.87
C VAL F 114 49.92 -40.00 68.23
N ILE F 115 49.43 -41.05 67.58
CA ILE F 115 48.07 -41.55 67.75
C ILE F 115 48.00 -42.57 68.88
N ASP F 116 49.10 -42.73 69.64
CA ASP F 116 49.00 -43.46 70.90
C ASP F 116 48.11 -42.74 71.92
N GLU F 117 48.05 -41.41 71.89
CA GLU F 117 47.05 -40.76 72.72
C GLU F 117 45.69 -40.80 72.03
N TYR F 118 44.68 -40.22 72.69
CA TYR F 118 43.32 -40.02 72.20
C TYR F 118 42.61 -41.34 71.83
N ARG F 119 43.10 -42.46 72.31
CA ARG F 119 42.48 -43.75 71.98
C ARG F 119 41.41 -44.13 72.99
N PRO F 120 40.32 -44.77 72.54
CA PRO F 120 39.22 -45.07 73.46
C PRO F 120 39.58 -46.19 74.42
N LEU F 121 40.45 -47.11 74.01
CA LEU F 121 40.98 -48.22 74.81
C LEU F 121 39.91 -49.17 75.32
N GLU F 122 38.80 -49.28 74.59
CA GLU F 122 37.71 -50.15 75.00
C GLU F 122 37.18 -50.94 73.80
N GLU G 6 49.44 31.76 -8.28
CA GLU G 6 49.73 32.63 -7.16
C GLU G 6 48.89 32.25 -5.94
N PHE G 7 47.62 31.91 -6.18
CA PHE G 7 46.73 31.47 -5.10
C PHE G 7 47.16 30.10 -4.58
N ASN G 8 46.57 29.70 -3.47
CA ASN G 8 46.69 28.33 -3.00
C ASN G 8 45.31 27.69 -2.85
N ILE G 9 45.32 26.45 -2.34
CA ILE G 9 44.09 25.74 -2.01
C ILE G 9 43.34 26.37 -0.85
N PHE G 10 44.02 27.16 -0.03
CA PHE G 10 43.38 27.83 1.08
C PHE G 10 42.83 29.16 0.60
N ASP G 11 42.44 30.03 1.54
CA ASP G 11 41.82 31.34 1.27
C ASP G 11 40.55 31.21 0.44
N HIS G 12 39.75 30.18 0.74
CA HIS G 12 38.58 29.82 -0.04
C HIS G 12 37.40 29.61 0.90
N VAL G 13 36.20 29.91 0.41
CA VAL G 13 35.01 29.85 1.24
C VAL G 13 34.48 28.43 1.42
N LEU G 14 35.05 27.46 0.74
CA LEU G 14 34.67 26.06 0.91
C LEU G 14 35.63 25.26 1.76
N VAL G 15 36.93 25.50 1.64
CA VAL G 15 37.95 24.68 2.29
C VAL G 15 38.21 25.23 3.68
N PRO G 16 38.03 24.44 4.73
CA PRO G 16 38.47 24.87 6.05
C PRO G 16 39.94 24.55 6.25
N GLU G 17 40.56 25.26 7.18
CA GLU G 17 42.00 25.16 7.34
C GLU G 17 42.38 23.92 8.15
N HIS G 18 43.42 23.24 7.71
CA HIS G 18 43.93 22.05 8.38
C HIS G 18 45.16 22.40 9.19
N ARG G 19 45.53 21.50 10.12
CA ARG G 19 46.80 21.59 10.82
C ARG G 19 47.19 20.23 11.38
N ILE G 20 48.49 19.96 11.37
CA ILE G 20 49.03 18.68 11.81
C ILE G 20 49.39 18.76 13.29
N LEU G 21 48.95 17.78 14.08
CA LEU G 21 49.13 17.79 15.52
C LEU G 21 50.58 17.49 15.91
N SER G 22 50.83 17.52 17.22
CA SER G 22 52.10 17.19 17.85
C SER G 22 52.02 15.79 18.46
N GLU G 23 53.15 15.34 19.03
CA GLU G 23 53.22 13.97 19.56
C GLU G 23 52.47 13.79 20.87
N GLU G 24 52.44 14.82 21.73
CA GLU G 24 51.75 14.69 23.01
C GLU G 24 50.23 14.78 22.88
N GLU G 25 49.74 15.33 21.77
CA GLU G 25 48.32 15.54 21.58
C GLU G 25 47.60 14.30 21.08
N LYS G 26 48.34 13.30 20.61
CA LYS G 26 47.71 12.07 20.13
C LYS G 26 47.07 11.30 21.28
N GLU G 27 47.78 11.16 22.40
CA GLU G 27 47.24 10.48 23.56
C GLU G 27 46.24 11.34 24.32
N GLU G 28 46.36 12.66 24.26
CA GLU G 28 45.39 13.53 24.91
C GLU G 28 44.04 13.46 24.21
N LEU G 29 44.06 13.37 22.89
CA LEU G 29 42.82 13.17 22.15
C LEU G 29 42.28 11.77 22.34
N LEU G 30 43.16 10.81 22.59
CA LEU G 30 42.77 9.41 22.69
C LEU G 30 42.10 9.06 24.01
N LYS G 31 42.48 9.71 25.12
CA LYS G 31 41.88 9.39 26.40
C LYS G 31 40.57 10.12 26.66
N LYS G 32 40.33 11.24 26.00
CA LYS G 32 39.08 11.95 26.20
C LYS G 32 37.91 11.18 25.59
N TYR G 33 38.15 10.46 24.49
CA TYR G 33 37.09 9.81 23.75
C TYR G 33 37.09 8.30 23.91
N ARG G 34 38.03 7.76 24.69
CA ARG G 34 38.29 6.32 24.96
C ARG G 34 38.20 5.44 23.71
N ILE G 35 38.93 5.84 22.67
CA ILE G 35 38.93 5.13 21.40
C ILE G 35 40.29 4.51 21.11
N ARG G 36 40.40 3.81 19.99
CA ARG G 36 41.66 3.31 19.47
C ARG G 36 42.00 4.11 18.23
N ILE G 37 43.30 4.25 17.94
CA ILE G 37 43.84 5.10 16.88
C ILE G 37 43.28 4.75 15.51
N SER G 38 43.01 3.46 15.25
CA SER G 38 42.47 3.07 13.95
C SER G 38 41.03 3.51 13.72
N GLN G 39 40.32 3.96 14.74
CA GLN G 39 38.91 4.29 14.65
C GLN G 39 38.68 5.77 14.33
N LEU G 40 39.29 6.28 13.27
CA LEU G 40 39.19 7.67 12.88
C LEU G 40 39.15 7.76 11.36
N PRO G 41 38.50 8.80 10.77
CA PRO G 41 38.01 8.68 9.39
C PRO G 41 38.94 8.95 8.20
N GLN G 42 40.27 8.96 8.36
CA GLN G 42 41.17 8.60 7.25
C GLN G 42 41.19 9.41 5.95
N ILE G 43 41.80 10.59 5.92
CA ILE G 43 42.11 11.24 4.65
C ILE G 43 43.09 10.35 3.87
N LYS G 44 42.96 10.36 2.54
CA LYS G 44 43.96 9.71 1.71
C LYS G 44 45.13 10.66 1.48
N ALA G 45 46.26 10.10 1.05
CA ALA G 45 47.49 10.85 0.86
C ALA G 45 47.50 11.70 -0.41
N SER G 46 46.47 11.57 -1.23
CA SER G 46 46.16 12.37 -2.43
C SER G 46 45.56 13.69 -2.01
N ASP G 47 44.67 14.24 -2.84
CA ASP G 47 43.62 15.25 -2.56
C ASP G 47 44.14 16.51 -1.88
N PRO G 48 44.64 17.47 -2.70
CA PRO G 48 45.70 18.42 -2.30
C PRO G 48 45.71 19.10 -0.94
N ALA G 49 44.58 19.04 -0.22
CA ALA G 49 44.47 19.61 1.13
C ALA G 49 45.54 19.11 2.09
N VAL G 50 46.00 17.87 1.93
CA VAL G 50 46.95 17.30 2.88
C VAL G 50 48.37 17.39 2.35
N VAL G 51 48.57 17.54 1.03
CA VAL G 51 49.90 17.36 0.47
C VAL G 51 50.76 18.61 0.68
N ALA G 52 50.14 19.76 0.95
CA ALA G 52 50.86 21.00 1.15
C ALA G 52 51.07 21.31 2.62
N LEU G 53 51.22 20.28 3.46
CA LEU G 53 51.32 20.50 4.89
C LEU G 53 52.50 19.78 5.54
N GLY G 54 52.89 18.63 5.00
CA GLY G 54 53.82 17.78 5.73
C GLY G 54 53.19 16.44 6.07
N ALA G 55 52.36 15.96 5.15
CA ALA G 55 51.59 14.72 5.32
C ALA G 55 52.48 13.51 5.58
N LYS G 56 52.30 12.91 6.76
CA LYS G 56 52.93 11.63 7.07
C LYS G 56 51.83 10.62 7.37
N PRO G 57 51.80 9.47 6.68
CA PRO G 57 50.77 8.46 6.93
C PRO G 57 50.87 7.85 8.31
N GLY G 58 49.76 7.83 9.04
CA GLY G 58 49.77 7.38 10.41
C GLY G 58 49.85 8.53 11.39
N ASP G 59 48.97 9.51 11.21
CA ASP G 59 48.98 10.72 12.01
C ASP G 59 47.55 11.25 12.09
N VAL G 60 47.29 12.06 13.11
CA VAL G 60 45.98 12.65 13.33
C VAL G 60 46.03 14.09 12.88
N ILE G 61 45.05 14.53 12.10
CA ILE G 61 44.98 15.91 11.62
C ILE G 61 43.62 16.52 11.96
N GLU G 62 43.67 17.70 12.60
CA GLU G 62 42.51 18.41 13.09
C GLU G 62 42.08 19.44 12.05
N ILE G 63 40.79 19.51 11.80
CA ILE G 63 40.23 20.51 10.92
C ILE G 63 39.31 21.42 11.75
N LYS G 64 39.10 22.64 11.26
CA LYS G 64 38.47 23.70 12.05
C LYS G 64 37.27 24.26 11.31
N ARG G 65 36.37 23.39 10.86
CA ARG G 65 35.33 23.89 9.96
C ARG G 65 34.24 24.59 10.74
N LYS G 66 33.48 25.42 10.04
CA LYS G 66 32.50 26.27 10.69
C LYS G 66 31.11 25.85 10.24
N SER G 67 30.17 25.91 11.17
CA SER G 67 28.79 25.60 10.91
C SER G 67 27.92 26.75 11.37
N PRO G 68 26.84 27.06 10.66
CA PRO G 68 26.01 28.22 11.01
C PRO G 68 25.10 28.02 12.21
N THR G 69 25.23 26.93 12.95
CA THR G 69 24.40 26.68 14.11
C THR G 69 25.19 26.25 15.33
N ALA G 70 26.48 26.29 15.27
CA ALA G 70 27.31 26.04 16.45
C ALA G 70 28.36 27.11 16.63
N GLY G 71 28.90 27.65 15.54
CA GLY G 71 30.06 28.50 15.61
C GLY G 71 31.20 27.82 14.90
N TYR G 72 32.20 27.39 15.66
CA TYR G 72 33.32 26.65 15.11
C TYR G 72 33.34 25.25 15.71
N TYR G 73 33.82 24.29 14.92
CA TYR G 73 33.58 22.90 15.22
C TYR G 73 34.70 22.05 14.65
N TYR G 74 35.30 21.23 15.48
CA TYR G 74 36.49 20.46 15.14
C TYR G 74 36.12 19.07 14.68
N TYR G 75 36.97 18.46 13.87
CA TYR G 75 36.65 17.17 13.28
C TYR G 75 37.97 16.50 12.91
N TYR G 76 38.33 15.45 13.64
CA TYR G 76 39.65 14.85 13.56
C TYR G 76 39.68 13.75 12.50
N ARG G 77 40.83 13.60 11.83
CA ARG G 77 40.96 12.63 10.75
C ARG G 77 42.36 12.03 10.76
N LEU G 78 42.54 10.96 9.99
CA LEU G 78 43.82 10.25 9.86
C LEU G 78 44.35 10.38 8.44
N VAL G 79 45.57 9.87 8.23
CA VAL G 79 46.18 9.84 6.91
C VAL G 79 46.62 8.42 6.60
N VAL G 80 46.05 7.83 5.56
CA VAL G 80 46.43 6.52 5.04
C VAL G 80 46.82 6.76 3.58
N GLU G 81 47.72 5.94 3.04
CA GLU G 81 48.17 6.11 1.64
C GLU G 81 47.05 5.92 0.63
N PHE H 2 19.95 15.70 37.97
CA PHE H 2 20.06 14.26 37.77
C PHE H 2 18.83 13.76 37.04
N ARG H 3 18.13 14.68 36.36
CA ARG H 3 16.83 14.39 35.76
C ARG H 3 16.90 13.27 34.73
N TYR H 4 15.91 12.40 34.77
CA TYR H 4 15.90 11.26 33.87
C TYR H 4 15.59 11.74 32.47
N THR H 5 15.97 10.94 31.49
CA THR H 5 15.58 11.24 30.12
C THR H 5 14.20 10.67 29.87
N ARG H 6 13.82 10.58 28.61
CA ARG H 6 12.55 10.03 28.22
C ARG H 6 12.65 8.55 27.93
N PHE H 7 13.86 8.03 27.74
CA PHE H 7 14.06 6.62 27.50
C PHE H 7 14.23 5.85 28.79
N GLU H 8 14.73 6.50 29.82
CA GLU H 8 14.89 5.81 31.10
C GLU H 8 13.61 5.85 31.91
N LYS H 9 12.79 6.90 31.74
CA LYS H 9 11.53 7.00 32.45
C LYS H 9 10.51 6.01 31.93
N ALA H 10 10.64 5.59 30.68
CA ALA H 10 9.73 4.63 30.09
C ALA H 10 10.20 3.19 30.24
N ARG H 11 11.35 2.98 30.86
CA ARG H 11 11.80 1.64 31.21
C ARG H 11 11.60 1.32 32.68
N ILE H 12 11.76 2.33 33.55
CA ILE H 12 11.54 2.16 34.98
C ILE H 12 10.08 1.86 35.27
N ILE H 13 9.17 2.54 34.56
CA ILE H 13 7.75 2.21 34.63
C ILE H 13 7.48 0.81 34.09
N GLY H 14 8.18 0.43 33.02
CA GLY H 14 7.91 -0.86 32.41
C GLY H 14 8.36 -2.03 33.29
N ALA H 15 9.49 -1.88 33.97
CA ALA H 15 9.95 -2.94 34.86
C ALA H 15 9.14 -3.00 36.14
N ARG H 16 8.66 -1.86 36.64
CA ARG H 16 7.91 -1.85 37.89
C ARG H 16 6.48 -2.33 37.68
N ALA H 17 5.93 -2.13 36.49
CA ALA H 17 4.60 -2.65 36.22
C ALA H 17 4.60 -4.16 36.05
N LEU H 18 5.74 -4.76 35.77
CA LEU H 18 5.80 -6.20 35.65
C LEU H 18 6.05 -6.89 36.99
N GLN H 19 6.75 -6.22 37.91
CA GLN H 19 6.88 -6.77 39.26
C GLN H 19 5.55 -6.69 40.00
N ILE H 20 4.78 -5.63 39.76
CA ILE H 20 3.56 -5.38 40.52
C ILE H 20 2.45 -6.34 40.12
N ALA H 21 2.64 -7.09 39.03
CA ALA H 21 1.73 -8.13 38.62
C ALA H 21 2.15 -9.51 39.12
N MET H 22 3.43 -9.70 39.42
CA MET H 22 3.99 -10.99 39.82
C MET H 22 4.19 -11.07 41.32
N GLY H 23 3.33 -10.47 42.13
CA GLY H 23 3.61 -10.35 43.54
C GLY H 23 4.00 -8.93 43.86
N ALA H 24 5.13 -8.74 44.58
CA ALA H 24 5.78 -7.46 44.89
C ALA H 24 4.81 -6.47 45.52
N PRO H 25 4.54 -6.60 46.82
CA PRO H 25 3.44 -5.86 47.48
C PRO H 25 3.48 -4.35 47.29
N VAL H 26 2.30 -3.79 47.03
CA VAL H 26 2.15 -2.42 46.56
C VAL H 26 2.17 -1.47 47.75
N LEU H 27 2.59 -0.23 47.52
CA LEU H 27 2.47 0.84 48.50
C LEU H 27 1.05 1.41 48.48
N ILE H 28 0.83 2.59 49.07
CA ILE H 28 -0.54 3.08 49.21
C ILE H 28 -1.04 3.60 47.87
N ASP H 29 -1.75 2.73 47.14
CA ASP H 29 -2.04 2.94 45.73
C ASP H 29 -3.44 2.42 45.39
N VAL H 30 -4.20 2.00 46.38
CA VAL H 30 -5.35 1.09 46.29
C VAL H 30 -6.42 1.39 45.25
N PRO H 31 -7.13 2.57 45.31
CA PRO H 31 -8.59 2.58 45.12
C PRO H 31 -9.23 1.80 43.99
N GLU H 32 -10.00 0.77 44.35
CA GLU H 32 -11.24 0.38 43.69
C GLU H 32 -11.06 -0.31 42.33
N GLY H 33 -9.86 -0.29 41.78
CA GLY H 33 -9.59 -0.98 40.53
C GLY H 33 -8.85 -0.15 39.52
N ILE H 34 -7.71 -0.64 39.08
CA ILE H 34 -6.68 0.12 38.39
C ILE H 34 -5.86 -0.91 37.61
N THR H 35 -5.56 -0.63 36.34
CA THR H 35 -4.71 -1.62 35.67
C THR H 35 -3.27 -1.47 36.15
N PRO H 36 -2.51 -2.61 36.28
CA PRO H 36 -1.13 -2.58 36.83
C PRO H 36 -0.15 -1.59 36.22
N LEU H 37 -0.40 -1.15 34.99
CA LEU H 37 0.40 -0.08 34.41
C LEU H 37 0.10 1.24 35.10
N GLN H 38 -1.17 1.49 35.44
CA GLN H 38 -1.55 2.74 36.05
C GLN H 38 -1.13 2.80 37.51
N ALA H 39 -0.84 1.66 38.10
CA ALA H 39 -0.29 1.67 39.46
C ALA H 39 1.15 2.15 39.43
N ALA H 40 1.88 1.84 38.37
CA ALA H 40 3.27 2.28 38.30
C ALA H 40 3.36 3.77 38.04
N LEU H 41 2.36 4.36 37.39
CA LEU H 41 2.39 5.80 37.13
C LEU H 41 2.16 6.60 38.40
N LEU H 42 1.29 6.09 39.29
CA LEU H 42 1.00 6.79 40.52
C LEU H 42 2.14 6.66 41.53
N GLU H 43 2.84 5.53 41.53
CA GLU H 43 3.97 5.37 42.43
C GLU H 43 5.13 6.24 41.96
N PHE H 44 5.25 6.45 40.66
CA PHE H 44 6.28 7.30 40.10
C PHE H 44 5.99 8.77 40.32
N GLU H 45 4.72 9.12 40.57
CA GLU H 45 4.35 10.51 40.73
C GLU H 45 4.80 11.05 42.07
N LYS H 46 4.75 10.21 43.10
CA LYS H 46 5.16 10.62 44.44
C LYS H 46 6.66 10.51 44.64
N GLY H 47 7.39 9.96 43.65
CA GLY H 47 8.82 9.80 43.72
C GLY H 47 9.29 8.80 44.74
N VAL H 48 8.66 7.63 44.77
CA VAL H 48 9.06 6.57 45.69
C VAL H 48 9.47 5.32 44.92
N ILE H 49 10.02 5.50 43.72
CA ILE H 49 10.52 4.35 42.97
C ILE H 49 11.79 3.81 43.62
N PRO H 50 11.91 2.50 43.80
CA PRO H 50 13.16 1.96 44.35
C PRO H 50 14.25 1.79 43.30
N ILE H 51 13.86 1.61 42.04
CA ILE H 51 14.80 1.26 40.99
C ILE H 51 15.59 2.50 40.61
N THR H 52 16.91 2.36 40.58
CA THR H 52 17.77 3.46 40.16
C THR H 52 18.52 3.06 38.89
N VAL H 53 18.99 4.06 38.17
CA VAL H 53 19.70 3.82 36.92
C VAL H 53 21.19 3.72 37.18
N ILE H 54 21.87 3.16 36.18
CA ILE H 54 23.32 3.14 36.08
C ILE H 54 23.71 4.05 34.93
N ARG H 55 24.68 4.93 35.16
CA ARG H 55 25.13 5.88 34.17
C ARG H 55 26.51 5.46 33.68
N PRO H 56 26.61 4.80 32.52
CA PRO H 56 27.92 4.36 32.02
C PRO H 56 28.78 5.53 31.59
N SER H 57 29.97 5.62 32.17
CA SER H 57 30.91 6.67 31.85
C SER H 57 32.31 6.20 32.23
N MET I 1 -36.49 10.25 34.04
CA MET I 1 -36.14 11.62 34.40
C MET I 1 -35.47 11.61 35.77
N ARG I 2 -34.27 11.07 35.87
CA ARG I 2 -33.58 10.99 37.16
C ARG I 2 -32.41 11.95 37.19
N ILE I 3 -32.43 12.88 38.14
CA ILE I 3 -31.39 13.90 38.25
C ILE I 3 -30.12 13.33 38.87
N GLU I 4 -29.02 13.38 38.13
CA GLU I 4 -27.72 12.86 38.55
C GLU I 4 -26.80 14.05 38.81
N VAL I 5 -26.66 14.44 40.09
CA VAL I 5 -25.83 15.60 40.43
C VAL I 5 -24.35 15.27 40.15
N ILE I 6 -23.57 16.29 39.83
CA ILE I 6 -22.13 16.11 39.61
C ILE I 6 -21.32 17.03 40.51
N ARG I 7 -21.51 18.33 40.35
CA ARG I 7 -20.80 19.33 41.14
C ARG I 7 -21.78 20.02 42.07
N ARG I 8 -21.37 20.23 43.32
CA ARG I 8 -22.19 21.03 44.21
C ARG I 8 -21.25 21.88 45.04
N GLU I 9 -21.47 23.18 45.03
CA GLU I 9 -20.58 24.12 45.69
C GLU I 9 -21.45 25.22 46.29
N GLU I 10 -20.84 26.39 46.49
CA GLU I 10 -21.56 27.52 47.03
C GLU I 10 -22.13 28.30 45.86
N ASN I 11 -23.46 28.39 45.81
CA ASN I 11 -24.26 29.06 44.78
C ASN I 11 -24.12 28.42 43.39
N LEU I 12 -23.74 27.15 43.30
CA LEU I 12 -23.56 26.54 41.98
C LEU I 12 -24.06 25.11 42.00
N LEU I 13 -24.68 24.69 40.91
CA LEU I 13 -25.17 23.32 40.79
C LEU I 13 -25.03 22.84 39.36
N GLU I 14 -24.35 21.72 39.18
CA GLU I 14 -24.24 21.04 37.89
C GLU I 14 -24.76 19.62 38.02
N PHE I 15 -25.47 19.16 36.99
CA PHE I 15 -26.10 17.86 37.08
C PHE I 15 -26.47 17.35 35.70
N TYR I 16 -26.71 16.05 35.64
CA TYR I 16 -27.25 15.40 34.46
C TYR I 16 -28.73 15.18 34.62
N LEU I 17 -29.45 15.27 33.50
CA LEU I 17 -30.88 15.05 33.46
C LEU I 17 -31.15 14.01 32.37
N GLU I 18 -31.20 12.73 32.74
CA GLU I 18 -31.51 11.70 31.78
C GLU I 18 -32.95 11.80 31.26
N GLY I 19 -33.13 11.39 30.00
CA GLY I 19 -34.42 11.29 29.35
C GLY I 19 -34.94 12.54 28.69
N GLU I 20 -34.26 13.67 28.82
CA GLU I 20 -34.70 14.91 28.21
C GLU I 20 -33.85 15.17 26.98
N ASP I 21 -34.19 16.22 26.25
CA ASP I 21 -33.46 16.51 25.02
C ASP I 21 -33.44 18.02 24.83
N HIS I 22 -33.04 18.45 23.63
CA HIS I 22 -33.01 19.87 23.24
C HIS I 22 -34.33 20.58 23.49
N THR I 23 -35.44 19.90 23.18
CA THR I 23 -36.80 20.44 23.26
C THR I 23 -37.11 21.10 24.59
N PHE I 24 -37.00 20.35 25.67
CA PHE I 24 -37.32 20.93 26.96
C PHE I 24 -36.19 21.82 27.44
N ALA I 25 -34.94 21.40 27.22
CA ALA I 25 -33.78 22.10 27.73
C ALA I 25 -33.68 23.54 27.23
N ASN I 26 -33.93 23.77 25.94
CA ASN I 26 -33.83 25.12 25.40
C ASN I 26 -34.94 26.01 25.96
N LEU I 27 -36.14 25.47 26.08
CA LEU I 27 -37.25 26.22 26.67
C LEU I 27 -36.95 26.55 28.13
N LEU I 28 -36.42 25.58 28.87
CA LEU I 28 -36.07 25.78 30.28
C LEU I 28 -34.91 26.76 30.44
N THR I 29 -34.03 26.86 29.46
CA THR I 29 -32.85 27.71 29.60
C THR I 29 -33.22 29.19 29.61
N GLU I 30 -33.83 29.69 28.53
CA GLU I 30 -34.18 31.11 28.48
C GLU I 30 -35.27 31.51 29.47
N THR I 31 -36.14 30.58 29.86
CA THR I 31 -37.10 30.89 30.92
C THR I 31 -36.38 31.19 32.23
N LEU I 32 -35.33 30.43 32.53
CA LEU I 32 -34.47 30.70 33.68
C LEU I 32 -33.80 32.07 33.58
N HIS I 33 -33.35 32.45 32.37
CA HIS I 33 -32.70 33.74 32.12
C HIS I 33 -33.49 34.95 32.61
N GLU I 34 -34.82 34.94 32.40
CA GLU I 34 -35.72 36.00 32.89
C GLU I 34 -35.60 36.28 34.39
N ASN I 35 -35.13 35.33 35.19
CA ASN I 35 -34.98 35.53 36.62
C ASN I 35 -33.66 36.24 36.87
N GLU I 36 -33.76 37.45 37.42
CA GLU I 36 -32.60 38.29 37.72
C GLU I 36 -31.60 37.66 38.70
N HIS I 37 -32.04 36.76 39.58
CA HIS I 37 -31.09 36.16 40.49
C HIS I 37 -30.24 35.05 39.89
N VAL I 38 -30.55 34.57 38.68
CA VAL I 38 -29.74 33.54 38.03
C VAL I 38 -28.67 34.23 37.20
N THR I 39 -27.43 34.17 37.68
CA THR I 39 -26.30 34.81 37.02
C THR I 39 -25.86 34.08 35.75
N PHE I 40 -26.07 32.76 35.67
CA PHE I 40 -25.43 31.96 34.61
C PHE I 40 -26.16 30.63 34.46
N ALA I 41 -26.87 30.45 33.33
CA ALA I 41 -27.63 29.25 33.05
C ALA I 41 -27.25 28.69 31.69
N GLY I 42 -26.92 27.40 31.63
CA GLY I 42 -26.53 26.84 30.35
C GLY I 42 -26.61 25.33 30.31
N TYR I 43 -26.44 24.78 29.11
CA TYR I 43 -26.48 23.34 28.96
C TYR I 43 -25.63 22.89 27.78
N THR I 44 -25.31 21.60 27.76
CA THR I 44 -24.60 20.96 26.66
C THR I 44 -25.05 19.51 26.56
N ILE I 45 -25.25 19.04 25.33
CA ILE I 45 -25.28 17.62 25.03
C ILE I 45 -23.94 17.23 24.43
N GLU I 46 -23.32 16.21 25.00
CA GLU I 46 -21.99 15.75 24.61
C GLU I 46 -22.09 14.60 23.62
N HIS I 47 -21.65 14.85 22.38
CA HIS I 47 -21.48 13.88 21.30
C HIS I 47 -22.73 13.09 20.97
N PRO I 48 -23.66 13.66 20.23
CA PRO I 48 -24.97 13.04 20.06
C PRO I 48 -25.03 11.81 19.18
N ILE I 49 -24.18 10.81 19.40
CA ILE I 49 -24.48 9.46 18.96
C ILE I 49 -24.37 8.53 20.16
N THR I 50 -23.33 8.70 20.97
CA THR I 50 -23.17 7.88 22.16
C THR I 50 -24.11 8.29 23.29
N MET I 51 -24.40 9.57 23.43
CA MET I 51 -25.41 10.02 24.38
C MET I 51 -26.05 11.29 23.83
N ALA I 52 -27.37 11.28 23.75
CA ALA I 52 -28.12 12.46 23.34
C ALA I 52 -29.39 12.60 24.15
N ARG I 53 -29.42 12.03 25.35
CA ARG I 53 -30.58 12.13 26.23
C ARG I 53 -30.27 12.66 27.61
N LYS I 54 -29.04 13.02 27.92
CA LYS I 54 -28.67 13.55 29.22
C LYS I 54 -27.83 14.82 29.09
N PRO I 55 -28.47 15.94 28.73
CA PRO I 55 -27.86 17.26 28.91
C PRO I 55 -27.24 17.53 30.28
N ARG I 56 -26.13 18.27 30.28
CA ARG I 56 -25.43 18.70 31.48
C ARG I 56 -25.76 20.17 31.76
N PHE I 57 -26.49 20.45 32.85
CA PHE I 57 -26.93 21.80 33.18
C PHE I 57 -25.99 22.46 34.17
N LYS I 58 -25.90 23.80 34.13
CA LYS I 58 -25.12 24.57 35.11
C LYS I 58 -25.87 25.84 35.47
N VAL I 59 -26.14 26.03 36.77
CA VAL I 59 -26.89 27.17 37.29
C VAL I 59 -26.10 27.84 38.40
N VAL I 60 -25.86 29.15 38.26
CA VAL I 60 -25.11 29.93 39.24
C VAL I 60 -25.96 31.11 39.68
N THR I 61 -26.06 31.34 40.98
CA THR I 61 -26.84 32.41 41.56
C THR I 61 -25.93 33.38 42.30
N ASP I 62 -26.50 34.48 42.81
CA ASP I 62 -25.73 35.49 43.52
C ASP I 62 -25.67 35.27 45.03
N GLY I 63 -26.14 34.14 45.52
CA GLY I 63 -26.11 33.83 46.93
C GLY I 63 -27.38 34.18 47.68
N LYS I 64 -28.20 35.08 47.13
CA LYS I 64 -29.46 35.50 47.73
C LYS I 64 -30.57 34.46 47.57
N ILE I 65 -30.32 33.38 46.84
CA ILE I 65 -31.33 32.36 46.60
C ILE I 65 -30.60 31.07 46.26
N THR I 66 -31.22 29.94 46.62
CA THR I 66 -30.56 28.67 46.37
C THR I 66 -30.77 28.26 44.92
N PRO I 67 -29.84 27.46 44.35
CA PRO I 67 -30.01 26.98 42.97
C PRO I 67 -31.24 26.14 42.74
N GLU I 68 -31.67 25.37 43.75
CA GLU I 68 -32.86 24.53 43.60
C GLU I 68 -34.11 25.39 43.51
N LYS I 69 -34.16 26.47 44.29
CA LYS I 69 -35.31 27.38 44.27
C LYS I 69 -35.47 28.02 42.90
N ALA I 70 -34.34 28.42 42.29
CA ALA I 70 -34.35 28.95 40.92
C ALA I 70 -34.98 27.97 39.94
N LEU I 71 -34.52 26.72 39.95
CA LEU I 71 -35.11 25.67 39.11
C LEU I 71 -36.60 25.51 39.38
N GLU I 72 -36.96 25.45 40.66
CA GLU I 72 -38.34 25.28 41.11
C GLU I 72 -39.26 26.34 40.52
N GLU I 73 -38.92 27.61 40.72
CA GLU I 73 -39.77 28.69 40.23
C GLU I 73 -39.75 28.83 38.73
N ALA I 74 -38.71 28.32 38.04
CA ALA I 74 -38.66 28.45 36.60
C ALA I 74 -39.43 27.35 35.87
N ALA I 75 -39.72 26.24 36.53
CA ALA I 75 -40.58 25.22 35.94
C ALA I 75 -42.01 25.39 36.38
N GLN I 76 -42.29 26.38 37.23
CA GLN I 76 -43.65 26.80 37.47
C GLN I 76 -44.21 27.55 36.28
N LYS I 77 -43.53 28.63 35.91
CA LYS I 77 -43.82 29.50 34.77
C LYS I 77 -44.24 28.83 33.46
N ILE I 78 -43.49 27.82 33.01
CA ILE I 78 -43.80 27.13 31.75
C ILE I 78 -45.14 26.43 31.81
N PHE I 79 -45.45 25.79 32.93
CA PHE I 79 -46.77 25.18 33.13
C PHE I 79 -47.87 26.23 33.09
N ASP I 80 -47.65 27.36 33.74
CA ASP I 80 -48.65 28.44 33.73
C ASP I 80 -48.79 29.06 32.34
N ARG I 81 -47.67 29.22 31.61
CA ARG I 81 -47.75 29.85 30.28
C ARG I 81 -48.45 28.95 29.27
N ALA I 82 -48.23 27.64 29.33
CA ALA I 82 -48.93 26.72 28.44
C ALA I 82 -50.41 26.67 28.75
N ARG I 83 -50.76 26.63 30.04
CA ARG I 83 -52.15 26.69 30.50
C ARG I 83 -52.90 27.90 29.97
N GLU I 84 -52.21 29.02 29.73
CA GLU I 84 -52.82 30.21 29.14
C GLU I 84 -53.15 30.00 27.67
N VAL I 85 -52.11 29.86 26.85
CA VAL I 85 -52.15 29.58 25.42
C VAL I 85 -53.18 28.51 25.03
N LEU I 86 -53.23 27.43 25.81
CA LEU I 86 -54.20 26.35 25.61
C LEU I 86 -55.64 26.85 25.66
N GLU I 87 -55.96 27.63 26.69
CA GLU I 87 -57.28 28.26 26.79
C GLU I 87 -57.60 29.13 25.58
N ALA I 88 -56.63 29.95 25.14
CA ALA I 88 -56.79 30.77 23.94
C ALA I 88 -57.19 29.96 22.72
N TRP I 89 -56.42 28.89 22.41
CA TRP I 89 -56.68 27.99 21.28
C TRP I 89 -58.10 27.43 21.29
N LYS I 90 -58.49 26.81 22.42
CA LYS I 90 -59.83 26.27 22.62
C LYS I 90 -60.89 27.33 22.38
N ALA I 91 -60.81 28.45 23.06
CA ALA I 91 -61.80 29.51 22.90
C ALA I 91 -61.66 30.32 21.60
N ALA I 92 -60.94 29.81 20.60
CA ALA I 92 -60.82 30.53 19.34
C ALA I 92 -61.40 29.76 18.17
N ILE I 93 -61.44 28.43 18.22
CA ILE I 93 -62.01 27.63 17.13
C ILE I 93 -63.48 27.46 17.45
N GLU I 94 -64.27 28.50 17.15
CA GLU I 94 -65.70 28.57 17.44
C GLU I 94 -66.34 29.58 16.48
N MET J 1 -40.76 -1.27 -10.23
CA MET J 1 -40.56 -0.66 -8.93
C MET J 1 -41.60 0.42 -8.68
N ILE J 2 -42.74 -0.01 -8.13
CA ILE J 2 -43.91 0.85 -7.91
C ILE J 2 -43.57 2.07 -7.05
N VAL J 3 -44.25 3.19 -7.35
CA VAL J 3 -44.16 4.51 -6.71
C VAL J 3 -44.13 4.49 -5.19
N PRO J 4 -43.30 5.32 -4.54
CA PRO J 4 -43.12 5.22 -3.08
C PRO J 4 -44.30 5.79 -2.31
N VAL J 5 -44.82 5.01 -1.35
CA VAL J 5 -45.99 5.50 -0.63
C VAL J 5 -45.49 6.23 0.61
N ARG J 6 -44.92 7.42 0.38
CA ARG J 6 -44.70 8.58 1.23
C ARG J 6 -43.85 9.41 0.28
N CYS J 7 -43.49 10.62 0.60
CA CYS J 7 -42.34 11.14 -0.11
C CYS J 7 -41.10 10.73 0.68
N PHE J 8 -39.93 11.29 0.34
CA PHE J 8 -38.71 10.94 1.05
C PHE J 8 -38.25 12.03 1.99
N THR J 9 -38.76 13.25 1.82
CA THR J 9 -38.48 14.37 2.70
C THR J 9 -39.74 14.86 3.39
N CYS J 10 -40.77 15.20 2.62
CA CYS J 10 -42.03 15.70 3.17
C CYS J 10 -42.98 14.53 3.36
N GLY J 11 -43.30 14.21 4.61
CA GLY J 11 -44.22 13.13 4.86
C GLY J 11 -45.62 13.45 4.41
N LYS J 12 -45.98 12.87 3.27
CA LYS J 12 -47.24 13.12 2.59
C LYS J 12 -47.41 11.98 1.61
N VAL J 13 -48.60 11.39 1.56
CA VAL J 13 -48.79 10.27 0.66
C VAL J 13 -48.87 10.74 -0.78
N LEU J 14 -48.40 9.90 -1.69
CA LEU J 14 -48.35 10.22 -3.11
C LEU J 14 -48.83 9.11 -4.01
N ALA J 15 -48.88 7.86 -3.56
CA ALA J 15 -49.10 6.76 -4.47
C ALA J 15 -50.55 6.65 -4.93
N ASP J 16 -51.47 7.35 -4.25
CA ASP J 16 -52.84 7.45 -4.74
C ASP J 16 -53.00 8.45 -5.88
N LYS J 17 -52.04 9.35 -6.04
CA LYS J 17 -52.14 10.43 -7.01
C LYS J 17 -51.07 10.31 -8.08
N TYR J 18 -50.69 9.08 -8.42
CA TYR J 18 -49.80 8.85 -9.54
C TYR J 18 -50.48 8.23 -10.75
N TYR J 19 -51.35 7.23 -10.56
CA TYR J 19 -52.00 6.63 -11.72
C TYR J 19 -53.15 7.48 -12.23
N GLU J 20 -53.61 8.44 -11.45
CA GLU J 20 -54.50 9.47 -11.96
C GLU J 20 -53.70 10.56 -12.65
N PHE J 21 -52.43 10.73 -12.28
CA PHE J 21 -51.57 11.74 -12.87
C PHE J 21 -51.09 11.34 -14.26
N LYS J 22 -50.74 10.08 -14.46
CA LYS J 22 -50.06 9.71 -15.69
C LYS J 22 -51.06 9.52 -16.83
N LYS J 23 -52.30 9.15 -16.51
CA LYS J 23 -53.33 9.00 -17.54
C LYS J 23 -53.83 10.34 -18.06
N ARG J 24 -53.47 11.44 -17.41
CA ARG J 24 -53.75 12.78 -17.88
C ARG J 24 -52.54 13.51 -18.43
N VAL J 25 -51.38 12.86 -18.53
CA VAL J 25 -50.23 13.45 -19.20
C VAL J 25 -49.97 12.84 -20.58
N GLU J 26 -50.56 11.69 -20.88
CA GLU J 26 -50.49 11.12 -22.22
C GLU J 26 -51.63 11.57 -23.11
N ALA J 27 -52.33 12.64 -22.74
CA ALA J 27 -53.24 13.32 -23.64
C ALA J 27 -52.66 14.59 -24.22
N GLY J 28 -51.49 15.03 -23.75
CA GLY J 28 -50.86 16.25 -24.21
C GLY J 28 -50.92 17.42 -23.25
N GLU J 29 -51.60 17.26 -22.12
CA GLU J 29 -51.74 18.35 -21.17
C GLU J 29 -50.40 18.60 -20.47
N ASP J 30 -50.10 19.86 -20.20
CA ASP J 30 -48.81 20.19 -19.62
C ASP J 30 -48.73 19.75 -18.17
N PRO J 31 -47.61 19.16 -17.74
CA PRO J 31 -47.51 18.69 -16.35
C PRO J 31 -47.37 19.81 -15.33
N GLY J 32 -47.04 21.02 -15.77
CA GLY J 32 -46.92 22.13 -14.85
C GLY J 32 -48.27 22.52 -14.26
N LYS J 33 -49.34 22.25 -14.98
CA LYS J 33 -50.69 22.53 -14.52
C LYS J 33 -51.40 21.32 -13.95
N VAL J 34 -50.97 20.12 -14.32
CA VAL J 34 -51.58 18.89 -13.80
C VAL J 34 -51.16 18.67 -12.35
N LEU J 35 -49.88 18.83 -12.05
CA LEU J 35 -49.41 18.67 -10.69
C LEU J 35 -49.89 19.79 -9.79
N ASP J 36 -50.12 20.98 -10.36
CA ASP J 36 -50.67 22.07 -9.57
C ASP J 36 -52.16 21.86 -9.31
N ASP J 37 -52.87 21.22 -10.26
CA ASP J 37 -54.29 21.02 -10.10
C ASP J 37 -54.58 20.02 -8.99
N LEU J 38 -53.68 19.09 -8.75
CA LEU J 38 -53.80 18.17 -7.63
C LEU J 38 -53.25 18.85 -6.38
N GLY J 39 -53.07 18.10 -5.30
CA GLY J 39 -52.57 18.70 -4.08
C GLY J 39 -51.07 18.60 -3.90
N VAL J 40 -50.28 19.15 -4.82
CA VAL J 40 -48.83 19.13 -4.71
C VAL J 40 -48.40 20.59 -4.66
N GLU J 41 -47.84 20.99 -3.52
CA GLU J 41 -47.53 22.39 -3.25
C GLU J 41 -46.06 22.75 -3.39
N ARG J 42 -45.19 22.04 -2.69
CA ARG J 42 -43.76 22.33 -2.67
C ARG J 42 -43.09 21.78 -3.92
N TYR J 43 -41.77 21.72 -3.90
CA TYR J 43 -41.03 21.01 -4.93
C TYR J 43 -40.24 19.85 -4.35
N CYS J 44 -40.47 19.51 -3.09
CA CYS J 44 -39.97 18.26 -2.56
C CYS J 44 -40.98 17.14 -2.74
N CYS J 45 -42.28 17.44 -2.73
CA CYS J 45 -43.27 16.48 -3.23
C CYS J 45 -43.09 16.22 -4.71
N ARG J 46 -42.65 17.20 -5.46
CA ARG J 46 -42.85 17.12 -6.90
C ARG J 46 -41.67 16.50 -7.64
N ARG J 47 -40.48 16.43 -7.04
CA ARG J 47 -39.38 15.78 -7.74
C ARG J 47 -39.51 14.27 -7.76
N THR J 48 -40.42 13.68 -7.00
CA THR J 48 -40.58 12.24 -6.94
C THR J 48 -41.88 11.76 -7.56
N LEU J 49 -42.69 12.65 -8.12
CA LEU J 49 -43.69 12.22 -9.08
C LEU J 49 -43.17 12.36 -10.50
N LEU J 50 -42.44 13.44 -10.76
CA LEU J 50 -42.05 13.83 -12.10
C LEU J 50 -40.88 13.00 -12.64
N SER J 51 -40.24 12.17 -11.83
CA SER J 51 -39.10 11.35 -12.26
C SER J 51 -39.21 10.00 -11.60
N HIS J 52 -39.72 9.01 -12.33
CA HIS J 52 -39.92 7.69 -11.77
C HIS J 52 -39.99 6.70 -12.93
N VAL J 53 -39.91 5.40 -12.63
CA VAL J 53 -39.71 4.43 -13.71
C VAL J 53 -40.84 3.40 -13.84
N GLU J 54 -41.51 3.08 -12.73
CA GLU J 54 -42.62 2.08 -12.62
C GLU J 54 -42.37 0.75 -13.35
N LEU J 55 -41.12 0.27 -13.36
CA LEU J 55 -40.66 -0.92 -14.08
C LEU J 55 -41.23 -2.27 -13.66
N ILE J 56 -42.26 -2.30 -12.82
CA ILE J 56 -42.83 -3.53 -12.28
C ILE J 56 -43.39 -4.46 -13.36
N ASP J 57 -43.72 -3.93 -14.56
CA ASP J 57 -44.29 -4.76 -15.61
C ASP J 57 -43.33 -5.83 -16.12
N GLN J 58 -42.08 -5.45 -16.39
CA GLN J 58 -41.09 -6.39 -16.94
C GLN J 58 -40.76 -7.52 -15.97
N VAL J 59 -40.49 -7.17 -14.71
CA VAL J 59 -40.02 -8.15 -13.72
C VAL J 59 -41.10 -9.16 -13.36
N MET J 60 -42.35 -8.71 -13.29
CA MET J 60 -43.47 -9.55 -12.88
C MET J 60 -43.70 -10.76 -13.80
N VAL J 61 -43.69 -10.53 -15.11
CA VAL J 61 -43.97 -11.56 -16.12
C VAL J 61 -43.03 -12.77 -16.10
N TYR J 62 -41.79 -12.63 -15.64
CA TYR J 62 -40.84 -13.77 -15.66
C TYR J 62 -41.26 -14.99 -14.82
N LYS J 63 -42.01 -14.79 -13.71
CA LYS J 63 -42.64 -15.87 -12.94
C LYS J 63 -41.63 -16.87 -12.39
N VAL J 64 -41.00 -16.61 -11.24
CA VAL J 64 -40.17 -17.59 -10.53
C VAL J 64 -40.15 -17.30 -9.03
N TYR J 65 -40.33 -18.36 -8.26
CA TYR J 65 -40.39 -18.31 -6.81
C TYR J 65 -38.97 -18.09 -6.30
N TYR K 6 -37.78 -37.42 -1.50
CA TYR K 6 -39.15 -37.09 -1.88
C TYR K 6 -39.38 -35.59 -1.77
N ARG K 7 -40.27 -35.07 -2.60
CA ARG K 7 -40.53 -33.64 -2.73
C ARG K 7 -41.77 -33.48 -3.59
N CYS K 8 -41.98 -32.24 -4.00
CA CYS K 8 -42.99 -31.80 -4.96
C CYS K 8 -42.31 -30.62 -5.63
N ALA K 9 -41.49 -30.89 -6.64
CA ALA K 9 -40.73 -29.85 -7.32
C ALA K 9 -41.48 -29.32 -8.53
N LYS K 10 -41.37 -28.02 -8.78
CA LYS K 10 -41.98 -27.38 -9.93
C LYS K 10 -40.89 -26.87 -10.85
N CYS K 11 -40.97 -27.22 -12.13
CA CYS K 11 -39.89 -26.92 -13.06
C CYS K 11 -40.11 -25.57 -13.72
N GLY K 12 -39.23 -25.23 -14.65
CA GLY K 12 -39.47 -24.10 -15.52
C GLY K 12 -40.58 -24.44 -16.50
N LYS K 13 -41.26 -23.40 -17.00
CA LYS K 13 -42.48 -23.52 -17.80
C LYS K 13 -43.54 -24.41 -17.12
N GLU K 14 -43.87 -23.95 -15.90
CA GLU K 14 -44.88 -24.31 -14.91
C GLU K 14 -44.83 -25.61 -14.11
N VAL K 15 -44.49 -26.76 -14.68
CA VAL K 15 -45.31 -27.93 -14.33
C VAL K 15 -44.78 -28.58 -13.04
N GLU K 16 -45.63 -29.39 -12.41
CA GLU K 16 -45.23 -30.16 -11.24
C GLU K 16 -44.59 -31.48 -11.64
N LEU K 17 -43.58 -31.93 -10.87
CA LEU K 17 -43.00 -33.25 -11.10
C LEU K 17 -42.35 -33.80 -9.83
N ASP K 18 -43.14 -34.43 -8.98
CA ASP K 18 -42.66 -34.94 -7.71
C ASP K 18 -42.09 -36.35 -7.89
N LEU K 19 -40.77 -36.48 -7.84
CA LEU K 19 -40.26 -37.84 -8.02
C LEU K 19 -39.41 -38.38 -6.88
N ALA K 20 -38.13 -37.99 -6.83
CA ALA K 20 -37.11 -38.43 -5.87
C ALA K 20 -35.80 -37.73 -6.22
N THR K 21 -34.69 -38.38 -5.88
CA THR K 21 -33.35 -37.96 -6.35
C THR K 21 -32.45 -39.18 -6.11
N ALA K 22 -32.26 -39.98 -7.16
CA ALA K 22 -31.32 -41.10 -7.12
C ALA K 22 -30.81 -41.47 -8.51
N ARG K 23 -31.65 -41.37 -9.52
CA ARG K 23 -31.34 -41.85 -10.86
C ARG K 23 -31.18 -40.74 -11.89
N GLU K 24 -32.28 -40.09 -12.28
CA GLU K 24 -32.30 -39.11 -13.36
C GLU K 24 -33.26 -37.98 -13.01
N VAL K 25 -32.96 -36.79 -13.49
CA VAL K 25 -33.74 -35.59 -13.20
C VAL K 25 -34.18 -34.95 -14.53
N ARG K 26 -35.38 -35.32 -14.99
CA ARG K 26 -35.96 -34.72 -16.18
C ARG K 26 -37.40 -34.33 -15.94
N CYS K 27 -37.91 -33.49 -16.83
CA CYS K 27 -39.33 -33.22 -16.89
C CYS K 27 -39.95 -34.07 -17.99
N PRO K 28 -40.92 -34.93 -17.69
CA PRO K 28 -41.58 -35.67 -18.77
C PRO K 28 -42.40 -34.81 -19.71
N TYR K 29 -43.17 -33.85 -19.19
CA TYR K 29 -44.05 -33.04 -20.03
C TYR K 29 -43.27 -32.06 -20.91
N CYS K 30 -42.43 -31.21 -20.30
CA CYS K 30 -41.70 -30.22 -21.09
C CYS K 30 -40.59 -30.87 -21.91
N GLY K 31 -39.90 -31.86 -21.35
CA GLY K 31 -38.72 -32.41 -21.96
C GLY K 31 -37.44 -31.74 -21.52
N SER K 32 -37.52 -30.75 -20.65
CA SER K 32 -36.36 -30.04 -20.16
C SER K 32 -35.80 -30.73 -18.93
N LYS K 33 -34.70 -30.19 -18.38
CA LYS K 33 -34.17 -30.72 -17.12
C LYS K 33 -33.57 -29.57 -16.31
N ILE K 34 -34.42 -28.92 -15.52
CA ILE K 34 -34.02 -27.87 -14.58
C ILE K 34 -35.18 -27.67 -13.61
N LEU K 35 -34.86 -27.49 -12.33
CA LEU K 35 -35.90 -27.52 -11.31
C LEU K 35 -35.62 -26.50 -10.21
N TYR K 36 -36.67 -25.82 -9.78
CA TYR K 36 -36.61 -24.95 -8.62
C TYR K 36 -37.30 -25.66 -7.46
N LYS K 37 -36.80 -25.47 -6.29
CA LYS K 37 -37.53 -26.04 -5.18
C LYS K 37 -38.53 -25.02 -4.65
N PRO K 38 -39.81 -25.37 -4.55
CA PRO K 38 -40.83 -24.39 -4.16
C PRO K 38 -40.80 -24.10 -2.68
N ARG K 39 -41.36 -22.94 -2.32
CA ARG K 39 -41.43 -22.55 -0.93
C ARG K 39 -42.47 -23.38 -0.18
N PRO K 40 -42.25 -23.64 1.10
CA PRO K 40 -43.24 -24.36 1.90
C PRO K 40 -44.41 -23.47 2.28
N ARG K 41 -45.30 -23.95 3.13
CA ARG K 41 -46.47 -23.18 3.54
C ARG K 41 -46.50 -23.08 5.06
N VAL K 42 -45.37 -22.64 5.61
CA VAL K 42 -45.21 -22.46 7.05
C VAL K 42 -45.22 -20.96 7.28
N ALA K 43 -45.15 -20.55 8.55
CA ALA K 43 -45.34 -19.16 8.91
C ALA K 43 -44.06 -18.55 9.46
N ARG K 44 -43.51 -17.56 8.75
CA ARG K 44 -42.35 -16.84 9.25
C ARG K 44 -42.73 -15.39 9.55
N ARG K 45 -41.81 -14.69 10.21
CA ARG K 45 -42.10 -13.44 10.90
C ARG K 45 -41.00 -12.44 10.59
N VAL K 46 -41.28 -11.47 9.73
CA VAL K 46 -40.34 -10.44 9.33
C VAL K 46 -40.82 -9.12 9.91
N LYS K 47 -39.93 -8.39 10.57
CA LYS K 47 -40.31 -7.08 11.10
C LYS K 47 -40.27 -6.01 10.03
N ALA K 48 -41.08 -4.98 10.23
CA ALA K 48 -41.23 -3.91 9.25
C ALA K 48 -40.47 -2.68 9.74
N ILE K 49 -39.22 -2.57 9.32
CA ILE K 49 -38.43 -1.38 9.54
C ILE K 49 -37.77 -1.00 8.21
MG MG L . -8.02 8.33 0.62
ZN ZN M . 12.90 -36.76 14.14
ZN ZN N . 57.40 -25.15 -6.20
ZN ZN O . 29.95 -33.51 21.31
ZN ZN P . -40.55 16.19 -0.73
ZN ZN Q . -42.13 -29.04 -17.19
#